data_9CVH
#
_entry.id   9CVH
#
_cell.length_a   1.00
_cell.length_b   1.00
_cell.length_c   1.00
_cell.angle_alpha   90.00
_cell.angle_beta   90.00
_cell.angle_gamma   90.00
#
_symmetry.space_group_name_H-M   'P 1'
#
loop_
_entity.id
_entity.type
_entity.pdbx_description
1 polymer 'Spike glycoprotein'
2 branched beta-D-mannopyranose-(1-4)-2-acetamido-2-deoxy-beta-D-glucopyranose-(1-4)-2-acetamido-2-deoxy-beta-D-glucopyranose
3 branched 2-acetamido-2-deoxy-beta-D-glucopyranose-(1-4)-2-acetamido-2-deoxy-beta-D-glucopyranose
4 branched 2-acetamido-2-deoxy-beta-D-glucopyranose-(5-4)-2-acetamido-2-deoxy-beta-D-glucopyranose
5 non-polymer 2-acetamido-2-deoxy-beta-D-glucopyranose
#
_entity_poly.entity_id   1
_entity_poly.type   'polypeptide(L)'
_entity_poly.pdbx_seq_one_letter_code
;MFVFLVLLPLVSSQCVNLSAWSHPQFEKGGGSGGGSGGSSAWSHPQFEKSALVPRGSTTRTQLPPAYTNSFTRGVYYPDK
VFRSSVLHSTQDLFLPFFSNVTWFHAIHVSGTNGTKRFDNPVLPFNDGVYFASTEKSNIIRGWIFGTTLDSKTQSLLIVN
NATNVVIKVCEFQFCNDPFLGVYYHKNNKSWMESEFRVYSSANNCTFEYVSQPFLMDLEGKQGNFKNLREFVFKNIDGYF
KIYSKHTPINLVRDLPQGFSALEPLVDLPIGINITRFQTLLALHRSYLTPGDSSSGWTAGAAAYYVGYLQPRTFLLKYNE
NGTITDAVDCALDPLSETKCTLKSFTVEKGIYQTSNFRVQPTESIVRFPNITNLCPFGEVFNATRFASVYAWNRKRISNC
VADYSVLYNSASFSTFKCYGVSPTKLNDLCFTNVYADSFVIRGDEVRQIAPGQTGKIADYNYKLPDDFTGCVIAWNSNNL
DSKVGGNYNYLYRLFRKSNLKPFERDISTEIYQAGSTPCNGVEGFNCYFPLQSYGFQPTNGVGYQPYRVVVLSFELLHAP
ATVCGPKKSTNLVKNKCVNFNFNGLTGTGVLTESNKKFLPFQQFGRDIADTTDAVRDPQTLEILDITPCSFGGVSVITPG
TNTSNQVAVLYQGVNCTEVPVAIHADQLTPTWRVYSTGSNVFQTRAGCLIGAEHVNNSYECDIPIGAGICASYQTQTNSP
GSASSVASQSIIAYTMSLGAENSVAYSNNSIAIPTNFTISVTTEILPVSMTKTSVDCTMYICGDSTECSNLLLQYGSFCT
QLNRALTGIAVEQDKNTQEVFAQVKQIYKTPPIKDFGGFNFSQILPDPSKPSKRSFIEDLLFNKVTLADAGFIKQYGDCL
GDIAARDLICAQKFNGLTVLPPLLTDEMIAQYTSALLAGTITSGWTFGAGAALQIPFAMQMAYRFNGIGVTQNVLYENQK
LIANQFNSAIGKIQDSLSSTASALGKLQDVVNQNAQALNTLVKQLSSNFGAISSVLNDILSRLDPPEAEVQIDRLITGRL
QSLQTYVTQQLIRAAEIRASANLAATKMSECVLGQSKRVDFCGKGYHLMSFPQSAPHGVVFLHVTYVPAQEKNFTTAPAI
CHDGKAHFPREGVFVSNGTHWFVTQRNFYEPQIITTDNTFVSGNCDVVIGIVNNTVYDPLQPELDSFKEELDKYFKNHTS
PDVDLGDISGINASVVNIQKEIDRLNEVAKNLNESLIDLQELGKYEQGSGYIPEAPRDGQAYVRKDGEWVLLSTF
;
_entity_poly.pdbx_strand_id   A,C,B
#
loop_
_chem_comp.id
_chem_comp.type
_chem_comp.name
_chem_comp.formula
BMA D-saccharide, beta linking beta-D-mannopyranose 'C6 H12 O6'
NAG D-saccharide, beta linking 2-acetamido-2-deoxy-beta-D-glucopyranose 'C8 H15 N O6'
#
# COMPACT_ATOMS: atom_id res chain seq x y z
N PRO A 65 -44.70 28.47 27.07
CA PRO A 65 -43.48 27.81 27.56
C PRO A 65 -42.25 28.71 27.47
N ALA A 66 -41.83 29.28 28.61
CA ALA A 66 -40.65 30.10 28.62
C ALA A 66 -39.41 29.26 28.32
N TYR A 67 -38.39 29.93 27.75
CA TYR A 67 -37.20 29.29 27.19
C TYR A 67 -35.96 30.01 27.70
N THR A 68 -34.80 29.36 27.53
CA THR A 68 -33.52 29.98 27.87
C THR A 68 -32.41 29.18 27.19
N ASN A 69 -31.19 29.71 27.25
CA ASN A 69 -30.00 29.06 26.71
C ASN A 69 -29.25 28.34 27.82
N SER A 70 -28.88 27.08 27.55
CA SER A 70 -27.99 26.32 28.43
C SER A 70 -26.58 26.44 27.86
N PHE A 71 -25.76 27.29 28.47
CA PHE A 71 -24.46 27.63 27.90
C PHE A 71 -23.54 26.43 27.81
N THR A 72 -23.11 25.90 28.96
CA THR A 72 -22.13 24.81 29.00
C THR A 72 -22.54 23.80 30.06
N ARG A 73 -23.82 23.46 30.09
CA ARG A 73 -24.39 22.63 31.14
C ARG A 73 -24.76 21.26 30.58
N GLY A 74 -25.01 20.32 31.49
CA GLY A 74 -25.34 18.96 31.12
C GLY A 74 -24.19 18.18 30.51
N VAL A 75 -22.98 18.34 31.04
CA VAL A 75 -21.82 17.58 30.61
C VAL A 75 -21.56 16.49 31.63
N TYR A 76 -21.61 15.23 31.21
CA TYR A 76 -21.40 14.09 32.08
C TYR A 76 -20.28 13.23 31.54
N TYR A 77 -19.94 12.18 32.29
CA TYR A 77 -18.94 11.23 31.86
C TYR A 77 -19.62 10.09 31.11
N PRO A 78 -19.51 10.02 29.78
CA PRO A 78 -20.18 8.93 29.05
C PRO A 78 -19.70 7.56 29.48
N ASP A 79 -18.42 7.43 29.85
CA ASP A 79 -17.86 6.19 30.32
C ASP A 79 -17.42 6.35 31.77
N LYS A 80 -17.53 5.26 32.54
CA LYS A 80 -17.07 5.26 33.92
C LYS A 80 -15.55 5.22 34.02
N VAL A 81 -14.86 5.04 32.89
CA VAL A 81 -13.41 4.90 32.89
C VAL A 81 -12.75 6.24 33.20
N PHE A 82 -11.66 6.19 33.95
CA PHE A 82 -10.87 7.36 34.29
C PHE A 82 -9.83 7.61 33.20
N ARG A 83 -9.38 8.86 33.12
CA ARG A 83 -8.22 9.22 32.31
C ARG A 83 -7.91 10.69 32.56
N SER A 84 -6.68 11.08 32.27
CA SER A 84 -6.19 12.40 32.63
C SER A 84 -5.44 13.03 31.46
N SER A 85 -5.65 14.33 31.28
CA SER A 85 -4.94 15.11 30.25
C SER A 85 -5.17 14.52 28.87
N VAL A 86 -6.44 14.32 28.52
CA VAL A 86 -6.82 13.76 27.23
C VAL A 86 -7.98 14.58 26.68
N LEU A 87 -7.92 14.88 25.38
CA LEU A 87 -8.99 15.57 24.67
C LEU A 87 -9.55 14.57 23.66
N HIS A 88 -10.55 13.81 24.07
CA HIS A 88 -11.09 12.72 23.26
C HIS A 88 -12.57 12.94 23.01
N SER A 89 -13.00 12.68 21.78
CA SER A 89 -14.40 12.79 21.42
C SER A 89 -15.18 11.59 21.94
N THR A 90 -16.45 11.83 22.28
CA THR A 90 -17.33 10.78 22.76
C THR A 90 -18.71 10.97 22.16
N GLN A 91 -19.14 10.01 21.34
CA GLN A 91 -20.46 10.05 20.74
C GLN A 91 -21.47 9.52 21.75
N ASP A 92 -22.23 10.42 22.36
CA ASP A 92 -23.15 10.03 23.42
C ASP A 92 -24.27 11.06 23.51
N LEU A 93 -25.34 10.69 24.20
CA LEU A 93 -26.52 11.53 24.33
C LEU A 93 -26.23 12.65 25.33
N PHE A 94 -25.97 13.84 24.81
CA PHE A 94 -25.64 15.01 25.61
C PHE A 94 -26.69 16.10 25.41
N LEU A 95 -26.58 17.14 26.24
CA LEU A 95 -27.43 18.32 26.09
C LEU A 95 -26.73 19.33 25.21
N PRO A 96 -27.32 19.75 24.10
CA PRO A 96 -26.59 20.67 23.19
C PRO A 96 -26.19 21.94 23.92
N PHE A 97 -25.02 22.47 23.55
CA PHE A 97 -24.58 23.73 24.10
C PHE A 97 -25.49 24.85 23.63
N PHE A 98 -25.70 25.83 24.51
CA PHE A 98 -26.56 26.98 24.22
C PHE A 98 -27.93 26.55 23.73
N SER A 99 -28.34 25.31 24.04
CA SER A 99 -29.62 24.80 23.58
C SER A 99 -30.76 25.62 24.18
N ASN A 100 -31.86 25.68 23.43
CA ASN A 100 -32.94 26.60 23.74
C ASN A 100 -33.82 25.98 24.82
N VAL A 101 -33.23 25.77 26.00
CA VAL A 101 -33.79 24.85 26.98
C VAL A 101 -35.12 25.37 27.51
N THR A 102 -36.07 24.45 27.66
CA THR A 102 -37.38 24.81 28.19
C THR A 102 -37.27 25.30 29.62
N TRP A 103 -38.05 26.33 29.95
CA TRP A 103 -38.11 26.89 31.29
C TRP A 103 -39.37 26.39 31.97
N PHE A 104 -39.25 26.03 33.24
CA PHE A 104 -40.41 25.78 34.10
C PHE A 104 -40.24 26.55 35.41
N HIS A 105 -41.36 27.02 35.94
CA HIS A 105 -41.42 27.80 37.18
C HIS A 105 -41.67 26.87 38.36
N ALA A 106 -40.86 27.02 39.41
CA ALA A 106 -41.12 26.42 40.72
C ALA A 106 -41.10 27.58 41.72
N ILE A 107 -42.23 28.27 41.83
CA ILE A 107 -42.31 29.47 42.66
C ILE A 107 -43.57 29.42 43.50
N LYS A 116 -47.13 29.62 43.43
CA LYS A 116 -47.28 30.42 42.23
C LYS A 116 -47.34 29.55 40.98
N ARG A 117 -46.41 28.60 40.88
CA ARG A 117 -46.23 27.78 39.69
C ARG A 117 -45.85 26.36 40.10
N PHE A 118 -46.68 25.40 39.74
CA PHE A 118 -46.35 23.98 39.82
C PHE A 118 -46.39 23.44 38.39
N ASP A 119 -45.27 23.58 37.69
CA ASP A 119 -45.17 23.20 36.28
C ASP A 119 -44.71 21.74 36.21
N ASN A 120 -45.65 20.83 35.96
CA ASN A 120 -45.36 19.41 35.86
C ASN A 120 -46.00 18.85 34.60
N PRO A 121 -45.51 19.24 33.43
CA PRO A 121 -45.97 18.62 32.19
C PRO A 121 -45.17 17.37 31.85
N VAL A 122 -45.90 16.38 31.31
CA VAL A 122 -45.32 15.08 31.00
C VAL A 122 -44.76 15.18 29.59
N LEU A 123 -43.48 15.56 29.50
CA LEU A 123 -42.85 15.72 28.20
C LEU A 123 -42.49 14.37 27.59
N PRO A 124 -42.41 14.28 26.27
CA PRO A 124 -42.02 13.02 25.64
C PRO A 124 -40.57 12.67 25.93
N PHE A 125 -40.27 11.37 25.89
CA PHE A 125 -38.92 10.85 26.02
C PHE A 125 -38.44 10.37 24.65
N ASN A 126 -37.22 10.75 24.29
CA ASN A 126 -36.62 10.29 23.04
C ASN A 126 -35.12 10.52 23.10
N ASP A 127 -34.35 9.47 22.78
CA ASP A 127 -32.89 9.56 22.79
C ASP A 127 -32.39 10.10 24.12
N GLY A 128 -33.00 9.64 25.20
CA GLY A 128 -32.66 10.13 26.52
C GLY A 128 -33.41 11.42 26.85
N VAL A 129 -33.20 11.88 28.07
CA VAL A 129 -33.84 13.10 28.57
C VAL A 129 -32.96 13.71 29.64
N TYR A 130 -32.91 15.04 29.66
CA TYR A 130 -32.10 15.80 30.60
C TYR A 130 -33.00 16.54 31.59
N PHE A 131 -32.40 17.00 32.67
CA PHE A 131 -33.08 17.84 33.63
C PHE A 131 -32.05 18.72 34.34
N ALA A 132 -32.48 19.94 34.69
CA ALA A 132 -31.64 20.85 35.45
C ALA A 132 -32.48 21.53 36.52
N SER A 133 -31.82 21.95 37.59
CA SER A 133 -32.47 22.78 38.59
C SER A 133 -31.47 23.49 39.48
N THR A 134 -31.45 24.82 39.44
CA THR A 134 -30.85 25.60 40.52
C THR A 134 -31.74 25.37 41.73
N GLU A 135 -31.29 24.54 42.65
CA GLU A 135 -32.17 23.90 43.61
C GLU A 135 -31.79 24.27 45.03
N LYS A 136 -32.82 24.50 45.85
CA LYS A 136 -32.65 24.74 47.27
C LYS A 136 -33.69 23.92 48.02
N SER A 137 -33.23 23.18 49.03
CA SER A 137 -34.08 22.24 49.77
C SER A 137 -34.55 21.09 48.88
N ASN A 138 -33.86 20.83 47.78
CA ASN A 138 -34.22 19.77 46.85
C ASN A 138 -35.68 19.91 46.41
N ILE A 139 -35.95 21.00 45.69
CA ILE A 139 -37.29 21.24 45.18
C ILE A 139 -37.75 20.07 44.32
N ILE A 140 -36.86 19.56 43.47
CA ILE A 140 -37.18 18.47 42.55
C ILE A 140 -37.09 17.17 43.34
N ARG A 141 -38.24 16.61 43.72
CA ARG A 141 -38.29 15.48 44.61
C ARG A 141 -38.27 14.14 43.89
N GLY A 142 -38.31 14.15 42.56
CA GLY A 142 -38.29 12.89 41.82
C GLY A 142 -38.34 13.06 40.32
N TRP A 143 -38.24 11.94 39.61
CA TRP A 143 -38.11 11.93 38.15
C TRP A 143 -38.79 10.68 37.62
N ILE A 144 -39.96 10.85 37.04
CA ILE A 144 -40.82 9.75 36.64
C ILE A 144 -40.61 9.52 35.15
N PHE A 145 -40.10 8.35 34.80
CA PHE A 145 -39.91 7.95 33.41
C PHE A 145 -40.72 6.72 33.10
N GLY A 146 -41.17 6.63 31.85
CA GLY A 146 -41.96 5.50 31.42
C GLY A 146 -42.53 5.74 30.04
N THR A 147 -43.42 4.85 29.64
CA THR A 147 -44.09 4.95 28.35
C THR A 147 -45.56 5.33 28.44
N THR A 148 -46.22 4.99 29.53
CA THR A 148 -47.60 5.35 29.75
C THR A 148 -47.83 6.00 31.10
N LEU A 149 -47.11 5.59 32.13
CA LEU A 149 -47.24 6.13 33.47
C LEU A 149 -48.68 6.04 33.97
N ASP A 150 -49.45 5.06 33.47
CA ASP A 150 -50.84 4.88 33.85
C ASP A 150 -51.19 3.40 33.98
N SER A 151 -50.22 2.57 34.36
CA SER A 151 -50.35 1.14 34.61
C SER A 151 -50.51 0.34 33.32
N LYS A 152 -50.49 0.97 32.15
CA LYS A 152 -50.60 0.20 30.91
C LYS A 152 -49.44 -0.78 30.79
N THR A 153 -48.24 -0.35 31.14
CA THR A 153 -47.07 -1.23 31.18
C THR A 153 -46.16 -0.78 32.32
N GLN A 154 -44.98 -1.37 32.39
CA GLN A 154 -44.04 -1.07 33.46
C GLN A 154 -43.52 0.36 33.33
N SER A 155 -43.43 1.04 34.47
CA SER A 155 -43.02 2.44 34.52
C SER A 155 -41.99 2.64 35.61
N LEU A 156 -41.06 3.56 35.36
CA LEU A 156 -39.98 3.86 36.28
C LEU A 156 -40.40 4.90 37.30
N LEU A 157 -39.63 4.99 38.39
CA LEU A 157 -39.82 6.04 39.38
C LEU A 157 -38.52 6.30 40.12
N ILE A 158 -38.27 7.58 40.40
CA ILE A 158 -37.21 8.01 41.30
C ILE A 158 -37.79 9.09 42.19
N VAL A 159 -37.58 8.98 43.50
CA VAL A 159 -38.02 9.98 44.45
C VAL A 159 -36.92 10.21 45.48
N ASN A 160 -36.53 11.46 45.67
CA ASN A 160 -35.50 11.85 46.63
C ASN A 160 -36.21 12.41 47.85
N ASN A 161 -36.63 11.51 48.74
CA ASN A 161 -37.31 11.93 49.95
C ASN A 161 -36.34 12.66 50.88
N ALA A 162 -36.88 13.21 51.96
CA ALA A 162 -36.07 14.05 52.85
C ALA A 162 -34.94 13.27 53.51
N THR A 163 -35.03 11.94 53.58
CA THR A 163 -33.99 11.14 54.20
C THR A 163 -32.95 10.68 53.18
N ASN A 164 -33.39 10.12 52.06
CA ASN A 164 -32.50 9.52 51.08
C ASN A 164 -33.19 9.55 49.72
N VAL A 165 -32.67 8.77 48.78
CA VAL A 165 -33.31 8.54 47.49
C VAL A 165 -33.76 7.09 47.45
N VAL A 166 -35.07 6.89 47.35
CA VAL A 166 -35.66 5.56 47.22
C VAL A 166 -36.24 5.43 45.83
N ILE A 167 -35.84 4.38 45.12
CA ILE A 167 -36.15 4.22 43.70
C ILE A 167 -37.08 3.02 43.55
N LYS A 168 -37.87 3.04 42.48
CA LYS A 168 -38.87 2.00 42.27
C LYS A 168 -39.32 2.01 40.81
N VAL A 169 -39.63 0.84 40.28
CA VAL A 169 -40.08 0.67 38.90
C VAL A 169 -41.31 -0.24 38.92
N CYS A 170 -42.44 0.27 38.45
CA CYS A 170 -43.70 -0.47 38.53
C CYS A 170 -44.64 0.02 37.44
N GLU A 171 -45.83 -0.59 37.39
CA GLU A 171 -46.95 -0.11 36.60
C GLU A 171 -47.86 0.68 37.55
N PHE A 172 -47.91 2.00 37.36
CA PHE A 172 -48.66 2.89 38.24
C PHE A 172 -50.04 3.12 37.66
N GLN A 173 -51.08 2.83 38.44
CA GLN A 173 -52.47 2.97 38.02
C GLN A 173 -53.03 4.22 38.68
N PHE A 174 -53.58 5.14 37.86
CA PHE A 174 -54.10 6.39 38.37
C PHE A 174 -53.06 6.94 39.35
N CYS A 175 -51.94 7.42 38.81
CA CYS A 175 -50.63 7.34 39.44
C CYS A 175 -50.68 7.37 40.96
N ASN A 176 -51.42 8.30 41.54
CA ASN A 176 -51.48 8.37 42.99
C ASN A 176 -52.51 9.38 43.49
N ASP A 177 -52.20 10.66 43.41
CA ASP A 177 -53.05 11.73 43.93
C ASP A 177 -52.46 13.06 43.47
N PRO A 178 -53.26 14.14 43.48
CA PRO A 178 -52.90 15.32 42.68
C PRO A 178 -51.60 16.00 43.07
N PHE A 179 -51.43 16.37 44.33
CA PHE A 179 -50.38 17.33 44.68
C PHE A 179 -48.99 16.68 44.77
N LEU A 180 -48.80 15.76 45.72
CA LEU A 180 -47.47 15.29 46.07
C LEU A 180 -46.63 16.47 46.55
N GLY A 181 -45.47 16.19 47.14
CA GLY A 181 -44.60 17.26 47.60
C GLY A 181 -44.19 17.12 49.05
N VAL A 182 -44.32 15.92 49.60
CA VAL A 182 -43.93 15.65 50.98
C VAL A 182 -42.47 16.05 51.18
N SER A 194 -45.92 16.49 53.68
CA SER A 194 -46.50 15.59 54.66
C SER A 194 -47.66 14.80 54.06
N GLU A 195 -47.63 14.65 52.73
CA GLU A 195 -48.68 13.94 52.01
C GLU A 195 -48.08 12.98 51.00
N PHE A 196 -47.12 12.18 51.45
CA PHE A 196 -46.41 11.27 50.57
C PHE A 196 -47.39 10.44 49.75
N ARG A 197 -47.09 10.28 48.46
CA ARG A 197 -47.95 9.56 47.54
C ARG A 197 -47.58 8.08 47.59
N VAL A 198 -48.33 7.31 48.38
CA VAL A 198 -48.19 5.86 48.35
C VAL A 198 -48.68 5.38 46.99
N TYR A 199 -47.76 4.83 46.18
CA TYR A 199 -48.06 4.51 44.80
C TYR A 199 -49.33 3.67 44.72
N SER A 200 -50.28 4.12 43.88
CA SER A 200 -51.60 3.53 43.85
C SER A 200 -51.55 2.03 43.59
N SER A 201 -51.11 1.64 42.38
CA SER A 201 -51.06 0.21 42.08
C SER A 201 -49.78 -0.41 42.62
N ALA A 202 -48.63 -0.04 42.03
CA ALA A 202 -47.35 -0.63 42.41
C ALA A 202 -47.56 -2.09 42.80
N ASN A 203 -48.28 -2.83 41.96
CA ASN A 203 -49.01 -4.01 42.39
C ASN A 203 -48.21 -4.85 43.38
N ASN A 204 -47.08 -5.40 42.93
CA ASN A 204 -46.06 -5.89 43.85
C ASN A 204 -44.74 -5.92 43.05
N CYS A 205 -43.94 -4.89 43.25
CA CYS A 205 -42.80 -4.62 42.38
C CYS A 205 -41.61 -4.28 43.26
N THR A 206 -40.52 -3.82 42.65
CA THR A 206 -39.32 -3.57 43.45
C THR A 206 -38.23 -2.79 42.73
N PHE A 207 -37.15 -3.46 42.34
CA PHE A 207 -35.83 -2.85 42.45
C PHE A 207 -35.82 -2.03 43.73
N GLU A 208 -36.07 -2.69 44.86
CA GLU A 208 -36.27 -1.98 46.12
C GLU A 208 -34.93 -1.43 46.57
N TYR A 209 -34.47 -0.42 45.85
CA TYR A 209 -33.18 0.22 46.09
C TYR A 209 -33.42 1.50 46.87
N VAL A 210 -32.68 1.66 47.97
CA VAL A 210 -32.79 2.81 48.86
C VAL A 210 -31.40 3.40 48.96
N SER A 211 -31.12 4.43 48.17
CA SER A 211 -29.78 4.99 48.10
C SER A 211 -29.37 5.58 49.44
N GLN A 212 -28.12 6.01 49.55
CA GLN A 212 -27.63 6.56 50.80
C GLN A 212 -28.32 7.89 51.10
N PRO A 213 -28.42 8.26 52.38
CA PRO A 213 -29.12 9.50 52.73
C PRO A 213 -28.23 10.72 52.53
N PHE A 214 -28.76 11.72 51.84
CA PHE A 214 -28.05 12.98 51.65
C PHE A 214 -29.04 14.12 51.49
N ASN A 224 -30.75 29.76 50.19
CA ASN A 224 -30.11 30.25 48.97
C ASN A 224 -29.93 29.10 47.97
N PHE A 225 -29.28 29.40 46.86
CA PHE A 225 -29.01 28.41 45.81
C PHE A 225 -27.51 28.11 45.80
N LYS A 226 -27.11 27.14 46.62
CA LYS A 226 -25.79 26.55 46.58
C LYS A 226 -25.79 25.20 45.88
N ASN A 227 -26.87 24.87 45.17
CA ASN A 227 -27.06 23.53 44.61
C ASN A 227 -27.74 23.64 43.24
N LEU A 228 -26.94 23.62 42.17
CA LEU A 228 -27.45 23.32 40.85
C LEU A 228 -27.33 21.82 40.62
N ARG A 229 -28.43 21.19 40.21
CA ARG A 229 -28.53 19.74 40.12
C ARG A 229 -28.89 19.37 38.69
N GLU A 230 -27.87 19.28 37.84
CA GLU A 230 -28.06 18.87 36.46
C GLU A 230 -28.08 17.35 36.39
N PHE A 231 -29.08 16.78 35.73
CA PHE A 231 -29.26 15.34 35.65
C PHE A 231 -29.51 14.91 34.21
N VAL A 232 -28.87 13.80 33.81
CA VAL A 232 -29.11 13.17 32.53
C VAL A 232 -29.52 11.72 32.77
N PHE A 233 -30.57 11.29 32.07
CA PHE A 233 -31.13 9.96 32.24
C PHE A 233 -31.12 9.24 30.91
N LYS A 234 -30.44 8.09 30.85
CA LYS A 234 -30.32 7.31 29.64
C LYS A 234 -31.03 5.98 29.84
N ASN A 235 -31.83 5.58 28.86
CA ASN A 235 -32.52 4.29 28.86
C ASN A 235 -32.06 3.53 27.62
N ILE A 236 -30.95 2.80 27.77
CA ILE A 236 -30.30 2.09 26.67
C ILE A 236 -30.19 0.62 27.03
N ASP A 237 -30.61 -0.25 26.11
CA ASP A 237 -30.51 -1.70 26.30
C ASP A 237 -31.17 -2.14 27.60
N GLY A 238 -32.22 -1.43 28.02
CA GLY A 238 -32.88 -1.71 29.28
C GLY A 238 -32.17 -1.17 30.49
N TYR A 239 -31.05 -0.47 30.31
CA TYR A 239 -30.29 0.10 31.41
C TYR A 239 -30.70 1.56 31.59
N PHE A 240 -31.15 1.91 32.79
CA PHE A 240 -31.50 3.31 33.10
C PHE A 240 -30.33 3.98 33.82
N LYS A 241 -29.22 4.10 33.09
CA LYS A 241 -28.05 4.75 33.64
C LYS A 241 -28.36 6.20 33.97
N ILE A 242 -27.89 6.65 35.14
CA ILE A 242 -28.15 8.00 35.63
C ILE A 242 -26.82 8.72 35.84
N TYR A 243 -26.75 9.94 35.33
CA TYR A 243 -25.60 10.82 35.52
C TYR A 243 -26.08 12.06 36.26
N SER A 244 -25.31 12.49 37.27
CA SER A 244 -25.80 13.49 38.21
C SER A 244 -24.64 14.28 38.80
N LYS A 245 -24.97 15.45 39.35
CA LYS A 245 -23.99 16.25 40.06
C LYS A 245 -24.67 17.23 40.99
N HIS A 246 -23.90 17.71 41.95
CA HIS A 246 -24.30 18.77 42.88
C HIS A 246 -23.21 19.81 42.87
N THR A 247 -23.57 21.08 42.63
CA THR A 247 -22.58 22.11 42.42
C THR A 247 -22.75 23.23 43.43
N PRO A 248 -21.65 23.87 43.86
CA PRO A 248 -21.72 25.00 44.81
C PRO A 248 -21.87 26.34 44.11
N ILE A 249 -23.07 26.60 43.58
CA ILE A 249 -23.34 27.82 42.82
C ILE A 249 -23.76 28.96 43.73
N ASN A 250 -23.69 30.19 43.23
CA ASN A 250 -24.19 31.36 43.95
C ASN A 250 -24.62 32.38 42.89
N LEU A 251 -25.91 32.43 42.61
CA LEU A 251 -26.44 33.06 41.41
C LEU A 251 -27.36 34.23 41.75
N VAL A 252 -27.74 34.96 40.71
CA VAL A 252 -28.84 35.91 40.77
C VAL A 252 -30.09 35.35 40.11
N ARG A 253 -29.95 34.75 38.93
CA ARG A 253 -31.07 34.19 38.21
C ARG A 253 -30.54 33.45 36.99
N ASP A 254 -31.21 32.36 36.62
CA ASP A 254 -30.83 31.53 35.47
C ASP A 254 -29.62 30.66 35.75
N LEU A 255 -29.40 29.65 34.91
CA LEU A 255 -28.20 28.84 35.02
C LEU A 255 -26.97 29.70 34.76
N PRO A 256 -25.82 29.37 35.36
CA PRO A 256 -24.62 30.19 35.14
C PRO A 256 -23.93 29.89 33.82
N GLN A 257 -22.76 30.48 33.62
CA GLN A 257 -21.87 30.15 32.52
C GLN A 257 -20.62 29.53 33.09
N GLY A 258 -20.26 28.35 32.60
CA GLY A 258 -19.10 27.64 33.10
C GLY A 258 -19.30 26.14 33.00
N PHE A 259 -18.19 25.42 33.10
CA PHE A 259 -18.22 23.97 32.99
C PHE A 259 -18.57 23.32 34.32
N SER A 260 -19.19 22.15 34.24
CA SER A 260 -19.48 21.34 35.41
C SER A 260 -19.81 19.94 34.94
N ALA A 261 -19.13 18.94 35.49
CA ALA A 261 -19.27 17.57 35.05
C ALA A 261 -20.55 16.97 35.64
N LEU A 262 -20.71 15.65 35.53
CA LEU A 262 -21.86 14.99 36.12
C LEU A 262 -21.44 13.56 36.46
N GLU A 263 -21.19 13.30 37.74
CA GLU A 263 -20.75 11.98 38.15
C GLU A 263 -21.89 10.97 38.00
N PRO A 264 -21.60 9.74 37.58
CA PRO A 264 -22.66 8.72 37.50
C PRO A 264 -23.07 8.30 38.90
N LEU A 265 -24.36 8.40 39.18
CA LEU A 265 -24.87 8.15 40.53
C LEU A 265 -25.35 6.72 40.72
N VAL A 266 -26.09 6.19 39.75
CA VAL A 266 -26.57 4.81 39.84
C VAL A 266 -27.02 4.36 38.45
N ASP A 267 -26.84 3.07 38.17
CA ASP A 267 -27.29 2.47 36.92
C ASP A 267 -28.50 1.59 37.26
N LEU A 268 -29.69 2.17 37.15
CA LEU A 268 -30.89 1.50 37.62
C LEU A 268 -31.29 0.39 36.66
N PRO A 269 -31.46 -0.85 37.13
CA PRO A 269 -31.91 -1.94 36.26
C PRO A 269 -33.43 -1.97 36.08
N ILE A 270 -33.95 -1.22 35.13
CA ILE A 270 -35.41 -1.11 34.99
C ILE A 270 -35.97 -2.22 34.11
N GLY A 271 -35.33 -2.52 32.99
CA GLY A 271 -35.86 -3.52 32.08
C GLY A 271 -37.23 -3.17 31.52
N ILE A 272 -37.51 -1.88 31.33
CA ILE A 272 -38.77 -1.42 30.78
C ILE A 272 -38.47 -0.54 29.58
N ASN A 273 -39.52 -0.13 28.87
CA ASN A 273 -39.32 0.92 27.89
C ASN A 273 -39.81 2.24 28.48
N ILE A 274 -39.32 3.34 27.92
CA ILE A 274 -39.70 4.67 28.36
C ILE A 274 -40.01 5.52 27.13
N THR A 275 -41.17 6.17 27.13
CA THR A 275 -41.61 6.98 26.00
C THR A 275 -42.08 8.35 26.44
N ARG A 276 -42.59 8.46 27.67
CA ARG A 276 -43.04 9.73 28.21
C ARG A 276 -42.62 9.85 29.66
N PHE A 277 -42.21 11.05 30.05
CA PHE A 277 -41.66 11.31 31.38
C PHE A 277 -42.25 12.59 31.93
N GLN A 278 -42.17 12.73 33.25
CA GLN A 278 -42.55 13.96 33.93
C GLN A 278 -41.54 14.22 35.03
N THR A 279 -41.87 15.16 35.92
CA THR A 279 -41.01 15.52 37.03
C THR A 279 -41.87 15.70 38.28
N LEU A 280 -41.21 15.96 39.40
CA LEU A 280 -41.88 16.13 40.69
C LEU A 280 -41.32 17.36 41.37
N LEU A 281 -42.14 17.96 42.23
CA LEU A 281 -41.80 19.21 42.89
C LEU A 281 -42.24 19.16 44.35
N ALA A 282 -41.72 20.09 45.13
CA ALA A 282 -42.13 20.27 46.51
C ALA A 282 -43.32 21.22 46.56
N LEU A 283 -44.40 20.77 47.17
CA LEU A 283 -45.65 21.54 47.20
C LEU A 283 -46.17 21.67 48.62
N ALA A 302 -37.19 27.11 42.82
CA ALA A 302 -36.03 26.60 42.08
C ALA A 302 -36.28 26.68 40.57
N ALA A 303 -35.46 27.50 39.90
CA ALA A 303 -35.58 27.69 38.45
C ALA A 303 -35.06 26.43 37.75
N TYR A 304 -35.95 25.45 37.63
CA TYR A 304 -35.58 24.14 37.10
C TYR A 304 -35.97 24.04 35.64
N TYR A 305 -35.14 23.37 34.85
CA TYR A 305 -35.34 23.26 33.42
C TYR A 305 -35.86 21.87 33.08
N VAL A 306 -36.15 21.67 31.80
CA VAL A 306 -36.20 20.34 31.21
C VAL A 306 -35.53 20.40 29.85
N GLY A 307 -34.27 20.00 29.79
CA GLY A 307 -33.56 19.88 28.54
C GLY A 307 -33.81 18.54 27.88
N TYR A 308 -33.08 18.29 26.81
CA TYR A 308 -33.21 17.05 26.06
C TYR A 308 -31.82 16.59 25.65
N LEU A 309 -31.77 15.39 25.06
CA LEU A 309 -30.51 14.78 24.68
C LEU A 309 -30.62 14.25 23.25
N GLN A 310 -29.53 14.37 22.50
CA GLN A 310 -29.47 13.90 21.13
C GLN A 310 -28.13 13.20 20.93
N PRO A 311 -28.02 12.36 19.91
CA PRO A 311 -26.73 11.70 19.63
C PRO A 311 -25.67 12.68 19.14
N ARG A 312 -25.10 13.45 20.06
CA ARG A 312 -24.08 14.43 19.73
C ARG A 312 -22.71 13.93 20.14
N THR A 313 -21.69 14.39 19.42
CA THR A 313 -20.30 14.11 19.74
C THR A 313 -19.71 15.30 20.49
N PHE A 314 -19.10 15.03 21.63
CA PHE A 314 -18.51 16.05 22.48
C PHE A 314 -17.02 15.78 22.64
N LEU A 315 -16.21 16.82 22.51
CA LEU A 315 -14.78 16.71 22.76
C LEU A 315 -14.52 17.20 24.18
N LEU A 316 -14.42 16.25 25.11
CA LEU A 316 -14.25 16.57 26.52
C LEU A 316 -12.77 16.70 26.85
N LYS A 317 -12.43 17.73 27.61
CA LYS A 317 -11.05 17.97 28.03
C LYS A 317 -10.91 17.64 29.51
N TYR A 318 -10.12 16.61 29.82
CA TYR A 318 -9.87 16.22 31.19
C TYR A 318 -8.59 16.89 31.68
N ASN A 319 -8.64 17.40 32.91
CA ASN A 319 -7.45 18.01 33.51
C ASN A 319 -6.53 16.92 34.05
N GLU A 320 -5.51 17.31 34.80
CA GLU A 320 -4.57 16.34 35.34
C GLU A 320 -5.22 15.42 36.36
N ASN A 321 -6.36 15.80 36.91
CA ASN A 321 -7.09 14.96 37.86
C ASN A 321 -8.17 14.12 37.21
N GLY A 322 -8.33 14.21 35.89
CA GLY A 322 -9.32 13.41 35.21
C GLY A 322 -10.74 13.91 35.35
N THR A 323 -10.93 15.18 35.72
CA THR A 323 -12.25 15.79 35.79
C THR A 323 -12.47 16.66 34.56
N ILE A 324 -13.66 16.58 33.98
CA ILE A 324 -13.98 17.34 32.79
C ILE A 324 -13.94 18.83 33.16
N THR A 325 -12.91 19.52 32.69
CA THR A 325 -12.76 20.95 32.96
C THR A 325 -13.22 21.82 31.80
N ASP A 326 -13.60 21.23 30.67
CA ASP A 326 -14.07 21.99 29.51
C ASP A 326 -14.52 21.00 28.45
N ALA A 327 -15.35 21.49 27.52
CA ALA A 327 -15.84 20.66 26.44
C ALA A 327 -16.32 21.57 25.31
N VAL A 328 -16.48 20.98 24.13
CA VAL A 328 -17.01 21.68 22.97
C VAL A 328 -17.99 20.76 22.26
N ASP A 329 -19.13 21.31 21.86
CA ASP A 329 -20.16 20.56 21.14
C ASP A 329 -19.82 20.60 19.66
N CYS A 330 -19.44 19.44 19.11
CA CYS A 330 -18.86 19.41 17.77
C CYS A 330 -19.80 20.02 16.73
N ALA A 331 -21.09 19.71 16.83
CA ALA A 331 -22.07 20.16 15.83
C ALA A 331 -22.63 21.54 16.14
N LEU A 332 -22.11 22.23 17.16
CA LEU A 332 -22.66 23.53 17.52
C LEU A 332 -22.47 24.54 16.38
N ASP A 333 -21.29 24.57 15.78
CA ASP A 333 -20.98 25.58 14.77
C ASP A 333 -19.67 25.22 14.07
N PRO A 334 -19.29 25.92 13.01
CA PRO A 334 -18.06 25.56 12.30
C PRO A 334 -16.82 25.59 13.18
N LEU A 335 -16.75 26.51 14.13
CA LEU A 335 -15.63 26.53 15.07
C LEU A 335 -15.50 25.19 15.77
N SER A 336 -16.59 24.71 16.36
CA SER A 336 -16.54 23.46 17.10
C SER A 336 -16.18 22.30 16.20
N GLU A 337 -16.71 22.28 14.97
CA GLU A 337 -16.37 21.22 14.04
C GLU A 337 -14.87 21.19 13.77
N THR A 338 -14.26 22.35 13.57
CA THR A 338 -12.82 22.40 13.37
C THR A 338 -12.09 21.88 14.61
N LYS A 339 -12.52 22.31 15.79
CA LYS A 339 -11.87 21.87 17.02
C LYS A 339 -11.97 20.37 17.19
N CYS A 340 -13.06 19.75 16.74
CA CYS A 340 -13.24 18.32 16.91
C CYS A 340 -12.50 17.51 15.86
N THR A 341 -12.10 18.12 14.74
CA THR A 341 -11.40 17.37 13.70
C THR A 341 -9.92 17.22 14.05
N LEU A 342 -9.29 18.29 14.50
CA LEU A 342 -7.88 18.26 14.87
C LEU A 342 -7.68 18.10 16.37
N LYS A 343 -8.75 17.80 17.11
CA LYS A 343 -8.66 17.41 18.52
C LYS A 343 -7.88 18.45 19.33
N SER A 344 -8.33 19.70 19.27
CA SER A 344 -7.75 20.75 20.08
C SER A 344 -8.81 21.80 20.36
N PHE A 345 -8.59 22.57 21.42
CA PHE A 345 -9.48 23.66 21.79
C PHE A 345 -9.03 25.01 21.22
N THR A 346 -7.88 25.06 20.58
CA THR A 346 -7.40 26.26 19.91
C THR A 346 -6.84 25.86 18.55
N VAL A 347 -7.31 26.51 17.49
CA VAL A 347 -6.88 26.23 16.13
C VAL A 347 -6.08 27.42 15.64
N GLU A 348 -4.93 27.15 15.04
CA GLU A 348 -4.13 28.22 14.44
C GLU A 348 -4.76 28.68 13.14
N LYS A 349 -4.35 29.87 12.70
CA LYS A 349 -4.88 30.44 11.47
C LYS A 349 -4.68 29.48 10.30
N GLY A 350 -5.70 29.34 9.48
CA GLY A 350 -5.56 28.53 8.27
C GLY A 350 -6.90 28.07 7.76
N ILE A 351 -6.83 27.21 6.74
CA ILE A 351 -7.98 26.56 6.12
C ILE A 351 -7.99 25.11 6.56
N TYR A 352 -9.14 24.64 7.04
CA TYR A 352 -9.26 23.29 7.59
C TYR A 352 -10.44 22.58 6.94
N GLN A 353 -10.24 21.32 6.58
CA GLN A 353 -11.28 20.49 5.97
C GLN A 353 -12.02 19.78 7.10
N THR A 354 -13.20 20.31 7.45
CA THR A 354 -13.93 19.78 8.60
C THR A 354 -14.75 18.55 8.24
N SER A 355 -15.71 18.71 7.33
CA SER A 355 -16.65 17.65 7.01
C SER A 355 -16.83 17.59 5.51
N ASN A 356 -17.82 16.83 5.06
CA ASN A 356 -18.11 16.65 3.65
C ASN A 356 -19.57 17.01 3.39
N PHE A 357 -19.78 17.97 2.50
CA PHE A 357 -21.12 18.35 2.08
C PHE A 357 -21.59 17.45 0.95
N ARG A 358 -22.87 17.11 0.97
CA ARG A 358 -23.47 16.35 -0.12
C ARG A 358 -24.98 16.59 -0.09
N VAL A 359 -25.53 17.06 -1.20
CA VAL A 359 -26.94 17.39 -1.28
C VAL A 359 -27.75 16.11 -1.11
N GLN A 360 -28.47 16.01 -0.01
CA GLN A 360 -29.28 14.83 0.24
C GLN A 360 -30.39 14.75 -0.81
N PRO A 361 -30.67 13.57 -1.36
CA PRO A 361 -31.68 13.48 -2.43
C PRO A 361 -33.05 13.88 -1.93
N THR A 362 -33.59 14.95 -2.51
CA THR A 362 -34.94 15.39 -2.16
C THR A 362 -35.96 14.27 -2.37
N GLU A 363 -35.72 13.42 -3.36
CA GLU A 363 -36.59 12.28 -3.64
C GLU A 363 -35.73 11.17 -4.24
N SER A 364 -36.25 9.96 -4.16
CA SER A 364 -35.59 8.80 -4.78
C SER A 364 -36.46 8.42 -5.98
N ILE A 365 -36.07 8.92 -7.15
CA ILE A 365 -36.84 8.69 -8.37
C ILE A 365 -36.75 7.23 -8.75
N VAL A 366 -37.90 6.59 -8.92
CA VAL A 366 -38.01 5.22 -9.42
C VAL A 366 -39.00 5.24 -10.58
N ARG A 367 -38.54 4.86 -11.77
CA ARG A 367 -39.32 4.99 -13.00
C ARG A 367 -39.36 3.65 -13.71
N PHE A 368 -40.27 2.79 -13.29
CA PHE A 368 -40.52 1.56 -13.98
C PHE A 368 -41.25 1.86 -15.29
N PRO A 369 -41.00 1.10 -16.36
CA PRO A 369 -41.71 1.39 -17.62
C PRO A 369 -43.20 1.33 -17.41
N ASN A 370 -43.92 2.19 -18.12
CA ASN A 370 -45.36 2.33 -17.91
C ASN A 370 -46.03 0.96 -17.84
N ILE A 371 -46.86 0.78 -16.83
CA ILE A 371 -47.54 -0.50 -16.61
C ILE A 371 -48.59 -0.67 -17.69
N THR A 372 -48.28 -1.50 -18.69
CA THR A 372 -49.18 -1.78 -19.81
C THR A 372 -49.24 -3.29 -20.03
N ASN A 373 -49.96 -3.69 -21.07
CA ASN A 373 -50.17 -5.10 -21.38
C ASN A 373 -50.66 -5.84 -20.13
N LEU A 374 -51.68 -5.28 -19.50
CA LEU A 374 -52.17 -5.83 -18.25
C LEU A 374 -52.58 -7.28 -18.43
N CYS A 375 -52.22 -8.11 -17.45
CA CYS A 375 -52.47 -9.54 -17.56
C CYS A 375 -53.97 -9.80 -17.57
N PRO A 376 -54.43 -10.84 -18.28
CA PRO A 376 -55.87 -11.07 -18.39
C PRO A 376 -56.51 -11.63 -17.13
N PHE A 377 -55.80 -11.54 -15.99
CA PHE A 377 -56.38 -11.95 -14.73
C PHE A 377 -57.63 -11.13 -14.39
N GLY A 378 -57.79 -9.96 -15.00
CA GLY A 378 -58.98 -9.17 -14.75
C GLY A 378 -60.26 -9.88 -15.13
N GLU A 379 -60.23 -10.69 -16.19
CA GLU A 379 -61.41 -11.38 -16.67
C GLU A 379 -61.42 -12.88 -16.35
N VAL A 380 -60.37 -13.40 -15.73
CA VAL A 380 -60.34 -14.83 -15.40
C VAL A 380 -61.32 -15.13 -14.28
N PHE A 381 -61.40 -14.25 -13.29
CA PHE A 381 -62.19 -14.52 -12.10
C PHE A 381 -63.69 -14.37 -12.33
N ASN A 382 -64.10 -13.54 -13.28
CA ASN A 382 -65.52 -13.35 -13.58
C ASN A 382 -65.77 -13.49 -15.08
N ALA A 383 -65.22 -14.55 -15.68
CA ALA A 383 -65.49 -14.82 -17.09
C ALA A 383 -66.97 -15.11 -17.28
N THR A 384 -67.46 -14.83 -18.50
CA THR A 384 -68.89 -14.98 -18.77
C THR A 384 -69.37 -16.40 -18.48
N ARG A 385 -68.50 -17.39 -18.61
CA ARG A 385 -68.86 -18.78 -18.35
C ARG A 385 -67.62 -19.53 -17.87
N PHE A 386 -67.83 -20.44 -16.92
CA PHE A 386 -66.76 -21.27 -16.38
C PHE A 386 -67.03 -22.73 -16.68
N ALA A 387 -65.96 -23.50 -16.80
CA ALA A 387 -66.06 -24.93 -17.08
C ALA A 387 -66.23 -25.70 -15.77
N SER A 388 -66.34 -27.01 -15.88
CA SER A 388 -66.49 -27.87 -14.71
C SER A 388 -65.15 -28.05 -14.01
N VAL A 389 -65.21 -28.60 -12.80
CA VAL A 389 -63.99 -28.80 -12.01
C VAL A 389 -63.07 -29.78 -12.72
N TYR A 390 -63.63 -30.89 -13.23
CA TYR A 390 -62.81 -31.86 -13.96
C TYR A 390 -62.34 -31.29 -15.29
N ALA A 391 -63.10 -30.38 -15.90
CA ALA A 391 -62.76 -29.75 -17.16
C ALA A 391 -62.04 -28.43 -16.97
N TRP A 392 -61.29 -28.28 -15.88
CA TRP A 392 -60.59 -27.05 -15.59
C TRP A 392 -59.63 -26.69 -16.72
N ASN A 393 -59.91 -25.59 -17.41
CA ASN A 393 -59.04 -25.13 -18.48
C ASN A 393 -57.86 -24.36 -17.91
N ARG A 394 -56.68 -24.59 -18.49
CA ARG A 394 -55.46 -23.93 -18.05
C ARG A 394 -55.29 -22.63 -18.81
N LYS A 395 -55.28 -21.51 -18.08
CA LYS A 395 -55.11 -20.19 -18.68
C LYS A 395 -53.68 -19.71 -18.52
N ARG A 396 -52.71 -20.63 -18.68
CA ARG A 396 -51.31 -20.28 -18.60
C ARG A 396 -51.02 -19.02 -19.38
N ILE A 397 -50.32 -18.08 -18.74
CA ILE A 397 -50.02 -16.79 -19.32
C ILE A 397 -48.54 -16.50 -19.14
N SER A 398 -47.97 -15.74 -20.08
CA SER A 398 -46.56 -15.35 -20.03
C SER A 398 -46.43 -13.90 -20.46
N ASN A 399 -45.43 -13.22 -19.89
CA ASN A 399 -45.12 -11.84 -20.26
C ASN A 399 -46.32 -10.93 -20.09
N CYS A 400 -47.05 -11.10 -18.98
CA CYS A 400 -48.15 -10.22 -18.64
C CYS A 400 -47.89 -9.61 -17.27
N VAL A 401 -48.40 -8.39 -17.08
CA VAL A 401 -48.27 -7.69 -15.81
C VAL A 401 -49.44 -8.10 -14.91
N ALA A 402 -49.24 -9.16 -14.14
CA ALA A 402 -50.29 -9.70 -13.28
C ALA A 402 -50.36 -8.87 -12.00
N ASP A 403 -51.46 -8.14 -11.81
CA ASP A 403 -51.64 -7.29 -10.64
C ASP A 403 -52.33 -8.10 -9.56
N TYR A 404 -51.53 -8.69 -8.66
CA TYR A 404 -52.09 -9.45 -7.55
C TYR A 404 -52.62 -8.54 -6.45
N SER A 405 -52.07 -7.33 -6.32
CA SER A 405 -52.50 -6.44 -5.24
C SER A 405 -53.98 -6.08 -5.39
N VAL A 406 -54.40 -5.71 -6.59
CA VAL A 406 -55.80 -5.37 -6.81
C VAL A 406 -56.70 -6.59 -6.58
N LEU A 407 -56.27 -7.75 -7.07
CA LEU A 407 -57.02 -8.97 -6.83
C LEU A 407 -57.01 -9.33 -5.34
N TYR A 408 -55.82 -9.32 -4.73
CA TYR A 408 -55.74 -9.61 -3.30
C TYR A 408 -56.50 -8.57 -2.48
N ASN A 409 -56.34 -7.30 -2.83
CA ASN A 409 -57.07 -6.23 -2.17
C ASN A 409 -58.29 -5.84 -3.01
N SER A 410 -59.24 -6.77 -3.06
CA SER A 410 -60.46 -6.60 -3.84
C SER A 410 -61.73 -6.57 -3.01
N ALA A 411 -61.75 -7.24 -1.85
CA ALA A 411 -62.92 -7.28 -0.99
C ALA A 411 -64.14 -7.85 -1.70
N SER A 412 -63.94 -8.67 -2.73
CA SER A 412 -65.01 -9.30 -3.48
C SER A 412 -64.66 -10.76 -3.76
N PHE A 413 -64.15 -11.44 -2.74
CA PHE A 413 -63.72 -12.83 -2.86
C PHE A 413 -64.28 -13.66 -1.72
N SER A 414 -63.85 -14.91 -1.62
CA SER A 414 -64.24 -15.79 -0.52
C SER A 414 -63.07 -16.37 0.24
N THR A 415 -61.98 -16.74 -0.45
CA THR A 415 -60.81 -17.29 0.21
C THR A 415 -59.57 -16.99 -0.61
N PHE A 416 -58.63 -16.27 -0.02
CA PHE A 416 -57.32 -16.02 -0.63
C PHE A 416 -56.31 -16.91 0.09
N LYS A 417 -56.20 -18.16 -0.38
CA LYS A 417 -55.28 -19.13 0.21
C LYS A 417 -54.00 -19.15 -0.62
N CYS A 418 -53.18 -18.11 -0.41
CA CYS A 418 -51.91 -18.00 -1.11
C CYS A 418 -50.78 -18.58 -0.27
N LEU A 426 -47.67 -9.79 -3.32
CA LEU A 426 -47.50 -10.75 -4.42
C LEU A 426 -46.99 -10.07 -5.67
N ASN A 427 -47.20 -8.76 -5.77
CA ASN A 427 -46.77 -8.01 -6.95
C ASN A 427 -45.26 -7.83 -7.02
N ASP A 428 -44.53 -8.13 -5.95
CA ASP A 428 -43.08 -8.03 -5.95
C ASP A 428 -42.39 -9.29 -6.47
N LEU A 429 -43.16 -10.32 -6.82
CA LEU A 429 -42.60 -11.59 -7.28
C LEU A 429 -43.02 -11.84 -8.72
N CYS A 430 -42.05 -12.22 -9.55
CA CYS A 430 -42.28 -12.54 -10.95
C CYS A 430 -42.03 -14.02 -11.17
N PHE A 431 -42.83 -14.61 -12.05
CA PHE A 431 -42.80 -16.05 -12.29
C PHE A 431 -42.88 -16.32 -13.78
N THR A 432 -42.44 -17.53 -14.16
CA THR A 432 -42.41 -17.90 -15.57
C THR A 432 -43.81 -17.88 -16.17
N ASN A 433 -44.79 -18.41 -15.45
CA ASN A 433 -46.17 -18.42 -15.91
C ASN A 433 -47.08 -18.63 -14.72
N VAL A 434 -48.38 -18.47 -14.96
CA VAL A 434 -49.40 -18.66 -13.94
C VAL A 434 -50.45 -19.59 -14.54
N TYR A 435 -50.46 -20.85 -14.10
CA TYR A 435 -51.45 -21.83 -14.55
C TYR A 435 -52.77 -21.50 -13.86
N ALA A 436 -53.40 -20.43 -14.32
CA ALA A 436 -54.66 -19.96 -13.74
C ALA A 436 -55.78 -20.86 -14.22
N ASP A 437 -56.33 -21.65 -13.30
CA ASP A 437 -57.43 -22.54 -13.64
C ASP A 437 -58.75 -21.78 -13.60
N SER A 438 -59.85 -22.49 -13.83
CA SER A 438 -61.17 -21.88 -13.84
C SER A 438 -62.22 -22.98 -13.70
N PHE A 439 -63.03 -22.89 -12.65
CA PHE A 439 -64.07 -23.88 -12.40
C PHE A 439 -64.92 -23.37 -11.24
N VAL A 440 -65.95 -24.14 -10.89
CA VAL A 440 -66.87 -23.82 -9.81
C VAL A 440 -67.01 -25.05 -8.92
N ILE A 441 -66.95 -24.84 -7.60
CA ILE A 441 -67.04 -25.92 -6.63
C ILE A 441 -68.14 -25.58 -5.64
N ARG A 442 -68.72 -26.62 -5.03
CA ARG A 442 -69.92 -26.50 -4.22
C ARG A 442 -69.55 -26.30 -2.76
N GLY A 443 -69.51 -25.05 -2.33
CA GLY A 443 -69.42 -24.73 -0.91
C GLY A 443 -68.23 -25.35 -0.20
N ASP A 444 -68.49 -26.35 0.64
CA ASP A 444 -67.46 -26.96 1.46
C ASP A 444 -66.30 -27.52 0.65
N GLU A 445 -66.43 -27.60 -0.68
CA GLU A 445 -65.33 -28.04 -1.50
C GLU A 445 -64.20 -27.02 -1.58
N VAL A 446 -64.41 -25.80 -1.08
CA VAL A 446 -63.37 -24.78 -1.13
C VAL A 446 -62.16 -25.22 -0.32
N ARG A 447 -62.39 -25.75 0.88
CA ARG A 447 -61.28 -26.21 1.71
C ARG A 447 -60.53 -27.35 1.04
N GLN A 448 -61.21 -28.12 0.17
CA GLN A 448 -60.55 -29.21 -0.52
C GLN A 448 -59.47 -28.73 -1.47
N ILE A 449 -59.53 -27.47 -1.90
CA ILE A 449 -58.52 -26.90 -2.80
C ILE A 449 -57.42 -26.33 -1.90
N ALA A 450 -56.49 -27.20 -1.51
CA ALA A 450 -55.37 -26.79 -0.67
C ALA A 450 -54.30 -27.87 -0.69
N PRO A 451 -53.02 -27.51 -0.49
CA PRO A 451 -51.94 -28.53 -0.49
C PRO A 451 -52.17 -29.62 0.55
N GLY A 455 -61.04 -34.88 0.39
CA GLY A 455 -62.11 -34.12 -0.25
C GLY A 455 -62.55 -34.73 -1.57
N LYS A 456 -63.84 -34.61 -1.87
CA LYS A 456 -64.37 -35.18 -3.12
C LYS A 456 -63.70 -34.52 -4.32
N ILE A 457 -63.62 -33.19 -4.32
CA ILE A 457 -63.00 -32.48 -5.44
C ILE A 457 -61.50 -32.73 -5.45
N ALA A 458 -60.87 -32.78 -4.28
CA ALA A 458 -59.43 -32.92 -4.19
C ALA A 458 -58.93 -34.27 -4.68
N ASP A 459 -59.80 -35.25 -4.87
CA ASP A 459 -59.40 -36.58 -5.29
C ASP A 459 -60.00 -37.02 -6.62
N TYR A 460 -61.03 -36.35 -7.11
CA TYR A 460 -61.70 -36.74 -8.35
C TYR A 460 -61.53 -35.71 -9.46
N ASN A 461 -61.90 -34.45 -9.20
CA ASN A 461 -61.89 -33.42 -10.24
C ASN A 461 -60.60 -32.61 -10.24
N TYR A 462 -60.08 -32.25 -9.07
CA TYR A 462 -58.89 -31.43 -8.96
C TYR A 462 -57.93 -32.05 -7.96
N LYS A 463 -56.65 -31.71 -8.11
CA LYS A 463 -55.60 -32.22 -7.22
C LYS A 463 -54.49 -31.17 -7.18
N LEU A 464 -54.48 -30.38 -6.11
CA LEU A 464 -53.45 -29.36 -5.96
C LEU A 464 -52.17 -29.98 -5.42
N PRO A 465 -51.04 -29.89 -6.12
CA PRO A 465 -49.79 -30.46 -5.59
C PRO A 465 -49.26 -29.67 -4.40
N GLY A 470 -48.18 -20.64 -5.59
CA GLY A 470 -49.53 -20.52 -6.11
C GLY A 470 -50.52 -20.01 -5.07
N CYS A 471 -51.77 -19.84 -5.48
CA CYS A 471 -52.81 -19.35 -4.59
C CYS A 471 -54.16 -19.83 -5.09
N VAL A 472 -55.15 -19.77 -4.21
CA VAL A 472 -56.52 -20.18 -4.50
C VAL A 472 -57.43 -18.99 -4.21
N ILE A 473 -58.28 -18.65 -5.19
CA ILE A 473 -59.22 -17.55 -5.08
C ILE A 473 -60.62 -18.11 -5.28
N ALA A 474 -61.54 -17.75 -4.37
CA ALA A 474 -62.91 -18.22 -4.43
C ALA A 474 -63.85 -17.03 -4.28
N TRP A 475 -65.02 -17.13 -4.90
CA TRP A 475 -66.00 -16.05 -4.87
C TRP A 475 -67.40 -16.66 -4.95
N ASN A 476 -68.35 -15.98 -4.30
CA ASN A 476 -69.73 -16.44 -4.31
C ASN A 476 -70.23 -16.61 -5.74
N SER A 477 -70.56 -17.85 -6.11
CA SER A 477 -71.04 -18.16 -7.44
C SER A 477 -72.55 -18.03 -7.58
N ASN A 478 -73.27 -17.84 -6.47
CA ASN A 478 -74.72 -17.74 -6.54
C ASN A 478 -75.18 -16.47 -7.26
N ASN A 479 -74.29 -15.48 -7.41
CA ASN A 479 -74.68 -14.23 -8.04
C ASN A 479 -75.03 -14.43 -9.51
N LEU A 480 -74.16 -15.12 -10.25
CA LEU A 480 -74.30 -15.24 -11.70
C LEU A 480 -74.54 -16.68 -12.15
N ASP A 481 -73.69 -17.62 -11.75
CA ASP A 481 -73.79 -18.97 -12.29
C ASP A 481 -75.05 -19.69 -11.85
N SER A 482 -75.55 -19.38 -10.65
CA SER A 482 -76.71 -20.09 -10.11
C SER A 482 -77.95 -19.76 -10.94
N LYS A 483 -78.38 -20.71 -11.76
CA LYS A 483 -79.60 -20.54 -12.54
C LYS A 483 -80.82 -20.64 -11.63
N VAL A 484 -81.84 -19.84 -11.93
CA VAL A 484 -83.07 -19.83 -11.14
C VAL A 484 -83.96 -20.96 -11.62
N GLY A 485 -84.41 -21.79 -10.69
CA GLY A 485 -85.25 -22.93 -11.00
C GLY A 485 -84.53 -24.23 -11.20
N GLY A 486 -83.24 -24.30 -10.94
CA GLY A 486 -82.46 -25.52 -11.12
C GLY A 486 -81.41 -25.40 -12.18
N ASN A 487 -80.15 -25.40 -11.78
CA ASN A 487 -79.01 -25.29 -12.69
C ASN A 487 -78.32 -26.64 -12.79
N TYR A 488 -78.08 -27.08 -14.04
CA TYR A 488 -77.41 -28.36 -14.26
C TYR A 488 -76.37 -28.27 -15.37
N ASN A 489 -75.96 -27.05 -15.76
CA ASN A 489 -74.98 -26.92 -16.82
C ASN A 489 -73.64 -27.55 -16.43
N TYR A 490 -73.22 -27.35 -15.19
CA TYR A 490 -71.98 -27.94 -14.73
C TYR A 490 -72.11 -29.46 -14.58
N LEU A 491 -70.99 -30.15 -14.73
CA LEU A 491 -70.93 -31.59 -14.59
C LEU A 491 -69.96 -31.93 -13.45
N TYR A 492 -70.40 -32.78 -12.53
CA TYR A 492 -69.63 -33.12 -11.34
C TYR A 492 -69.18 -34.58 -11.44
N ARG A 493 -67.89 -34.80 -11.19
CA ARG A 493 -67.32 -36.15 -11.14
C ARG A 493 -67.50 -36.67 -9.73
N LEU A 494 -68.55 -37.48 -9.52
CA LEU A 494 -68.84 -37.97 -8.17
C LEU A 494 -67.71 -38.84 -7.64
N PHE A 495 -67.13 -39.69 -8.49
CA PHE A 495 -66.07 -40.58 -8.08
C PHE A 495 -65.07 -40.75 -9.22
N ARG A 496 -63.87 -41.16 -8.87
CA ARG A 496 -62.81 -41.40 -9.85
C ARG A 496 -62.05 -42.67 -9.52
N PRO A 530 -67.50 -41.27 -14.99
CA PRO A 530 -68.20 -41.08 -13.71
C PRO A 530 -68.91 -39.73 -13.61
N LEU A 531 -69.15 -39.10 -14.77
CA LEU A 531 -69.77 -37.77 -14.82
C LEU A 531 -71.26 -37.95 -15.04
N GLN A 532 -72.06 -37.59 -14.05
CA GLN A 532 -73.50 -37.75 -14.10
C GLN A 532 -74.24 -36.41 -14.12
N SER A 533 -73.99 -35.55 -13.13
CA SER A 533 -74.65 -34.27 -13.03
C SER A 533 -74.07 -33.54 -11.83
N TYR A 534 -74.47 -32.28 -11.65
CA TYR A 534 -74.01 -31.45 -10.56
C TYR A 534 -75.13 -31.14 -9.57
N GLY A 535 -76.24 -30.57 -10.04
CA GLY A 535 -77.34 -30.22 -9.17
C GLY A 535 -77.18 -28.84 -8.56
N PHE A 536 -78.26 -28.08 -8.51
CA PHE A 536 -78.23 -26.74 -7.94
C PHE A 536 -79.64 -26.34 -7.52
N GLN A 537 -79.71 -25.29 -6.72
CA GLN A 537 -80.99 -24.73 -6.27
C GLN A 537 -80.75 -23.28 -5.83
N PRO A 538 -81.46 -22.31 -6.40
CA PRO A 538 -81.21 -20.92 -5.99
C PRO A 538 -81.42 -20.68 -4.51
N THR A 539 -82.36 -21.39 -3.89
CA THR A 539 -82.61 -21.25 -2.45
C THR A 539 -81.75 -22.23 -1.66
N ASN A 540 -80.44 -22.08 -1.83
CA ASN A 540 -79.44 -22.92 -1.17
C ASN A 540 -78.74 -22.13 -0.07
N GLY A 541 -78.05 -22.87 0.79
CA GLY A 541 -77.34 -22.27 1.90
C GLY A 541 -75.97 -21.77 1.51
N VAL A 542 -74.94 -22.13 2.28
CA VAL A 542 -73.57 -21.75 2.01
C VAL A 542 -72.71 -22.97 1.67
N GLY A 543 -72.89 -24.07 2.40
CA GLY A 543 -72.14 -25.29 2.10
C GLY A 543 -72.58 -25.97 0.83
N TYR A 544 -73.83 -25.77 0.41
CA TYR A 544 -74.33 -26.28 -0.86
C TYR A 544 -74.27 -25.24 -1.97
N GLN A 545 -73.75 -24.05 -1.69
CA GLN A 545 -73.69 -22.98 -2.67
C GLN A 545 -72.41 -23.09 -3.51
N PRO A 546 -72.50 -22.90 -4.83
CA PRO A 546 -71.28 -22.96 -5.65
C PRO A 546 -70.36 -21.80 -5.37
N TYR A 547 -69.07 -22.03 -5.65
CA TYR A 547 -68.04 -21.00 -5.51
C TYR A 547 -67.14 -21.04 -6.74
N ARG A 548 -67.12 -19.95 -7.50
CA ARG A 548 -66.25 -19.86 -8.67
C ARG A 548 -64.81 -19.70 -8.21
N VAL A 549 -64.00 -20.73 -8.42
CA VAL A 549 -62.64 -20.78 -7.89
C VAL A 549 -61.66 -20.80 -9.06
N VAL A 550 -60.69 -19.89 -9.01
CA VAL A 550 -59.59 -19.84 -9.96
C VAL A 550 -58.31 -20.11 -9.19
N VAL A 551 -57.57 -21.15 -9.57
CA VAL A 551 -56.37 -21.57 -8.88
C VAL A 551 -55.17 -21.08 -9.68
N LEU A 552 -54.47 -20.10 -9.12
CA LEU A 552 -53.26 -19.56 -9.74
C LEU A 552 -52.06 -20.32 -9.18
N SER A 553 -51.37 -21.06 -10.05
CA SER A 553 -50.21 -21.85 -9.66
C SER A 553 -48.98 -21.22 -10.30
N PHE A 554 -48.19 -20.53 -9.50
CA PHE A 554 -46.97 -19.90 -9.98
C PHE A 554 -45.92 -20.97 -10.31
N GLU A 555 -45.06 -20.65 -11.27
CA GLU A 555 -44.02 -21.55 -11.74
C GLU A 555 -42.65 -20.94 -11.50
N LEU A 556 -41.71 -21.77 -11.05
CA LEU A 556 -40.33 -21.36 -10.81
C LEU A 556 -39.37 -22.19 -11.64
N LEU A 557 -39.79 -22.62 -12.83
CA LEU A 557 -38.95 -23.43 -13.70
C LEU A 557 -37.68 -22.67 -14.07
N HIS A 558 -36.72 -23.41 -14.63
CA HIS A 558 -35.46 -22.80 -15.03
C HIS A 558 -35.66 -21.67 -16.03
N ALA A 559 -36.76 -21.68 -16.78
CA ALA A 559 -37.00 -20.63 -17.74
C ALA A 559 -37.15 -19.29 -17.02
N PRO A 560 -36.72 -18.19 -17.63
CA PRO A 560 -36.79 -16.89 -16.95
C PRO A 560 -38.22 -16.51 -16.61
N ALA A 561 -38.38 -15.86 -15.46
CA ALA A 561 -39.69 -15.39 -15.05
C ALA A 561 -40.21 -14.36 -16.04
N THR A 562 -41.49 -14.50 -16.40
CA THR A 562 -42.11 -13.62 -17.38
C THR A 562 -43.35 -12.91 -16.87
N VAL A 563 -44.05 -13.47 -15.89
CA VAL A 563 -45.26 -12.85 -15.33
C VAL A 563 -44.82 -12.04 -14.11
N CYS A 564 -44.44 -10.79 -14.34
CA CYS A 564 -43.99 -9.90 -13.28
C CYS A 564 -45.11 -8.92 -12.94
N GLY A 565 -45.37 -8.75 -11.65
CA GLY A 565 -46.41 -7.87 -11.20
C GLY A 565 -46.06 -6.41 -11.40
N PRO A 566 -47.06 -5.53 -11.29
CA PRO A 566 -46.78 -4.10 -11.48
C PRO A 566 -45.79 -3.59 -10.46
N LYS A 567 -44.94 -2.66 -10.91
CA LYS A 567 -43.95 -2.01 -10.05
C LYS A 567 -44.26 -0.52 -9.98
N LYS A 568 -44.31 0.01 -8.77
CA LYS A 568 -44.61 1.43 -8.58
C LYS A 568 -43.46 2.29 -9.12
N SER A 569 -43.82 3.44 -9.66
CA SER A 569 -42.86 4.39 -10.21
C SER A 569 -43.12 5.78 -9.66
N THR A 570 -42.04 6.50 -9.35
CA THR A 570 -42.15 7.90 -8.98
C THR A 570 -42.47 8.73 -10.21
N ASN A 571 -42.55 10.04 -10.01
CA ASN A 571 -42.60 10.99 -11.12
C ASN A 571 -41.17 11.38 -11.49
N LEU A 572 -41.02 12.22 -12.50
CA LEU A 572 -39.73 12.75 -12.89
C LEU A 572 -39.70 14.24 -12.56
N VAL A 573 -38.69 14.65 -11.79
CA VAL A 573 -38.46 16.04 -11.46
C VAL A 573 -37.04 16.38 -11.87
N LYS A 574 -36.88 17.44 -12.65
CA LYS A 574 -35.58 17.82 -13.17
C LYS A 574 -34.98 18.94 -12.34
N ASN A 575 -33.67 19.14 -12.51
CA ASN A 575 -32.94 20.20 -11.81
C ASN A 575 -33.08 20.05 -10.29
N LYS A 576 -32.89 18.83 -9.81
CA LYS A 576 -32.94 18.58 -8.37
C LYS A 576 -32.33 17.22 -8.07
N CYS A 577 -31.35 17.20 -7.16
CA CYS A 577 -30.74 15.95 -6.75
C CYS A 577 -31.81 14.98 -6.26
N VAL A 578 -31.89 13.82 -6.91
CA VAL A 578 -32.85 12.79 -6.56
C VAL A 578 -32.28 11.45 -7.00
N ASN A 579 -32.51 10.42 -6.18
CA ASN A 579 -32.02 9.09 -6.54
C ASN A 579 -32.89 8.49 -7.64
N PHE A 580 -32.26 8.07 -8.72
CA PHE A 580 -32.96 7.64 -9.93
C PHE A 580 -32.82 6.14 -10.09
N ASN A 581 -33.95 5.46 -10.36
CA ASN A 581 -33.94 4.02 -10.59
C ASN A 581 -35.05 3.69 -11.57
N PHE A 582 -34.70 3.62 -12.86
CA PHE A 582 -35.69 3.38 -13.90
C PHE A 582 -35.97 1.90 -14.10
N ASN A 583 -34.92 1.11 -14.33
CA ASN A 583 -35.05 -0.33 -14.54
C ASN A 583 -33.98 -1.08 -13.75
N GLY A 584 -33.84 -0.71 -12.48
CA GLY A 584 -32.85 -1.30 -11.61
C GLY A 584 -31.54 -0.56 -11.56
N LEU A 585 -31.36 0.49 -12.36
CA LEU A 585 -30.14 1.30 -12.34
C LEU A 585 -30.35 2.41 -11.31
N THR A 586 -30.08 2.10 -10.05
CA THR A 586 -30.23 3.05 -8.96
C THR A 586 -28.99 3.91 -8.86
N GLY A 587 -29.19 5.20 -8.60
CA GLY A 587 -28.06 6.10 -8.45
C GLY A 587 -28.53 7.49 -8.03
N THR A 588 -27.55 8.33 -7.72
CA THR A 588 -27.79 9.71 -7.32
C THR A 588 -27.36 10.64 -8.44
N GLY A 589 -28.17 11.63 -8.75
CA GLY A 589 -27.80 12.60 -9.75
C GLY A 589 -28.92 13.58 -10.02
N VAL A 590 -28.53 14.78 -10.41
CA VAL A 590 -29.47 15.79 -10.87
C VAL A 590 -29.96 15.40 -12.26
N LEU A 591 -31.27 15.43 -12.46
CA LEU A 591 -31.88 14.98 -13.70
C LEU A 591 -32.28 16.19 -14.53
N THR A 592 -31.91 16.17 -15.81
CA THR A 592 -32.20 17.28 -16.71
C THR A 592 -32.45 16.73 -18.11
N GLU A 593 -32.76 17.62 -19.04
CA GLU A 593 -32.96 17.26 -20.43
C GLU A 593 -31.64 17.38 -21.18
N SER A 594 -31.27 16.32 -21.90
CA SER A 594 -29.98 16.24 -22.56
C SER A 594 -30.11 16.52 -24.05
N ASN A 595 -28.98 16.81 -24.68
CA ASN A 595 -28.92 17.04 -26.11
C ASN A 595 -28.56 15.79 -26.90
N LYS A 596 -28.06 14.74 -26.23
CA LYS A 596 -27.68 13.53 -26.92
C LYS A 596 -28.89 12.86 -27.55
N LYS A 597 -28.67 12.19 -28.68
CA LYS A 597 -29.69 11.40 -29.36
C LYS A 597 -29.36 9.93 -29.20
N PHE A 598 -30.29 9.18 -28.62
CA PHE A 598 -30.09 7.76 -28.39
C PHE A 598 -30.51 6.96 -29.63
N LEU A 599 -29.95 5.77 -29.75
CA LEU A 599 -30.38 4.87 -30.80
C LEU A 599 -31.82 4.44 -30.54
N PRO A 600 -32.63 4.26 -31.57
CA PRO A 600 -34.03 3.86 -31.35
C PRO A 600 -34.20 2.74 -30.33
N PHE A 601 -33.19 1.88 -30.16
CA PHE A 601 -33.28 0.79 -29.19
C PHE A 601 -32.60 1.11 -27.87
N GLN A 602 -31.49 1.84 -27.90
CA GLN A 602 -30.70 2.03 -26.70
C GLN A 602 -31.49 2.78 -25.63
N GLN A 603 -31.29 2.37 -24.37
CA GLN A 603 -31.97 2.97 -23.23
C GLN A 603 -31.01 3.72 -22.31
N PHE A 604 -29.87 3.12 -21.99
CA PHE A 604 -28.93 3.70 -21.05
C PHE A 604 -27.84 4.48 -21.79
N GLY A 605 -26.95 5.10 -21.02
CA GLY A 605 -25.76 5.72 -21.55
C GLY A 605 -24.67 5.72 -20.50
N ARG A 606 -23.42 5.56 -20.92
CA ARG A 606 -22.30 5.48 -19.97
C ARG A 606 -21.12 6.28 -20.49
N ASP A 607 -20.26 6.65 -19.55
CA ASP A 607 -19.04 7.40 -19.84
C ASP A 607 -17.88 6.43 -20.07
N ILE A 608 -16.67 6.98 -20.19
CA ILE A 608 -15.50 6.14 -20.37
C ILE A 608 -15.25 5.29 -19.13
N ALA A 609 -15.54 5.84 -17.95
CA ALA A 609 -15.34 5.13 -16.70
C ALA A 609 -16.49 4.17 -16.37
N ASP A 610 -17.34 3.84 -17.35
CA ASP A 610 -18.40 2.84 -17.18
C ASP A 610 -19.54 3.39 -16.34
N THR A 611 -19.41 4.61 -15.83
CA THR A 611 -20.50 5.21 -15.07
C THR A 611 -21.63 5.63 -15.98
N THR A 612 -22.85 5.59 -15.44
CA THR A 612 -24.03 5.98 -16.19
C THR A 612 -24.18 7.49 -16.15
N ASP A 613 -24.37 8.10 -17.33
CA ASP A 613 -24.46 9.54 -17.47
C ASP A 613 -25.81 10.00 -17.97
N ALA A 614 -26.34 9.38 -19.01
CA ALA A 614 -27.62 9.77 -19.60
C ALA A 614 -28.53 8.56 -19.70
N VAL A 615 -29.82 8.79 -19.50
CA VAL A 615 -30.83 7.74 -19.54
C VAL A 615 -32.01 8.22 -20.36
N ARG A 616 -32.75 7.27 -20.91
CA ARG A 616 -33.99 7.53 -21.63
C ARG A 616 -35.13 6.99 -20.79
N ASP A 617 -36.07 7.85 -20.44
CA ASP A 617 -37.15 7.45 -19.56
C ASP A 617 -37.95 6.32 -20.20
N PRO A 618 -38.11 5.18 -19.54
CA PRO A 618 -38.86 4.09 -20.17
C PRO A 618 -40.29 4.46 -20.48
N GLN A 619 -40.91 5.30 -19.65
CA GLN A 619 -42.30 5.68 -19.87
C GLN A 619 -42.44 6.56 -21.10
N THR A 620 -41.51 7.49 -21.32
CA THR A 620 -41.55 8.39 -22.45
C THR A 620 -40.15 8.58 -23.02
N LEU A 621 -40.08 8.74 -24.33
CA LEU A 621 -38.79 8.77 -25.04
C LEU A 621 -38.13 10.14 -24.92
N GLU A 622 -37.72 10.44 -23.68
CA GLU A 622 -37.01 11.67 -23.38
C GLU A 622 -35.58 11.30 -22.96
N ILE A 623 -34.60 11.93 -23.59
CA ILE A 623 -33.20 11.68 -23.28
C ILE A 623 -32.80 12.61 -22.15
N LEU A 624 -32.52 12.03 -20.98
CA LEU A 624 -32.24 12.78 -19.77
C LEU A 624 -30.78 12.54 -19.36
N ASP A 625 -30.04 13.62 -19.15
CA ASP A 625 -28.65 13.52 -18.73
C ASP A 625 -28.59 13.55 -17.21
N ILE A 626 -27.97 12.54 -16.63
CA ILE A 626 -27.85 12.40 -15.18
C ILE A 626 -26.48 12.95 -14.79
N THR A 627 -26.45 14.17 -14.28
CA THR A 627 -25.22 14.71 -13.74
C THR A 627 -25.04 14.24 -12.30
N PRO A 628 -23.80 14.15 -11.82
CA PRO A 628 -23.58 13.75 -10.43
C PRO A 628 -24.25 14.72 -9.47
N CYS A 629 -24.80 14.18 -8.39
CA CYS A 629 -25.47 15.02 -7.42
C CYS A 629 -24.44 15.90 -6.71
N SER A 630 -24.83 17.16 -6.47
CA SER A 630 -23.89 18.13 -5.93
C SER A 630 -23.32 17.64 -4.60
N PHE A 631 -21.99 17.75 -4.47
CA PHE A 631 -21.31 17.37 -3.25
C PHE A 631 -19.93 18.02 -3.25
N GLY A 632 -19.26 17.93 -2.11
CA GLY A 632 -17.95 18.50 -1.97
C GLY A 632 -17.59 18.67 -0.51
N GLY A 633 -16.33 18.99 -0.28
CA GLY A 633 -15.84 19.20 1.06
C GLY A 633 -16.26 20.53 1.62
N VAL A 634 -16.33 20.60 2.95
CA VAL A 634 -16.59 21.83 3.68
C VAL A 634 -15.34 22.17 4.46
N SER A 635 -14.75 23.32 4.17
CA SER A 635 -13.55 23.78 4.87
C SER A 635 -13.83 25.14 5.50
N VAL A 636 -13.26 25.35 6.68
CA VAL A 636 -13.58 26.49 7.53
C VAL A 636 -12.36 27.41 7.59
N ILE A 637 -12.55 28.66 7.19
CA ILE A 637 -11.51 29.68 7.34
C ILE A 637 -11.59 30.22 8.76
N THR A 638 -10.46 30.17 9.47
CA THR A 638 -10.39 30.71 10.82
C THR A 638 -9.10 31.51 10.95
N PRO A 639 -9.16 32.76 11.40
CA PRO A 639 -7.92 33.51 11.65
C PRO A 639 -7.17 33.06 12.88
N GLY A 640 -7.65 32.04 13.58
CA GLY A 640 -7.01 31.57 14.80
C GLY A 640 -7.76 32.01 16.04
N THR A 641 -7.98 31.08 16.97
CA THR A 641 -8.69 31.44 18.20
C THR A 641 -7.93 32.51 18.97
N ASN A 642 -6.61 32.49 18.90
CA ASN A 642 -5.81 33.52 19.58
C ASN A 642 -6.16 34.92 19.08
N THR A 643 -6.69 35.04 17.87
CA THR A 643 -7.05 36.34 17.30
C THR A 643 -8.54 36.60 17.38
N SER A 644 -9.37 35.69 16.88
CA SER A 644 -10.81 35.88 16.91
C SER A 644 -11.50 34.54 16.76
N ASN A 645 -12.79 34.52 17.09
CA ASN A 645 -13.62 33.34 16.96
C ASN A 645 -14.52 33.38 15.73
N GLN A 646 -14.38 34.41 14.90
CA GLN A 646 -15.17 34.51 13.68
C GLN A 646 -14.55 33.65 12.59
N VAL A 647 -15.39 32.96 11.81
CA VAL A 647 -14.92 32.07 10.76
C VAL A 647 -15.82 32.21 9.54
N ALA A 648 -15.27 31.80 8.40
CA ALA A 648 -16.00 31.67 7.15
C ALA A 648 -15.94 30.21 6.70
N VAL A 649 -16.95 29.80 5.94
CA VAL A 649 -17.10 28.41 5.52
C VAL A 649 -17.08 28.36 4.01
N LEU A 650 -16.26 27.47 3.46
CA LEU A 650 -16.13 27.28 2.03
C LEU A 650 -16.72 25.93 1.64
N TYR A 651 -17.70 25.95 0.74
CA TYR A 651 -18.27 24.74 0.18
C TYR A 651 -17.65 24.53 -1.20
N GLN A 652 -16.70 23.61 -1.28
CA GLN A 652 -15.90 23.45 -2.49
C GLN A 652 -16.76 22.91 -3.62
N GLY A 653 -16.78 23.62 -4.75
CA GLY A 653 -17.49 23.18 -5.93
C GLY A 653 -19.00 23.17 -5.78
N VAL A 654 -19.60 24.31 -5.45
CA VAL A 654 -21.05 24.45 -5.40
C VAL A 654 -21.41 25.85 -5.88
N ASN A 655 -22.69 26.05 -6.18
CA ASN A 655 -23.17 27.27 -6.79
C ASN A 655 -23.84 28.22 -5.79
N CYS A 656 -23.76 27.93 -4.49
CA CYS A 656 -24.41 28.73 -3.46
C CYS A 656 -25.93 28.61 -3.51
N THR A 657 -26.46 27.86 -4.48
CA THR A 657 -27.88 27.57 -4.52
C THR A 657 -28.22 26.27 -3.82
N GLU A 658 -27.27 25.33 -3.76
CA GLU A 658 -27.47 24.08 -3.05
C GLU A 658 -27.21 24.19 -1.56
N VAL A 659 -26.68 25.32 -1.09
CA VAL A 659 -26.38 25.49 0.32
C VAL A 659 -27.55 26.15 1.03
N ASN A 680 -23.41 37.24 4.03
CA ASN A 680 -22.33 37.39 3.07
C ASN A 680 -22.06 36.08 2.34
N VAL A 681 -22.68 35.91 1.18
CA VAL A 681 -22.49 34.73 0.35
C VAL A 681 -21.77 35.18 -0.92
N PHE A 682 -20.59 34.61 -1.17
CA PHE A 682 -19.73 34.99 -2.28
C PHE A 682 -19.44 33.75 -3.11
N GLN A 683 -19.66 33.86 -4.42
CA GLN A 683 -19.40 32.76 -5.33
C GLN A 683 -18.00 32.91 -5.93
N THR A 684 -17.20 31.85 -5.79
CA THR A 684 -15.83 31.84 -6.29
C THR A 684 -15.65 30.63 -7.19
N ARG A 685 -14.59 30.68 -8.01
CA ARG A 685 -14.25 29.52 -8.82
C ARG A 685 -13.89 28.32 -7.97
N ALA A 686 -13.51 28.54 -6.71
CA ALA A 686 -13.15 27.44 -5.81
C ALA A 686 -14.34 26.92 -5.02
N GLY A 687 -15.50 27.56 -5.10
CA GLY A 687 -16.66 27.13 -4.35
C GLY A 687 -17.50 28.29 -3.85
N CYS A 688 -18.23 28.08 -2.77
CA CYS A 688 -19.10 29.09 -2.19
C CYS A 688 -18.52 29.52 -0.85
N LEU A 689 -18.33 30.83 -0.67
CA LEU A 689 -17.82 31.39 0.57
C LEU A 689 -18.96 32.04 1.34
N ILE A 690 -19.11 31.65 2.60
CA ILE A 690 -20.12 32.19 3.49
C ILE A 690 -19.44 32.72 4.73
N GLY A 691 -19.72 33.96 5.09
CA GLY A 691 -19.09 34.60 6.23
C GLY A 691 -17.93 35.51 5.89
N ALA A 692 -17.57 35.61 4.61
CA ALA A 692 -16.49 36.48 4.16
C ALA A 692 -17.04 37.44 3.11
N GLU A 693 -16.65 38.71 3.21
CA GLU A 693 -17.15 39.75 2.32
C GLU A 693 -16.12 40.01 1.23
N HIS A 694 -16.58 40.05 -0.02
CA HIS A 694 -15.68 40.32 -1.14
C HIS A 694 -15.26 41.77 -1.15
N VAL A 695 -13.96 42.00 -1.33
CA VAL A 695 -13.40 43.35 -1.37
C VAL A 695 -12.62 43.50 -2.67
N ASN A 696 -12.80 44.63 -3.35
CA ASN A 696 -12.12 44.86 -4.61
C ASN A 696 -10.61 45.01 -4.45
N ASN A 697 -10.14 45.34 -3.26
CA ASN A 697 -8.71 45.48 -3.04
C ASN A 697 -8.02 44.13 -3.12
N SER A 698 -6.71 44.18 -3.38
CA SER A 698 -5.90 42.97 -3.51
C SER A 698 -4.67 43.10 -2.63
N TYR A 699 -4.44 42.09 -1.79
CA TYR A 699 -3.32 42.08 -0.85
C TYR A 699 -2.55 40.78 -1.03
N GLU A 700 -1.45 40.67 -0.30
CA GLU A 700 -0.69 39.42 -0.29
C GLU A 700 -1.55 38.32 0.31
N CYS A 701 -1.43 37.12 -0.25
CA CYS A 701 -2.28 36.02 0.20
C CYS A 701 -2.02 35.71 1.67
N ASP A 702 -3.10 35.63 2.44
CA ASP A 702 -3.03 35.25 3.85
C ASP A 702 -3.48 33.80 4.04
N ILE A 703 -4.70 33.47 3.62
CA ILE A 703 -5.21 32.11 3.68
C ILE A 703 -5.66 31.74 2.27
N PRO A 704 -5.08 30.71 1.64
CA PRO A 704 -5.41 30.41 0.24
C PRO A 704 -6.73 29.68 0.11
N ILE A 705 -7.75 30.39 -0.37
CA ILE A 705 -9.01 29.75 -0.71
C ILE A 705 -8.85 28.88 -1.95
N GLY A 706 -8.19 29.41 -2.97
CA GLY A 706 -8.00 28.69 -4.22
C GLY A 706 -8.42 29.50 -5.42
N ALA A 707 -7.95 29.12 -6.61
CA ALA A 707 -8.31 29.80 -7.85
C ALA A 707 -7.98 31.29 -7.78
N GLY A 708 -6.87 31.62 -7.15
CA GLY A 708 -6.43 33.00 -7.06
C GLY A 708 -7.14 33.81 -6.00
N ILE A 709 -7.97 33.19 -5.17
CA ILE A 709 -8.72 33.87 -4.13
C ILE A 709 -8.11 33.52 -2.78
N CYS A 710 -7.92 34.53 -1.95
CA CYS A 710 -7.40 34.34 -0.60
C CYS A 710 -8.29 35.09 0.38
N ALA A 711 -8.29 34.63 1.63
CA ALA A 711 -9.10 35.20 2.69
C ALA A 711 -8.20 35.66 3.83
N SER A 712 -8.57 36.77 4.45
CA SER A 712 -7.75 37.33 5.53
C SER A 712 -8.66 38.05 6.52
N TYR A 713 -8.11 38.27 7.72
CA TYR A 713 -8.78 38.98 8.80
C TYR A 713 -8.16 40.36 8.92
N GLN A 714 -8.97 41.40 8.76
CA GLN A 714 -8.47 42.76 8.82
C GLN A 714 -9.59 43.69 9.23
N THR A 715 -9.20 44.89 9.65
CA THR A 715 -10.18 45.91 10.05
C THR A 715 -11.01 46.35 8.86
N SER A 728 -15.68 46.05 13.81
CA SER A 728 -14.72 46.65 12.89
C SER A 728 -13.98 45.58 12.11
N GLN A 729 -13.47 44.57 12.83
CA GLN A 729 -12.75 43.48 12.18
C GLN A 729 -13.74 42.54 11.48
N SER A 730 -13.24 41.85 10.46
CA SER A 730 -14.05 40.89 9.73
C SER A 730 -13.12 40.08 8.83
N ILE A 731 -13.67 39.04 8.21
CA ILE A 731 -12.94 38.20 7.28
C ILE A 731 -13.29 38.65 5.87
N ILE A 732 -12.27 38.93 5.07
CA ILE A 732 -12.45 39.44 3.72
C ILE A 732 -11.86 38.45 2.72
N ALA A 733 -12.52 38.34 1.57
CA ALA A 733 -12.06 37.51 0.46
C ALA A 733 -11.66 38.42 -0.69
N TYR A 734 -10.48 38.19 -1.25
CA TYR A 734 -9.93 39.07 -2.26
C TYR A 734 -9.11 38.25 -3.26
N THR A 735 -8.89 38.84 -4.43
CA THR A 735 -7.99 38.27 -5.42
C THR A 735 -6.57 38.70 -5.08
N MET A 736 -5.71 37.76 -4.71
CA MET A 736 -4.39 38.10 -4.21
C MET A 736 -3.57 38.80 -5.30
N SER A 737 -2.73 39.73 -4.86
CA SER A 737 -1.85 40.47 -5.77
C SER A 737 -0.48 39.82 -5.80
N LEU A 738 0.14 39.82 -6.98
CA LEU A 738 1.44 39.20 -7.13
C LEU A 738 2.59 40.10 -6.70
N GLY A 739 2.34 41.39 -6.53
CA GLY A 739 3.37 42.31 -6.11
C GLY A 739 3.15 43.68 -6.72
N ALA A 740 4.09 44.57 -6.44
CA ALA A 740 4.03 45.92 -6.97
C ALA A 740 4.24 45.92 -8.48
N GLU A 741 3.56 46.85 -9.15
CA GLU A 741 3.63 46.94 -10.61
C GLU A 741 4.76 47.88 -11.01
N ASN A 742 5.98 47.44 -10.73
CA ASN A 742 7.15 48.22 -11.09
C ASN A 742 7.37 48.21 -12.60
N SER A 743 7.94 49.30 -13.11
CA SER A 743 8.28 49.43 -14.51
C SER A 743 9.68 50.02 -14.61
N VAL A 744 10.60 49.27 -15.21
CA VAL A 744 11.99 49.70 -15.28
C VAL A 744 12.12 50.80 -16.32
N ALA A 745 12.87 51.85 -15.98
CA ALA A 745 13.06 53.00 -16.87
C ALA A 745 14.13 52.66 -17.91
N TYR A 746 13.80 51.70 -18.75
CA TYR A 746 14.74 51.20 -19.74
C TYR A 746 14.84 52.16 -20.92
N SER A 747 16.07 52.38 -21.37
CA SER A 747 16.34 53.10 -22.61
C SER A 747 17.66 52.59 -23.17
N ASN A 748 17.87 52.85 -24.45
CA ASN A 748 19.03 52.25 -25.12
C ASN A 748 20.35 52.87 -24.73
N ASN A 749 20.35 53.96 -23.97
CA ASN A 749 21.60 54.61 -23.59
C ASN A 749 21.59 55.08 -22.14
N SER A 750 20.86 54.39 -21.26
CA SER A 750 20.84 54.72 -19.85
C SER A 750 21.13 53.47 -19.03
N ILE A 751 21.93 53.65 -17.98
CA ILE A 751 22.31 52.56 -17.09
C ILE A 751 22.19 53.04 -15.65
N ALA A 752 21.68 52.17 -14.78
CA ALA A 752 21.61 52.44 -13.36
C ALA A 752 22.70 51.66 -12.65
N ILE A 753 23.50 52.35 -11.83
CA ILE A 753 24.65 51.77 -11.18
C ILE A 753 24.58 52.06 -9.68
N PRO A 754 24.64 51.05 -8.81
CA PRO A 754 24.54 51.32 -7.38
C PRO A 754 25.70 52.17 -6.89
N THR A 755 25.39 53.09 -5.98
CA THR A 755 26.39 53.94 -5.35
C THR A 755 26.69 53.51 -3.93
N ASN A 756 25.97 52.52 -3.41
CA ASN A 756 26.18 52.03 -2.06
C ASN A 756 25.92 50.53 -2.06
N PHE A 757 25.84 49.94 -0.88
CA PHE A 757 25.58 48.51 -0.76
C PHE A 757 25.06 48.23 0.64
N THR A 758 24.49 47.04 0.80
CA THR A 758 24.02 46.57 2.09
C THR A 758 24.46 45.12 2.27
N ILE A 759 24.82 44.78 3.50
CA ILE A 759 25.19 43.42 3.85
C ILE A 759 24.00 42.81 4.58
N SER A 760 23.38 41.81 3.96
CA SER A 760 22.19 41.18 4.49
C SER A 760 22.50 39.75 4.88
N VAL A 761 22.08 39.35 6.07
CA VAL A 761 22.26 38.00 6.58
C VAL A 761 20.89 37.37 6.67
N THR A 762 20.57 36.50 5.73
CA THR A 762 19.30 35.78 5.71
C THR A 762 19.49 34.37 6.28
N THR A 763 18.38 33.68 6.46
CA THR A 763 18.35 32.37 7.08
C THR A 763 17.73 31.34 6.15
N GLU A 764 18.31 30.14 6.14
CA GLU A 764 17.75 29.01 5.43
C GLU A 764 17.75 27.81 6.35
N ILE A 765 16.60 27.15 6.48
CA ILE A 765 16.42 26.03 7.39
C ILE A 765 16.08 24.80 6.57
N LEU A 766 16.86 23.73 6.76
CA LEU A 766 16.68 22.50 6.01
C LEU A 766 16.57 21.33 6.98
N PRO A 767 15.52 20.52 6.90
CA PRO A 767 15.51 19.27 7.67
C PRO A 767 16.63 18.34 7.22
N VAL A 768 17.19 17.61 8.16
CA VAL A 768 18.29 16.70 7.91
C VAL A 768 17.94 15.26 8.25
N SER A 769 17.25 15.02 9.36
CA SER A 769 16.96 13.67 9.80
C SER A 769 15.63 13.63 10.52
N MET A 770 15.07 12.42 10.62
CA MET A 770 13.88 12.14 11.40
C MET A 770 14.27 11.40 12.67
N THR A 771 13.26 11.03 13.45
CA THR A 771 13.47 10.18 14.60
C THR A 771 13.57 8.72 14.16
N LYS A 772 14.50 8.00 14.76
CA LYS A 772 14.73 6.60 14.42
C LYS A 772 13.78 5.75 15.24
N THR A 773 12.65 5.38 14.64
CA THR A 773 11.65 4.55 15.30
C THR A 773 11.78 3.12 14.82
N SER A 774 11.68 2.18 15.76
CA SER A 774 11.70 0.76 15.46
C SER A 774 10.44 0.12 16.01
N VAL A 775 9.83 -0.74 15.21
CA VAL A 775 8.60 -1.43 15.57
C VAL A 775 8.71 -2.88 15.17
N ASP A 776 8.23 -3.77 16.04
CA ASP A 776 8.20 -5.20 15.77
C ASP A 776 6.75 -5.68 15.78
N CYS A 777 6.41 -6.52 14.81
CA CYS A 777 5.04 -7.02 14.71
C CYS A 777 4.60 -7.69 16.01
N THR A 778 5.25 -8.81 16.35
CA THR A 778 4.72 -9.69 17.39
C THR A 778 4.31 -8.91 18.63
N MET A 779 5.02 -7.83 18.95
CA MET A 779 4.59 -6.97 20.04
C MET A 779 3.41 -6.10 19.62
N TYR A 780 3.50 -5.47 18.45
CA TYR A 780 2.42 -4.58 18.01
C TYR A 780 1.19 -5.37 17.60
N ILE A 781 1.37 -6.42 16.79
CA ILE A 781 0.22 -7.12 16.23
C ILE A 781 -0.44 -7.98 17.30
N CYS A 782 0.31 -8.87 17.93
CA CYS A 782 -0.26 -9.76 18.94
C CYS A 782 0.01 -9.29 20.36
N GLY A 783 1.28 -9.26 20.77
CA GLY A 783 1.63 -8.80 22.09
C GLY A 783 1.66 -9.98 23.04
N ASP A 784 2.87 -10.46 23.38
CA ASP A 784 3.08 -11.54 24.35
C ASP A 784 1.92 -12.53 24.32
N SER A 785 1.53 -12.98 23.14
CA SER A 785 0.40 -13.88 22.96
C SER A 785 0.80 -14.97 21.98
N THR A 786 1.08 -16.17 22.50
CA THR A 786 1.53 -17.26 21.64
C THR A 786 0.43 -17.68 20.67
N GLU A 787 -0.83 -17.62 21.11
CA GLU A 787 -1.94 -18.04 20.25
C GLU A 787 -1.99 -17.20 18.98
N CYS A 788 -1.83 -15.88 19.11
CA CYS A 788 -1.83 -15.01 17.94
C CYS A 788 -0.51 -15.07 17.19
N SER A 789 0.60 -15.28 17.89
CA SER A 789 1.90 -15.33 17.21
C SER A 789 1.94 -16.48 16.21
N ASN A 790 1.42 -17.65 16.59
CA ASN A 790 1.40 -18.77 15.68
C ASN A 790 0.55 -18.48 14.45
N LEU A 791 -0.58 -17.79 14.66
CA LEU A 791 -1.39 -17.39 13.51
C LEU A 791 -0.64 -16.46 12.59
N LEU A 792 0.14 -15.53 13.16
CA LEU A 792 0.92 -14.60 12.36
C LEU A 792 2.04 -15.29 11.61
N LEU A 793 2.49 -16.45 12.09
CA LEU A 793 3.57 -17.16 11.39
C LEU A 793 3.14 -17.59 10.00
N GLN A 794 1.89 -18.00 9.85
CA GLN A 794 1.41 -18.47 8.56
C GLN A 794 1.17 -17.34 7.57
N TYR A 795 1.55 -16.11 7.90
CA TYR A 795 1.53 -15.00 6.97
C TYR A 795 2.88 -14.77 6.30
N GLY A 796 3.80 -15.71 6.42
CA GLY A 796 5.09 -15.55 5.81
C GLY A 796 5.93 -14.51 6.54
N SER A 797 6.92 -14.00 5.83
CA SER A 797 7.81 -12.98 6.37
C SER A 797 7.33 -11.58 6.02
N PHE A 798 6.05 -11.28 6.26
CA PHE A 798 5.58 -9.91 6.18
C PHE A 798 6.26 -9.01 7.21
N CYS A 799 6.80 -9.57 8.28
CA CYS A 799 7.29 -8.78 9.40
C CYS A 799 8.80 -8.66 9.46
N THR A 800 9.53 -9.63 8.91
CA THR A 800 10.96 -9.43 8.72
C THR A 800 11.22 -8.29 7.74
N GLN A 801 10.28 -8.04 6.83
CA GLN A 801 10.41 -6.92 5.91
C GLN A 801 10.18 -5.59 6.63
N LEU A 802 9.16 -5.51 7.47
CA LEU A 802 8.86 -4.25 8.15
C LEU A 802 9.98 -3.85 9.10
N ASN A 803 10.47 -4.79 9.90
CA ASN A 803 11.62 -4.49 10.74
C ASN A 803 12.82 -4.09 9.89
N ARG A 804 13.03 -4.77 8.77
CA ARG A 804 14.11 -4.40 7.85
C ARG A 804 13.88 -3.01 7.27
N ALA A 805 12.66 -2.74 6.80
CA ALA A 805 12.39 -1.46 6.16
C ALA A 805 12.64 -0.31 7.13
N LEU A 806 12.18 -0.48 8.37
CA LEU A 806 12.35 0.58 9.37
C LEU A 806 13.80 0.70 9.80
N THR A 807 14.52 -0.43 9.86
CA THR A 807 15.94 -0.37 10.20
C THR A 807 16.72 0.38 9.14
N GLY A 808 16.40 0.15 7.86
CA GLY A 808 17.06 0.88 6.80
C GLY A 808 16.84 2.38 6.90
N ILE A 809 15.62 2.78 7.28
CA ILE A 809 15.32 4.19 7.48
C ILE A 809 16.15 4.74 8.64
N ALA A 810 16.21 4.00 9.74
CA ALA A 810 16.94 4.47 10.91
C ALA A 810 18.42 4.64 10.61
N VAL A 811 19.01 3.69 9.90
CA VAL A 811 20.43 3.81 9.54
C VAL A 811 20.64 5.02 8.65
N GLU A 812 19.68 5.32 7.78
CA GLU A 812 19.83 6.43 6.86
C GLU A 812 19.94 7.76 7.62
N GLN A 813 19.14 7.93 8.68
CA GLN A 813 19.17 9.18 9.42
C GLN A 813 20.57 9.48 9.95
N ASP A 814 21.28 8.44 10.39
CA ASP A 814 22.65 8.65 10.83
C ASP A 814 23.54 9.06 9.66
N LYS A 815 23.30 8.49 8.48
CA LYS A 815 24.06 8.90 7.30
C LYS A 815 23.71 10.32 6.88
N ASN A 816 22.45 10.71 7.02
CA ASN A 816 22.04 12.07 6.67
C ASN A 816 22.81 13.09 7.48
N THR A 817 22.86 12.90 8.80
CA THR A 817 23.58 13.83 9.65
C THR A 817 25.08 13.80 9.35
N GLN A 818 25.62 12.61 9.10
CA GLN A 818 27.05 12.49 8.85
C GLN A 818 27.48 13.31 7.64
N GLU A 819 26.79 13.13 6.51
CA GLU A 819 27.20 13.78 5.27
C GLU A 819 26.99 15.29 5.30
N VAL A 820 26.26 15.82 6.27
CA VAL A 820 26.03 17.26 6.35
C VAL A 820 27.06 17.93 7.25
N PHE A 821 27.27 17.39 8.45
CA PHE A 821 28.09 18.05 9.46
C PHE A 821 29.51 17.53 9.53
N ALA A 822 29.79 16.36 8.96
CA ALA A 822 31.11 15.75 9.03
C ALA A 822 31.95 16.07 7.80
N GLN A 823 31.79 17.26 7.23
CA GLN A 823 32.57 17.68 6.09
C GLN A 823 33.92 18.28 6.46
N VAL A 824 34.24 18.35 7.75
CA VAL A 824 35.46 18.96 8.24
C VAL A 824 36.40 17.85 8.71
N LYS A 825 37.62 17.86 8.20
CA LYS A 825 38.58 16.82 8.55
C LYS A 825 39.05 16.96 9.99
N GLN A 826 39.33 18.19 10.41
CA GLN A 826 39.86 18.46 11.75
C GLN A 826 38.88 19.35 12.51
N ILE A 827 39.05 19.38 13.83
CA ILE A 827 38.18 20.18 14.70
C ILE A 827 38.91 21.50 14.94
N TYR A 828 38.65 22.47 14.07
CA TYR A 828 39.28 23.77 14.18
C TYR A 828 38.68 24.56 15.33
N LYS A 829 39.54 25.36 16.00
CA LYS A 829 39.11 26.23 17.07
C LYS A 829 39.51 27.67 16.75
N THR A 830 38.63 28.59 17.09
CA THR A 830 38.92 30.01 16.91
C THR A 830 39.93 30.47 17.95
N PRO A 831 40.81 31.41 17.60
CA PRO A 831 41.84 31.84 18.54
C PRO A 831 41.25 32.53 19.75
N PRO A 832 41.94 32.52 20.89
CA PRO A 832 41.40 33.21 22.07
C PRO A 832 41.16 34.70 21.85
N ILE A 833 42.04 35.36 21.11
CA ILE A 833 41.90 36.78 20.81
C ILE A 833 41.15 36.93 19.51
N LYS A 834 39.98 37.55 19.56
CA LYS A 834 39.06 37.63 18.42
C LYS A 834 39.15 39.03 17.83
N ASP A 835 40.12 39.23 16.94
CA ASP A 835 40.31 40.48 16.21
C ASP A 835 40.05 40.18 14.74
N PHE A 836 38.78 40.25 14.34
CA PHE A 836 38.36 39.90 12.99
C PHE A 836 38.02 41.15 12.18
N GLY A 837 38.77 42.23 12.38
CA GLY A 837 38.56 43.43 11.62
C GLY A 837 37.28 44.15 11.91
N GLY A 838 36.69 43.94 13.10
CA GLY A 838 35.47 44.59 13.48
C GLY A 838 34.23 43.73 13.39
N PHE A 839 34.33 42.55 12.78
CA PHE A 839 33.19 41.64 12.70
C PHE A 839 33.03 40.90 14.02
N ASN A 840 31.79 40.81 14.49
CA ASN A 840 31.47 40.21 15.78
C ASN A 840 30.77 38.89 15.53
N PHE A 841 31.46 37.79 15.78
CA PHE A 841 30.90 36.45 15.63
C PHE A 841 30.50 35.83 16.96
N SER A 842 30.49 36.63 18.04
CA SER A 842 30.19 36.08 19.36
C SER A 842 28.82 35.41 19.39
N GLN A 843 27.89 35.87 18.55
CA GLN A 843 26.54 35.34 18.60
C GLN A 843 26.49 33.91 18.06
N ILE A 844 27.32 33.59 17.07
CA ILE A 844 27.29 32.28 16.42
C ILE A 844 28.40 31.36 16.90
N LEU A 845 29.38 31.88 17.63
CA LEU A 845 30.41 31.03 18.20
C LEU A 845 29.94 30.42 19.52
N PRO A 846 30.49 29.27 19.91
CA PRO A 846 30.09 28.67 21.18
C PRO A 846 30.44 29.56 22.36
N ASP A 847 29.62 29.48 23.40
CA ASP A 847 29.81 30.26 24.61
C ASP A 847 30.28 29.36 25.73
N PRO A 848 31.43 29.60 26.36
CA PRO A 848 31.88 28.73 27.46
C PRO A 848 30.93 28.70 28.64
N SER A 849 30.11 29.74 28.84
CA SER A 849 29.15 29.73 29.94
C SER A 849 28.28 28.48 29.89
N LYS A 850 27.66 28.23 28.74
CA LYS A 850 27.06 26.94 28.49
C LYS A 850 28.15 25.88 28.54
N PRO A 851 27.84 24.64 28.93
CA PRO A 851 28.91 23.64 29.08
C PRO A 851 29.55 23.28 27.75
N SER A 852 30.18 24.27 27.11
CA SER A 852 30.82 24.09 25.81
C SER A 852 29.88 23.38 24.85
N LYS A 853 28.58 23.71 24.93
CA LYS A 853 27.57 22.98 24.20
C LYS A 853 27.31 23.60 22.82
N ARG A 854 26.87 24.85 22.78
CA ARG A 854 26.43 25.45 21.53
C ARG A 854 26.46 26.96 21.66
N SER A 855 26.23 27.64 20.54
CA SER A 855 26.28 29.09 20.49
C SER A 855 24.96 29.69 20.96
N PHE A 856 24.92 31.02 21.06
CA PHE A 856 23.71 31.70 21.48
C PHE A 856 22.56 31.44 20.52
N ILE A 857 22.80 31.62 19.23
CA ILE A 857 21.73 31.42 18.25
C ILE A 857 21.32 29.96 18.21
N GLU A 858 22.26 29.05 18.39
CA GLU A 858 21.91 27.64 18.47
C GLU A 858 21.03 27.34 19.67
N ASP A 859 21.29 28.02 20.79
CA ASP A 859 20.45 27.85 21.97
C ASP A 859 19.02 28.28 21.68
N LEU A 860 18.84 29.40 20.97
CA LEU A 860 17.50 29.85 20.63
C LEU A 860 16.78 28.83 19.75
N LEU A 861 17.48 28.28 18.76
CA LEU A 861 16.85 27.34 17.84
C LEU A 861 16.38 26.10 18.57
N PHE A 862 17.20 25.57 19.48
CA PHE A 862 16.83 24.34 20.18
C PHE A 862 15.64 24.57 21.09
N ASN A 863 15.59 25.71 21.77
CA ASN A 863 14.45 26.02 22.63
C ASN A 863 13.20 26.37 21.83
N LYS A 864 13.31 26.59 20.53
CA LYS A 864 12.19 26.99 19.70
C LYS A 864 11.53 25.82 18.99
N VAL A 865 12.06 24.61 19.12
CA VAL A 865 11.47 23.43 18.50
C VAL A 865 11.17 22.40 19.58
N THR A 866 10.86 22.89 20.78
CA THR A 866 10.51 22.00 21.88
C THR A 866 9.05 21.59 21.81
N LYS A 893 8.63 3.19 25.58
CA LYS A 893 7.76 2.68 26.63
C LYS A 893 6.33 2.56 26.14
N PHE A 894 6.17 1.91 24.99
CA PHE A 894 4.89 1.71 24.32
C PHE A 894 4.70 0.21 24.09
N ASN A 895 3.68 -0.12 23.29
CA ASN A 895 3.29 -1.51 23.04
C ASN A 895 3.95 -2.07 21.79
N GLY A 896 5.19 -1.72 21.54
CA GLY A 896 5.93 -2.25 20.40
C GLY A 896 6.76 -1.19 19.72
N LEU A 897 6.54 0.07 20.08
CA LEU A 897 7.20 1.20 19.45
C LEU A 897 8.33 1.69 20.35
N THR A 898 9.53 1.78 19.77
CA THR A 898 10.70 2.29 20.47
C THR A 898 11.44 3.27 19.58
N VAL A 899 12.11 4.23 20.21
CA VAL A 899 12.83 5.29 19.52
C VAL A 899 14.31 5.11 19.79
N LEU A 900 15.09 4.98 18.73
CA LEU A 900 16.53 4.78 18.87
C LEU A 900 17.25 6.12 18.86
N PRO A 901 18.18 6.36 19.79
CA PRO A 901 18.85 7.66 19.82
C PRO A 901 19.73 7.84 18.60
N PRO A 902 19.91 9.07 18.13
CA PRO A 902 20.82 9.30 17.00
C PRO A 902 22.25 9.01 17.39
N LEU A 903 23.04 8.62 16.39
CA LEU A 903 24.43 8.27 16.64
C LEU A 903 25.22 9.46 17.15
N LEU A 904 25.02 10.64 16.56
CA LEU A 904 25.72 11.86 16.94
C LEU A 904 24.86 12.66 17.91
N THR A 905 25.37 12.91 19.10
CA THR A 905 24.64 13.70 20.07
C THR A 905 24.63 15.16 19.66
N ASP A 906 23.71 15.93 20.25
CA ASP A 906 23.63 17.35 19.96
C ASP A 906 24.95 18.05 20.25
N GLU A 907 25.66 17.60 21.29
CA GLU A 907 26.97 18.18 21.57
C GLU A 907 27.95 17.91 20.44
N MET A 908 27.94 16.69 19.90
CA MET A 908 28.84 16.37 18.79
C MET A 908 28.49 17.19 17.55
N ILE A 909 27.20 17.31 17.24
CA ILE A 909 26.81 18.08 16.07
C ILE A 909 27.16 19.56 16.28
N ALA A 910 27.04 20.05 17.51
CA ALA A 910 27.47 21.41 17.80
C ALA A 910 28.98 21.57 17.66
N GLN A 911 29.74 20.53 18.00
CA GLN A 911 31.18 20.59 17.78
C GLN A 911 31.52 20.65 16.30
N TYR A 912 30.81 19.89 15.47
CA TYR A 912 31.07 19.91 14.04
C TYR A 912 30.81 21.29 13.46
N THR A 913 29.63 21.84 13.71
CA THR A 913 29.30 23.16 13.18
C THR A 913 30.19 24.23 13.78
N SER A 914 30.67 24.03 15.01
CA SER A 914 31.64 24.96 15.58
C SER A 914 32.98 24.86 14.85
N ALA A 915 33.37 23.65 14.45
CA ALA A 915 34.61 23.49 13.70
C ALA A 915 34.51 24.13 12.33
N LEU A 916 33.40 23.89 11.63
CA LEU A 916 33.21 24.51 10.32
C LEU A 916 33.21 26.02 10.44
N LEU A 917 32.49 26.54 11.43
CA LEU A 917 32.41 27.99 11.60
C LEU A 917 33.76 28.58 11.97
N ALA A 918 34.52 27.90 12.83
CA ALA A 918 35.85 28.38 13.18
C ALA A 918 36.80 28.28 12.01
N GLY A 919 36.68 27.21 11.21
CA GLY A 919 37.57 27.05 10.08
C GLY A 919 37.37 28.11 9.02
N THR A 920 36.11 28.42 8.70
CA THR A 920 35.83 29.40 7.66
C THR A 920 36.19 30.81 8.11
N ILE A 921 36.06 31.10 9.40
CA ILE A 921 36.37 32.44 9.89
C ILE A 921 37.87 32.68 9.82
N THR A 922 38.68 31.68 10.16
CA THR A 922 40.11 31.85 10.27
C THR A 922 40.87 31.47 9.01
N SER A 923 40.25 30.72 8.11
CA SER A 923 40.93 30.26 6.90
C SER A 923 40.23 30.63 5.61
N GLY A 924 38.91 30.79 5.62
CA GLY A 924 38.18 31.06 4.39
C GLY A 924 37.74 29.77 3.73
N TRP A 925 37.96 29.66 2.43
CA TRP A 925 37.64 28.45 1.69
C TRP A 925 38.83 27.52 1.55
N THR A 926 39.96 27.83 2.20
CA THR A 926 41.14 26.98 2.06
C THR A 926 41.02 25.72 2.88
N PHE A 927 40.41 25.79 4.06
CA PHE A 927 40.31 24.62 4.91
C PHE A 927 39.46 23.53 4.26
N GLY A 928 38.54 23.90 3.38
CA GLY A 928 37.70 22.92 2.72
C GLY A 928 38.33 22.21 1.56
N ALA A 929 39.44 22.72 1.02
CA ALA A 929 40.10 22.15 -0.14
C ALA A 929 41.51 21.66 0.19
N GLY A 930 41.80 21.44 1.45
CA GLY A 930 43.12 21.03 1.88
C GLY A 930 43.37 21.48 3.30
N ALA A 931 44.64 21.78 3.58
CA ALA A 931 45.01 22.28 4.90
C ALA A 931 44.39 23.66 5.12
N ALA A 932 44.17 23.99 6.38
CA ALA A 932 43.59 25.29 6.74
C ALA A 932 44.66 26.35 6.61
N LEU A 933 44.54 27.20 5.59
CA LEU A 933 45.47 28.29 5.35
C LEU A 933 44.93 29.54 6.04
N GLN A 934 45.65 30.04 7.03
CA GLN A 934 45.21 31.22 7.75
C GLN A 934 45.21 32.44 6.84
N ILE A 935 44.42 33.45 7.23
CA ILE A 935 44.37 34.70 6.51
C ILE A 935 43.60 35.72 7.35
N PRO A 936 44.03 36.98 7.43
CA PRO A 936 43.23 37.97 8.17
C PRO A 936 41.83 38.07 7.60
N PHE A 937 40.84 38.16 8.50
CA PHE A 937 39.46 38.10 8.04
C PHE A 937 39.14 39.24 7.10
N ALA A 938 39.56 40.46 7.44
CA ALA A 938 39.30 41.59 6.56
C ALA A 938 39.82 41.33 5.16
N MET A 939 41.01 40.71 5.06
CA MET A 939 41.54 40.35 3.75
C MET A 939 40.74 39.23 3.12
N GLN A 940 40.21 38.31 3.92
CA GLN A 940 39.36 37.26 3.37
C GLN A 940 38.10 37.86 2.75
N MET A 941 37.49 38.83 3.42
CA MET A 941 36.33 39.51 2.85
C MET A 941 36.70 40.25 1.58
N ALA A 942 37.94 40.70 1.47
CA ALA A 942 38.39 41.36 0.25
C ALA A 942 38.35 40.39 -0.93
N TYR A 943 38.81 39.16 -0.71
CA TYR A 943 38.74 38.16 -1.77
C TYR A 943 37.29 37.87 -2.14
N ARG A 944 36.41 37.78 -1.14
CA ARG A 944 35.00 37.51 -1.41
C ARG A 944 34.38 38.64 -2.21
N PHE A 945 34.75 39.88 -1.92
CA PHE A 945 34.28 41.00 -2.72
C PHE A 945 34.75 40.88 -4.16
N ASN A 946 36.01 40.49 -4.35
CA ASN A 946 36.49 40.23 -5.71
C ASN A 946 35.68 39.13 -6.38
N GLY A 947 35.20 38.17 -5.61
CA GLY A 947 34.44 37.08 -6.20
C GLY A 947 33.14 37.55 -6.83
N ILE A 948 32.49 38.54 -6.21
CA ILE A 948 31.22 39.05 -6.73
C ILE A 948 31.41 40.21 -7.71
N GLY A 949 32.65 40.59 -7.99
CA GLY A 949 32.92 41.58 -9.02
C GLY A 949 33.08 43.01 -8.56
N VAL A 950 33.34 43.24 -7.28
CA VAL A 950 33.58 44.58 -6.76
C VAL A 950 35.01 44.62 -6.22
N THR A 951 35.75 45.65 -6.62
CA THR A 951 37.17 45.71 -6.31
C THR A 951 37.40 45.69 -4.81
N GLN A 952 38.51 45.06 -4.40
CA GLN A 952 38.78 44.89 -2.98
C GLN A 952 39.00 46.21 -2.26
N ASN A 953 39.36 47.28 -2.98
CA ASN A 953 39.51 48.57 -2.32
C ASN A 953 38.19 49.06 -1.76
N VAL A 954 37.07 48.58 -2.31
CA VAL A 954 35.76 49.00 -1.81
C VAL A 954 35.55 48.52 -0.38
N LEU A 955 36.03 47.31 -0.07
CA LEU A 955 35.90 46.81 1.29
C LEU A 955 36.80 47.58 2.25
N TYR A 956 38.07 47.75 1.89
CA TYR A 956 39.01 48.34 2.83
C TYR A 956 38.62 49.78 3.16
N GLU A 957 38.15 50.53 2.17
CA GLU A 957 37.73 51.89 2.41
C GLU A 957 36.40 51.98 3.14
N ASN A 958 35.63 50.89 3.16
CA ASN A 958 34.34 50.84 3.85
C ASN A 958 34.31 49.74 4.89
N GLN A 959 35.47 49.38 5.45
CA GLN A 959 35.53 48.22 6.34
C GLN A 959 34.70 48.45 7.59
N LYS A 960 34.77 49.65 8.17
CA LYS A 960 33.97 49.94 9.36
C LYS A 960 32.48 49.84 9.06
N LEU A 961 32.05 50.44 7.94
CA LEU A 961 30.64 50.40 7.57
C LEU A 961 30.19 48.97 7.33
N ILE A 962 31.00 48.19 6.61
CA ILE A 962 30.63 46.81 6.31
C ILE A 962 30.55 45.98 7.59
N ALA A 963 31.52 46.16 8.49
CA ALA A 963 31.48 45.42 9.74
C ALA A 963 30.25 45.76 10.56
N ASN A 964 29.90 47.05 10.62
CA ASN A 964 28.69 47.45 11.34
C ASN A 964 27.44 46.86 10.71
N GLN A 965 27.36 46.87 9.38
CA GLN A 965 26.20 46.29 8.72
C GLN A 965 26.08 44.80 9.00
N PHE A 966 27.20 44.09 8.97
CA PHE A 966 27.15 42.66 9.27
C PHE A 966 26.70 42.41 10.70
N ASN A 967 27.25 43.17 11.66
CA ASN A 967 26.89 42.97 13.06
C ASN A 967 25.41 43.29 13.29
N SER A 968 24.92 44.37 12.68
CA SER A 968 23.50 44.68 12.81
C SER A 968 22.64 43.60 12.18
N ALA A 969 23.06 43.07 11.03
CA ALA A 969 22.30 42.02 10.37
C ALA A 969 22.23 40.77 11.24
N ILE A 970 23.32 40.43 11.93
CA ILE A 970 23.31 39.27 12.81
C ILE A 970 22.37 39.53 13.99
N GLY A 971 22.38 40.75 14.52
CA GLY A 971 21.49 41.07 15.63
C GLY A 971 20.03 40.90 15.27
N LYS A 972 19.67 41.23 14.03
CA LYS A 972 18.28 41.06 13.61
C LYS A 972 17.91 39.58 13.55
N ILE A 973 18.84 38.72 13.15
CA ILE A 973 18.59 37.29 13.14
C ILE A 973 18.26 36.81 14.54
N GLN A 974 19.03 37.26 15.53
CA GLN A 974 18.71 36.98 16.92
C GLN A 974 17.27 37.34 17.25
N ASP A 975 16.89 38.60 17.02
CA ASP A 975 15.57 39.06 17.42
C ASP A 975 14.47 38.30 16.70
N SER A 976 14.63 38.05 15.40
CA SER A 976 13.61 37.34 14.67
C SER A 976 13.40 35.93 15.22
N LEU A 977 14.49 35.24 15.52
CA LEU A 977 14.37 33.90 16.10
C LEU A 977 13.79 33.97 17.51
N SER A 978 14.20 34.96 18.30
CA SER A 978 13.73 35.05 19.67
C SER A 978 12.25 35.41 19.74
N SER A 979 11.76 36.18 18.77
CA SER A 979 10.38 36.65 18.79
C SER A 979 9.44 35.74 17.98
N THR A 980 9.72 35.58 16.68
CA THR A 980 8.84 34.82 15.80
C THR A 980 9.15 33.33 15.94
N ALA A 981 8.14 32.55 16.28
CA ALA A 981 8.30 31.11 16.47
C ALA A 981 7.95 30.30 15.22
N SER A 982 7.44 30.94 14.18
CA SER A 982 7.08 30.24 12.95
C SER A 982 8.25 30.12 11.99
N ALA A 983 9.42 30.65 12.34
CA ALA A 983 10.57 30.57 11.44
C ALA A 983 10.97 29.12 11.18
N LEU A 984 10.99 28.30 12.22
CA LEU A 984 11.38 26.89 12.09
C LEU A 984 10.17 26.01 11.79
N GLY A 985 9.40 26.40 10.77
CA GLY A 985 8.25 25.60 10.39
C GLY A 985 8.65 24.26 9.81
N LYS A 986 9.68 24.25 8.96
CA LYS A 986 10.09 23.01 8.30
C LYS A 986 10.55 21.98 9.32
N LEU A 987 11.37 22.40 10.28
CA LEU A 987 11.83 21.45 11.30
C LEU A 987 10.67 20.95 12.15
N GLN A 988 9.77 21.86 12.55
CA GLN A 988 8.62 21.45 13.35
C GLN A 988 7.69 20.54 12.55
N ASP A 989 7.52 20.83 11.26
CA ASP A 989 6.63 20.01 10.43
C ASP A 989 7.08 18.56 10.42
N VAL A 990 8.40 18.32 10.34
CA VAL A 990 8.91 16.96 10.35
C VAL A 990 8.54 16.27 11.65
N VAL A 991 8.73 16.97 12.78
CA VAL A 991 8.37 16.38 14.07
C VAL A 991 6.87 16.12 14.14
N ASN A 992 6.07 17.08 13.70
CA ASN A 992 4.62 16.91 13.75
C ASN A 992 4.16 15.75 12.88
N GLN A 993 4.73 15.62 11.68
CA GLN A 993 4.33 14.55 10.78
C GLN A 993 4.64 13.18 11.39
N ASN A 994 5.83 13.03 11.98
CA ASN A 994 6.21 11.74 12.54
C ASN A 994 5.38 11.38 13.75
N ALA A 995 5.18 12.34 14.66
CA ALA A 995 4.36 12.08 15.84
C ALA A 995 2.93 11.76 15.44
N GLN A 996 2.40 12.46 14.44
CA GLN A 996 1.04 12.17 13.99
C GLN A 996 0.93 10.76 13.43
N ALA A 997 1.92 10.34 12.64
CA ALA A 997 1.88 9.00 12.06
C ALA A 997 1.93 7.93 13.15
N LEU A 998 2.76 8.13 14.17
CA LEU A 998 2.82 7.17 15.26
C LEU A 998 1.51 7.11 16.03
N ASN A 999 0.89 8.27 16.24
CA ASN A 999 -0.36 8.29 17.00
C ASN A 999 -1.45 7.48 16.29
N THR A 1000 -1.58 7.65 14.98
CA THR A 1000 -2.58 6.87 14.25
C THR A 1000 -2.28 5.39 14.32
N LEU A 1001 -1.00 5.02 14.27
CA LEU A 1001 -0.63 3.62 14.35
C LEU A 1001 -1.08 3.03 15.68
N VAL A 1002 -0.88 3.75 16.78
CA VAL A 1002 -1.30 3.27 18.09
C VAL A 1002 -2.82 3.28 18.20
N LYS A 1003 -3.46 4.32 17.66
CA LYS A 1003 -4.92 4.37 17.71
C LYS A 1003 -5.56 3.22 16.95
N GLN A 1004 -4.88 2.69 15.94
CA GLN A 1004 -5.41 1.56 15.19
C GLN A 1004 -5.51 0.31 16.04
N LEU A 1005 -4.76 0.24 17.14
CA LEU A 1005 -4.83 -0.92 18.01
C LEU A 1005 -6.17 -1.04 18.73
N SER A 1006 -6.98 0.02 18.73
CA SER A 1006 -8.27 0.01 19.40
C SER A 1006 -9.42 -0.26 18.44
N SER A 1007 -9.14 -0.66 17.21
CA SER A 1007 -10.18 -0.97 16.24
C SER A 1007 -10.55 -2.45 16.31
N ASN A 1008 -11.78 -2.75 15.93
CA ASN A 1008 -12.28 -4.12 15.97
C ASN A 1008 -11.95 -4.89 14.70
N PHE A 1009 -12.05 -4.25 13.54
CA PHE A 1009 -11.83 -4.91 12.26
C PHE A 1009 -12.81 -6.05 12.04
N GLY A 1010 -14.00 -5.93 12.61
CA GLY A 1010 -15.01 -6.96 12.51
C GLY A 1010 -14.96 -8.02 13.59
N ALA A 1011 -13.96 -7.99 14.46
CA ALA A 1011 -13.88 -8.94 15.56
C ALA A 1011 -14.85 -8.55 16.67
N ILE A 1012 -15.10 -9.50 17.57
CA ILE A 1012 -16.01 -9.23 18.69
C ILE A 1012 -15.42 -8.16 19.59
N SER A 1013 -14.11 -8.15 19.77
CA SER A 1013 -13.44 -7.19 20.62
C SER A 1013 -12.10 -6.81 20.00
N SER A 1014 -11.62 -5.62 20.35
CA SER A 1014 -10.32 -5.15 19.89
C SER A 1014 -9.21 -5.50 20.87
N VAL A 1015 -9.53 -6.14 21.99
CA VAL A 1015 -8.54 -6.55 22.97
C VAL A 1015 -8.27 -8.04 22.76
N LEU A 1016 -7.01 -8.38 22.46
CA LEU A 1016 -6.68 -9.76 22.15
C LEU A 1016 -6.92 -10.66 23.35
N ASN A 1017 -6.66 -10.16 24.55
CA ASN A 1017 -6.88 -10.97 25.75
C ASN A 1017 -8.35 -11.32 25.92
N ASP A 1018 -9.24 -10.37 25.64
CA ASP A 1018 -10.67 -10.64 25.80
C ASP A 1018 -11.12 -11.79 24.90
N ILE A 1019 -10.67 -11.81 23.66
CA ILE A 1019 -11.03 -12.90 22.76
C ILE A 1019 -10.49 -14.22 23.30
N LEU A 1020 -9.24 -14.22 23.76
CA LEU A 1020 -8.64 -15.46 24.26
C LEU A 1020 -9.35 -15.95 25.51
N SER A 1021 -9.74 -15.03 26.40
CA SER A 1021 -10.34 -15.41 27.67
C SER A 1021 -11.83 -15.69 27.55
N ARG A 1022 -12.43 -15.52 26.38
CA ARG A 1022 -13.86 -15.72 26.20
C ARG A 1022 -14.20 -16.87 25.26
N LEU A 1023 -13.33 -17.20 24.31
CA LEU A 1023 -13.65 -18.15 23.26
C LEU A 1023 -12.60 -19.25 23.20
N ASP A 1024 -13.05 -20.43 22.77
CA ASP A 1024 -12.15 -21.55 22.57
C ASP A 1024 -11.35 -21.35 21.29
N PRO A 1025 -10.23 -22.07 21.15
CA PRO A 1025 -9.32 -21.81 20.02
C PRO A 1025 -10.02 -21.89 18.68
N PRO A 1026 -10.92 -22.86 18.47
CA PRO A 1026 -11.58 -22.94 17.15
C PRO A 1026 -12.28 -21.67 16.75
N GLU A 1027 -12.94 -20.99 17.69
CA GLU A 1027 -13.65 -19.76 17.40
C GLU A 1027 -12.83 -18.51 17.69
N ALA A 1028 -11.71 -18.64 18.40
CA ALA A 1028 -10.84 -17.49 18.62
C ALA A 1028 -10.02 -17.17 17.38
N GLU A 1029 -9.63 -18.20 16.61
CA GLU A 1029 -8.81 -17.95 15.43
C GLU A 1029 -9.56 -17.09 14.42
N VAL A 1030 -10.84 -17.36 14.19
CA VAL A 1030 -11.59 -16.57 13.23
C VAL A 1030 -11.66 -15.11 13.67
N GLN A 1031 -11.62 -14.86 14.98
CA GLN A 1031 -11.62 -13.50 15.50
C GLN A 1031 -10.21 -12.92 15.56
N ILE A 1032 -9.25 -13.68 16.09
CA ILE A 1032 -7.87 -13.20 16.14
C ILE A 1032 -7.36 -12.92 14.73
N ASP A 1033 -7.82 -13.69 13.74
CA ASP A 1033 -7.38 -13.46 12.38
C ASP A 1033 -7.83 -12.10 11.87
N ARG A 1034 -9.03 -11.67 12.24
CA ARG A 1034 -9.50 -10.35 11.82
C ARG A 1034 -8.60 -9.25 12.36
N LEU A 1035 -8.17 -9.38 13.62
CA LEU A 1035 -7.25 -8.42 14.19
C LEU A 1035 -5.90 -8.45 13.47
N ILE A 1036 -5.40 -9.64 13.16
CA ILE A 1036 -4.08 -9.75 12.56
C ILE A 1036 -4.04 -9.03 11.23
N THR A 1037 -5.06 -9.22 10.40
CA THR A 1037 -5.11 -8.49 9.13
C THR A 1037 -5.23 -6.99 9.37
N GLY A 1038 -6.01 -6.60 10.38
CA GLY A 1038 -6.15 -5.18 10.67
C GLY A 1038 -4.87 -4.55 11.17
N ARG A 1039 -4.26 -5.16 12.20
CA ARG A 1039 -2.99 -4.64 12.68
C ARG A 1039 -1.93 -4.69 11.60
N LEU A 1040 -1.86 -5.80 10.87
CA LEU A 1040 -0.84 -5.94 9.84
C LEU A 1040 -1.00 -4.89 8.75
N GLN A 1041 -2.22 -4.67 8.29
CA GLN A 1041 -2.43 -3.69 7.24
C GLN A 1041 -2.08 -2.29 7.71
N SER A 1042 -2.49 -1.94 8.93
CA SER A 1042 -2.16 -0.62 9.46
C SER A 1042 -0.66 -0.45 9.61
N LEU A 1043 0.03 -1.49 10.08
CA LEU A 1043 1.48 -1.42 10.20
C LEU A 1043 2.16 -1.26 8.84
N GLN A 1044 1.67 -2.00 7.84
CA GLN A 1044 2.23 -1.86 6.50
C GLN A 1044 2.02 -0.46 5.95
N THR A 1045 0.85 0.12 6.19
CA THR A 1045 0.60 1.48 5.73
C THR A 1045 1.56 2.46 6.40
N TYR A 1046 1.83 2.26 7.69
CA TYR A 1046 2.77 3.14 8.38
C TYR A 1046 4.17 3.04 7.79
N VAL A 1047 4.62 1.82 7.50
CA VAL A 1047 5.99 1.63 7.02
C VAL A 1047 6.18 2.27 5.66
N THR A 1048 5.23 2.06 4.74
CA THR A 1048 5.37 2.64 3.41
C THR A 1048 5.36 4.16 3.48
N GLN A 1049 4.52 4.73 4.35
CA GLN A 1049 4.51 6.17 4.51
C GLN A 1049 5.85 6.67 5.03
N GLN A 1050 6.45 5.94 5.98
CA GLN A 1050 7.76 6.33 6.48
C GLN A 1050 8.81 6.26 5.38
N LEU A 1051 8.76 5.23 4.55
CA LEU A 1051 9.74 5.09 3.47
C LEU A 1051 9.65 6.27 2.52
N ILE A 1052 8.44 6.67 2.13
CA ILE A 1052 8.26 7.81 1.27
C ILE A 1052 8.70 9.09 1.98
N ARG A 1053 8.34 9.23 3.26
CA ARG A 1053 8.74 10.41 4.01
C ARG A 1053 10.25 10.46 4.21
N ALA A 1054 10.89 9.31 4.40
CA ALA A 1054 12.34 9.29 4.54
C ALA A 1054 13.03 9.64 3.24
N ALA A 1055 12.38 9.38 2.10
CA ALA A 1055 12.98 9.72 0.81
C ALA A 1055 13.11 11.23 0.64
N GLU A 1056 12.10 11.98 1.06
CA GLU A 1056 12.17 13.44 0.92
C GLU A 1056 13.10 14.04 1.96
N ILE A 1057 13.17 13.45 3.16
CA ILE A 1057 14.13 13.93 4.15
C ILE A 1057 15.56 13.71 3.64
N ARG A 1058 15.82 12.58 3.00
CA ARG A 1058 17.14 12.35 2.42
C ARG A 1058 17.43 13.36 1.33
N ALA A 1059 16.44 13.67 0.50
CA ALA A 1059 16.63 14.69 -0.52
C ALA A 1059 16.96 16.04 0.11
N SER A 1060 16.33 16.35 1.24
CA SER A 1060 16.66 17.58 1.95
C SER A 1060 18.04 17.51 2.57
N ALA A 1061 18.39 16.36 3.15
CA ALA A 1061 19.73 16.21 3.71
C ALA A 1061 20.80 16.30 2.62
N ASN A 1062 20.52 15.73 1.45
CA ASN A 1062 21.45 15.86 0.34
C ASN A 1062 21.62 17.32 -0.07
N LEU A 1063 20.51 18.07 -0.12
CA LEU A 1063 20.59 19.49 -0.44
C LEU A 1063 21.36 20.24 0.65
N ALA A 1064 21.09 19.93 1.92
CA ALA A 1064 21.81 20.58 3.00
C ALA A 1064 23.29 20.24 2.96
N ALA A 1065 23.62 18.98 2.61
CA ALA A 1065 25.01 18.60 2.48
C ALA A 1065 25.69 19.36 1.34
N THR A 1066 24.98 19.53 0.22
CA THR A 1066 25.55 20.28 -0.89
C THR A 1066 25.76 21.74 -0.50
N LYS A 1067 24.80 22.34 0.19
CA LYS A 1067 24.97 23.73 0.59
C LYS A 1067 26.17 23.91 1.50
N MET A 1068 26.31 23.04 2.50
CA MET A 1068 27.49 23.12 3.36
C MET A 1068 28.77 23.02 2.55
N SER A 1069 28.77 22.23 1.49
CA SER A 1069 29.99 21.99 0.74
C SER A 1069 30.40 23.21 -0.07
N GLU A 1070 29.47 23.83 -0.79
CA GLU A 1070 29.80 24.91 -1.71
C GLU A 1070 29.20 26.25 -1.30
N CYS A 1071 28.61 26.34 -0.12
CA CYS A 1071 28.07 27.61 0.34
C CYS A 1071 28.72 28.05 1.65
N VAL A 1072 29.07 27.11 2.51
CA VAL A 1072 29.85 27.40 3.72
C VAL A 1072 31.34 27.23 3.47
N LEU A 1073 31.73 26.16 2.78
CA LEU A 1073 33.14 25.87 2.52
C LEU A 1073 33.69 26.63 1.32
N GLY A 1074 32.88 27.44 0.65
CA GLY A 1074 33.36 28.22 -0.47
C GLY A 1074 32.35 29.26 -0.86
N GLN A 1075 32.75 30.10 -1.81
CA GLN A 1075 31.87 31.11 -2.37
C GLN A 1075 31.28 30.59 -3.67
N SER A 1076 29.96 30.67 -3.79
CA SER A 1076 29.24 30.07 -4.92
C SER A 1076 28.73 31.16 -5.85
N LYS A 1077 28.92 30.94 -7.15
CA LYS A 1077 28.36 31.82 -8.17
C LYS A 1077 26.90 31.51 -8.48
N ARG A 1078 26.41 30.35 -8.05
CA ARG A 1078 25.03 29.99 -8.34
C ARG A 1078 24.07 30.98 -7.73
N VAL A 1079 23.10 31.41 -8.51
CA VAL A 1079 22.19 32.48 -8.11
C VAL A 1079 21.11 31.92 -7.18
N ASP A 1080 20.87 32.62 -6.08
CA ASP A 1080 19.84 32.28 -5.11
C ASP A 1080 20.07 30.95 -4.42
N PHE A 1081 21.21 30.31 -4.68
CA PHE A 1081 21.53 29.08 -3.96
C PHE A 1081 21.95 29.35 -2.52
N CYS A 1082 22.36 30.59 -2.22
CA CYS A 1082 22.84 30.97 -0.91
C CYS A 1082 22.22 32.29 -0.48
N GLY A 1083 20.90 32.39 -0.63
CA GLY A 1083 20.19 33.60 -0.28
C GLY A 1083 20.10 34.57 -1.44
N LYS A 1084 19.23 35.56 -1.28
CA LYS A 1084 19.02 36.56 -2.31
C LYS A 1084 20.13 37.60 -2.26
N GLY A 1085 20.84 37.76 -3.36
CA GLY A 1085 21.95 38.69 -3.46
C GLY A 1085 23.20 37.98 -3.95
N TYR A 1086 24.29 38.75 -3.99
CA TYR A 1086 25.58 38.20 -4.38
C TYR A 1086 26.22 37.54 -3.17
N HIS A 1087 26.31 36.21 -3.21
CA HIS A 1087 26.77 35.46 -2.05
C HIS A 1087 28.18 35.86 -1.65
N LEU A 1088 28.40 36.09 -0.36
CA LEU A 1088 29.71 36.37 0.19
C LEU A 1088 30.22 35.20 1.03
N MET A 1089 29.47 34.80 2.05
CA MET A 1089 29.85 33.67 2.88
C MET A 1089 28.63 33.21 3.65
N SER A 1090 28.68 31.97 4.12
CA SER A 1090 27.61 31.38 4.90
C SER A 1090 28.18 30.74 6.15
N PHE A 1091 27.35 30.68 7.20
CA PHE A 1091 27.73 30.10 8.46
C PHE A 1091 26.69 29.05 8.86
N PRO A 1092 27.11 27.86 9.31
CA PRO A 1092 26.15 26.85 9.72
C PRO A 1092 25.81 26.93 11.20
N GLN A 1093 24.56 26.60 11.50
CA GLN A 1093 24.10 26.48 12.89
C GLN A 1093 23.25 25.23 12.99
N SER A 1094 23.58 24.38 13.96
CA SER A 1094 22.82 23.16 14.15
C SER A 1094 21.46 23.46 14.76
N ALA A 1095 20.44 22.74 14.32
CA ALA A 1095 19.10 22.84 14.85
C ALA A 1095 18.58 21.43 15.06
N PRO A 1096 17.54 21.26 15.90
CA PRO A 1096 17.03 19.92 16.16
C PRO A 1096 16.58 19.24 14.87
N HIS A 1097 17.25 18.14 14.53
CA HIS A 1097 16.93 17.38 13.33
C HIS A 1097 17.01 18.25 12.08
N GLY A 1098 18.01 19.12 12.04
CA GLY A 1098 18.16 19.99 10.89
C GLY A 1098 19.38 20.88 11.05
N VAL A 1099 19.57 21.75 10.06
CA VAL A 1099 20.66 22.72 10.08
C VAL A 1099 20.10 24.06 9.64
N VAL A 1100 20.76 25.13 10.07
CA VAL A 1100 20.40 26.49 9.72
C VAL A 1100 21.62 27.17 9.12
N PHE A 1101 21.45 27.77 7.95
CA PHE A 1101 22.51 28.49 7.26
C PHE A 1101 22.24 29.98 7.35
N LEU A 1102 23.23 30.74 7.79
CA LEU A 1102 23.18 32.20 7.81
C LEU A 1102 23.92 32.69 6.57
N HIS A 1103 23.18 33.06 5.54
CA HIS A 1103 23.75 33.44 4.26
C HIS A 1103 24.08 34.92 4.26
N VAL A 1104 25.37 35.25 4.15
CA VAL A 1104 25.82 36.63 4.04
C VAL A 1104 25.91 36.96 2.56
N THR A 1105 25.17 37.97 2.13
CA THR A 1105 25.11 38.35 0.73
C THR A 1105 25.30 39.85 0.59
N TYR A 1106 25.76 40.24 -0.60
CA TYR A 1106 25.98 41.65 -0.94
C TYR A 1106 24.86 42.08 -1.87
N VAL A 1107 24.02 43.00 -1.39
CA VAL A 1107 22.92 43.53 -2.18
C VAL A 1107 23.22 45.00 -2.47
N PRO A 1108 23.31 45.41 -3.74
CA PRO A 1108 23.58 46.82 -4.03
C PRO A 1108 22.39 47.70 -3.66
N ALA A 1109 22.71 48.97 -3.40
CA ALA A 1109 21.68 49.92 -2.97
C ALA A 1109 22.03 51.31 -3.47
N GLN A 1110 21.01 52.16 -3.50
CA GLN A 1110 21.16 53.57 -3.85
C GLN A 1110 21.74 53.73 -5.26
N GLU A 1111 20.99 53.26 -6.24
CA GLU A 1111 21.41 53.37 -7.63
C GLU A 1111 21.14 54.76 -8.17
N LYS A 1112 21.90 55.13 -9.21
CA LYS A 1112 21.77 56.41 -9.87
C LYS A 1112 21.75 56.19 -11.37
N ASN A 1113 21.06 57.09 -12.07
CA ASN A 1113 20.93 57.00 -13.51
C ASN A 1113 22.10 57.70 -14.19
N PHE A 1114 22.73 57.00 -15.15
CA PHE A 1114 23.76 57.57 -15.98
C PHE A 1114 23.49 57.19 -17.43
N THR A 1115 23.97 58.01 -18.35
CA THR A 1115 23.95 57.66 -19.76
C THR A 1115 25.24 56.94 -20.09
N THR A 1116 25.13 55.84 -20.84
CA THR A 1116 26.25 54.96 -21.10
C THR A 1116 26.41 54.74 -22.60
N ALA A 1117 27.60 54.33 -23.00
CA ALA A 1117 27.91 54.04 -24.39
C ALA A 1117 28.66 52.73 -24.49
N PRO A 1118 28.44 51.98 -25.58
CA PRO A 1118 29.22 50.73 -25.75
C PRO A 1118 30.71 50.97 -25.81
N ALA A 1119 31.14 52.05 -26.45
CA ALA A 1119 32.55 52.33 -26.64
C ALA A 1119 32.68 53.81 -26.97
N ILE A 1120 33.93 54.28 -27.03
CA ILE A 1120 34.22 55.68 -27.33
C ILE A 1120 35.21 55.74 -28.47
N CYS A 1121 34.90 56.56 -29.47
CA CYS A 1121 35.81 56.79 -30.59
C CYS A 1121 36.78 57.90 -30.21
N HIS A 1122 38.08 57.63 -30.37
CA HIS A 1122 39.11 58.56 -29.94
C HIS A 1122 39.91 59.13 -31.11
N ASP A 1123 40.51 58.27 -31.93
CA ASP A 1123 41.33 58.70 -33.05
C ASP A 1123 41.00 57.84 -34.26
N GLY A 1124 39.71 57.65 -34.51
CA GLY A 1124 39.29 56.70 -35.51
C GLY A 1124 39.35 55.26 -35.06
N LYS A 1125 39.65 55.02 -33.79
CA LYS A 1125 39.68 53.68 -33.22
C LYS A 1125 38.77 53.63 -32.00
N ALA A 1126 38.03 52.54 -31.88
CA ALA A 1126 37.09 52.36 -30.79
C ALA A 1126 37.76 51.74 -29.58
N HIS A 1127 37.45 52.28 -28.41
CA HIS A 1127 37.97 51.79 -27.14
C HIS A 1127 36.83 51.14 -26.35
N PHE A 1128 37.09 49.97 -25.79
CA PHE A 1128 36.11 49.27 -24.96
C PHE A 1128 36.64 49.14 -23.54
N PRO A 1129 35.76 49.09 -22.54
CA PRO A 1129 36.23 48.89 -21.16
C PRO A 1129 36.75 47.47 -20.98
N ARG A 1130 38.00 47.34 -20.55
CA ARG A 1130 38.53 46.00 -20.29
C ARG A 1130 37.80 45.36 -19.12
N GLU A 1131 37.52 46.14 -18.08
CA GLU A 1131 36.65 45.70 -16.99
C GLU A 1131 35.98 46.98 -16.45
N GLY A 1132 34.79 47.25 -16.96
CA GLY A 1132 34.11 48.49 -16.60
C GLY A 1132 32.91 48.73 -17.49
N VAL A 1133 32.31 49.90 -17.29
CA VAL A 1133 31.30 50.43 -18.20
C VAL A 1133 31.50 51.93 -18.30
N PHE A 1134 31.35 52.46 -19.50
CA PHE A 1134 31.43 53.90 -19.70
C PHE A 1134 30.13 54.55 -19.20
N VAL A 1135 30.27 55.55 -18.34
CA VAL A 1135 29.14 56.30 -17.83
C VAL A 1135 29.46 57.79 -17.96
N SER A 1136 28.41 58.59 -18.04
CA SER A 1136 28.54 60.03 -18.23
C SER A 1136 27.84 60.76 -17.10
N ASN A 1137 28.55 61.71 -16.49
CA ASN A 1137 27.94 62.59 -15.51
C ASN A 1137 26.92 63.53 -16.14
N GLY A 1138 26.86 63.59 -17.47
CA GLY A 1138 26.10 64.60 -18.19
C GLY A 1138 26.96 65.45 -19.10
N THR A 1139 28.24 65.64 -18.73
CA THR A 1139 29.18 66.38 -19.55
C THR A 1139 30.48 65.61 -19.74
N HIS A 1140 30.85 64.81 -18.75
CA HIS A 1140 32.12 64.08 -18.75
C HIS A 1140 31.86 62.58 -18.72
N TRP A 1141 32.80 61.83 -19.30
CA TRP A 1141 32.69 60.38 -19.41
C TRP A 1141 33.73 59.72 -18.52
N PHE A 1142 33.28 58.74 -17.72
CA PHE A 1142 34.16 57.98 -16.85
C PHE A 1142 34.01 56.49 -17.10
N VAL A 1143 34.69 55.66 -16.31
CA VAL A 1143 34.54 54.21 -16.43
C VAL A 1143 34.46 53.60 -15.02
N THR A 1144 33.24 53.33 -14.57
CA THR A 1144 33.01 52.68 -13.29
C THR A 1144 33.13 51.17 -13.46
N GLN A 1145 32.95 50.41 -12.36
CA GLN A 1145 33.33 49.01 -12.46
C GLN A 1145 32.25 48.15 -13.10
N ARG A 1146 31.24 47.74 -12.34
CA ARG A 1146 29.99 47.24 -12.91
C ARG A 1146 28.83 47.64 -12.02
N ASN A 1147 29.05 47.50 -10.72
CA ASN A 1147 28.00 47.52 -9.71
C ASN A 1147 28.47 48.23 -8.45
N PHE A 1148 29.31 49.25 -8.61
CA PHE A 1148 29.61 50.19 -7.54
C PHE A 1148 30.18 51.43 -8.20
N TYR A 1149 29.50 52.56 -8.03
CA TYR A 1149 29.88 53.76 -8.75
C TYR A 1149 31.22 54.26 -8.23
N GLU A 1150 32.27 54.00 -8.99
CA GLU A 1150 33.63 54.49 -8.68
C GLU A 1150 34.21 55.05 -9.97
N PRO A 1151 33.77 56.24 -10.38
CA PRO A 1151 34.17 56.75 -11.69
C PRO A 1151 35.68 56.93 -11.80
N GLN A 1152 36.22 56.63 -12.98
CA GLN A 1152 37.63 56.77 -13.26
C GLN A 1152 37.80 57.48 -14.60
N ILE A 1153 38.93 58.17 -14.75
CA ILE A 1153 39.26 58.80 -16.02
C ILE A 1153 39.51 57.71 -17.05
N ILE A 1154 38.93 57.87 -18.23
CA ILE A 1154 39.11 56.90 -19.30
C ILE A 1154 40.52 57.08 -19.88
N THR A 1155 41.39 56.11 -19.62
CA THR A 1155 42.74 56.11 -20.15
C THR A 1155 42.95 54.88 -21.01
N THR A 1156 44.13 54.78 -21.62
CA THR A 1156 44.47 53.59 -22.38
C THR A 1156 44.72 52.39 -21.47
N ASP A 1157 44.77 52.59 -20.17
CA ASP A 1157 44.91 51.49 -19.22
C ASP A 1157 43.58 50.89 -18.82
N ASN A 1158 42.50 51.68 -18.83
CA ASN A 1158 41.18 51.17 -18.52
C ASN A 1158 40.47 50.56 -19.72
N THR A 1159 41.02 50.73 -20.93
CA THR A 1159 40.31 50.34 -22.15
C THR A 1159 41.27 49.66 -23.10
N PHE A 1160 40.71 48.86 -24.00
CA PHE A 1160 41.45 48.23 -25.08
C PHE A 1160 40.84 48.63 -26.41
N VAL A 1161 41.65 48.59 -27.46
CA VAL A 1161 41.25 49.04 -28.79
C VAL A 1161 40.89 47.84 -29.64
N SER A 1162 39.88 48.01 -30.50
CA SER A 1162 39.50 46.96 -31.44
C SER A 1162 38.82 47.64 -32.63
N GLY A 1163 39.57 47.81 -33.73
CA GLY A 1163 38.98 48.32 -34.95
C GLY A 1163 38.70 49.82 -34.89
N ASN A 1164 38.03 50.28 -35.93
CA ASN A 1164 37.65 51.68 -36.04
C ASN A 1164 36.22 51.86 -35.55
N CYS A 1165 35.87 53.13 -35.29
CA CYS A 1165 34.56 53.47 -34.74
C CYS A 1165 33.55 53.64 -35.89
N ASP A 1166 33.27 52.51 -36.55
CA ASP A 1166 32.36 52.51 -37.68
C ASP A 1166 31.35 51.38 -37.67
N VAL A 1167 31.49 50.37 -36.82
CA VAL A 1167 30.63 49.20 -36.85
C VAL A 1167 29.84 49.00 -35.56
N VAL A 1168 30.19 49.68 -34.47
CA VAL A 1168 29.49 49.50 -33.20
C VAL A 1168 28.38 50.53 -33.10
N ILE A 1169 27.17 50.06 -32.80
CA ILE A 1169 26.01 50.95 -32.69
C ILE A 1169 26.04 51.60 -31.31
N GLY A 1170 26.04 52.93 -31.29
CA GLY A 1170 26.05 53.67 -30.05
C GLY A 1170 27.39 54.28 -29.68
N ILE A 1171 28.41 54.19 -30.55
CA ILE A 1171 29.69 54.80 -30.26
C ILE A 1171 29.49 56.27 -29.96
N VAL A 1172 30.26 56.79 -29.01
CA VAL A 1172 30.22 58.20 -28.64
C VAL A 1172 31.64 58.75 -28.65
N ASN A 1173 31.81 59.92 -29.27
CA ASN A 1173 33.12 60.55 -29.34
C ASN A 1173 33.56 60.99 -27.95
N ASN A 1174 34.86 60.85 -27.69
CA ASN A 1174 35.46 61.31 -26.44
C ASN A 1174 36.97 61.17 -26.58
N THR A 1175 37.68 61.56 -25.52
CA THR A 1175 39.13 61.54 -25.49
C THR A 1175 39.61 60.49 -24.49
N VAL A 1176 40.63 59.75 -24.88
CA VAL A 1176 41.24 58.73 -24.02
C VAL A 1176 42.60 59.24 -23.58
N TYR A 1177 42.73 59.53 -22.29
CA TYR A 1177 43.97 60.05 -21.75
C TYR A 1177 45.06 58.99 -21.80
N ASP A 1178 46.26 59.40 -22.20
CA ASP A 1178 47.40 58.50 -22.30
C ASP A 1178 48.41 58.85 -21.22
N PRO A 1179 48.73 57.93 -20.30
CA PRO A 1179 49.68 58.28 -19.23
C PRO A 1179 51.04 58.71 -19.74
N LEU A 1180 51.43 58.27 -20.94
CA LEU A 1180 52.73 58.67 -21.49
C LEU A 1180 52.72 60.10 -22.00
N GLN A 1181 51.55 60.62 -22.40
CA GLN A 1181 51.47 61.97 -22.94
C GLN A 1181 52.11 63.03 -22.04
N PRO A 1182 51.86 63.06 -20.74
CA PRO A 1182 52.55 64.05 -19.90
C PRO A 1182 54.06 63.85 -19.87
N GLU A 1183 54.52 62.64 -19.58
CA GLU A 1183 55.96 62.36 -19.55
C GLU A 1183 56.47 61.96 -20.93
N LEU A 1184 56.18 62.81 -21.92
CA LEU A 1184 56.67 62.63 -23.27
C LEU A 1184 57.11 63.92 -23.93
N ASP A 1185 56.73 65.08 -23.40
CA ASP A 1185 57.21 66.37 -23.90
C ASP A 1185 58.49 66.79 -23.19
N SER A 1186 59.48 65.91 -23.20
CA SER A 1186 60.75 66.14 -22.53
C SER A 1186 61.74 66.83 -23.46
N PRO B 65 27.83 -40.16 38.19
CA PRO B 65 27.86 -40.28 36.72
C PRO B 65 28.80 -39.26 36.07
N ALA B 66 29.19 -39.54 34.84
CA ALA B 66 30.06 -38.65 34.07
C ALA B 66 29.26 -37.99 32.95
N TYR B 67 29.63 -36.76 32.63
CA TYR B 67 29.00 -35.98 31.59
C TYR B 67 30.04 -35.52 30.58
N THR B 68 29.60 -35.31 29.34
CA THR B 68 30.47 -34.85 28.27
C THR B 68 29.74 -33.78 27.47
N ASN B 69 30.41 -33.28 26.43
CA ASN B 69 29.88 -32.22 25.59
C ASN B 69 29.68 -32.74 24.18
N SER B 70 28.52 -32.44 23.61
CA SER B 70 28.20 -32.82 22.23
C SER B 70 28.73 -31.73 21.31
N PHE B 71 29.96 -31.91 20.85
CA PHE B 71 30.62 -30.91 20.01
C PHE B 71 30.00 -30.95 18.61
N THR B 72 28.83 -30.33 18.50
CA THR B 72 28.10 -30.28 17.22
C THR B 72 27.83 -31.69 16.72
N ARG B 73 27.04 -32.43 17.49
CA ARG B 73 26.76 -33.83 17.19
C ARG B 73 25.28 -34.12 17.44
N GLY B 74 24.79 -35.13 16.74
CA GLY B 74 23.40 -35.55 16.90
C GLY B 74 22.42 -34.80 16.03
N VAL B 75 22.80 -34.52 14.78
CA VAL B 75 21.95 -33.81 13.83
C VAL B 75 21.49 -34.79 12.77
N TYR B 76 20.18 -34.87 12.57
CA TYR B 76 19.58 -35.76 11.60
C TYR B 76 18.89 -34.92 10.51
N TYR B 77 18.43 -35.61 9.48
CA TYR B 77 17.69 -34.94 8.42
C TYR B 77 16.24 -34.79 8.85
N PRO B 78 15.76 -33.56 9.08
CA PRO B 78 14.38 -33.42 9.58
C PRO B 78 13.33 -33.95 8.63
N ASP B 79 13.58 -33.86 7.31
CA ASP B 79 12.62 -34.29 6.31
C ASP B 79 13.32 -35.17 5.29
N LYS B 80 12.53 -35.78 4.42
CA LYS B 80 13.01 -36.66 3.36
C LYS B 80 13.12 -35.92 2.04
N VAL B 81 13.49 -34.65 2.09
CA VAL B 81 13.51 -33.76 0.94
C VAL B 81 14.96 -33.45 0.58
N PHE B 82 15.32 -33.67 -0.68
CA PHE B 82 16.64 -33.28 -1.16
C PHE B 82 16.74 -31.77 -1.22
N ARG B 83 17.95 -31.26 -1.01
CA ARG B 83 18.18 -29.82 -1.07
C ARG B 83 19.61 -29.56 -1.52
N SER B 84 19.76 -28.61 -2.43
CA SER B 84 21.06 -28.24 -3.00
C SER B 84 21.81 -27.37 -2.00
N SER B 85 22.78 -26.59 -2.48
CA SER B 85 23.63 -25.78 -1.62
C SER B 85 22.83 -24.60 -1.09
N VAL B 86 22.01 -24.88 -0.07
CA VAL B 86 21.22 -23.86 0.61
C VAL B 86 21.34 -24.08 2.10
N LEU B 87 21.03 -23.03 2.86
CA LEU B 87 20.97 -23.11 4.32
C LEU B 87 19.50 -23.10 4.71
N HIS B 88 19.02 -24.20 5.28
CA HIS B 88 17.63 -24.38 5.62
C HIS B 88 17.46 -24.27 7.13
N SER B 89 16.49 -23.45 7.56
CA SER B 89 16.16 -23.30 8.96
C SER B 89 14.92 -24.15 9.25
N THR B 90 15.05 -25.06 10.22
CA THR B 90 13.99 -26.01 10.54
C THR B 90 13.67 -25.94 12.02
N GLN B 91 12.37 -25.86 12.33
CA GLN B 91 11.91 -25.78 13.72
C GLN B 91 11.56 -27.17 14.24
N ASP B 92 12.57 -28.04 14.26
CA ASP B 92 12.44 -29.39 14.78
C ASP B 92 13.29 -29.53 16.04
N LEU B 93 13.01 -30.57 16.82
CA LEU B 93 13.71 -30.81 18.07
C LEU B 93 14.98 -31.61 17.81
N PHE B 94 16.10 -31.12 18.34
CA PHE B 94 17.40 -31.75 18.15
C PHE B 94 18.11 -31.90 19.49
N LEU B 95 19.38 -32.29 19.43
CA LEU B 95 20.24 -32.30 20.62
C LEU B 95 21.01 -31.00 20.67
N PRO B 96 20.80 -30.14 21.67
CA PRO B 96 21.48 -28.84 21.67
C PRO B 96 22.99 -29.00 21.57
N PHE B 97 23.62 -28.09 20.83
CA PHE B 97 25.07 -28.14 20.66
C PHE B 97 25.75 -27.97 22.01
N PHE B 98 26.86 -28.69 22.19
CA PHE B 98 27.60 -28.66 23.44
C PHE B 98 26.69 -29.01 24.62
N SER B 99 25.80 -29.97 24.39
CA SER B 99 24.84 -30.36 25.42
C SER B 99 25.53 -31.11 26.55
N ASN B 100 24.90 -31.06 27.72
CA ASN B 100 25.39 -31.77 28.90
C ASN B 100 24.91 -33.22 28.84
N VAL B 101 25.49 -33.94 27.88
CA VAL B 101 25.06 -35.30 27.58
C VAL B 101 25.57 -36.26 28.63
N THR B 102 24.70 -37.15 29.10
CA THR B 102 25.08 -38.13 30.11
C THR B 102 26.05 -39.14 29.52
N TRP B 103 26.96 -39.64 30.37
CA TRP B 103 27.97 -40.62 29.98
C TRP B 103 27.93 -41.81 30.92
N PHE B 104 26.74 -42.35 31.14
CA PHE B 104 26.65 -43.71 31.67
C PHE B 104 27.54 -44.60 30.82
N HIS B 105 28.36 -45.42 31.46
CA HIS B 105 29.34 -46.20 30.73
C HIS B 105 29.36 -47.63 31.24
N ALA B 106 29.37 -48.58 30.31
CA ALA B 106 29.49 -50.00 30.63
C ALA B 106 30.95 -50.43 30.59
N ILE B 107 31.73 -49.83 31.48
CA ILE B 107 33.16 -50.12 31.58
C ILE B 107 33.42 -51.10 32.72
N ARG B 117 31.32 -51.29 36.51
CA ARG B 117 30.34 -50.21 36.46
C ARG B 117 29.42 -50.36 35.26
N PHE B 118 28.13 -50.62 35.51
CA PHE B 118 27.12 -50.64 34.47
C PHE B 118 25.92 -49.83 34.95
N ASP B 119 25.24 -49.20 34.00
CA ASP B 119 24.12 -48.32 34.29
C ASP B 119 22.94 -48.64 33.39
N ASN B 120 21.75 -48.70 33.97
CA ASN B 120 20.51 -48.81 33.22
C ASN B 120 19.40 -48.12 34.02
N PRO B 121 19.58 -46.86 34.40
CA PRO B 121 18.64 -46.22 35.33
C PRO B 121 17.33 -45.82 34.67
N VAL B 122 16.49 -45.11 35.43
CA VAL B 122 15.22 -44.60 34.91
C VAL B 122 15.50 -43.42 33.98
N LEU B 123 15.02 -43.52 32.74
CA LEU B 123 15.29 -42.52 31.69
C LEU B 123 13.95 -42.14 31.07
N PRO B 124 13.21 -41.20 31.67
CA PRO B 124 11.88 -40.87 31.13
C PRO B 124 11.98 -40.34 29.70
N PHE B 125 11.41 -41.08 28.76
CA PHE B 125 11.37 -40.69 27.35
C PHE B 125 10.35 -39.58 27.17
N ASN B 126 10.79 -38.32 27.25
CA ASN B 126 9.86 -37.20 27.24
C ASN B 126 9.62 -36.67 25.83
N ASP B 127 10.67 -36.18 25.16
CA ASP B 127 10.54 -35.55 23.86
C ASP B 127 11.63 -36.06 22.93
N GLY B 128 11.85 -37.36 22.92
CA GLY B 128 12.91 -37.95 22.14
C GLY B 128 14.18 -38.13 22.94
N VAL B 129 15.06 -39.00 22.42
CA VAL B 129 16.28 -39.35 23.12
C VAL B 129 17.42 -39.57 22.13
N TYR B 130 18.47 -38.76 22.23
CA TYR B 130 19.68 -39.03 21.47
C TYR B 130 20.39 -40.25 22.04
N PHE B 131 21.20 -40.90 21.21
CA PHE B 131 21.89 -42.12 21.62
C PHE B 131 23.11 -42.32 20.75
N ALA B 132 24.29 -42.20 21.36
CA ALA B 132 25.56 -42.49 20.71
C ALA B 132 26.21 -43.67 21.40
N SER B 133 26.63 -44.65 20.62
CA SER B 133 27.12 -45.92 21.16
C SER B 133 28.38 -46.38 20.44
N THR B 134 29.34 -45.47 20.24
CA THR B 134 30.61 -45.88 19.69
C THR B 134 31.22 -46.95 20.59
N GLU B 135 31.65 -48.05 19.98
CA GLU B 135 31.85 -49.28 20.73
C GLU B 135 32.74 -50.23 19.94
N LYS B 136 32.98 -51.40 20.52
CA LYS B 136 33.80 -52.44 19.93
C LYS B 136 33.06 -53.76 19.73
N SER B 137 32.17 -54.13 20.66
CA SER B 137 31.53 -55.43 20.67
C SER B 137 30.02 -55.34 20.46
N ASN B 138 29.51 -54.16 20.15
CA ASN B 138 28.06 -53.97 19.97
C ASN B 138 27.30 -54.50 21.19
N ILE B 139 27.76 -54.09 22.37
CA ILE B 139 27.21 -54.58 23.63
C ILE B 139 25.87 -53.90 23.92
N ILE B 140 25.49 -52.92 23.11
CA ILE B 140 24.26 -52.17 23.33
C ILE B 140 23.28 -52.48 22.20
N ARG B 141 23.31 -53.71 21.70
CA ARG B 141 22.37 -54.12 20.67
C ARG B 141 20.97 -54.27 21.26
N GLY B 142 20.12 -53.27 21.07
CA GLY B 142 18.75 -53.35 21.52
C GLY B 142 18.35 -52.21 22.43
N TRP B 143 17.12 -51.73 22.27
CA TRP B 143 16.63 -50.58 23.02
C TRP B 143 15.14 -50.78 23.24
N ILE B 144 14.73 -50.88 24.51
CA ILE B 144 13.33 -51.09 24.84
C ILE B 144 12.69 -49.74 25.14
N PHE B 145 11.51 -49.51 24.57
CA PHE B 145 10.77 -48.28 24.76
C PHE B 145 9.35 -48.61 25.18
N GLY B 146 8.78 -47.80 26.07
CA GLY B 146 7.41 -47.98 26.50
C GLY B 146 7.03 -46.90 27.48
N THR B 147 5.80 -46.98 27.97
CA THR B 147 5.32 -46.04 28.97
C THR B 147 5.74 -46.43 30.38
N THR B 148 5.82 -47.73 30.66
CA THR B 148 6.24 -48.21 31.96
C THR B 148 7.16 -49.42 31.88
N LEU B 149 7.46 -49.94 30.68
CA LEU B 149 8.32 -51.10 30.52
C LEU B 149 7.80 -52.29 31.33
N ASP B 150 6.49 -52.47 31.31
CA ASP B 150 5.83 -53.58 31.99
C ASP B 150 4.87 -54.26 31.03
N SER B 151 4.29 -55.37 31.49
CA SER B 151 3.38 -56.17 30.68
C SER B 151 1.98 -55.57 30.60
N LYS B 152 1.76 -54.38 31.18
CA LYS B 152 0.45 -53.76 31.20
C LYS B 152 0.29 -52.71 30.10
N THR B 153 1.25 -51.81 29.96
CA THR B 153 1.18 -50.73 28.99
C THR B 153 1.96 -51.08 27.74
N GLN B 154 1.58 -50.45 26.62
CA GLN B 154 2.19 -50.75 25.34
C GLN B 154 3.69 -50.43 25.38
N SER B 155 4.48 -51.25 24.68
CA SER B 155 5.93 -51.09 24.69
C SER B 155 6.52 -51.96 23.58
N LEU B 156 7.67 -51.52 23.06
CA LEU B 156 8.29 -52.12 21.89
C LEU B 156 9.70 -52.60 22.23
N LEU B 157 10.42 -53.05 21.21
CA LEU B 157 11.73 -53.68 21.36
C LEU B 157 12.46 -53.65 20.02
N ILE B 158 13.74 -53.27 20.05
CA ILE B 158 14.50 -52.97 18.85
C ILE B 158 15.80 -53.78 18.83
N VAL B 159 15.82 -54.95 19.48
CA VAL B 159 17.04 -55.74 19.61
C VAL B 159 17.75 -55.85 18.27
N ASN B 160 18.99 -55.35 18.23
CA ASN B 160 19.87 -55.56 17.07
C ASN B 160 20.70 -56.83 17.28
N ASN B 161 19.98 -57.93 17.46
CA ASN B 161 20.63 -59.19 17.79
C ASN B 161 21.47 -59.66 16.61
N ALA B 162 22.17 -60.78 16.81
CA ALA B 162 23.10 -61.27 15.80
C ALA B 162 22.37 -61.60 14.50
N THR B 163 21.19 -62.20 14.58
CA THR B 163 20.47 -62.60 13.37
C THR B 163 20.18 -61.39 12.48
N ASN B 164 19.58 -60.35 13.03
CA ASN B 164 19.24 -59.13 12.28
C ASN B 164 18.74 -58.10 13.30
N VAL B 165 18.27 -56.96 12.81
CA VAL B 165 17.68 -55.93 13.67
C VAL B 165 16.18 -56.21 13.69
N VAL B 166 15.76 -56.96 14.70
CA VAL B 166 14.36 -57.35 14.82
C VAL B 166 13.62 -56.29 15.63
N ILE B 167 12.51 -55.81 15.09
CA ILE B 167 11.65 -54.81 15.74
C ILE B 167 10.32 -55.47 16.06
N LYS B 168 9.84 -55.27 17.28
CA LYS B 168 8.55 -55.76 17.72
C LYS B 168 7.92 -54.72 18.63
N VAL B 169 6.62 -54.44 18.44
CA VAL B 169 5.99 -53.34 19.16
C VAL B 169 4.95 -53.86 20.13
N CYS B 170 5.20 -55.04 20.70
CA CYS B 170 4.22 -55.75 21.51
C CYS B 170 4.74 -55.99 22.91
N GLU B 171 3.81 -55.96 23.87
CA GLU B 171 4.16 -55.90 25.28
C GLU B 171 4.80 -57.20 25.74
N PHE B 172 5.93 -57.07 26.43
CA PHE B 172 6.57 -58.14 27.18
C PHE B 172 6.58 -57.76 28.66
N GLN B 173 7.24 -58.59 29.47
CA GLN B 173 7.38 -58.25 30.88
C GLN B 173 8.30 -57.05 31.06
N PHE B 174 9.45 -57.06 30.39
CA PHE B 174 10.43 -55.98 30.49
C PHE B 174 10.78 -55.68 31.95
N CYS B 175 11.37 -56.70 32.59
CA CYS B 175 11.79 -56.57 33.97
C CYS B 175 12.88 -55.51 34.10
N ASN B 176 13.32 -55.29 35.33
CA ASN B 176 14.37 -54.31 35.61
C ASN B 176 15.76 -54.77 35.16
N ASP B 177 15.89 -55.90 34.47
CA ASP B 177 17.18 -56.42 34.02
C ASP B 177 17.10 -56.83 32.55
N PRO B 178 16.97 -55.85 31.64
CA PRO B 178 17.00 -56.16 30.20
C PRO B 178 18.44 -56.30 29.73
N PHE B 179 18.83 -57.53 29.38
CA PHE B 179 20.22 -57.79 29.06
C PHE B 179 20.32 -58.91 28.03
N LEU B 180 21.48 -58.95 27.36
CA LEU B 180 21.85 -60.05 26.47
C LEU B 180 23.19 -60.60 26.94
N GLY B 181 23.81 -61.46 26.14
CA GLY B 181 25.10 -61.99 26.51
C GLY B 181 25.98 -62.31 25.31
N VAL B 182 27.23 -61.87 25.35
CA VAL B 182 28.22 -62.20 24.33
C VAL B 182 29.16 -63.24 24.94
N TYR B 183 28.62 -64.07 25.82
CA TYR B 183 29.39 -65.08 26.54
C TYR B 183 30.41 -65.75 25.64
N TYR B 184 31.65 -65.77 26.09
CA TYR B 184 32.76 -66.30 25.30
C TYR B 184 32.84 -67.82 25.43
N MET B 192 30.39 -64.85 20.28
CA MET B 192 29.06 -65.17 19.77
C MET B 192 27.99 -64.75 20.76
N GLU B 193 26.73 -65.00 20.40
CA GLU B 193 25.61 -64.62 21.24
C GLU B 193 25.33 -65.70 22.28
N SER B 194 24.53 -65.35 23.27
CA SER B 194 24.18 -66.25 24.36
C SER B 194 22.77 -65.90 24.85
N GLU B 195 22.44 -66.33 26.06
CA GLU B 195 21.13 -66.07 26.62
C GLU B 195 20.76 -64.59 26.49
N PHE B 196 19.47 -64.35 26.28
CA PHE B 196 18.98 -62.99 26.06
C PHE B 196 17.94 -62.60 27.10
N ARG B 197 18.26 -62.81 28.38
CA ARG B 197 17.29 -62.58 29.45
C ARG B 197 16.88 -61.11 29.49
N VAL B 198 15.63 -60.85 29.10
CA VAL B 198 15.07 -59.50 29.13
C VAL B 198 13.70 -59.55 29.77
N TYR B 199 12.84 -60.43 29.26
CA TYR B 199 11.44 -60.49 29.63
C TYR B 199 11.03 -61.93 29.87
N SER B 200 9.96 -62.09 30.63
CA SER B 200 9.39 -63.41 30.93
C SER B 200 7.93 -63.52 30.48
N SER B 201 7.43 -62.55 29.72
CA SER B 201 6.04 -62.54 29.31
C SER B 201 5.94 -62.07 27.86
N ALA B 202 4.87 -62.52 27.20
CA ALA B 202 4.58 -62.11 25.83
C ALA B 202 3.07 -62.16 25.63
N ASN B 203 2.60 -61.41 24.64
CA ASN B 203 1.17 -61.31 24.37
C ASN B 203 0.98 -61.07 22.88
N ASN B 204 -0.23 -60.63 22.50
CA ASN B 204 -0.53 -60.32 21.11
C ASN B 204 0.51 -59.36 20.54
N CYS B 205 0.99 -59.65 19.33
CA CYS B 205 2.08 -58.91 18.75
C CYS B 205 1.72 -58.39 17.36
N THR B 206 2.30 -57.23 17.02
CA THR B 206 2.07 -56.56 15.77
C THR B 206 3.36 -55.88 15.33
N PHE B 207 3.50 -55.68 14.02
CA PHE B 207 4.65 -54.99 13.44
C PHE B 207 5.95 -55.68 13.84
N GLU B 208 6.10 -56.92 13.37
CA GLU B 208 7.30 -57.72 13.62
C GLU B 208 8.19 -57.64 12.37
N TYR B 209 8.87 -56.51 12.23
CA TYR B 209 9.64 -56.21 11.03
C TYR B 209 11.15 -56.39 11.31
N VAL B 210 11.92 -56.43 10.22
CA VAL B 210 13.35 -56.72 10.30
C VAL B 210 14.17 -55.60 9.69
N SER B 211 13.70 -54.35 9.83
CA SER B 211 14.43 -53.22 9.29
C SER B 211 15.89 -53.24 9.71
N GLN B 212 16.77 -52.91 8.76
CA GLN B 212 18.19 -52.75 9.02
C GLN B 212 18.83 -54.05 9.52
N PRO B 213 18.80 -55.12 8.73
CA PRO B 213 19.44 -56.37 9.13
C PRO B 213 20.95 -56.28 9.01
N PHE B 214 21.62 -56.18 10.15
CA PHE B 214 23.08 -56.16 10.18
C PHE B 214 23.54 -56.66 11.54
N LEU B 215 24.84 -56.90 11.66
CA LEU B 215 25.40 -57.57 12.84
C LEU B 215 26.53 -56.76 13.45
N MET B 216 27.29 -57.38 14.36
CA MET B 216 28.32 -56.69 15.12
C MET B 216 29.41 -56.12 14.21
N ASP B 217 30.35 -55.40 14.79
CA ASP B 217 31.48 -54.84 14.05
C ASP B 217 32.75 -54.92 14.89
N PHE B 225 37.62 -50.78 16.92
CA PHE B 225 36.95 -49.50 17.02
C PHE B 225 36.90 -48.78 15.68
N LYS B 226 35.81 -49.00 14.93
CA LYS B 226 35.58 -48.32 13.67
C LYS B 226 34.11 -47.94 13.49
N ASN B 227 33.34 -47.92 14.58
CA ASN B 227 31.88 -47.77 14.50
C ASN B 227 31.44 -46.74 15.54
N LEU B 228 31.33 -45.49 15.11
CA LEU B 228 30.74 -44.43 15.93
C LEU B 228 29.24 -44.45 15.66
N ARG B 229 28.51 -45.25 16.43
CA ARG B 229 27.08 -45.41 16.25
C ARG B 229 26.33 -44.31 16.99
N GLU B 230 25.44 -43.63 16.28
CA GLU B 230 24.58 -42.61 16.86
C GLU B 230 23.15 -42.87 16.42
N PHE B 231 22.20 -42.65 17.33
CA PHE B 231 20.80 -42.88 17.05
C PHE B 231 19.97 -41.75 17.61
N VAL B 232 18.82 -41.51 16.98
CA VAL B 232 17.83 -40.57 17.46
C VAL B 232 16.47 -41.25 17.43
N PHE B 233 15.65 -40.99 18.43
CA PHE B 233 14.35 -41.63 18.58
C PHE B 233 13.31 -40.57 18.84
N LYS B 234 12.24 -40.56 18.05
CA LYS B 234 11.19 -39.55 18.16
C LYS B 234 9.84 -40.24 18.08
N ASN B 235 9.12 -40.28 19.20
CA ASN B 235 7.76 -40.81 19.23
C ASN B 235 6.79 -39.63 19.24
N ILE B 236 6.53 -39.10 18.04
CA ILE B 236 5.70 -37.92 17.87
C ILE B 236 4.66 -38.20 16.80
N ASP B 237 3.50 -37.57 16.96
CA ASP B 237 2.38 -37.66 16.00
C ASP B 237 2.21 -39.09 15.49
N GLY B 238 2.18 -40.03 16.42
CA GLY B 238 1.93 -41.42 16.07
C GLY B 238 2.95 -41.99 15.11
N TYR B 239 4.23 -41.70 15.32
CA TYR B 239 5.30 -42.23 14.48
C TYR B 239 6.55 -42.34 15.31
N PHE B 240 7.15 -43.52 15.35
CA PHE B 240 8.39 -43.74 16.08
C PHE B 240 9.59 -43.66 15.12
N LYS B 241 9.83 -42.44 14.65
CA LYS B 241 10.90 -42.21 13.70
C LYS B 241 12.25 -42.58 14.31
N ILE B 242 13.13 -43.12 13.47
CA ILE B 242 14.47 -43.51 13.88
C ILE B 242 15.47 -42.98 12.87
N TYR B 243 16.54 -42.38 13.37
CA TYR B 243 17.65 -41.91 12.54
C TYR B 243 18.94 -42.43 13.11
N SER B 244 19.93 -42.64 12.24
CA SER B 244 21.20 -43.17 12.69
C SER B 244 22.27 -42.87 11.65
N LYS B 245 23.53 -43.00 12.07
CA LYS B 245 24.68 -42.81 11.20
C LYS B 245 25.76 -43.80 11.58
N HIS B 246 26.61 -44.11 10.60
CA HIS B 246 27.71 -45.06 10.77
C HIS B 246 28.96 -44.39 10.23
N THR B 247 29.87 -44.00 11.13
CA THR B 247 31.09 -43.31 10.76
C THR B 247 32.30 -44.02 11.35
N PRO B 248 33.46 -43.91 10.70
CA PRO B 248 34.67 -44.54 11.26
C PRO B 248 35.29 -43.67 12.34
N ILE B 249 35.58 -44.31 13.47
CA ILE B 249 36.09 -43.61 14.65
C ILE B 249 37.24 -44.42 15.24
N ASN B 250 38.31 -43.72 15.63
CA ASN B 250 39.45 -44.35 16.28
C ASN B 250 39.62 -43.76 17.67
N LEU B 251 38.51 -43.63 18.39
CA LEU B 251 38.49 -42.99 19.70
C LEU B 251 37.47 -43.71 20.56
N VAL B 252 37.77 -43.88 21.84
CA VAL B 252 36.97 -44.69 22.75
C VAL B 252 36.24 -43.85 23.78
N ARG B 253 36.40 -42.53 23.76
CA ARG B 253 35.81 -41.62 24.74
C ARG B 253 35.95 -40.21 24.16
N ASP B 254 35.36 -39.23 24.86
CA ASP B 254 35.42 -37.84 24.40
C ASP B 254 34.96 -37.74 22.95
N LEU B 255 33.64 -37.85 22.79
CA LEU B 255 32.99 -37.95 21.49
C LEU B 255 33.62 -36.96 20.52
N PRO B 256 34.17 -37.43 19.40
CA PRO B 256 34.94 -36.53 18.53
C PRO B 256 34.08 -35.40 18.00
N GLN B 257 34.71 -34.23 17.82
CA GLN B 257 34.03 -33.07 17.28
C GLN B 257 33.87 -33.23 15.77
N GLY B 258 33.47 -32.17 15.09
CA GLY B 258 33.10 -32.26 13.69
C GLY B 258 31.61 -32.47 13.54
N PHE B 259 31.20 -32.68 12.29
CA PHE B 259 29.79 -32.84 11.96
C PHE B 259 29.56 -34.18 11.28
N SER B 260 28.40 -34.77 11.57
CA SER B 260 28.00 -36.04 10.95
C SER B 260 26.49 -36.14 11.04
N ALA B 261 25.82 -36.19 9.90
CA ALA B 261 24.38 -36.22 9.87
C ALA B 261 23.86 -37.65 10.03
N LEU B 262 22.66 -37.76 10.60
CA LEU B 262 22.00 -39.04 10.83
C LEU B 262 20.87 -39.17 9.81
N GLU B 263 21.11 -39.94 8.75
CA GLU B 263 20.06 -40.18 7.77
C GLU B 263 18.96 -41.04 8.39
N PRO B 264 17.69 -40.77 8.08
CA PRO B 264 16.62 -41.63 8.59
C PRO B 264 16.78 -43.05 8.06
N LEU B 265 16.57 -44.03 8.94
CA LEU B 265 16.73 -45.43 8.59
C LEU B 265 15.42 -46.21 8.64
N VAL B 266 14.46 -45.78 9.46
CA VAL B 266 13.15 -46.44 9.48
C VAL B 266 12.14 -45.51 10.15
N ASP B 267 10.97 -45.37 9.52
CA ASP B 267 9.93 -44.53 10.10
C ASP B 267 9.14 -45.27 11.19
N LEU B 268 8.99 -46.58 11.06
CA LEU B 268 8.28 -47.38 12.06
C LEU B 268 6.90 -46.80 12.33
N PRO B 269 5.94 -47.00 11.43
CA PRO B 269 4.60 -46.43 11.64
C PRO B 269 3.90 -47.07 12.84
N ILE B 270 4.27 -46.60 14.03
CA ILE B 270 3.73 -47.08 15.29
C ILE B 270 2.90 -45.98 15.91
N GLY B 271 1.97 -46.38 16.79
CA GLY B 271 1.11 -45.43 17.47
C GLY B 271 1.03 -45.62 18.97
N ILE B 272 2.15 -45.96 19.61
CA ILE B 272 2.20 -46.19 21.04
C ILE B 272 2.57 -44.91 21.78
N ASN B 273 2.33 -44.87 23.08
CA ASN B 273 2.94 -43.85 23.92
C ASN B 273 4.22 -44.38 24.56
N ILE B 274 5.23 -43.52 24.62
CA ILE B 274 6.50 -43.82 25.26
C ILE B 274 6.82 -42.71 26.24
N THR B 275 6.96 -43.07 27.52
CA THR B 275 7.36 -42.12 28.55
C THR B 275 8.46 -42.66 29.46
N ARG B 276 8.85 -43.92 29.29
CA ARG B 276 9.94 -44.51 30.05
C ARG B 276 10.80 -45.32 29.09
N PHE B 277 12.09 -45.04 29.07
CA PHE B 277 13.03 -45.68 28.15
C PHE B 277 14.10 -46.41 28.94
N GLN B 278 14.51 -47.57 28.44
CA GLN B 278 15.57 -48.35 29.09
C GLN B 278 16.36 -49.08 28.02
N THR B 279 17.65 -48.80 27.94
CA THR B 279 18.50 -49.45 26.96
C THR B 279 18.67 -50.93 27.30
N LEU B 280 18.75 -51.75 26.25
CA LEU B 280 19.00 -53.18 26.39
C LEU B 280 20.43 -53.45 25.93
N LEU B 281 21.31 -53.72 26.89
CA LEU B 281 22.73 -53.91 26.61
C LEU B 281 23.12 -55.36 26.86
N ALA B 282 23.94 -55.89 25.96
CA ALA B 282 24.50 -57.22 26.15
C ALA B 282 25.48 -57.20 27.32
N LEU B 283 25.98 -58.39 27.67
CA LEU B 283 26.94 -58.53 28.76
C LEU B 283 28.05 -59.47 28.33
N HIS B 284 29.23 -59.28 28.92
CA HIS B 284 30.39 -60.11 28.64
C HIS B 284 30.58 -61.17 29.72
N ARG B 285 29.48 -61.71 30.24
CA ARG B 285 29.54 -62.76 31.25
C ARG B 285 30.42 -63.90 30.74
N SER B 286 31.55 -64.13 31.41
CA SER B 286 32.50 -65.16 30.98
C SER B 286 33.31 -65.68 32.16
N SER B 295 25.03 -60.59 39.43
CA SER B 295 26.26 -60.26 40.14
C SER B 295 27.49 -60.58 39.28
N GLY B 296 27.48 -61.76 38.68
CA GLY B 296 28.59 -62.18 37.84
C GLY B 296 28.43 -61.72 36.40
N TRP B 297 29.09 -60.62 36.05
CA TRP B 297 29.03 -60.09 34.70
C TRP B 297 30.21 -59.16 34.48
N THR B 298 30.51 -58.92 33.19
CA THR B 298 31.54 -57.98 32.79
C THR B 298 30.96 -57.07 31.73
N ALA B 299 30.97 -55.76 32.00
CA ALA B 299 30.47 -54.78 31.04
C ALA B 299 31.44 -54.52 29.90
N GLY B 300 32.67 -55.00 29.98
CA GLY B 300 33.61 -54.80 28.90
C GLY B 300 33.89 -53.32 28.67
N ALA B 301 33.97 -52.95 27.39
CA ALA B 301 34.24 -51.58 26.99
C ALA B 301 33.07 -51.07 26.16
N ALA B 302 32.61 -49.86 26.48
CA ALA B 302 31.48 -49.26 25.78
C ALA B 302 31.54 -47.76 25.93
N ALA B 303 30.84 -47.07 25.03
CA ALA B 303 30.63 -45.63 25.11
C ALA B 303 29.12 -45.44 25.01
N TYR B 304 28.45 -45.57 26.14
CA TYR B 304 27.02 -45.42 26.25
C TYR B 304 26.70 -43.96 26.53
N TYR B 305 25.91 -43.34 25.67
CA TYR B 305 25.57 -41.93 25.80
C TYR B 305 24.06 -41.73 25.67
N VAL B 306 23.54 -40.76 26.42
CA VAL B 306 22.13 -40.39 26.38
C VAL B 306 22.03 -38.88 26.36
N GLY B 307 21.28 -38.34 25.40
CA GLY B 307 21.02 -36.91 25.34
C GLY B 307 19.58 -36.62 24.99
N TYR B 308 18.90 -35.86 25.85
CA TYR B 308 17.50 -35.55 25.61
C TYR B 308 17.36 -34.44 24.58
N LEU B 309 16.34 -34.53 23.74
CA LEU B 309 16.08 -33.55 22.70
C LEU B 309 14.97 -32.61 23.13
N GLN B 310 15.04 -31.37 22.66
CA GLN B 310 14.01 -30.38 22.92
C GLN B 310 13.86 -29.51 21.68
N PRO B 311 12.74 -28.80 21.55
CA PRO B 311 12.56 -27.91 20.39
C PRO B 311 13.70 -26.92 20.24
N ARG B 312 14.42 -26.99 19.13
CA ARG B 312 15.57 -26.13 18.89
C ARG B 312 15.69 -25.87 17.40
N THR B 313 15.56 -24.62 17.00
CA THR B 313 15.74 -24.26 15.60
C THR B 313 17.20 -24.40 15.21
N PHE B 314 17.43 -24.93 14.01
CA PHE B 314 18.78 -25.16 13.50
C PHE B 314 18.90 -24.55 12.11
N LEU B 315 20.12 -24.24 11.72
CA LEU B 315 20.43 -23.72 10.38
C LEU B 315 21.33 -24.75 9.70
N LEU B 316 20.72 -25.69 8.99
CA LEU B 316 21.44 -26.78 8.34
C LEU B 316 22.00 -26.30 7.01
N LYS B 317 23.29 -26.52 6.79
CA LYS B 317 23.96 -26.12 5.55
C LYS B 317 24.03 -27.32 4.63
N TYR B 318 22.99 -27.48 3.80
CA TYR B 318 23.01 -28.54 2.81
C TYR B 318 24.11 -28.29 1.79
N ASN B 319 24.81 -29.35 1.41
CA ASN B 319 25.90 -29.26 0.46
C ASN B 319 25.38 -29.31 -0.98
N GLU B 320 26.27 -29.04 -1.93
CA GLU B 320 25.91 -29.16 -3.34
C GLU B 320 25.53 -30.59 -3.70
N ASN B 321 25.96 -31.56 -2.91
CA ASN B 321 25.59 -32.95 -3.13
C ASN B 321 24.42 -33.40 -2.27
N GLY B 322 23.82 -32.49 -1.50
CA GLY B 322 22.63 -32.81 -0.75
C GLY B 322 22.85 -33.29 0.67
N THR B 323 24.09 -33.32 1.14
CA THR B 323 24.39 -33.77 2.50
C THR B 323 24.70 -32.56 3.36
N ILE B 324 24.05 -32.47 4.52
CA ILE B 324 24.23 -31.33 5.41
C ILE B 324 25.65 -31.38 5.98
N THR B 325 26.45 -30.38 5.63
CA THR B 325 27.86 -30.38 6.02
C THR B 325 28.09 -29.71 7.36
N ASP B 326 27.25 -28.74 7.72
CA ASP B 326 27.43 -28.02 8.97
C ASP B 326 26.08 -27.47 9.41
N ALA B 327 25.99 -27.13 10.69
CA ALA B 327 24.77 -26.57 11.25
C ALA B 327 25.10 -25.74 12.46
N VAL B 328 24.24 -24.76 12.76
CA VAL B 328 24.34 -23.95 13.96
C VAL B 328 22.96 -23.88 14.60
N ASP B 329 22.95 -23.62 15.90
CA ASP B 329 21.69 -23.45 16.61
C ASP B 329 21.10 -22.08 16.32
N CYS B 330 20.00 -21.78 16.99
CA CYS B 330 19.40 -20.46 16.96
C CYS B 330 19.21 -19.89 18.36
N ALA B 331 19.54 -20.66 19.40
CA ALA B 331 19.42 -20.18 20.78
C ALA B 331 20.59 -20.62 21.64
N LEU B 332 21.75 -20.95 21.04
CA LEU B 332 22.91 -21.34 21.81
C LEU B 332 23.64 -20.11 22.36
N ASP B 333 24.11 -19.25 21.47
CA ASP B 333 24.84 -18.03 21.80
C ASP B 333 24.21 -16.86 21.08
N PRO B 334 24.48 -15.64 21.53
CA PRO B 334 24.05 -14.48 20.73
C PRO B 334 24.62 -14.49 19.33
N LEU B 335 25.86 -14.97 19.19
CA LEU B 335 26.47 -15.05 17.86
C LEU B 335 25.70 -16.01 16.96
N SER B 336 25.27 -17.15 17.49
CA SER B 336 24.49 -18.08 16.69
C SER B 336 23.17 -17.44 16.26
N GLU B 337 22.55 -16.66 17.13
CA GLU B 337 21.32 -15.97 16.76
C GLU B 337 21.54 -15.06 15.56
N THR B 338 22.68 -14.37 15.50
CA THR B 338 22.99 -13.55 14.34
C THR B 338 23.07 -14.41 13.08
N LYS B 339 23.76 -15.55 13.16
CA LYS B 339 23.79 -16.46 12.03
C LYS B 339 22.41 -17.06 11.77
N CYS B 340 21.56 -17.12 12.80
CA CYS B 340 20.20 -17.59 12.60
C CYS B 340 19.36 -16.55 11.87
N THR B 341 19.46 -15.28 12.29
CA THR B 341 18.71 -14.22 11.63
C THR B 341 19.28 -13.94 10.23
N LEU B 342 20.59 -13.81 10.14
CA LEU B 342 21.27 -13.70 8.85
C LEU B 342 21.54 -15.12 8.35
N LYS B 343 20.87 -15.52 7.28
CA LYS B 343 20.97 -16.90 6.83
C LYS B 343 22.37 -17.13 6.25
N SER B 344 23.37 -17.14 7.12
CA SER B 344 24.75 -17.32 6.72
C SER B 344 25.56 -17.83 7.90
N PHE B 345 26.62 -18.55 7.61
CA PHE B 345 27.52 -19.07 8.63
C PHE B 345 28.65 -18.11 8.97
N THR B 346 28.79 -17.01 8.21
CA THR B 346 29.79 -16.00 8.50
C THR B 346 29.12 -14.63 8.43
N VAL B 347 29.40 -13.79 9.42
CA VAL B 347 28.79 -12.47 9.52
C VAL B 347 29.91 -11.43 9.50
N GLU B 348 29.71 -10.39 8.68
CA GLU B 348 30.67 -9.30 8.62
C GLU B 348 30.57 -8.43 9.87
N LYS B 349 31.59 -7.60 10.07
CA LYS B 349 31.61 -6.72 11.24
C LYS B 349 30.38 -5.81 11.24
N GLY B 350 29.81 -5.63 12.41
CA GLY B 350 28.67 -4.74 12.54
C GLY B 350 27.84 -5.10 13.76
N ILE B 351 26.74 -4.36 13.90
CA ILE B 351 25.76 -4.58 14.97
C ILE B 351 24.46 -5.00 14.32
N TYR B 352 23.91 -6.13 14.78
CA TYR B 352 22.76 -6.76 14.15
C TYR B 352 21.62 -6.89 15.16
N GLN B 353 20.44 -6.47 14.76
CA GLN B 353 19.23 -6.59 15.57
C GLN B 353 18.74 -8.02 15.46
N THR B 354 19.11 -8.87 16.42
CA THR B 354 18.83 -10.29 16.31
C THR B 354 17.40 -10.62 16.72
N SER B 355 17.07 -10.36 17.99
CA SER B 355 15.78 -10.75 18.55
C SER B 355 15.27 -9.63 19.43
N ASN B 356 14.12 -9.88 20.06
CA ASN B 356 13.49 -8.94 20.96
C ASN B 356 13.43 -9.55 22.35
N PHE B 357 13.61 -8.70 23.36
CA PHE B 357 13.71 -9.13 24.75
C PHE B 357 12.60 -8.50 25.56
N ARG B 358 11.90 -9.31 26.35
CA ARG B 358 10.88 -8.83 27.28
C ARG B 358 10.95 -9.66 28.55
N VAL B 359 10.62 -9.03 29.68
CA VAL B 359 10.74 -9.69 30.97
C VAL B 359 9.60 -10.69 31.15
N GLN B 360 9.94 -11.93 31.44
CA GLN B 360 8.92 -12.95 31.64
C GLN B 360 8.12 -12.64 32.91
N PRO B 361 6.80 -12.83 32.90
CA PRO B 361 6.01 -12.53 34.10
C PRO B 361 6.38 -13.46 35.25
N THR B 362 6.74 -12.86 36.39
CA THR B 362 7.14 -13.68 37.55
C THR B 362 5.97 -14.49 38.08
N GLU B 363 4.78 -13.89 38.19
CA GLU B 363 3.64 -14.56 38.80
C GLU B 363 2.37 -14.12 38.11
N SER B 364 1.34 -14.97 38.23
CA SER B 364 0.01 -14.68 37.70
C SER B 364 -0.92 -14.39 38.88
N ILE B 365 -1.32 -13.13 39.00
CA ILE B 365 -2.17 -12.67 40.10
C ILE B 365 -3.59 -12.53 39.58
N VAL B 366 -4.54 -13.16 40.27
CA VAL B 366 -5.96 -13.04 39.98
C VAL B 366 -6.66 -12.59 41.25
N ARG B 367 -7.48 -11.54 41.14
CA ARG B 367 -8.12 -10.94 42.32
C ARG B 367 -9.54 -10.54 41.94
N PHE B 368 -10.48 -11.45 42.17
CA PHE B 368 -11.89 -11.19 41.93
C PHE B 368 -12.49 -10.42 43.10
N PRO B 369 -13.65 -9.80 42.91
CA PRO B 369 -14.26 -9.01 43.99
C PRO B 369 -14.68 -9.88 45.16
N ASN B 370 -15.09 -9.21 46.23
CA ASN B 370 -15.44 -9.88 47.48
C ASN B 370 -16.77 -10.62 47.41
N ILE B 371 -17.54 -10.45 46.34
CA ILE B 371 -18.85 -11.09 46.24
C ILE B 371 -18.67 -12.60 46.42
N THR B 372 -19.48 -13.19 47.30
CA THR B 372 -19.33 -14.60 47.64
C THR B 372 -20.63 -15.39 47.67
N ASN B 373 -21.80 -14.74 47.68
CA ASN B 373 -23.05 -15.47 47.72
C ASN B 373 -23.29 -16.22 46.42
N LEU B 374 -23.74 -17.47 46.53
CA LEU B 374 -24.02 -18.27 45.36
C LEU B 374 -25.07 -17.58 44.50
N CYS B 375 -24.99 -17.80 43.19
CA CYS B 375 -25.70 -16.91 42.28
C CYS B 375 -27.05 -17.49 41.90
N PRO B 376 -28.07 -16.64 41.73
CA PRO B 376 -29.41 -17.15 41.41
C PRO B 376 -29.52 -17.72 39.99
N PHE B 377 -28.85 -18.83 39.72
CA PHE B 377 -29.09 -19.59 38.50
C PHE B 377 -30.02 -20.77 38.73
N GLY B 378 -30.46 -21.00 39.96
CA GLY B 378 -31.51 -21.96 40.25
C GLY B 378 -32.90 -21.36 40.19
N GLU B 379 -33.03 -20.18 39.60
CA GLU B 379 -34.32 -19.48 39.50
C GLU B 379 -34.95 -19.61 38.13
N VAL B 380 -34.18 -19.47 37.05
CA VAL B 380 -34.70 -19.53 35.70
C VAL B 380 -34.36 -20.84 35.00
N PHE B 381 -33.16 -21.40 35.22
CA PHE B 381 -32.81 -22.66 34.59
C PHE B 381 -33.77 -23.76 35.02
N ASN B 382 -34.11 -23.81 36.30
CA ASN B 382 -35.17 -24.65 36.81
C ASN B 382 -36.21 -23.77 37.47
N ALA B 383 -37.48 -23.95 37.08
CA ALA B 383 -38.55 -23.11 37.59
C ALA B 383 -39.87 -23.87 37.42
N THR B 384 -40.93 -23.30 38.01
CA THR B 384 -42.24 -23.94 37.95
C THR B 384 -42.88 -23.78 36.58
N ARG B 385 -42.72 -22.62 35.95
CA ARG B 385 -43.42 -22.34 34.71
C ARG B 385 -42.58 -21.41 33.85
N PHE B 386 -42.87 -21.42 32.55
CA PHE B 386 -42.20 -20.59 31.55
C PHE B 386 -43.24 -19.80 30.76
N ALA B 387 -42.78 -18.69 30.19
CA ALA B 387 -43.65 -17.78 29.46
C ALA B 387 -43.62 -18.09 27.97
N SER B 388 -44.24 -17.22 27.17
CA SER B 388 -44.34 -17.41 25.74
C SER B 388 -43.19 -16.72 25.01
N VAL B 389 -43.12 -16.96 23.69
CA VAL B 389 -42.06 -16.36 22.89
C VAL B 389 -42.29 -14.85 22.75
N TYR B 390 -43.53 -14.45 22.49
CA TYR B 390 -43.81 -13.03 22.33
C TYR B 390 -43.70 -12.29 23.66
N ALA B 391 -44.07 -12.94 24.75
CA ALA B 391 -43.95 -12.39 26.10
C ALA B 391 -43.12 -13.36 26.93
N TRP B 392 -41.89 -12.98 27.22
CA TRP B 392 -40.96 -13.81 27.98
C TRP B 392 -40.65 -13.15 29.32
N ASN B 393 -40.05 -13.94 30.21
CA ASN B 393 -39.71 -13.48 31.56
C ASN B 393 -38.25 -13.01 31.56
N ARG B 394 -38.06 -11.70 31.70
CA ARG B 394 -36.73 -11.10 31.73
C ARG B 394 -36.35 -10.87 33.20
N LYS B 395 -35.70 -11.85 33.80
CA LYS B 395 -35.12 -11.72 35.12
C LYS B 395 -33.62 -11.53 34.99
N ARG B 396 -33.09 -10.52 35.67
CA ARG B 396 -31.66 -10.27 35.68
C ARG B 396 -31.06 -10.74 36.99
N ILE B 397 -29.74 -10.67 37.07
CA ILE B 397 -28.99 -11.20 38.21
C ILE B 397 -28.22 -10.05 38.85
N SER B 398 -28.36 -9.90 40.16
CA SER B 398 -27.61 -8.91 40.92
C SER B 398 -26.23 -9.48 41.24
N ASN B 399 -25.50 -8.80 42.13
CA ASN B 399 -24.18 -9.27 42.50
C ASN B 399 -24.24 -10.70 43.01
N CYS B 400 -23.32 -11.53 42.54
CA CYS B 400 -23.29 -12.94 42.91
C CYS B 400 -21.96 -13.53 42.44
N VAL B 401 -21.79 -14.82 42.67
CA VAL B 401 -20.69 -15.60 42.12
C VAL B 401 -21.32 -16.63 41.20
N ALA B 402 -21.38 -16.32 39.91
CA ALA B 402 -22.09 -17.16 38.95
C ALA B 402 -21.25 -18.39 38.62
N ASP B 403 -21.73 -19.56 39.05
CA ASP B 403 -21.05 -20.82 38.79
C ASP B 403 -21.69 -21.49 37.59
N TYR B 404 -21.21 -21.11 36.40
CA TYR B 404 -21.68 -21.72 35.17
C TYR B 404 -21.17 -23.15 35.00
N SER B 405 -20.28 -23.60 35.89
CA SER B 405 -19.61 -24.88 35.68
C SER B 405 -20.61 -25.99 35.41
N VAL B 406 -21.62 -26.11 36.26
CA VAL B 406 -22.69 -27.11 36.04
C VAL B 406 -23.76 -26.40 35.22
N LEU B 407 -23.48 -26.25 33.93
CA LEU B 407 -24.50 -25.94 32.92
C LEU B 407 -24.29 -26.71 31.64
N TYR B 408 -23.08 -27.15 31.33
CA TYR B 408 -22.78 -28.00 30.19
C TYR B 408 -22.22 -29.35 30.61
N ASN B 409 -21.60 -29.43 31.78
CA ASN B 409 -21.14 -30.70 32.33
C ASN B 409 -22.30 -31.40 33.03
N SER B 410 -23.42 -31.55 32.31
CA SER B 410 -24.61 -32.18 32.85
C SER B 410 -25.52 -32.56 31.70
N ALA B 411 -25.89 -33.83 31.61
CA ALA B 411 -26.70 -34.34 30.51
C ALA B 411 -28.17 -33.97 30.71
N SER B 412 -28.42 -32.66 30.71
CA SER B 412 -29.78 -32.14 30.87
C SER B 412 -30.04 -30.96 29.93
N PHE B 413 -29.29 -30.84 28.84
CA PHE B 413 -29.45 -29.74 27.91
C PHE B 413 -29.19 -30.25 26.51
N SER B 414 -30.17 -30.10 25.63
CA SER B 414 -30.02 -30.57 24.25
C SER B 414 -28.97 -29.74 23.51
N THR B 415 -29.09 -28.42 23.58
CA THR B 415 -28.19 -27.51 22.87
C THR B 415 -27.61 -26.51 23.86
N PHE B 416 -26.30 -26.28 23.75
CA PHE B 416 -25.59 -25.30 24.58
C PHE B 416 -24.81 -24.32 23.70
N LYS B 417 -25.32 -24.07 22.49
CA LYS B 417 -24.60 -23.20 21.56
C LYS B 417 -24.35 -21.84 22.21
N CYS B 418 -23.12 -21.34 22.08
CA CYS B 418 -22.80 -20.03 22.62
C CYS B 418 -22.00 -19.22 21.62
N TYR B 419 -22.34 -17.94 21.53
CA TYR B 419 -21.69 -16.98 20.64
C TYR B 419 -21.09 -15.86 21.47
N GLY B 420 -19.88 -15.45 21.12
CA GLY B 420 -19.18 -14.45 21.89
C GLY B 420 -18.63 -14.96 23.20
N VAL B 421 -18.83 -16.23 23.52
CA VAL B 421 -18.36 -16.81 24.77
C VAL B 421 -18.35 -18.32 24.60
N SER B 422 -17.55 -19.00 25.41
CA SER B 422 -17.41 -20.44 25.32
C SER B 422 -17.77 -21.08 26.66
N PRO B 423 -18.36 -22.29 26.63
CA PRO B 423 -18.80 -22.89 27.91
C PRO B 423 -17.67 -23.06 28.91
N THR B 424 -16.55 -23.65 28.51
CA THR B 424 -15.46 -23.89 29.45
C THR B 424 -14.89 -22.59 29.98
N LYS B 425 -15.00 -21.49 29.23
CA LYS B 425 -14.45 -20.21 29.65
C LYS B 425 -15.42 -19.38 30.48
N LEU B 426 -16.65 -19.84 30.69
CA LEU B 426 -17.62 -19.03 31.42
C LEU B 426 -17.18 -18.78 32.85
N ASN B 427 -16.64 -19.80 33.51
CA ASN B 427 -16.34 -19.69 34.94
C ASN B 427 -15.27 -18.63 35.22
N ASP B 428 -14.47 -18.26 34.24
CA ASP B 428 -13.38 -17.31 34.45
C ASP B 428 -13.77 -15.87 34.16
N LEU B 429 -15.00 -15.63 33.72
CA LEU B 429 -15.44 -14.29 33.34
C LEU B 429 -16.06 -13.58 34.55
N CYS B 430 -16.12 -12.24 34.44
CA CYS B 430 -16.58 -11.38 35.53
C CYS B 430 -17.48 -10.32 34.88
N PHE B 431 -18.77 -10.61 34.81
CA PHE B 431 -19.71 -9.77 34.07
C PHE B 431 -20.23 -8.63 34.95
N THR B 432 -20.61 -7.53 34.29
CA THR B 432 -21.26 -6.43 34.97
C THR B 432 -22.71 -6.76 35.31
N ASN B 433 -23.31 -7.72 34.62
CA ASN B 433 -24.71 -8.06 34.85
C ASN B 433 -25.07 -9.24 33.96
N VAL B 434 -26.13 -9.94 34.35
CA VAL B 434 -26.64 -11.08 33.60
C VAL B 434 -28.16 -10.97 33.49
N TYR B 435 -28.68 -11.15 32.28
CA TYR B 435 -30.10 -11.22 32.03
C TYR B 435 -30.48 -12.67 31.77
N ALA B 436 -31.53 -13.13 32.45
CA ALA B 436 -32.02 -14.51 32.30
C ALA B 436 -33.40 -14.45 31.65
N ASP B 437 -33.42 -14.45 30.32
CA ASP B 437 -34.65 -14.41 29.55
C ASP B 437 -35.06 -15.84 29.19
N SER B 438 -36.33 -16.17 29.43
CA SER B 438 -36.82 -17.53 29.25
C SER B 438 -38.10 -17.53 28.43
N PHE B 439 -38.11 -18.30 27.33
CA PHE B 439 -39.31 -18.56 26.56
C PHE B 439 -39.24 -20.00 26.08
N VAL B 440 -40.32 -20.46 25.47
CA VAL B 440 -40.46 -21.87 25.08
C VAL B 440 -40.76 -21.95 23.59
N ILE B 441 -40.03 -22.84 22.90
CA ILE B 441 -40.19 -23.12 21.48
C ILE B 441 -40.22 -24.62 21.30
N ARG B 442 -40.50 -25.07 20.08
CA ARG B 442 -40.73 -26.49 19.89
C ARG B 442 -39.51 -27.28 19.43
N GLY B 443 -39.03 -27.08 18.21
CA GLY B 443 -37.86 -27.81 17.76
C GLY B 443 -37.03 -27.12 16.71
N ASP B 444 -37.46 -25.93 16.27
CA ASP B 444 -36.88 -25.32 15.08
C ASP B 444 -36.38 -23.92 15.37
N GLU B 445 -37.08 -23.21 16.26
CA GLU B 445 -36.63 -21.87 16.62
C GLU B 445 -35.24 -21.90 17.23
N VAL B 446 -34.83 -23.04 17.77
CA VAL B 446 -33.44 -23.20 18.21
C VAL B 446 -32.51 -22.99 17.02
N ARG B 447 -32.84 -23.59 15.88
CA ARG B 447 -32.09 -23.36 14.66
C ARG B 447 -32.30 -21.95 14.11
N GLN B 448 -33.27 -21.21 14.62
CA GLN B 448 -33.56 -19.86 14.17
C GLN B 448 -33.04 -18.78 15.10
N ILE B 449 -33.06 -19.00 16.42
CA ILE B 449 -32.57 -17.99 17.35
C ILE B 449 -31.05 -17.97 17.26
N ALA B 450 -30.53 -16.95 16.59
CA ALA B 450 -29.12 -16.85 16.27
C ALA B 450 -28.84 -15.44 15.75
N PRO B 451 -27.61 -15.12 15.35
CA PRO B 451 -27.36 -13.78 14.83
C PRO B 451 -28.08 -13.54 13.51
N GLY B 452 -29.39 -13.31 13.60
CA GLY B 452 -30.20 -12.95 12.46
C GLY B 452 -30.77 -14.09 11.66
N GLN B 453 -30.61 -15.34 12.11
CA GLN B 453 -31.26 -16.45 11.44
C GLN B 453 -32.76 -16.24 11.47
N THR B 454 -33.36 -16.01 10.30
CA THR B 454 -34.77 -15.64 10.21
C THR B 454 -35.64 -16.87 10.39
N GLY B 455 -36.94 -16.70 10.18
CA GLY B 455 -37.90 -17.78 10.35
C GLY B 455 -39.27 -17.24 10.70
N LYS B 456 -39.92 -17.87 11.68
CA LYS B 456 -41.23 -17.42 12.16
C LYS B 456 -41.18 -16.70 13.49
N ILE B 457 -40.16 -16.96 14.31
CA ILE B 457 -40.05 -16.42 15.65
C ILE B 457 -38.76 -15.62 15.84
N ALA B 458 -37.63 -16.20 15.44
CA ALA B 458 -36.33 -15.64 15.79
C ALA B 458 -36.20 -14.20 15.32
N ASP B 459 -36.53 -13.94 14.05
CA ASP B 459 -36.37 -12.59 13.52
C ASP B 459 -37.19 -11.57 14.30
N TYR B 460 -38.24 -12.00 14.99
CA TYR B 460 -39.10 -11.10 15.75
C TYR B 460 -39.06 -11.38 17.24
N ASN B 461 -38.05 -12.12 17.73
CA ASN B 461 -38.01 -12.48 19.14
C ASN B 461 -36.64 -12.37 19.81
N TYR B 462 -35.55 -12.24 19.07
CA TYR B 462 -34.24 -12.25 19.71
C TYR B 462 -33.18 -11.75 18.74
N LYS B 463 -32.20 -11.03 19.29
CA LYS B 463 -31.03 -10.63 18.54
C LYS B 463 -31.40 -9.93 17.23
N PHE B 468 -22.92 -7.68 20.82
CA PHE B 468 -23.70 -8.77 21.38
C PHE B 468 -22.79 -9.85 21.97
N THR B 469 -23.27 -10.48 23.04
CA THR B 469 -22.55 -11.58 23.70
C THR B 469 -23.59 -12.39 24.47
N GLY B 470 -23.10 -13.23 25.38
CA GLY B 470 -23.97 -14.16 26.07
C GLY B 470 -24.34 -15.30 25.14
N CYS B 471 -25.26 -16.15 25.59
CA CYS B 471 -25.69 -17.24 24.73
C CYS B 471 -26.97 -17.87 25.27
N VAL B 472 -27.37 -18.97 24.62
CA VAL B 472 -28.67 -19.59 24.81
C VAL B 472 -28.46 -20.99 25.35
N ILE B 473 -29.19 -21.34 26.40
CA ILE B 473 -29.17 -22.67 26.99
C ILE B 473 -30.58 -23.25 26.84
N ALA B 474 -30.70 -24.30 26.04
CA ALA B 474 -31.99 -24.92 25.75
C ALA B 474 -31.93 -26.39 26.13
N TRP B 475 -32.97 -26.86 26.83
CA TRP B 475 -33.09 -28.25 27.23
C TRP B 475 -34.49 -28.75 26.90
N ASN B 476 -34.56 -29.92 26.29
CA ASN B 476 -35.85 -30.49 25.90
C ASN B 476 -36.75 -30.61 27.12
N SER B 477 -37.81 -29.81 27.16
CA SER B 477 -38.74 -29.78 28.29
C SER B 477 -39.92 -30.72 28.09
N ASN B 478 -39.76 -31.77 27.30
CA ASN B 478 -40.82 -32.76 27.17
C ASN B 478 -41.17 -33.35 28.53
N ASN B 479 -40.20 -33.42 29.44
CA ASN B 479 -40.43 -33.90 30.79
C ASN B 479 -40.83 -32.79 31.75
N LEU B 480 -40.68 -31.52 31.36
CA LEU B 480 -40.99 -30.39 32.22
C LEU B 480 -42.09 -29.48 31.70
N ASP B 481 -42.41 -29.54 30.40
CA ASP B 481 -43.44 -28.69 29.82
C ASP B 481 -44.52 -29.44 29.06
N SER B 482 -44.29 -30.71 28.69
CA SER B 482 -45.29 -31.46 27.96
C SER B 482 -46.53 -31.66 28.82
N LYS B 483 -47.68 -31.78 28.14
CA LYS B 483 -48.95 -31.93 28.83
C LYS B 483 -49.88 -32.77 27.96
N VAL B 484 -51.18 -32.68 28.21
CA VAL B 484 -52.16 -33.67 27.77
C VAL B 484 -52.86 -33.20 26.50
N GLY B 485 -52.17 -32.42 25.66
CA GLY B 485 -52.77 -31.97 24.43
C GLY B 485 -52.37 -30.58 23.96
N GLY B 486 -51.51 -29.91 24.72
CA GLY B 486 -50.87 -28.71 24.20
C GLY B 486 -50.71 -27.55 25.16
N ASN B 487 -49.49 -27.04 25.27
CA ASN B 487 -49.18 -25.85 26.06
C ASN B 487 -49.48 -24.62 25.19
N TYR B 488 -50.76 -24.28 25.12
CA TYR B 488 -51.18 -23.12 24.33
C TYR B 488 -50.69 -21.81 24.91
N ASN B 489 -50.14 -21.81 26.13
CA ASN B 489 -49.63 -20.58 26.73
C ASN B 489 -48.61 -19.91 25.83
N TYR B 490 -47.88 -20.69 25.03
CA TYR B 490 -46.82 -20.15 24.17
C TYR B 490 -47.43 -19.74 22.83
N LEU B 491 -48.17 -18.64 22.86
CA LEU B 491 -48.61 -18.01 21.62
C LEU B 491 -47.41 -17.35 20.94
N TYR B 492 -47.49 -17.27 19.61
CA TYR B 492 -46.40 -16.71 18.83
C TYR B 492 -46.92 -15.70 17.82
N ARG B 493 -46.06 -14.72 17.51
CA ARG B 493 -46.42 -13.62 16.63
C ARG B 493 -46.20 -14.02 15.17
N LEU B 494 -47.21 -13.79 14.33
CA LEU B 494 -47.11 -14.04 12.90
C LEU B 494 -47.20 -12.77 12.08
N PHE B 495 -48.24 -11.96 12.29
CA PHE B 495 -48.47 -10.76 11.51
C PHE B 495 -47.94 -9.56 12.29
N ARG B 496 -46.91 -8.91 11.76
CA ARG B 496 -46.32 -7.72 12.36
C ARG B 496 -46.09 -6.68 11.28
N LYS B 497 -46.39 -5.42 11.61
CA LYS B 497 -46.20 -4.34 10.65
C LYS B 497 -44.74 -4.20 10.26
N SER B 498 -43.83 -4.30 11.23
CA SER B 498 -42.40 -4.22 10.96
C SER B 498 -41.70 -5.41 11.58
N ASN B 499 -40.36 -5.39 11.61
CA ASN B 499 -39.59 -6.44 12.23
C ASN B 499 -39.27 -6.04 13.66
N LEU B 500 -39.62 -6.90 14.62
CA LEU B 500 -39.41 -6.57 16.03
C LEU B 500 -37.92 -6.37 16.30
N LYS B 501 -37.60 -5.30 17.02
CA LYS B 501 -36.21 -4.94 17.26
C LYS B 501 -35.54 -5.97 18.16
N PRO B 502 -34.21 -6.03 18.14
CA PRO B 502 -33.51 -6.99 19.00
C PRO B 502 -33.84 -6.77 20.47
N PHE B 503 -34.00 -7.88 21.19
CA PHE B 503 -34.37 -7.86 22.60
C PHE B 503 -35.68 -7.13 22.85
N GLU B 504 -36.44 -6.84 21.79
CA GLU B 504 -37.67 -6.08 21.91
C GLU B 504 -38.84 -7.04 22.11
N ARG B 505 -39.64 -6.79 23.13
CA ARG B 505 -40.76 -7.65 23.50
C ARG B 505 -42.05 -6.97 23.08
N ASP B 506 -42.73 -7.54 22.08
CA ASP B 506 -44.05 -7.07 21.67
C ASP B 506 -45.09 -7.72 22.59
N ILE B 507 -45.08 -7.26 23.84
CA ILE B 507 -45.87 -7.89 24.90
C ILE B 507 -47.27 -7.27 24.84
N SER B 508 -48.10 -7.84 23.97
CA SER B 508 -49.48 -7.41 23.82
C SER B 508 -50.15 -8.34 22.81
N THR B 509 -51.49 -8.37 22.86
CA THR B 509 -52.30 -9.19 21.96
C THR B 509 -53.33 -8.27 21.32
N GLU B 510 -52.96 -7.65 20.21
CA GLU B 510 -53.83 -6.73 19.48
C GLU B 510 -54.17 -7.35 18.13
N ILE B 511 -55.45 -7.28 17.75
CA ILE B 511 -55.87 -7.84 16.48
C ILE B 511 -55.15 -7.11 15.34
N TYR B 512 -54.57 -7.88 14.43
CA TYR B 512 -53.79 -7.32 13.35
C TYR B 512 -54.67 -7.00 12.14
N GLN B 513 -54.19 -6.08 11.31
CA GLN B 513 -54.87 -5.68 10.09
C GLN B 513 -53.96 -5.96 8.90
N ALA B 514 -54.34 -6.97 8.11
CA ALA B 514 -53.63 -7.28 6.87
C ALA B 514 -54.10 -6.33 5.77
N GLY B 515 -53.86 -6.67 4.51
CA GLY B 515 -54.17 -5.78 3.41
C GLY B 515 -55.58 -5.23 3.46
N SER B 516 -55.90 -4.29 2.58
CA SER B 516 -56.99 -3.36 2.84
C SER B 516 -58.35 -4.05 2.82
N THR B 517 -58.79 -4.49 4.00
CA THR B 517 -60.17 -4.91 4.21
C THR B 517 -60.50 -4.60 5.67
N PRO B 518 -61.00 -3.39 5.95
CA PRO B 518 -61.12 -2.94 7.34
C PRO B 518 -61.70 -3.98 8.28
N CYS B 519 -60.90 -4.41 9.26
CA CYS B 519 -61.35 -5.41 10.22
C CYS B 519 -62.26 -4.78 11.27
N ASN B 520 -61.75 -3.81 12.02
CA ASN B 520 -62.52 -3.10 13.03
C ASN B 520 -63.10 -4.09 14.05
N GLY B 521 -62.27 -5.03 14.49
CA GLY B 521 -62.64 -5.96 15.54
C GLY B 521 -63.13 -7.32 15.09
N VAL B 522 -62.97 -7.65 13.81
CA VAL B 522 -63.41 -8.94 13.29
C VAL B 522 -62.25 -9.61 12.57
N GLU B 523 -62.36 -10.92 12.41
CA GLU B 523 -61.33 -11.72 11.78
C GLU B 523 -61.89 -12.36 10.51
N GLY B 524 -61.01 -12.58 9.53
CA GLY B 524 -61.42 -13.12 8.26
C GLY B 524 -60.60 -12.58 7.10
N PHE B 525 -61.27 -12.03 6.08
CA PHE B 525 -60.59 -11.51 4.91
C PHE B 525 -59.52 -10.51 5.30
N ASN B 526 -58.25 -10.86 5.05
CA ASN B 526 -57.13 -10.00 5.40
C ASN B 526 -57.24 -9.51 6.84
N CYS B 527 -57.70 -10.40 7.72
CA CYS B 527 -57.83 -10.10 9.15
C CYS B 527 -57.54 -11.38 9.91
N TYR B 528 -56.44 -11.41 10.66
CA TYR B 528 -56.03 -12.57 11.41
C TYR B 528 -55.49 -12.14 12.76
N PHE B 529 -55.64 -13.01 13.75
CA PHE B 529 -55.20 -12.71 15.10
C PHE B 529 -53.71 -13.03 15.23
N PRO B 530 -52.85 -12.04 15.48
CA PRO B 530 -51.40 -12.28 15.30
C PRO B 530 -50.82 -13.33 16.24
N LEU B 531 -51.46 -13.61 17.36
CA LEU B 531 -50.95 -14.58 18.32
C LEU B 531 -51.70 -15.89 18.17
N GLN B 532 -51.00 -16.94 17.75
CA GLN B 532 -51.58 -18.25 17.48
C GLN B 532 -51.10 -19.25 18.52
N SER B 533 -52.03 -20.05 19.03
CA SER B 533 -51.70 -21.11 19.97
C SER B 533 -51.11 -22.29 19.19
N TYR B 534 -49.88 -22.67 19.54
CA TYR B 534 -49.19 -23.73 18.82
C TYR B 534 -49.75 -25.10 19.18
N GLY B 535 -49.64 -25.48 20.45
CA GLY B 535 -50.11 -26.78 20.89
C GLY B 535 -48.96 -27.77 21.02
N PHE B 536 -48.48 -27.98 22.25
CA PHE B 536 -47.34 -28.85 22.51
C PHE B 536 -47.85 -30.25 22.83
N GLN B 537 -47.94 -31.09 21.80
CA GLN B 537 -48.20 -32.51 21.99
C GLN B 537 -46.86 -33.25 21.99
N PRO B 538 -46.48 -33.92 23.08
CA PRO B 538 -45.12 -34.49 23.15
C PRO B 538 -44.81 -35.51 22.07
N THR B 539 -45.83 -36.11 21.45
CA THR B 539 -45.61 -37.13 20.43
C THR B 539 -45.46 -36.56 19.03
N ASN B 540 -45.46 -35.23 18.88
CA ASN B 540 -45.30 -34.65 17.55
C ASN B 540 -43.96 -35.02 16.94
N GLY B 541 -42.90 -34.97 17.73
CA GLY B 541 -41.58 -35.35 17.26
C GLY B 541 -40.51 -34.52 17.93
N VAL B 542 -39.26 -34.88 17.63
CA VAL B 542 -38.12 -34.16 18.21
C VAL B 542 -38.18 -32.69 17.81
N GLY B 543 -38.59 -32.41 16.58
CA GLY B 543 -38.72 -31.06 16.10
C GLY B 543 -39.99 -30.36 16.53
N TYR B 544 -40.84 -31.03 17.31
CA TYR B 544 -42.12 -30.45 17.72
C TYR B 544 -42.47 -30.76 19.18
N GLN B 545 -41.47 -30.91 20.04
CA GLN B 545 -41.69 -31.19 21.45
C GLN B 545 -41.36 -29.97 22.31
N PRO B 546 -41.83 -29.93 23.55
CA PRO B 546 -41.51 -28.80 24.43
C PRO B 546 -40.01 -28.67 24.65
N TYR B 547 -39.45 -27.57 24.17
CA TYR B 547 -38.04 -27.25 24.32
C TYR B 547 -37.94 -25.97 25.14
N ARG B 548 -37.65 -26.11 26.43
CA ARG B 548 -37.45 -24.92 27.26
C ARG B 548 -36.15 -24.24 26.85
N VAL B 549 -36.21 -22.92 26.67
CA VAL B 549 -35.06 -22.13 26.27
C VAL B 549 -34.92 -20.97 27.24
N VAL B 550 -33.74 -20.84 27.84
CA VAL B 550 -33.37 -19.66 28.61
C VAL B 550 -32.14 -19.06 27.97
N VAL B 551 -32.26 -17.82 27.50
CA VAL B 551 -31.17 -17.13 26.83
C VAL B 551 -30.56 -16.15 27.82
N LEU B 552 -29.26 -16.31 28.09
CA LEU B 552 -28.55 -15.47 29.04
C LEU B 552 -27.80 -14.40 28.28
N SER B 553 -28.21 -13.15 28.45
CA SER B 553 -27.58 -12.02 27.78
C SER B 553 -26.54 -11.40 28.70
N PHE B 554 -25.33 -11.23 28.19
CA PHE B 554 -24.21 -10.66 28.92
C PHE B 554 -23.77 -9.37 28.24
N GLU B 555 -22.71 -8.76 28.77
CA GLU B 555 -22.08 -7.63 28.10
C GLU B 555 -20.70 -7.42 28.68
N LEU B 556 -19.70 -7.29 27.80
CA LEU B 556 -18.31 -7.07 28.20
C LEU B 556 -18.07 -5.56 28.25
N LEU B 557 -18.53 -4.96 29.34
CA LEU B 557 -18.45 -3.51 29.53
C LEU B 557 -17.46 -3.20 30.65
N HIS B 558 -16.84 -2.03 30.56
CA HIS B 558 -15.94 -1.58 31.61
C HIS B 558 -16.68 -1.24 32.90
N ALA B 559 -18.01 -1.20 32.86
CA ALA B 559 -18.81 -1.01 34.06
C ALA B 559 -18.38 -2.00 35.12
N PRO B 560 -18.57 -1.71 36.41
CA PRO B 560 -18.07 -2.61 37.45
C PRO B 560 -18.67 -4.01 37.30
N ALA B 561 -17.84 -5.02 37.51
CA ALA B 561 -18.26 -6.40 37.35
C ALA B 561 -19.03 -6.85 38.59
N THR B 562 -20.31 -7.18 38.41
CA THR B 562 -21.16 -7.62 39.50
C THR B 562 -21.33 -9.12 39.56
N VAL B 563 -21.45 -9.78 38.41
CA VAL B 563 -21.64 -11.22 38.33
C VAL B 563 -20.35 -11.83 37.79
N CYS B 564 -19.75 -12.73 38.55
CA CYS B 564 -18.48 -13.34 38.19
C CYS B 564 -18.47 -14.78 38.66
N GLY B 565 -17.40 -15.50 38.32
CA GLY B 565 -17.32 -16.91 38.60
C GLY B 565 -16.55 -17.23 39.87
N PRO B 566 -16.58 -18.50 40.27
CA PRO B 566 -15.90 -18.97 41.50
C PRO B 566 -14.40 -19.22 41.32
N LYS B 567 -13.62 -18.15 41.43
CA LYS B 567 -12.17 -18.24 41.36
C LYS B 567 -11.58 -17.57 42.59
N LYS B 568 -10.68 -18.27 43.27
CA LYS B 568 -10.09 -17.75 44.49
C LYS B 568 -9.19 -16.56 44.19
N SER B 569 -9.24 -15.56 45.06
CA SER B 569 -8.42 -14.36 44.92
C SER B 569 -7.06 -14.59 45.56
N THR B 570 -6.02 -14.12 44.89
CA THR B 570 -4.66 -14.25 45.38
C THR B 570 -4.25 -12.97 46.10
N ASN B 571 -2.98 -12.88 46.48
CA ASN B 571 -2.46 -11.72 47.17
C ASN B 571 -2.01 -10.66 46.17
N LEU B 572 -1.95 -9.41 46.64
CA LEU B 572 -1.58 -8.29 45.79
C LEU B 572 -0.06 -8.16 45.76
N VAL B 573 0.52 -8.37 44.58
CA VAL B 573 1.94 -8.18 44.36
C VAL B 573 2.13 -6.84 43.66
N LYS B 574 3.31 -6.25 43.82
CA LYS B 574 3.60 -4.96 43.21
C LYS B 574 5.10 -4.83 42.99
N ASN B 575 5.46 -3.85 42.15
CA ASN B 575 6.86 -3.60 41.80
C ASN B 575 7.47 -4.82 41.11
N LYS B 576 6.66 -5.54 40.34
CA LYS B 576 7.11 -6.75 39.69
C LYS B 576 6.20 -7.06 38.51
N CYS B 577 6.79 -7.60 37.44
CA CYS B 577 6.01 -8.01 36.28
C CYS B 577 5.20 -9.25 36.62
N VAL B 578 3.88 -9.19 36.38
CA VAL B 578 2.97 -10.27 36.75
C VAL B 578 1.78 -10.24 35.80
N ASN B 579 1.06 -11.36 35.75
CA ASN B 579 -0.14 -11.48 34.92
C ASN B 579 -1.34 -11.12 35.78
N PHE B 580 -1.82 -9.89 35.64
CA PHE B 580 -2.88 -9.37 36.49
C PHE B 580 -4.25 -9.66 35.88
N ASN B 581 -5.14 -10.22 36.70
CA ASN B 581 -6.51 -10.54 36.30
C ASN B 581 -7.41 -10.08 37.45
N PHE B 582 -7.89 -8.83 37.36
CA PHE B 582 -8.70 -8.30 38.45
C PHE B 582 -10.15 -8.74 38.33
N ASN B 583 -10.85 -8.27 37.30
CA ASN B 583 -12.18 -8.78 36.99
C ASN B 583 -12.24 -9.42 35.62
N GLY B 584 -11.93 -8.69 34.56
CA GLY B 584 -11.93 -9.25 33.23
C GLY B 584 -10.75 -8.80 32.39
N LEU B 585 -10.00 -7.82 32.88
CA LEU B 585 -8.90 -7.22 32.13
C LEU B 585 -7.61 -8.00 32.34
N THR B 586 -7.70 -9.30 32.09
CA THR B 586 -6.54 -10.17 32.24
C THR B 586 -5.39 -9.63 31.39
N GLY B 587 -4.21 -9.56 31.98
CA GLY B 587 -3.08 -9.03 31.24
C GLY B 587 -1.82 -9.06 32.06
N THR B 588 -0.73 -8.64 31.43
CA THR B 588 0.60 -8.62 32.01
C THR B 588 1.05 -7.17 32.21
N GLY B 589 1.79 -6.94 33.28
CA GLY B 589 2.34 -5.62 33.51
C GLY B 589 2.95 -5.54 34.89
N VAL B 590 3.60 -4.40 35.13
CA VAL B 590 4.18 -4.09 36.43
C VAL B 590 3.13 -3.33 37.24
N LEU B 591 2.77 -3.89 38.39
CA LEU B 591 1.72 -3.32 39.24
C LEU B 591 2.35 -2.49 40.34
N THR B 592 1.87 -1.27 40.52
CA THR B 592 2.42 -0.36 41.51
C THR B 592 1.33 0.56 42.02
N GLU B 593 1.49 1.02 43.26
CA GLU B 593 0.57 2.01 43.81
C GLU B 593 0.72 3.32 43.07
N SER B 594 -0.41 3.94 42.75
CA SER B 594 -0.44 5.13 41.91
C SER B 594 -0.87 6.36 42.72
N ASN B 595 -0.47 7.52 42.24
CA ASN B 595 -0.87 8.80 42.81
C ASN B 595 -2.04 9.43 42.06
N LYS B 596 -2.64 8.71 41.13
CA LYS B 596 -3.77 9.23 40.37
C LYS B 596 -4.93 9.53 41.31
N LYS B 597 -5.81 10.42 40.85
CA LYS B 597 -6.98 10.86 41.62
C LYS B 597 -8.21 10.25 40.97
N PHE B 598 -8.54 9.02 41.37
CA PHE B 598 -9.73 8.35 40.87
C PHE B 598 -10.95 8.83 41.65
N LEU B 599 -12.00 9.22 40.94
CA LEU B 599 -13.26 9.49 41.59
C LEU B 599 -13.88 8.18 42.05
N PRO B 600 -14.78 8.23 43.04
CA PRO B 600 -15.27 6.98 43.64
C PRO B 600 -15.90 6.03 42.63
N PHE B 601 -16.53 6.56 41.58
CA PHE B 601 -17.20 5.72 40.60
C PHE B 601 -16.23 5.13 39.58
N GLN B 602 -15.05 5.71 39.43
CA GLN B 602 -14.12 5.29 38.39
C GLN B 602 -13.32 4.07 38.84
N GLN B 603 -13.02 3.20 37.88
CA GLN B 603 -12.22 2.01 38.13
C GLN B 603 -10.92 2.00 37.32
N PHE B 604 -10.98 2.32 36.04
CA PHE B 604 -9.86 2.12 35.14
C PHE B 604 -9.35 3.46 34.63
N GLY B 605 -8.04 3.55 34.44
CA GLY B 605 -7.42 4.74 33.86
C GLY B 605 -6.86 4.42 32.49
N ARG B 606 -6.76 5.44 31.64
CA ARG B 606 -6.19 5.31 30.32
C ARG B 606 -5.32 6.53 30.01
N ASP B 607 -4.43 6.34 29.05
CA ASP B 607 -3.56 7.40 28.57
C ASP B 607 -4.13 7.97 27.27
N ILE B 608 -3.37 8.86 26.62
CA ILE B 608 -3.82 9.44 25.36
C ILE B 608 -4.03 8.36 24.32
N ALA B 609 -3.23 7.30 24.37
CA ALA B 609 -3.36 6.19 23.42
C ALA B 609 -4.54 5.29 23.71
N ASP B 610 -5.23 5.49 24.83
CA ASP B 610 -6.36 4.66 25.25
C ASP B 610 -5.94 3.29 25.75
N THR B 611 -4.75 3.20 26.34
CA THR B 611 -4.27 1.96 26.93
C THR B 611 -4.46 1.99 28.43
N THR B 612 -4.81 0.85 29.01
CA THR B 612 -5.17 0.76 30.43
C THR B 612 -3.91 0.96 31.27
N ASP B 613 -3.68 2.19 31.71
CA ASP B 613 -2.52 2.54 32.52
C ASP B 613 -2.84 2.65 34.00
N ALA B 614 -4.03 2.20 34.42
CA ALA B 614 -4.38 2.20 35.83
C ALA B 614 -5.55 1.25 36.05
N VAL B 615 -5.73 0.83 37.30
CA VAL B 615 -6.75 -0.14 37.66
C VAL B 615 -7.16 0.11 39.11
N ARG B 616 -8.41 -0.20 39.41
CA ARG B 616 -8.95 -0.12 40.76
C ARG B 616 -9.11 -1.54 41.29
N ASP B 617 -8.52 -1.81 42.44
CA ASP B 617 -8.53 -3.16 42.99
C ASP B 617 -9.95 -3.51 43.44
N PRO B 618 -10.56 -4.58 42.91
CA PRO B 618 -11.92 -4.91 43.35
C PRO B 618 -12.00 -5.31 44.81
N GLN B 619 -10.98 -5.99 45.33
CA GLN B 619 -11.05 -6.48 46.71
C GLN B 619 -11.02 -5.33 47.71
N THR B 620 -10.12 -4.36 47.49
CA THR B 620 -10.02 -3.18 48.32
C THR B 620 -9.94 -1.95 47.44
N LEU B 621 -10.49 -0.84 47.91
CA LEU B 621 -10.55 0.37 47.10
C LEU B 621 -9.17 1.00 46.98
N GLU B 622 -8.30 0.40 46.17
CA GLU B 622 -6.97 0.91 45.90
C GLU B 622 -6.78 1.05 44.41
N ILE B 623 -6.04 2.08 44.00
CA ILE B 623 -5.80 2.40 42.59
C ILE B 623 -4.33 2.17 42.30
N LEU B 624 -4.05 1.26 41.38
CA LEU B 624 -2.68 0.90 41.02
C LEU B 624 -2.46 1.13 39.53
N ASP B 625 -1.31 1.72 39.21
CA ASP B 625 -0.95 1.93 37.81
C ASP B 625 -0.23 0.71 37.25
N ILE B 626 -0.44 0.47 35.97
CA ILE B 626 0.08 -0.72 35.30
C ILE B 626 1.08 -0.23 34.26
N THR B 627 2.36 -0.19 34.64
CA THR B 627 3.40 0.10 33.66
C THR B 627 3.71 -1.18 32.85
N PRO B 628 4.17 -1.02 31.62
CA PRO B 628 4.48 -2.20 30.81
C PRO B 628 5.76 -2.86 31.26
N CYS B 629 5.77 -4.20 31.24
CA CYS B 629 6.95 -4.94 31.64
C CYS B 629 8.11 -4.59 30.72
N SER B 630 9.32 -4.54 31.28
CA SER B 630 10.47 -4.08 30.54
C SER B 630 10.65 -4.90 29.27
N PHE B 631 10.86 -4.20 28.15
CA PHE B 631 11.05 -4.86 26.87
C PHE B 631 11.96 -4.00 26.01
N GLY B 632 12.58 -4.63 25.01
CA GLY B 632 13.43 -3.92 24.08
C GLY B 632 14.15 -4.87 23.15
N GLY B 633 14.60 -4.34 22.01
CA GLY B 633 15.35 -5.15 21.08
C GLY B 633 16.73 -5.50 21.61
N VAL B 634 17.28 -6.58 21.05
CA VAL B 634 18.61 -7.06 21.42
C VAL B 634 19.48 -7.02 20.18
N SER B 635 20.61 -6.32 20.25
CA SER B 635 21.55 -6.23 19.15
C SER B 635 22.87 -6.84 19.56
N VAL B 636 23.49 -7.58 18.65
CA VAL B 636 24.73 -8.28 18.89
C VAL B 636 25.84 -7.56 18.12
N ILE B 637 26.82 -7.06 18.83
CA ILE B 637 27.97 -6.39 18.22
C ILE B 637 29.05 -7.45 17.99
N THR B 638 29.44 -7.62 16.72
CA THR B 638 30.44 -8.60 16.37
C THR B 638 31.49 -7.97 15.47
N PRO B 639 32.78 -8.28 15.67
CA PRO B 639 33.81 -7.77 14.76
C PRO B 639 33.96 -8.57 13.49
N GLY B 640 33.14 -9.59 13.27
CA GLY B 640 33.25 -10.42 12.09
C GLY B 640 33.83 -11.78 12.40
N THR B 641 33.14 -12.83 11.98
CA THR B 641 33.64 -14.18 12.22
C THR B 641 35.02 -14.38 11.60
N ASN B 642 35.31 -13.67 10.51
CA ASN B 642 36.64 -13.75 9.92
C ASN B 642 37.72 -13.26 10.88
N THR B 643 37.36 -12.46 11.87
CA THR B 643 38.31 -11.93 12.85
C THR B 643 38.26 -12.70 14.16
N SER B 644 37.09 -12.84 14.76
CA SER B 644 36.95 -13.59 16.00
C SER B 644 35.49 -13.96 16.18
N ASN B 645 35.25 -14.86 17.13
CA ASN B 645 33.90 -15.29 17.49
C ASN B 645 33.40 -14.63 18.76
N GLN B 646 34.10 -13.61 19.25
CA GLN B 646 33.70 -12.89 20.45
C GLN B 646 32.73 -11.77 20.08
N VAL B 647 31.67 -11.63 20.87
CA VAL B 647 30.62 -10.66 20.58
C VAL B 647 30.20 -9.94 21.86
N ALA B 648 29.55 -8.80 21.67
CA ALA B 648 28.93 -8.05 22.75
C ALA B 648 27.44 -7.89 22.44
N VAL B 649 26.63 -7.74 23.49
CA VAL B 649 25.19 -7.69 23.37
C VAL B 649 24.69 -6.36 23.89
N LEU B 650 23.70 -5.79 23.21
CA LEU B 650 23.10 -4.52 23.57
C LEU B 650 21.62 -4.74 23.81
N TYR B 651 21.16 -4.43 25.02
CA TYR B 651 19.74 -4.52 25.37
C TYR B 651 19.18 -3.11 25.27
N GLN B 652 18.58 -2.80 24.11
CA GLN B 652 18.19 -1.43 23.83
C GLN B 652 17.13 -0.95 24.81
N GLY B 653 17.33 0.26 25.33
CA GLY B 653 16.34 0.92 26.16
C GLY B 653 16.00 0.23 27.46
N VAL B 654 17.01 -0.21 28.20
CA VAL B 654 16.81 -0.78 29.53
C VAL B 654 17.80 -0.14 30.49
N ASN B 655 17.34 0.20 31.69
CA ASN B 655 18.19 0.86 32.68
C ASN B 655 19.26 -0.09 33.19
N CYS B 656 19.24 -1.33 32.70
CA CYS B 656 20.35 -2.27 32.75
C CYS B 656 20.49 -3.03 34.06
N THR B 657 19.52 -2.96 34.96
CA THR B 657 19.45 -3.85 36.11
C THR B 657 18.42 -4.95 35.91
N GLU B 658 17.85 -5.07 34.71
CA GLU B 658 16.83 -6.07 34.43
C GLU B 658 17.43 -7.39 33.96
N VAL B 659 18.48 -7.33 33.15
CA VAL B 659 19.10 -8.55 32.62
C VAL B 659 19.62 -9.40 33.77
N ASN B 680 32.25 -5.86 32.90
CA ASN B 680 31.86 -6.20 31.54
C ASN B 680 30.43 -5.75 31.24
N VAL B 681 29.87 -4.92 32.12
CA VAL B 681 28.54 -4.36 31.96
C VAL B 681 28.67 -2.85 31.92
N PHE B 682 28.18 -2.24 30.84
CA PHE B 682 28.27 -0.80 30.64
C PHE B 682 26.88 -0.26 30.35
N GLN B 683 26.45 0.73 31.13
CA GLN B 683 25.13 1.34 30.99
C GLN B 683 25.29 2.60 30.13
N THR B 684 24.81 2.53 28.89
CA THR B 684 24.89 3.63 27.96
C THR B 684 23.51 4.30 27.82
N ARG B 685 23.45 5.32 26.97
CA ARG B 685 22.18 5.94 26.65
C ARG B 685 21.30 5.03 25.80
N ALA B 686 21.83 3.91 25.32
CA ALA B 686 21.07 2.94 24.54
C ALA B 686 20.63 1.74 25.36
N GLY B 687 21.36 1.38 26.41
CA GLY B 687 20.98 0.28 27.27
C GLY B 687 22.20 -0.47 27.77
N CYS B 688 21.98 -1.70 28.22
CA CYS B 688 23.09 -2.55 28.62
C CYS B 688 24.04 -2.75 27.45
N LEU B 689 25.33 -2.85 27.76
CA LEU B 689 26.34 -3.30 26.81
C LEU B 689 27.13 -4.39 27.51
N ILE B 690 26.72 -5.64 27.29
CA ILE B 690 27.33 -6.79 27.94
C ILE B 690 28.46 -7.30 27.07
N GLY B 691 29.61 -7.55 27.68
CA GLY B 691 30.74 -8.12 26.98
C GLY B 691 31.63 -7.12 26.28
N ALA B 692 31.43 -5.82 26.51
CA ALA B 692 32.27 -4.78 25.94
C ALA B 692 32.94 -4.01 27.05
N GLU B 693 34.26 -3.82 26.92
CA GLU B 693 35.02 -3.09 27.92
C GLU B 693 34.94 -1.59 27.65
N HIS B 694 34.64 -0.82 28.70
CA HIS B 694 34.51 0.62 28.57
C HIS B 694 35.87 1.27 28.77
N VAL B 695 36.35 1.96 27.76
CA VAL B 695 37.64 2.64 27.82
C VAL B 695 37.41 4.14 27.82
N ASN B 696 38.40 4.87 28.34
CA ASN B 696 38.31 6.33 28.46
C ASN B 696 38.90 7.06 27.27
N ASN B 697 39.44 6.35 26.29
CA ASN B 697 40.01 6.97 25.10
C ASN B 697 38.89 7.33 24.14
N SER B 698 39.25 7.73 22.92
CA SER B 698 38.27 8.06 21.90
C SER B 698 38.90 7.85 20.53
N TYR B 699 38.24 7.05 19.70
CA TYR B 699 38.73 6.71 18.38
C TYR B 699 37.63 6.94 17.36
N GLU B 700 38.00 6.89 16.09
CA GLU B 700 37.01 6.98 15.02
C GLU B 700 36.00 5.86 15.17
N CYS B 701 34.72 6.19 14.97
CA CYS B 701 33.67 5.20 15.14
C CYS B 701 33.89 4.02 14.20
N ASP B 702 33.77 2.81 14.74
CA ASP B 702 33.87 1.59 13.98
C ASP B 702 32.53 0.86 13.88
N ILE B 703 31.91 0.57 15.01
CA ILE B 703 30.57 -0.01 15.04
C ILE B 703 29.65 0.95 15.78
N PRO B 704 28.70 1.61 15.11
CA PRO B 704 27.83 2.56 15.82
C PRO B 704 26.89 1.84 16.77
N ILE B 705 26.95 2.22 18.05
CA ILE B 705 26.09 1.63 19.06
C ILE B 705 24.91 2.56 19.34
N GLY B 706 25.22 3.76 19.80
CA GLY B 706 24.16 4.67 20.24
C GLY B 706 24.56 6.12 20.27
N ALA B 707 24.11 6.84 21.30
CA ALA B 707 24.31 8.29 21.40
C ALA B 707 25.79 8.56 21.62
N GLY B 708 26.55 8.53 20.53
CA GLY B 708 27.96 8.83 20.56
C GLY B 708 28.86 7.70 20.98
N ILE B 709 28.32 6.51 21.22
CA ILE B 709 29.09 5.36 21.67
C ILE B 709 29.32 4.44 20.48
N CYS B 710 30.55 3.97 20.33
CA CYS B 710 30.91 3.03 19.28
C CYS B 710 31.75 1.91 19.87
N ALA B 711 31.82 0.80 19.14
CA ALA B 711 32.57 -0.37 19.59
C ALA B 711 33.58 -0.80 18.54
N SER B 712 34.70 -1.34 19.01
CA SER B 712 35.75 -1.82 18.14
C SER B 712 36.38 -3.05 18.77
N TYR B 713 37.12 -3.79 17.94
CA TYR B 713 37.85 -4.97 18.38
C TYR B 713 39.33 -4.61 18.39
N GLN B 714 39.88 -4.40 19.58
CA GLN B 714 41.26 -3.94 19.72
C GLN B 714 41.87 -4.55 20.96
N THR B 715 43.20 -4.50 21.03
CA THR B 715 43.94 -5.01 22.18
C THR B 715 43.46 -4.34 23.47
N SER B 728 44.89 -11.29 23.37
CA SER B 728 44.49 -10.31 24.39
C SER B 728 43.45 -9.35 23.86
N GLN B 729 43.06 -9.52 22.60
CA GLN B 729 42.08 -8.65 21.98
C GLN B 729 40.72 -8.82 22.62
N SER B 730 39.97 -7.73 22.69
CA SER B 730 38.62 -7.74 23.23
C SER B 730 37.80 -6.66 22.53
N ILE B 731 36.54 -6.54 22.94
CA ILE B 731 35.64 -5.54 22.39
C ILE B 731 35.56 -4.37 23.36
N ILE B 732 35.79 -3.17 22.85
CA ILE B 732 35.88 -1.96 23.67
C ILE B 732 34.76 -1.02 23.28
N ALA B 733 34.17 -0.37 24.27
CA ALA B 733 33.14 0.64 24.06
C ALA B 733 33.68 1.99 24.48
N TYR B 734 33.59 2.96 23.58
CA TYR B 734 34.19 4.28 23.80
C TYR B 734 33.25 5.34 23.25
N THR B 735 33.66 6.60 23.39
CA THR B 735 32.96 7.73 22.81
C THR B 735 33.69 8.16 21.54
N MET B 736 32.96 8.22 20.43
CA MET B 736 33.59 8.46 19.14
C MET B 736 34.30 9.80 19.14
N SER B 737 35.44 9.87 18.46
CA SER B 737 36.21 11.10 18.29
C SER B 737 35.83 11.74 16.97
N LEU B 738 35.48 13.03 17.02
CA LEU B 738 35.03 13.70 15.81
C LEU B 738 36.19 13.99 14.86
N GLY B 739 37.38 14.19 15.39
CA GLY B 739 38.53 14.44 14.53
C GLY B 739 39.69 14.97 15.34
N ALA B 740 40.79 15.19 14.63
CA ALA B 740 42.00 15.69 15.27
C ALA B 740 41.79 17.12 15.76
N GLU B 741 42.25 17.39 16.98
CA GLU B 741 42.12 18.72 17.56
C GLU B 741 43.14 19.64 16.92
N ASN B 742 42.66 20.70 16.26
CA ASN B 742 43.51 21.63 15.55
C ASN B 742 43.07 23.05 15.85
N SER B 743 44.04 23.97 15.86
CA SER B 743 43.79 25.39 16.11
C SER B 743 44.65 26.18 15.13
N VAL B 744 44.03 26.68 14.06
CA VAL B 744 44.77 27.44 13.07
C VAL B 744 45.32 28.70 13.69
N ALA B 745 46.55 29.06 13.31
CA ALA B 745 47.28 30.16 13.92
C ALA B 745 46.84 31.48 13.30
N TYR B 746 45.58 31.82 13.54
CA TYR B 746 45.03 33.05 12.99
C TYR B 746 45.67 34.27 13.64
N SER B 747 45.96 35.27 12.81
CA SER B 747 46.43 36.56 13.27
C SER B 747 45.98 37.60 12.26
N ASN B 748 45.92 38.86 12.70
CA ASN B 748 45.39 39.90 11.84
C ASN B 748 46.37 40.37 10.78
N ASN B 749 47.63 39.92 10.83
CA ASN B 749 48.61 40.34 9.84
C ASN B 749 49.52 39.17 9.43
N SER B 750 48.99 37.96 9.43
CA SER B 750 49.76 36.78 9.01
C SER B 750 48.92 35.96 8.05
N ILE B 751 49.55 35.47 6.99
CA ILE B 751 48.90 34.65 5.98
C ILE B 751 49.79 33.45 5.70
N ALA B 752 49.15 32.36 5.26
CA ALA B 752 49.85 31.16 4.85
C ALA B 752 49.61 30.93 3.36
N ILE B 753 50.69 30.80 2.60
CA ILE B 753 50.64 30.63 1.16
C ILE B 753 51.22 29.27 0.82
N PRO B 754 50.53 28.43 0.04
CA PRO B 754 51.13 27.16 -0.37
C PRO B 754 52.39 27.40 -1.20
N THR B 755 53.39 26.54 -0.99
CA THR B 755 54.62 26.58 -1.76
C THR B 755 54.74 25.43 -2.74
N ASN B 756 53.87 24.44 -2.66
CA ASN B 756 53.89 23.28 -3.55
C ASN B 756 52.44 22.90 -3.84
N PHE B 757 52.24 21.72 -4.41
CA PHE B 757 50.91 21.21 -4.67
C PHE B 757 50.97 19.70 -4.81
N THR B 758 49.80 19.08 -4.74
CA THR B 758 49.65 17.65 -4.92
C THR B 758 48.51 17.41 -5.89
N ILE B 759 48.75 16.57 -6.90
CA ILE B 759 47.71 16.17 -7.84
C ILE B 759 47.09 14.89 -7.29
N SER B 760 45.86 14.99 -6.80
CA SER B 760 45.17 13.88 -6.17
C SER B 760 44.04 13.41 -7.07
N VAL B 761 43.98 12.10 -7.29
CA VAL B 761 42.92 11.47 -8.06
C VAL B 761 42.11 10.61 -7.10
N THR B 762 40.81 10.88 -7.02
CA THR B 762 39.91 10.15 -6.13
C THR B 762 38.75 9.61 -6.93
N THR B 763 38.17 8.51 -6.45
CA THR B 763 37.11 7.82 -7.16
C THR B 763 35.77 8.11 -6.51
N GLU B 764 34.76 8.43 -7.33
CA GLU B 764 33.39 8.58 -6.89
C GLU B 764 32.55 7.55 -7.62
N ILE B 765 31.83 6.73 -6.87
CA ILE B 765 31.04 5.63 -7.41
C ILE B 765 29.57 5.95 -7.24
N LEU B 766 28.80 5.78 -8.31
CA LEU B 766 27.39 6.15 -8.28
C LEU B 766 26.54 5.09 -8.97
N PRO B 767 25.55 4.51 -8.29
CA PRO B 767 24.59 3.65 -8.99
C PRO B 767 23.84 4.42 -10.06
N VAL B 768 23.56 3.75 -11.18
CA VAL B 768 22.87 4.35 -12.30
C VAL B 768 21.57 3.64 -12.63
N SER B 769 21.55 2.30 -12.57
CA SER B 769 20.37 1.55 -12.94
C SER B 769 20.29 0.29 -12.11
N MET B 770 19.14 -0.38 -12.19
CA MET B 770 18.90 -1.66 -11.55
C MET B 770 18.64 -2.73 -12.61
N THR B 771 18.55 -3.98 -12.15
CA THR B 771 18.13 -5.06 -13.03
C THR B 771 16.67 -4.88 -13.40
N LYS B 772 16.35 -5.12 -14.67
CA LYS B 772 15.00 -4.96 -15.18
C LYS B 772 14.25 -6.28 -15.00
N THR B 773 13.58 -6.41 -13.86
CA THR B 773 12.80 -7.59 -13.53
C THR B 773 11.32 -7.27 -13.67
N SER B 774 10.59 -8.12 -14.39
CA SER B 774 9.15 -7.99 -14.55
C SER B 774 8.48 -9.24 -14.02
N VAL B 775 7.42 -9.05 -13.24
CA VAL B 775 6.65 -10.14 -12.66
C VAL B 775 5.28 -10.17 -13.30
N ASP B 776 4.65 -11.34 -13.25
CA ASP B 776 3.34 -11.55 -13.84
C ASP B 776 2.39 -12.08 -12.77
N CYS B 777 1.25 -11.43 -12.63
CA CYS B 777 0.24 -11.89 -11.68
C CYS B 777 -0.25 -13.29 -12.02
N THR B 778 -0.93 -13.41 -13.15
CA THR B 778 -1.58 -14.68 -13.50
C THR B 778 -0.61 -15.85 -13.49
N MET B 779 0.69 -15.61 -13.37
CA MET B 779 1.68 -16.66 -13.17
C MET B 779 2.16 -16.70 -11.72
N TYR B 780 2.41 -15.55 -11.12
CA TYR B 780 2.91 -15.53 -9.75
C TYR B 780 1.83 -15.94 -8.76
N ILE B 781 0.70 -15.22 -8.77
CA ILE B 781 -0.36 -15.50 -7.82
C ILE B 781 -0.86 -16.93 -7.97
N CYS B 782 -1.11 -17.34 -9.21
CA CYS B 782 -1.54 -18.72 -9.47
C CYS B 782 -1.27 -19.05 -10.92
N GLY B 783 -0.31 -19.93 -11.16
CA GLY B 783 0.05 -20.34 -12.50
C GLY B 783 -0.72 -21.59 -12.90
N ASP B 784 -1.19 -21.61 -14.14
CA ASP B 784 -1.78 -22.80 -14.75
C ASP B 784 -3.17 -23.09 -14.19
N SER B 785 -3.60 -22.34 -13.19
CA SER B 785 -4.84 -22.61 -12.47
C SER B 785 -5.92 -21.68 -13.01
N THR B 786 -6.66 -22.16 -14.02
CA THR B 786 -7.80 -21.40 -14.50
C THR B 786 -8.84 -21.20 -13.40
N GLU B 787 -8.90 -22.13 -12.45
CA GLU B 787 -9.82 -21.96 -11.33
C GLU B 787 -9.49 -20.71 -10.53
N CYS B 788 -8.21 -20.47 -10.27
CA CYS B 788 -7.82 -19.25 -9.57
C CYS B 788 -7.90 -18.04 -10.49
N SER B 789 -7.44 -18.18 -11.74
CA SER B 789 -7.44 -17.04 -12.65
C SER B 789 -8.82 -16.40 -12.72
N ASN B 790 -9.86 -17.21 -12.79
CA ASN B 790 -11.22 -16.66 -12.79
C ASN B 790 -11.50 -15.94 -11.47
N LEU B 791 -11.05 -16.51 -10.36
CA LEU B 791 -11.23 -15.84 -9.07
C LEU B 791 -10.48 -14.53 -9.03
N LEU B 792 -9.24 -14.50 -9.55
CA LEU B 792 -8.45 -13.29 -9.51
C LEU B 792 -9.06 -12.18 -10.36
N LEU B 793 -9.86 -12.53 -11.37
CA LEU B 793 -10.52 -11.49 -12.16
C LEU B 793 -11.48 -10.67 -11.33
N GLN B 794 -12.05 -11.27 -10.28
CA GLN B 794 -12.99 -10.55 -9.44
C GLN B 794 -12.34 -9.39 -8.70
N TYR B 795 -11.01 -9.34 -8.64
CA TYR B 795 -10.28 -8.28 -7.97
C TYR B 795 -10.01 -7.09 -8.88
N GLY B 796 -10.64 -7.04 -10.05
CA GLY B 796 -10.48 -5.89 -10.92
C GLY B 796 -9.07 -5.80 -11.47
N SER B 797 -8.64 -4.56 -11.74
CA SER B 797 -7.35 -4.31 -12.35
C SER B 797 -6.30 -4.00 -11.28
N PHE B 798 -6.13 -4.92 -10.34
CA PHE B 798 -5.01 -4.91 -9.42
C PHE B 798 -3.74 -5.46 -10.04
N CYS B 799 -3.80 -5.93 -11.29
CA CYS B 799 -2.67 -6.63 -11.88
C CYS B 799 -2.23 -6.08 -13.23
N THR B 800 -3.06 -5.29 -13.91
CA THR B 800 -2.53 -4.44 -14.96
C THR B 800 -1.76 -3.29 -14.35
N GLN B 801 -2.09 -2.92 -13.11
CA GLN B 801 -1.37 -1.85 -12.43
C GLN B 801 0.04 -2.31 -12.06
N LEU B 802 0.15 -3.48 -11.43
CA LEU B 802 1.46 -3.96 -11.02
C LEU B 802 2.36 -4.22 -12.22
N ASN B 803 1.82 -4.83 -13.28
CA ASN B 803 2.59 -5.00 -14.50
C ASN B 803 2.96 -3.65 -15.10
N ARG B 804 2.01 -2.70 -15.09
CA ARG B 804 2.31 -1.37 -15.59
C ARG B 804 3.36 -0.68 -14.73
N ALA B 805 3.27 -0.84 -13.41
CA ALA B 805 4.25 -0.22 -12.53
C ALA B 805 5.63 -0.83 -12.73
N LEU B 806 5.72 -2.15 -12.84
CA LEU B 806 7.02 -2.80 -12.99
C LEU B 806 7.64 -2.50 -14.35
N THR B 807 6.84 -2.55 -15.42
CA THR B 807 7.39 -2.24 -16.74
C THR B 807 7.79 -0.78 -16.83
N GLY B 808 7.10 0.10 -16.11
CA GLY B 808 7.53 1.49 -16.07
C GLY B 808 8.91 1.65 -15.45
N ILE B 809 9.19 0.89 -14.40
CA ILE B 809 10.52 0.92 -13.79
C ILE B 809 11.57 0.44 -14.77
N ALA B 810 11.26 -0.65 -15.49
CA ALA B 810 12.24 -1.22 -16.41
C ALA B 810 12.62 -0.22 -17.50
N VAL B 811 11.63 0.47 -18.07
CA VAL B 811 11.93 1.48 -19.08
C VAL B 811 12.75 2.61 -18.48
N GLU B 812 12.53 2.91 -17.20
CA GLU B 812 13.28 3.97 -16.55
C GLU B 812 14.77 3.62 -16.46
N GLN B 813 15.08 2.34 -16.23
CA GLN B 813 16.48 1.95 -16.11
C GLN B 813 17.24 2.23 -17.38
N ASP B 814 16.63 1.95 -18.54
CA ASP B 814 17.28 2.27 -19.81
C ASP B 814 17.46 3.77 -19.96
N LYS B 815 16.47 4.56 -19.52
CA LYS B 815 16.59 6.01 -19.58
C LYS B 815 17.72 6.50 -18.68
N ASN B 816 17.87 5.89 -17.51
CA ASN B 816 18.94 6.29 -16.59
C ASN B 816 20.31 6.14 -17.25
N THR B 817 20.55 4.99 -17.87
CA THR B 817 21.83 4.76 -18.52
C THR B 817 22.02 5.70 -19.70
N GLN B 818 20.95 5.96 -20.45
CA GLN B 818 21.07 6.80 -21.64
C GLN B 818 21.51 8.21 -21.29
N GLU B 819 20.94 8.78 -20.24
CA GLU B 819 21.21 10.18 -19.92
C GLU B 819 22.50 10.39 -19.17
N VAL B 820 23.19 9.32 -18.78
CA VAL B 820 24.47 9.43 -18.09
C VAL B 820 25.64 9.23 -19.05
N PHE B 821 25.51 8.29 -19.98
CA PHE B 821 26.59 7.94 -20.90
C PHE B 821 26.39 8.47 -22.30
N ALA B 822 25.17 8.44 -22.84
CA ALA B 822 24.90 8.89 -24.20
C ALA B 822 24.86 10.42 -24.25
N GLN B 823 25.98 11.03 -23.87
CA GLN B 823 26.12 12.48 -23.83
C GLN B 823 27.08 13.00 -24.90
N VAL B 824 27.50 12.14 -25.83
CA VAL B 824 28.41 12.52 -26.91
C VAL B 824 27.70 12.27 -28.22
N LYS B 825 27.69 13.30 -29.09
CA LYS B 825 27.05 13.14 -30.39
C LYS B 825 27.76 12.09 -31.22
N GLN B 826 29.09 12.06 -31.17
CA GLN B 826 29.89 11.18 -32.01
C GLN B 826 30.94 10.49 -31.16
N ILE B 827 31.41 9.35 -31.66
CA ILE B 827 32.36 8.51 -30.93
C ILE B 827 33.76 8.99 -31.27
N TYR B 828 34.44 9.58 -30.29
CA TYR B 828 35.79 10.08 -30.49
C TYR B 828 36.81 8.98 -30.26
N LYS B 829 37.99 9.16 -30.86
CA LYS B 829 39.09 8.23 -30.75
C LYS B 829 40.37 9.00 -30.44
N THR B 830 41.21 8.41 -29.59
CA THR B 830 42.51 9.02 -29.36
C THR B 830 43.46 8.69 -30.51
N PRO B 831 44.45 9.55 -30.76
CA PRO B 831 45.38 9.27 -31.85
C PRO B 831 46.23 8.06 -31.53
N PRO B 832 46.71 7.34 -32.55
CA PRO B 832 47.58 6.19 -32.25
C PRO B 832 48.85 6.56 -31.50
N ILE B 833 49.41 7.73 -31.78
CA ILE B 833 50.60 8.22 -31.09
C ILE B 833 50.12 9.03 -29.90
N LYS B 834 50.20 8.42 -28.71
CA LYS B 834 49.65 9.02 -27.49
C LYS B 834 50.76 9.78 -26.78
N ASP B 835 50.94 11.04 -27.16
CA ASP B 835 51.93 11.93 -26.56
C ASP B 835 51.17 13.08 -25.90
N PHE B 836 50.80 12.90 -24.64
CA PHE B 836 49.98 13.86 -23.90
C PHE B 836 50.82 14.63 -22.89
N GLY B 837 52.06 14.96 -23.24
CA GLY B 837 52.88 15.78 -22.39
C GLY B 837 53.40 15.10 -21.15
N GLY B 838 53.44 13.76 -21.13
CA GLY B 838 53.93 13.01 -19.99
C GLY B 838 52.86 12.28 -19.23
N PHE B 839 51.58 12.55 -19.50
CA PHE B 839 50.48 11.83 -18.89
C PHE B 839 50.18 10.59 -19.73
N ASN B 840 50.14 9.43 -19.09
CA ASN B 840 49.69 8.20 -19.76
C ASN B 840 48.36 7.80 -19.16
N PHE B 841 47.34 7.74 -20.02
CA PHE B 841 46.01 7.27 -19.64
C PHE B 841 45.77 5.83 -20.06
N SER B 842 46.84 5.04 -20.13
CA SER B 842 46.73 3.68 -20.64
C SER B 842 45.80 2.84 -19.78
N GLN B 843 45.82 3.04 -18.46
CA GLN B 843 45.01 2.25 -17.56
C GLN B 843 43.54 2.64 -17.60
N ILE B 844 43.19 3.76 -18.21
CA ILE B 844 41.80 4.15 -18.37
C ILE B 844 41.35 4.18 -19.82
N LEU B 845 42.27 4.20 -20.77
CA LEU B 845 41.87 4.08 -22.16
C LEU B 845 41.62 2.61 -22.51
N PRO B 846 40.73 2.35 -23.47
CA PRO B 846 40.45 0.96 -23.83
C PRO B 846 41.66 0.26 -24.40
N ASP B 847 41.77 -1.04 -24.14
CA ASP B 847 42.82 -1.86 -24.70
C ASP B 847 42.23 -2.75 -25.77
N PRO B 848 42.72 -2.70 -27.02
CA PRO B 848 42.10 -3.50 -28.08
C PRO B 848 42.22 -5.00 -27.87
N SER B 849 43.16 -5.45 -27.03
CA SER B 849 43.39 -6.89 -26.89
C SER B 849 42.14 -7.60 -26.42
N LYS B 850 41.50 -7.08 -25.38
CA LYS B 850 40.35 -7.76 -24.80
C LYS B 850 39.15 -7.69 -25.75
N PRO B 851 38.33 -8.74 -25.79
CA PRO B 851 37.14 -8.69 -26.66
C PRO B 851 36.17 -7.59 -26.28
N SER B 852 36.05 -7.26 -25.00
CA SER B 852 35.14 -6.22 -24.55
C SER B 852 35.66 -4.82 -24.79
N LYS B 853 36.92 -4.68 -25.21
CA LYS B 853 37.51 -3.37 -25.45
C LYS B 853 37.33 -2.47 -24.22
N ARG B 854 37.55 -3.06 -23.06
CA ARG B 854 37.35 -2.39 -21.78
C ARG B 854 38.68 -1.98 -21.18
N SER B 855 38.74 -0.77 -20.63
CA SER B 855 39.96 -0.28 -20.04
C SER B 855 40.40 -1.19 -18.89
N PHE B 856 41.66 -1.02 -18.48
CA PHE B 856 42.20 -1.86 -17.42
C PHE B 856 41.43 -1.67 -16.13
N ILE B 857 41.15 -0.42 -15.75
CA ILE B 857 40.46 -0.16 -14.50
C ILE B 857 39.02 -0.63 -14.57
N GLU B 858 38.37 -0.46 -15.72
CA GLU B 858 37.00 -0.93 -15.87
C GLU B 858 36.91 -2.44 -15.72
N ASP B 859 37.96 -3.17 -16.11
CA ASP B 859 37.97 -4.61 -15.89
C ASP B 859 38.01 -4.94 -14.42
N LEU B 860 38.79 -4.19 -13.63
CA LEU B 860 38.81 -4.41 -12.19
C LEU B 860 37.44 -4.19 -11.59
N LEU B 861 36.75 -3.12 -12.01
CA LEU B 861 35.43 -2.84 -11.47
C LEU B 861 34.45 -3.96 -11.77
N PHE B 862 34.49 -4.49 -13.00
CA PHE B 862 33.52 -5.52 -13.37
C PHE B 862 33.78 -6.82 -12.63
N ASN B 863 35.05 -7.13 -12.37
CA ASN B 863 35.37 -8.35 -11.63
C ASN B 863 34.97 -8.24 -10.17
N LYS B 864 35.12 -7.05 -9.58
CA LYS B 864 34.86 -6.90 -8.15
C LYS B 864 33.40 -7.13 -7.83
N VAL B 865 32.49 -6.60 -8.65
CA VAL B 865 31.06 -6.75 -8.39
C VAL B 865 30.62 -8.13 -8.85
N THR B 866 30.14 -8.94 -7.92
CA THR B 866 29.70 -10.29 -8.22
C THR B 866 28.53 -10.69 -7.35
N LYS B 893 13.57 -18.10 -15.47
CA LYS B 893 13.19 -19.51 -15.45
C LYS B 893 12.57 -19.87 -14.11
N PHE B 894 11.70 -19.00 -13.62
CA PHE B 894 10.97 -19.21 -12.37
C PHE B 894 9.49 -18.97 -12.62
N ASN B 895 8.71 -18.94 -11.55
CA ASN B 895 7.25 -18.84 -11.65
C ASN B 895 6.86 -17.37 -11.74
N GLY B 896 6.77 -16.88 -12.97
CA GLY B 896 6.28 -15.54 -13.23
C GLY B 896 7.34 -14.46 -13.22
N LEU B 897 8.57 -14.77 -12.84
CA LEU B 897 9.64 -13.78 -12.74
C LEU B 897 10.57 -13.92 -13.92
N THR B 898 10.83 -12.80 -14.59
CA THR B 898 11.76 -12.75 -15.71
C THR B 898 12.63 -11.51 -15.59
N VAL B 899 13.85 -11.60 -16.12
CA VAL B 899 14.80 -10.51 -16.11
C VAL B 899 15.00 -10.06 -17.55
N LEU B 900 14.83 -8.77 -17.80
CA LEU B 900 14.96 -8.21 -19.14
C LEU B 900 16.36 -7.66 -19.33
N PRO B 901 17.04 -7.93 -20.45
CA PRO B 901 18.39 -7.40 -20.63
C PRO B 901 18.36 -5.89 -20.78
N PRO B 902 19.39 -5.20 -20.34
CA PRO B 902 19.45 -3.75 -20.58
C PRO B 902 19.56 -3.44 -22.05
N LEU B 903 19.03 -2.28 -22.44
CA LEU B 903 19.04 -1.88 -23.84
C LEU B 903 20.47 -1.72 -24.35
N LEU B 904 21.35 -1.14 -23.53
CA LEU B 904 22.74 -0.93 -23.89
C LEU B 904 23.59 -2.04 -23.30
N THR B 905 24.28 -2.79 -24.14
CA THR B 905 25.18 -3.81 -23.66
C THR B 905 26.38 -3.19 -22.95
N ASP B 906 27.05 -3.99 -22.13
CA ASP B 906 28.22 -3.48 -21.42
C ASP B 906 29.29 -2.97 -22.37
N GLU B 907 29.42 -3.59 -23.55
CA GLU B 907 30.36 -3.10 -24.54
C GLU B 907 29.98 -1.72 -25.04
N MET B 908 28.68 -1.50 -25.29
CA MET B 908 28.23 -0.20 -25.77
C MET B 908 28.48 0.87 -24.72
N ILE B 909 28.18 0.58 -23.46
CA ILE B 909 28.44 1.54 -22.39
C ILE B 909 29.93 1.84 -22.29
N ALA B 910 30.75 0.78 -22.38
CA ALA B 910 32.20 0.98 -22.37
C ALA B 910 32.66 1.80 -23.56
N GLN B 911 31.90 1.79 -24.66
CA GLN B 911 32.26 2.60 -25.81
C GLN B 911 31.92 4.07 -25.60
N TYR B 912 30.79 4.35 -24.95
CA TYR B 912 30.45 5.73 -24.60
C TYR B 912 31.53 6.35 -23.71
N THR B 913 31.85 5.67 -22.60
CA THR B 913 32.86 6.22 -21.70
C THR B 913 34.20 6.36 -22.40
N SER B 914 34.50 5.48 -23.37
CA SER B 914 35.70 5.66 -24.16
C SER B 914 35.64 6.94 -24.98
N ALA B 915 34.50 7.21 -25.62
CA ALA B 915 34.35 8.42 -26.40
C ALA B 915 34.47 9.66 -25.53
N LEU B 916 33.82 9.64 -24.35
CA LEU B 916 33.93 10.76 -23.44
C LEU B 916 35.37 10.95 -22.98
N LEU B 917 36.07 9.86 -22.70
CA LEU B 917 37.45 9.96 -22.25
C LEU B 917 38.35 10.48 -23.37
N ALA B 918 38.18 9.98 -24.59
CA ALA B 918 38.99 10.46 -25.70
C ALA B 918 38.71 11.92 -26.00
N GLY B 919 37.44 12.32 -25.93
CA GLY B 919 37.12 13.72 -26.18
C GLY B 919 37.77 14.65 -25.18
N THR B 920 37.74 14.28 -23.91
CA THR B 920 38.38 15.11 -22.89
C THR B 920 39.88 15.18 -23.08
N ILE B 921 40.52 14.04 -23.36
CA ILE B 921 41.97 14.01 -23.46
C ILE B 921 42.45 14.84 -24.64
N THR B 922 41.69 14.85 -25.73
CA THR B 922 42.14 15.46 -26.98
C THR B 922 41.59 16.86 -27.21
N SER B 923 40.44 17.21 -26.64
CA SER B 923 39.81 18.49 -26.93
C SER B 923 39.31 19.21 -25.68
N GLY B 924 39.77 18.80 -24.51
CA GLY B 924 39.37 19.50 -23.29
C GLY B 924 37.86 19.51 -23.13
N TRP B 925 37.34 20.68 -22.79
CA TRP B 925 35.90 20.86 -22.60
C TRP B 925 35.21 21.37 -23.84
N THR B 926 35.93 21.56 -24.94
CA THR B 926 35.32 22.13 -26.14
C THR B 926 34.24 21.22 -26.70
N PHE B 927 34.51 19.92 -26.75
CA PHE B 927 33.54 19.00 -27.34
C PHE B 927 32.23 18.97 -26.56
N GLY B 928 32.25 19.37 -25.29
CA GLY B 928 31.00 19.47 -24.55
C GLY B 928 30.10 20.56 -25.08
N ALA B 929 30.68 21.67 -25.54
CA ALA B 929 29.88 22.78 -26.05
C ALA B 929 29.45 22.55 -27.49
N GLY B 930 30.43 22.41 -28.40
CA GLY B 930 30.12 22.18 -29.80
C GLY B 930 31.00 21.09 -30.39
N ALA B 931 31.63 21.38 -31.53
CA ALA B 931 32.54 20.43 -32.13
C ALA B 931 33.84 20.36 -31.32
N ALA B 932 34.42 19.17 -31.25
CA ALA B 932 35.67 19.00 -30.52
C ALA B 932 36.77 19.78 -31.22
N LEU B 933 37.50 20.60 -30.46
CA LEU B 933 38.60 21.40 -30.97
C LEU B 933 39.87 20.93 -30.29
N GLN B 934 40.74 20.27 -31.04
CA GLN B 934 41.94 19.70 -30.45
C GLN B 934 42.76 20.79 -29.77
N ILE B 935 43.63 20.37 -28.87
CA ILE B 935 44.52 21.27 -28.15
C ILE B 935 45.56 20.40 -27.45
N PRO B 936 46.83 20.76 -27.44
CA PRO B 936 47.82 19.94 -26.73
C PRO B 936 47.42 19.78 -25.27
N PHE B 937 47.57 18.57 -24.76
CA PHE B 937 47.06 18.29 -23.42
C PHE B 937 47.72 19.17 -22.38
N ALA B 938 49.04 19.36 -22.47
CA ALA B 938 49.72 20.24 -21.53
C ALA B 938 49.13 21.64 -21.57
N MET B 939 48.62 22.06 -22.74
CA MET B 939 48.07 23.41 -22.86
C MET B 939 46.69 23.53 -22.22
N GLN B 940 45.86 22.50 -22.34
CA GLN B 940 44.55 22.59 -21.70
C GLN B 940 44.67 22.45 -20.19
N MET B 941 45.64 21.66 -19.73
CA MET B 941 45.92 21.62 -18.30
C MET B 941 46.32 22.99 -17.78
N ALA B 942 47.02 23.77 -18.60
CA ALA B 942 47.33 25.14 -18.23
C ALA B 942 46.07 25.96 -18.06
N TYR B 943 45.09 25.76 -18.95
CA TYR B 943 43.81 26.45 -18.81
C TYR B 943 43.14 26.05 -17.51
N ARG B 944 43.17 24.75 -17.19
CA ARG B 944 42.51 24.26 -15.98
C ARG B 944 43.23 24.76 -14.73
N PHE B 945 44.56 24.85 -14.78
CA PHE B 945 45.28 25.54 -13.72
C PHE B 945 44.87 27.00 -13.65
N ASN B 946 44.74 27.66 -14.80
CA ASN B 946 44.31 29.04 -14.82
C ASN B 946 42.89 29.19 -14.30
N GLY B 947 42.09 28.13 -14.37
CA GLY B 947 40.73 28.19 -13.89
C GLY B 947 40.59 28.10 -12.39
N ILE B 948 41.62 27.63 -11.69
CA ILE B 948 41.60 27.54 -10.24
C ILE B 948 42.45 28.63 -9.59
N GLY B 949 42.83 29.66 -10.34
CA GLY B 949 43.58 30.76 -9.78
C GLY B 949 45.07 30.59 -9.75
N VAL B 950 45.62 29.70 -10.56
CA VAL B 950 47.07 29.48 -10.64
C VAL B 950 47.51 29.79 -12.06
N THR B 951 48.55 30.60 -12.18
CA THR B 951 49.00 31.05 -13.49
C THR B 951 49.55 29.89 -14.31
N GLN B 952 49.62 30.10 -15.62
CA GLN B 952 50.02 29.03 -16.53
C GLN B 952 51.44 28.58 -16.26
N ASN B 953 52.36 29.50 -15.99
CA ASN B 953 53.77 29.13 -15.86
C ASN B 953 53.97 28.09 -14.77
N VAL B 954 53.07 28.03 -13.79
CA VAL B 954 53.22 27.05 -12.72
C VAL B 954 53.17 25.64 -13.28
N LEU B 955 52.27 25.39 -14.23
CA LEU B 955 52.23 24.07 -14.86
C LEU B 955 53.43 23.84 -15.76
N TYR B 956 53.73 24.80 -16.63
CA TYR B 956 54.77 24.58 -17.63
C TYR B 956 56.14 24.41 -17.00
N GLU B 957 56.36 25.02 -15.84
CA GLU B 957 57.62 24.88 -15.12
C GLU B 957 57.64 23.66 -14.21
N ASN B 958 56.51 22.97 -14.05
CA ASN B 958 56.42 21.75 -13.25
C ASN B 958 55.70 20.65 -14.02
N GLN B 959 55.76 20.70 -15.34
CA GLN B 959 55.00 19.74 -16.14
C GLN B 959 55.46 18.31 -15.88
N LYS B 960 56.78 18.10 -15.78
CA LYS B 960 57.27 16.76 -15.48
C LYS B 960 56.82 16.30 -14.10
N LEU B 961 56.91 17.18 -13.11
CA LEU B 961 56.45 16.82 -11.77
C LEU B 961 54.95 16.56 -11.77
N ILE B 962 54.17 17.42 -12.42
CA ILE B 962 52.73 17.25 -12.42
C ILE B 962 52.33 15.98 -13.15
N ALA B 963 52.99 15.68 -14.27
CA ALA B 963 52.71 14.44 -14.98
C ALA B 963 53.04 13.23 -14.13
N ASN B 964 54.18 13.27 -13.42
CA ASN B 964 54.56 12.16 -12.57
C ASN B 964 53.55 11.97 -11.43
N GLN B 965 53.12 13.08 -10.82
CA GLN B 965 52.15 12.97 -9.73
C GLN B 965 50.83 12.39 -10.23
N PHE B 966 50.37 12.82 -11.41
CA PHE B 966 49.15 12.26 -11.97
C PHE B 966 49.31 10.77 -12.26
N ASN B 967 50.45 10.38 -12.84
CA ASN B 967 50.67 8.98 -13.16
C ASN B 967 50.66 8.12 -11.91
N SER B 968 51.32 8.59 -10.85
CA SER B 968 51.31 7.84 -9.59
C SER B 968 49.91 7.76 -9.02
N ALA B 969 49.15 8.85 -9.09
CA ALA B 969 47.80 8.86 -8.53
C ALA B 969 46.92 7.83 -9.23
N ILE B 970 46.99 7.75 -10.55
CA ILE B 970 46.23 6.74 -11.28
C ILE B 970 46.69 5.35 -10.87
N GLY B 971 48.00 5.16 -10.71
CA GLY B 971 48.50 3.87 -10.28
C GLY B 971 47.94 3.46 -8.93
N LYS B 972 47.83 4.41 -8.00
CA LYS B 972 47.28 4.09 -6.69
C LYS B 972 45.83 3.66 -6.78
N ILE B 973 45.06 4.29 -7.68
CA ILE B 973 43.69 3.86 -7.89
C ILE B 973 43.65 2.41 -8.33
N GLN B 974 44.55 2.02 -9.23
CA GLN B 974 44.59 0.65 -9.70
C GLN B 974 44.89 -0.31 -8.56
N ASP B 975 45.84 0.04 -7.69
CA ASP B 975 46.16 -0.82 -6.56
C ASP B 975 44.98 -0.94 -5.61
N SER B 976 44.30 0.18 -5.33
CA SER B 976 43.18 0.15 -4.40
C SER B 976 42.05 -0.72 -4.94
N LEU B 977 41.76 -0.62 -6.23
CA LEU B 977 40.65 -1.38 -6.80
C LEU B 977 40.98 -2.85 -6.98
N SER B 978 42.26 -3.20 -7.14
CA SER B 978 42.65 -4.58 -7.32
C SER B 978 42.95 -5.29 -6.01
N SER B 979 42.94 -4.60 -4.89
CA SER B 979 43.22 -5.19 -3.58
C SER B 979 41.96 -5.33 -2.72
N THR B 980 41.25 -4.24 -2.49
CA THR B 980 40.08 -4.23 -1.61
C THR B 980 38.81 -4.20 -2.45
N ALA B 981 37.93 -5.17 -2.22
CA ALA B 981 36.64 -5.24 -2.92
C ALA B 981 35.55 -4.42 -2.24
N SER B 982 35.81 -3.91 -1.04
CA SER B 982 34.81 -3.10 -0.35
C SER B 982 34.62 -1.73 -0.98
N ALA B 983 35.47 -1.35 -1.94
CA ALA B 983 35.35 -0.03 -2.54
C ALA B 983 34.00 0.15 -3.24
N LEU B 984 33.57 -0.86 -4.00
CA LEU B 984 32.30 -0.78 -4.72
C LEU B 984 31.14 -1.22 -3.83
N GLY B 985 31.05 -0.62 -2.65
CA GLY B 985 29.94 -0.94 -1.76
C GLY B 985 28.62 -0.43 -2.27
N LYS B 986 28.60 0.78 -2.84
CA LYS B 986 27.34 1.37 -3.28
C LYS B 986 26.70 0.54 -4.39
N LEU B 987 27.49 0.09 -5.36
CA LEU B 987 26.94 -0.69 -6.46
C LEU B 987 26.50 -2.06 -5.97
N GLN B 988 27.28 -2.69 -5.11
CA GLN B 988 26.93 -4.02 -4.63
C GLN B 988 25.67 -3.99 -3.77
N ASP B 989 25.48 -2.91 -3.00
CA ASP B 989 24.30 -2.82 -2.16
C ASP B 989 23.02 -2.85 -2.99
N VAL B 990 23.02 -2.16 -4.12
CA VAL B 990 21.85 -2.14 -4.97
C VAL B 990 21.54 -3.55 -5.48
N VAL B 991 22.57 -4.29 -5.88
CA VAL B 991 22.36 -5.66 -6.35
C VAL B 991 21.80 -6.52 -5.23
N ASN B 992 22.36 -6.39 -4.03
CA ASN B 992 21.91 -7.21 -2.91
C ASN B 992 20.46 -6.90 -2.55
N GLN B 993 20.10 -5.61 -2.52
CA GLN B 993 18.75 -5.25 -2.12
C GLN B 993 17.72 -5.78 -3.10
N ASN B 994 18.01 -5.67 -4.41
CA ASN B 994 17.06 -6.17 -5.40
C ASN B 994 16.98 -7.68 -5.39
N ALA B 995 18.12 -8.36 -5.37
CA ALA B 995 18.10 -9.82 -5.32
C ALA B 995 17.35 -10.31 -4.09
N GLN B 996 17.54 -9.64 -2.95
CA GLN B 996 16.94 -10.11 -1.70
C GLN B 996 15.45 -9.78 -1.65
N ALA B 997 15.05 -8.69 -2.28
CA ALA B 997 13.62 -8.40 -2.42
C ALA B 997 12.94 -9.46 -3.27
N LEU B 998 13.65 -9.96 -4.28
CA LEU B 998 13.09 -11.04 -5.11
C LEU B 998 12.99 -12.34 -4.33
N ASN B 999 14.00 -12.66 -3.53
CA ASN B 999 13.96 -13.89 -2.75
C ASN B 999 12.82 -13.86 -1.75
N THR B 1000 12.59 -12.70 -1.11
CA THR B 1000 11.47 -12.58 -0.19
C THR B 1000 10.14 -12.79 -0.91
N LEU B 1001 10.00 -12.19 -2.10
CA LEU B 1001 8.76 -12.36 -2.86
C LEU B 1001 8.56 -13.83 -3.25
N VAL B 1002 9.63 -14.49 -3.66
CA VAL B 1002 9.51 -15.90 -4.07
C VAL B 1002 9.16 -16.77 -2.87
N LYS B 1003 9.78 -16.51 -1.73
CA LYS B 1003 9.49 -17.30 -0.54
C LYS B 1003 8.08 -17.09 -0.03
N GLN B 1004 7.44 -15.98 -0.36
CA GLN B 1004 6.07 -15.75 0.07
C GLN B 1004 5.09 -16.71 -0.57
N LEU B 1005 5.50 -17.45 -1.60
CA LEU B 1005 4.64 -18.46 -2.18
C LEU B 1005 4.58 -19.73 -1.33
N SER B 1006 5.45 -19.86 -0.33
CA SER B 1006 5.42 -21.00 0.57
C SER B 1006 4.45 -20.81 1.73
N SER B 1007 3.95 -19.59 1.94
CA SER B 1007 3.00 -19.35 3.01
C SER B 1007 1.60 -19.72 2.57
N ASN B 1008 0.79 -20.19 3.51
CA ASN B 1008 -0.57 -20.60 3.20
C ASN B 1008 -1.60 -19.54 3.55
N PHE B 1009 -1.24 -18.54 4.35
CA PHE B 1009 -2.14 -17.44 4.67
C PHE B 1009 -3.46 -17.96 5.24
N GLY B 1010 -3.37 -19.02 6.02
CA GLY B 1010 -4.53 -19.62 6.64
C GLY B 1010 -5.21 -20.70 5.84
N ALA B 1011 -4.80 -20.92 4.59
CA ALA B 1011 -5.37 -22.00 3.80
C ALA B 1011 -4.86 -23.34 4.30
N ILE B 1012 -5.50 -24.42 3.84
CA ILE B 1012 -5.09 -25.76 4.25
C ILE B 1012 -3.68 -26.06 3.76
N SER B 1013 -3.33 -25.55 2.57
CA SER B 1013 -2.02 -25.79 1.99
C SER B 1013 -1.57 -24.54 1.26
N SER B 1014 -0.26 -24.43 1.08
CA SER B 1014 0.32 -23.34 0.31
C SER B 1014 0.52 -23.71 -1.16
N VAL B 1015 0.05 -24.86 -1.59
CA VAL B 1015 0.18 -25.33 -2.96
C VAL B 1015 -1.21 -25.37 -3.57
N LEU B 1016 -1.41 -24.62 -4.66
CA LEU B 1016 -2.72 -24.59 -5.29
C LEU B 1016 -3.07 -25.95 -5.90
N ASN B 1017 -2.10 -26.60 -6.53
CA ASN B 1017 -2.37 -27.91 -7.13
C ASN B 1017 -2.89 -28.88 -6.08
N ASP B 1018 -2.35 -28.82 -4.87
CA ASP B 1018 -2.85 -29.69 -3.80
C ASP B 1018 -4.29 -29.36 -3.46
N ILE B 1019 -4.61 -28.07 -3.32
CA ILE B 1019 -5.97 -27.67 -3.01
C ILE B 1019 -6.91 -28.07 -4.14
N LEU B 1020 -6.51 -27.78 -5.39
CA LEU B 1020 -7.38 -28.06 -6.52
C LEU B 1020 -7.64 -29.55 -6.68
N SER B 1021 -6.61 -30.37 -6.47
CA SER B 1021 -6.73 -31.81 -6.64
C SER B 1021 -7.28 -32.51 -5.40
N ARG B 1022 -7.68 -31.74 -4.37
CA ARG B 1022 -8.05 -32.31 -3.09
C ARG B 1022 -9.41 -31.83 -2.60
N LEU B 1023 -10.00 -30.81 -3.20
CA LEU B 1023 -11.26 -30.25 -2.74
C LEU B 1023 -12.15 -29.96 -3.95
N ASP B 1024 -13.45 -29.96 -3.71
CA ASP B 1024 -14.41 -29.61 -4.75
C ASP B 1024 -14.47 -28.10 -4.92
N PRO B 1025 -14.96 -27.62 -6.06
CA PRO B 1025 -14.95 -26.18 -6.35
C PRO B 1025 -15.55 -25.37 -5.21
N PRO B 1026 -16.75 -25.71 -4.72
CA PRO B 1026 -17.39 -24.80 -3.74
C PRO B 1026 -16.55 -24.55 -2.50
N GLU B 1027 -15.86 -25.57 -1.96
CA GLU B 1027 -14.99 -25.33 -0.81
C GLU B 1027 -13.53 -25.13 -1.20
N ALA B 1028 -13.17 -25.36 -2.45
CA ALA B 1028 -11.83 -25.03 -2.90
C ALA B 1028 -11.67 -23.53 -3.09
N GLU B 1029 -12.74 -22.84 -3.46
CA GLU B 1029 -12.66 -21.39 -3.65
C GLU B 1029 -12.34 -20.67 -2.34
N VAL B 1030 -12.83 -21.20 -1.22
CA VAL B 1030 -12.53 -20.58 0.07
C VAL B 1030 -11.03 -20.63 0.33
N GLN B 1031 -10.41 -21.78 0.08
CA GLN B 1031 -8.97 -21.90 0.31
C GLN B 1031 -8.18 -21.11 -0.73
N ILE B 1032 -8.59 -21.16 -2.00
CA ILE B 1032 -7.86 -20.43 -3.03
C ILE B 1032 -7.90 -18.94 -2.76
N ASP B 1033 -9.05 -18.43 -2.31
CA ASP B 1033 -9.17 -17.00 -2.06
C ASP B 1033 -8.20 -16.55 -0.97
N ARG B 1034 -7.95 -17.40 0.02
CA ARG B 1034 -7.00 -17.05 1.06
C ARG B 1034 -5.61 -16.87 0.49
N LEU B 1035 -5.22 -17.73 -0.46
CA LEU B 1035 -3.93 -17.56 -1.13
C LEU B 1035 -3.92 -16.31 -2.00
N ILE B 1036 -5.02 -16.04 -2.71
CA ILE B 1036 -5.05 -14.91 -3.63
C ILE B 1036 -4.84 -13.61 -2.87
N THR B 1037 -5.55 -13.43 -1.76
CA THR B 1037 -5.39 -12.21 -0.97
C THR B 1037 -3.99 -12.12 -0.37
N GLY B 1038 -3.47 -13.24 0.12
CA GLY B 1038 -2.13 -13.21 0.69
C GLY B 1038 -1.05 -12.99 -0.36
N ARG B 1039 -1.15 -13.71 -1.48
CA ARG B 1039 -0.14 -13.55 -2.53
C ARG B 1039 -0.24 -12.18 -3.19
N LEU B 1040 -1.46 -11.69 -3.40
CA LEU B 1040 -1.63 -10.36 -3.97
C LEU B 1040 -1.02 -9.30 -3.05
N GLN B 1041 -1.24 -9.43 -1.74
CA GLN B 1041 -0.67 -8.48 -0.80
C GLN B 1041 0.85 -8.53 -0.84
N SER B 1042 1.43 -9.73 -0.91
CA SER B 1042 2.88 -9.85 -0.96
C SER B 1042 3.44 -9.22 -2.23
N LEU B 1043 2.76 -9.42 -3.35
CA LEU B 1043 3.23 -8.83 -4.61
C LEU B 1043 3.15 -7.30 -4.56
N GLN B 1044 2.07 -6.76 -3.99
CA GLN B 1044 1.94 -5.32 -3.89
C GLN B 1044 3.03 -4.72 -3.02
N THR B 1045 3.37 -5.39 -1.92
CA THR B 1045 4.45 -4.92 -1.06
C THR B 1045 5.77 -4.88 -1.82
N TYR B 1046 5.98 -5.85 -2.71
CA TYR B 1046 7.21 -5.87 -3.50
C TYR B 1046 7.23 -4.71 -4.49
N VAL B 1047 6.14 -4.52 -5.23
CA VAL B 1047 6.13 -3.50 -6.27
C VAL B 1047 6.32 -2.11 -5.67
N THR B 1048 5.61 -1.81 -4.58
CA THR B 1048 5.73 -0.49 -3.98
C THR B 1048 7.15 -0.25 -3.47
N GLN B 1049 7.80 -1.28 -2.94
CA GLN B 1049 9.20 -1.14 -2.54
C GLN B 1049 10.08 -0.86 -3.73
N GLN B 1050 9.82 -1.52 -4.87
CA GLN B 1050 10.61 -1.27 -6.07
C GLN B 1050 10.41 0.15 -6.56
N LEU B 1051 9.18 0.66 -6.51
CA LEU B 1051 8.95 2.03 -6.92
C LEU B 1051 9.71 3.00 -6.05
N ILE B 1052 9.72 2.78 -4.73
CA ILE B 1052 10.47 3.64 -3.83
C ILE B 1052 11.96 3.51 -4.09
N ARG B 1053 12.44 2.27 -4.28
CA ARG B 1053 13.86 2.08 -4.55
C ARG B 1053 14.23 2.61 -5.93
N ALA B 1054 13.36 2.42 -6.92
CA ALA B 1054 13.64 2.93 -8.26
C ALA B 1054 13.77 4.44 -8.26
N ALA B 1055 12.97 5.11 -7.43
CA ALA B 1055 13.08 6.57 -7.33
C ALA B 1055 14.41 6.98 -6.72
N GLU B 1056 14.93 6.17 -5.80
CA GLU B 1056 16.23 6.46 -5.21
C GLU B 1056 17.35 6.31 -6.23
N ILE B 1057 17.26 5.28 -7.08
CA ILE B 1057 18.26 5.09 -8.14
C ILE B 1057 18.17 6.22 -9.15
N ARG B 1058 16.96 6.64 -9.50
CA ARG B 1058 16.81 7.71 -10.47
C ARG B 1058 17.47 8.99 -9.97
N ALA B 1059 17.34 9.28 -8.68
CA ALA B 1059 18.03 10.43 -8.11
C ALA B 1059 19.53 10.28 -8.24
N SER B 1060 20.05 9.06 -8.01
CA SER B 1060 21.48 8.82 -8.20
C SER B 1060 21.86 8.94 -9.67
N ALA B 1061 21.03 8.41 -10.57
CA ALA B 1061 21.32 8.52 -12.00
C ALA B 1061 21.30 9.97 -12.43
N ASN B 1062 20.36 10.76 -11.92
CA ASN B 1062 20.33 12.18 -12.23
C ASN B 1062 21.59 12.88 -11.74
N LEU B 1063 22.04 12.55 -10.53
CA LEU B 1063 23.27 13.13 -10.03
C LEU B 1063 24.47 12.73 -10.89
N ALA B 1064 24.55 11.45 -11.26
CA ALA B 1064 25.63 11.00 -12.10
C ALA B 1064 25.59 11.68 -13.47
N ALA B 1065 24.40 12.01 -13.94
CA ALA B 1065 24.27 12.70 -15.22
C ALA B 1065 24.86 14.10 -15.15
N THR B 1066 24.52 14.85 -14.11
CA THR B 1066 25.07 16.20 -13.97
C THR B 1066 26.57 16.15 -13.71
N LYS B 1067 27.02 15.17 -12.92
CA LYS B 1067 28.45 15.05 -12.66
C LYS B 1067 29.22 14.76 -13.94
N MET B 1068 28.66 13.93 -14.82
CA MET B 1068 29.31 13.68 -16.10
C MET B 1068 29.40 14.96 -16.92
N SER B 1069 28.32 15.72 -16.99
CA SER B 1069 28.31 16.91 -17.82
C SER B 1069 29.06 18.06 -17.19
N GLU B 1070 29.01 18.19 -15.86
CA GLU B 1070 29.60 19.33 -15.19
C GLU B 1070 31.05 19.12 -14.77
N CYS B 1071 31.58 17.90 -14.89
CA CYS B 1071 32.95 17.64 -14.44
C CYS B 1071 33.78 16.92 -15.47
N VAL B 1072 33.16 16.13 -16.33
CA VAL B 1072 33.89 15.50 -17.42
C VAL B 1072 33.91 16.39 -18.65
N LEU B 1073 32.76 16.96 -19.00
CA LEU B 1073 32.67 17.87 -20.13
C LEU B 1073 33.07 19.30 -19.78
N GLY B 1074 33.40 19.57 -18.52
CA GLY B 1074 33.81 20.91 -18.13
C GLY B 1074 34.58 20.87 -16.83
N GLN B 1075 34.97 22.05 -16.38
CA GLN B 1075 35.63 22.24 -15.10
C GLN B 1075 34.67 22.94 -14.15
N SER B 1076 34.53 22.39 -12.95
CA SER B 1076 33.50 22.81 -12.01
C SER B 1076 34.11 23.66 -10.91
N LYS B 1077 33.51 24.81 -10.64
CA LYS B 1077 33.88 25.64 -9.51
C LYS B 1077 33.08 25.30 -8.26
N ARG B 1078 32.14 24.37 -8.35
CA ARG B 1078 31.36 23.97 -7.19
C ARG B 1078 32.25 23.19 -6.23
N VAL B 1079 32.32 23.64 -4.98
CA VAL B 1079 33.25 23.05 -4.02
C VAL B 1079 32.77 21.65 -3.67
N ASP B 1080 33.70 20.70 -3.67
CA ASP B 1080 33.47 19.31 -3.27
C ASP B 1080 32.45 18.60 -4.15
N PHE B 1081 31.96 19.24 -5.21
CA PHE B 1081 31.04 18.54 -6.11
C PHE B 1081 31.74 17.42 -6.84
N CYS B 1082 33.03 17.59 -7.13
CA CYS B 1082 33.78 16.60 -7.89
C CYS B 1082 35.16 16.39 -7.28
N GLY B 1083 35.19 16.16 -5.97
CA GLY B 1083 36.42 15.80 -5.29
C GLY B 1083 36.86 16.81 -4.26
N LYS B 1084 37.68 16.39 -3.32
CA LYS B 1084 38.21 17.28 -2.29
C LYS B 1084 39.45 17.98 -2.84
N GLY B 1085 39.28 19.25 -3.18
CA GLY B 1085 40.34 20.05 -3.75
C GLY B 1085 39.77 20.96 -4.81
N TYR B 1086 40.68 21.57 -5.58
CA TYR B 1086 40.28 22.42 -6.70
C TYR B 1086 40.19 21.55 -7.95
N HIS B 1087 38.99 21.43 -8.50
CA HIS B 1087 38.77 20.51 -9.60
C HIS B 1087 39.59 20.92 -10.82
N LEU B 1088 40.27 19.94 -11.41
CA LEU B 1088 40.97 20.13 -12.67
C LEU B 1088 40.26 19.42 -13.82
N MET B 1089 40.02 18.12 -13.69
CA MET B 1089 39.32 17.36 -14.72
C MET B 1089 38.88 16.03 -14.13
N SER B 1090 37.92 15.40 -14.78
CA SER B 1090 37.38 14.12 -14.36
C SER B 1090 37.33 13.17 -15.53
N PHE B 1091 37.46 11.88 -15.25
CA PHE B 1091 37.46 10.84 -16.26
C PHE B 1091 36.41 9.79 -15.90
N PRO B 1092 35.50 9.46 -16.80
CA PRO B 1092 34.47 8.47 -16.48
C PRO B 1092 34.91 7.04 -16.77
N GLN B 1093 34.44 6.14 -15.91
CA GLN B 1093 34.67 4.71 -16.09
C GLN B 1093 33.36 3.98 -15.85
N SER B 1094 33.06 3.00 -16.70
CA SER B 1094 31.82 2.27 -16.58
C SER B 1094 31.97 1.13 -15.58
N ALA B 1095 30.96 0.95 -14.75
CA ALA B 1095 30.89 -0.11 -13.76
C ALA B 1095 29.54 -0.79 -13.86
N PRO B 1096 29.42 -2.03 -13.38
CA PRO B 1096 28.13 -2.72 -13.46
C PRO B 1096 27.01 -1.93 -12.80
N HIS B 1097 26.05 -1.51 -13.61
CA HIS B 1097 24.89 -0.76 -13.13
C HIS B 1097 25.31 0.52 -12.41
N GLY B 1098 26.31 1.20 -12.97
CA GLY B 1098 26.78 2.43 -12.36
C GLY B 1098 27.93 3.01 -13.14
N VAL B 1099 28.46 4.11 -12.62
CA VAL B 1099 29.59 4.81 -13.21
C VAL B 1099 30.59 5.14 -12.11
N VAL B 1100 31.84 5.31 -12.52
CA VAL B 1100 32.92 5.69 -11.61
C VAL B 1100 33.63 6.89 -12.19
N PHE B 1101 33.78 7.94 -11.39
CA PHE B 1101 34.46 9.16 -11.79
C PHE B 1101 35.81 9.23 -11.09
N LEU B 1102 36.87 9.48 -11.86
CA LEU B 1102 38.20 9.70 -11.33
C LEU B 1102 38.43 11.21 -11.30
N HIS B 1103 38.24 11.82 -10.14
CA HIS B 1103 38.28 13.27 -10.01
C HIS B 1103 39.72 13.71 -9.78
N VAL B 1104 40.27 14.45 -10.73
CA VAL B 1104 41.60 15.03 -10.61
C VAL B 1104 41.46 16.41 -9.99
N THR B 1105 42.17 16.66 -8.89
CA THR B 1105 42.07 17.91 -8.17
C THR B 1105 43.46 18.41 -7.81
N TYR B 1106 43.54 19.72 -7.61
CA TYR B 1106 44.79 20.39 -7.25
C TYR B 1106 44.74 20.70 -5.76
N VAL B 1107 45.57 20.01 -4.98
CA VAL B 1107 45.58 20.15 -3.54
C VAL B 1107 46.84 20.94 -3.16
N PRO B 1108 46.72 22.14 -2.60
CA PRO B 1108 47.92 22.86 -2.17
C PRO B 1108 48.63 22.13 -1.05
N ALA B 1109 49.95 22.32 -0.98
CA ALA B 1109 50.76 21.60 -0.02
C ALA B 1109 51.94 22.46 0.40
N GLN B 1110 52.55 22.10 1.53
CA GLN B 1110 53.75 22.75 2.03
C GLN B 1110 53.55 24.26 2.15
N GLU B 1111 52.60 24.64 3.00
CA GLU B 1111 52.33 26.05 3.23
C GLU B 1111 53.45 26.68 4.06
N LYS B 1112 53.56 28.00 3.95
CA LYS B 1112 54.58 28.76 4.64
C LYS B 1112 53.94 30.01 5.25
N ASN B 1113 54.52 30.49 6.35
CA ASN B 1113 54.01 31.65 7.05
C ASN B 1113 54.58 32.92 6.45
N PHE B 1114 53.73 33.93 6.29
CA PHE B 1114 54.14 35.23 5.79
C PHE B 1114 53.38 36.32 6.52
N THR B 1115 54.01 37.48 6.64
CA THR B 1115 53.33 38.68 7.09
C THR B 1115 52.71 39.37 5.89
N THR B 1116 51.49 39.85 6.06
CA THR B 1116 50.72 40.39 4.95
C THR B 1116 50.09 41.72 5.36
N ALA B 1117 49.77 42.53 4.35
CA ALA B 1117 49.14 43.82 4.54
C ALA B 1117 48.01 43.98 3.54
N PRO B 1118 46.97 44.73 3.88
CA PRO B 1118 45.90 44.98 2.90
C PRO B 1118 46.37 45.76 1.68
N ALA B 1119 47.30 46.71 1.87
CA ALA B 1119 47.70 47.60 0.80
C ALA B 1119 49.06 48.19 1.15
N ILE B 1120 49.63 48.91 0.20
CA ILE B 1120 50.96 49.50 0.33
C ILE B 1120 50.82 51.01 0.15
N CYS B 1121 51.44 51.76 1.04
CA CYS B 1121 51.46 53.22 0.98
C CYS B 1121 52.78 53.67 0.37
N HIS B 1122 52.71 54.45 -0.71
CA HIS B 1122 53.89 54.88 -1.44
C HIS B 1122 54.13 56.38 -1.35
N ASP B 1123 53.18 57.19 -1.82
CA ASP B 1123 53.32 58.65 -1.82
C ASP B 1123 52.02 59.26 -1.36
N GLY B 1124 51.45 58.72 -0.29
CA GLY B 1124 50.08 59.04 0.06
C GLY B 1124 49.07 58.35 -0.80
N LYS B 1125 49.49 57.37 -1.61
CA LYS B 1125 48.61 56.60 -2.46
C LYS B 1125 48.59 55.16 -1.98
N ALA B 1126 47.40 54.58 -1.94
CA ALA B 1126 47.23 53.20 -1.51
C ALA B 1126 47.23 52.29 -2.74
N HIS B 1127 48.13 51.33 -2.76
CA HIS B 1127 48.25 50.37 -3.84
C HIS B 1127 47.69 49.03 -3.40
N PHE B 1128 46.76 48.49 -4.18
CA PHE B 1128 46.21 47.17 -3.91
C PHE B 1128 46.63 46.19 -4.99
N PRO B 1129 46.77 44.90 -4.67
CA PRO B 1129 47.18 43.94 -5.70
C PRO B 1129 46.11 43.79 -6.77
N ARG B 1130 46.55 43.80 -8.03
CA ARG B 1130 45.62 43.56 -9.13
C ARG B 1130 45.02 42.16 -9.03
N GLU B 1131 45.88 41.15 -8.91
CA GLU B 1131 45.43 39.77 -8.69
C GLU B 1131 46.53 39.08 -7.88
N GLY B 1132 46.35 39.02 -6.57
CA GLY B 1132 47.35 38.45 -5.71
C GLY B 1132 47.19 38.98 -4.30
N VAL B 1133 48.28 38.89 -3.54
CA VAL B 1133 48.29 39.29 -2.14
C VAL B 1133 49.69 39.75 -1.78
N PHE B 1134 49.79 40.77 -0.94
CA PHE B 1134 51.07 41.27 -0.49
C PHE B 1134 51.60 40.41 0.64
N VAL B 1135 52.85 39.97 0.51
CA VAL B 1135 53.51 39.17 1.54
C VAL B 1135 54.88 39.78 1.81
N SER B 1136 55.41 39.46 2.98
CA SER B 1136 56.70 39.99 3.42
C SER B 1136 57.62 38.83 3.77
N ASN B 1137 58.82 38.84 3.19
CA ASN B 1137 59.82 37.83 3.54
C ASN B 1137 60.35 38.02 4.94
N GLY B 1138 60.04 39.14 5.58
CA GLY B 1138 60.61 39.47 6.88
C GLY B 1138 61.23 40.84 6.84
N THR B 1139 61.79 41.20 5.69
CA THR B 1139 62.41 42.51 5.50
C THR B 1139 61.89 43.20 4.25
N HIS B 1140 61.50 42.42 3.25
CA HIS B 1140 61.07 42.95 1.96
C HIS B 1140 59.65 42.48 1.66
N TRP B 1141 58.94 43.29 0.88
CA TRP B 1141 57.55 43.02 0.54
C TRP B 1141 57.43 42.64 -0.93
N PHE B 1142 56.59 41.64 -1.20
CA PHE B 1142 56.35 41.14 -2.55
C PHE B 1142 54.86 40.97 -2.75
N VAL B 1143 54.48 40.71 -3.99
CA VAL B 1143 53.11 40.37 -4.35
C VAL B 1143 53.12 39.00 -5.02
N THR B 1144 52.27 38.10 -4.53
CA THR B 1144 52.28 36.71 -4.96
C THR B 1144 50.88 36.27 -5.34
N GLN B 1145 50.80 35.16 -6.05
CA GLN B 1145 49.53 34.49 -6.27
C GLN B 1145 48.97 33.99 -4.94
N ARG B 1146 47.66 33.91 -4.87
CA ARG B 1146 47.03 33.50 -3.62
C ARG B 1146 47.18 32.01 -3.36
N ASN B 1147 47.30 31.20 -4.40
CA ASN B 1147 47.29 29.75 -4.27
C ASN B 1147 48.65 29.10 -4.50
N PHE B 1148 49.69 29.88 -4.77
CA PHE B 1148 51.02 29.31 -5.01
C PHE B 1148 52.05 30.39 -4.77
N TYR B 1149 52.99 30.14 -3.87
CA TYR B 1149 53.97 31.15 -3.53
C TYR B 1149 54.86 31.43 -4.74
N GLU B 1150 54.85 32.68 -5.20
CA GLU B 1150 55.67 33.10 -6.32
C GLU B 1150 55.90 34.60 -6.19
N PRO B 1151 56.81 35.01 -5.31
CA PRO B 1151 56.95 36.44 -5.01
C PRO B 1151 57.35 37.24 -6.25
N GLN B 1152 56.79 38.43 -6.36
CA GLN B 1152 57.09 39.36 -7.43
C GLN B 1152 57.37 40.73 -6.83
N ILE B 1153 58.21 41.50 -7.51
CA ILE B 1153 58.48 42.87 -7.08
C ILE B 1153 57.19 43.67 -7.21
N ILE B 1154 56.87 44.45 -6.17
CA ILE B 1154 55.67 45.27 -6.17
C ILE B 1154 55.92 46.46 -7.09
N THR B 1155 55.24 46.49 -8.23
CA THR B 1155 55.35 47.58 -9.18
C THR B 1155 53.96 48.12 -9.47
N THR B 1156 53.88 49.09 -10.38
CA THR B 1156 52.61 49.68 -10.76
C THR B 1156 51.87 48.85 -11.80
N ASP B 1157 52.44 47.74 -12.25
CA ASP B 1157 51.77 46.87 -13.21
C ASP B 1157 50.95 45.78 -12.55
N ASN B 1158 51.37 45.31 -11.38
CA ASN B 1158 50.64 44.28 -10.64
C ASN B 1158 49.85 44.86 -9.47
N THR B 1159 49.77 46.18 -9.36
CA THR B 1159 48.95 46.84 -8.35
C THR B 1159 48.21 48.00 -8.99
N PHE B 1160 47.09 48.37 -8.40
CA PHE B 1160 46.31 49.51 -8.85
C PHE B 1160 46.13 50.50 -7.70
N VAL B 1161 46.21 51.78 -8.01
CA VAL B 1161 46.12 52.84 -7.02
C VAL B 1161 44.65 53.18 -6.79
N SER B 1162 44.27 53.37 -5.53
CA SER B 1162 42.89 53.75 -5.22
C SER B 1162 42.89 54.47 -3.88
N GLY B 1163 42.79 55.79 -3.94
CA GLY B 1163 42.55 56.58 -2.74
C GLY B 1163 43.80 56.97 -2.00
N ASN B 1164 43.59 57.27 -0.72
CA ASN B 1164 44.61 57.81 0.17
C ASN B 1164 45.06 56.73 1.16
N CYS B 1165 46.15 57.02 1.85
CA CYS B 1165 46.72 56.10 2.84
C CYS B 1165 46.06 56.21 4.20
N ASP B 1166 45.09 57.11 4.38
CA ASP B 1166 44.56 57.45 5.68
C ASP B 1166 43.29 56.69 6.06
N VAL B 1167 42.82 55.78 5.21
CA VAL B 1167 41.55 55.11 5.45
C VAL B 1167 41.68 53.59 5.54
N VAL B 1168 42.70 52.99 4.96
CA VAL B 1168 42.85 51.55 4.99
C VAL B 1168 43.44 51.13 6.34
N ILE B 1169 42.83 50.14 6.97
CA ILE B 1169 43.27 49.65 8.27
C ILE B 1169 44.30 48.56 8.05
N GLY B 1170 45.53 48.80 8.52
CA GLY B 1170 46.60 47.86 8.36
C GLY B 1170 47.56 48.16 7.22
N ILE B 1171 47.41 49.30 6.56
CA ILE B 1171 48.30 49.63 5.46
C ILE B 1171 49.73 49.78 5.96
N VAL B 1172 50.69 49.46 5.09
CA VAL B 1172 52.11 49.51 5.44
C VAL B 1172 52.85 50.34 4.40
N ASN B 1173 54.07 50.72 4.74
CA ASN B 1173 54.89 51.60 3.92
C ASN B 1173 55.91 50.79 3.13
N ASN B 1174 55.89 50.95 1.81
CA ASN B 1174 56.92 50.40 0.94
C ASN B 1174 56.95 51.19 -0.36
N THR B 1175 58.04 51.02 -1.09
CA THR B 1175 58.20 51.64 -2.41
C THR B 1175 57.57 50.75 -3.46
N VAL B 1176 56.91 51.38 -4.43
CA VAL B 1176 56.30 50.67 -5.54
C VAL B 1176 57.14 51.01 -6.77
N TYR B 1177 57.97 50.06 -7.19
CA TYR B 1177 58.86 50.27 -8.31
C TYR B 1177 58.08 50.60 -9.57
N ASP B 1178 58.53 51.63 -10.30
CA ASP B 1178 57.91 52.00 -11.56
C ASP B 1178 58.76 51.50 -12.72
N PRO B 1179 58.27 50.58 -13.56
CA PRO B 1179 59.13 50.07 -14.64
C PRO B 1179 59.62 51.15 -15.57
N LEU B 1180 58.86 52.21 -15.77
CA LEU B 1180 59.20 53.25 -16.74
C LEU B 1180 60.21 54.25 -16.21
N GLN B 1181 60.42 54.32 -14.90
CA GLN B 1181 61.34 55.32 -14.36
C GLN B 1181 62.74 55.20 -14.95
N PRO B 1182 63.37 54.02 -14.96
CA PRO B 1182 64.69 53.92 -15.61
C PRO B 1182 64.65 54.30 -17.08
N GLU B 1183 63.59 53.93 -17.80
CA GLU B 1183 63.53 54.23 -19.23
C GLU B 1183 63.31 55.70 -19.49
N LEU B 1184 62.43 56.33 -18.71
CA LEU B 1184 62.18 57.77 -18.87
C LEU B 1184 63.36 58.61 -18.42
N ASP B 1185 64.34 58.01 -17.73
CA ASP B 1185 65.53 58.77 -17.35
C ASP B 1185 66.27 59.28 -18.58
N SER B 1186 66.09 58.63 -19.72
CA SER B 1186 66.72 59.07 -20.97
C SER B 1186 65.65 59.39 -22.01
N ALA C 66 -18.84 -25.86 -48.42
CA ALA C 66 -17.85 -24.86 -48.82
C ALA C 66 -17.65 -23.83 -47.72
N TYR C 67 -16.64 -22.98 -47.88
CA TYR C 67 -16.33 -21.95 -46.90
C TYR C 67 -15.96 -20.67 -47.62
N THR C 68 -16.15 -19.55 -46.93
CA THR C 68 -15.75 -18.23 -47.43
C THR C 68 -15.28 -17.40 -46.25
N ASN C 69 -14.99 -16.13 -46.51
CA ASN C 69 -14.38 -15.23 -45.52
C ASN C 69 -15.44 -14.26 -45.00
N SER C 70 -15.62 -14.26 -43.68
CA SER C 70 -16.46 -13.27 -43.01
C SER C 70 -15.56 -12.07 -42.70
N PHE C 71 -15.48 -11.15 -43.67
CA PHE C 71 -14.46 -10.11 -43.63
C PHE C 71 -14.61 -9.20 -42.40
N THR C 72 -15.73 -8.51 -42.30
CA THR C 72 -15.99 -7.60 -41.19
C THR C 72 -17.46 -7.58 -40.83
N ARG C 73 -18.08 -8.76 -40.83
CA ARG C 73 -19.50 -8.91 -40.57
C ARG C 73 -19.70 -9.66 -39.25
N GLY C 74 -20.96 -9.79 -38.86
CA GLY C 74 -21.28 -10.42 -37.59
C GLY C 74 -21.13 -9.53 -36.39
N VAL C 75 -21.02 -8.22 -36.59
CA VAL C 75 -20.89 -7.25 -35.51
C VAL C 75 -22.28 -6.68 -35.22
N TYR C 76 -22.63 -6.63 -33.94
CA TYR C 76 -23.94 -6.15 -33.52
C TYR C 76 -23.74 -5.32 -32.25
N TYR C 77 -24.86 -4.95 -31.62
CA TYR C 77 -24.80 -4.18 -30.39
C TYR C 77 -25.01 -5.12 -29.21
N PRO C 78 -23.99 -5.40 -28.40
CA PRO C 78 -24.16 -6.40 -27.34
C PRO C 78 -25.23 -6.02 -26.32
N ASP C 79 -25.39 -4.73 -26.01
CA ASP C 79 -26.22 -4.32 -24.88
C ASP C 79 -27.04 -3.09 -25.28
N LYS C 80 -27.94 -2.71 -24.37
CA LYS C 80 -28.85 -1.59 -24.59
C LYS C 80 -28.23 -0.29 -24.08
N VAL C 81 -27.00 0.01 -24.50
CA VAL C 81 -26.25 1.14 -23.98
C VAL C 81 -25.85 2.05 -25.12
N PHE C 82 -26.03 3.36 -24.93
CA PHE C 82 -25.61 4.37 -25.88
C PHE C 82 -24.37 5.07 -25.34
N ARG C 83 -23.24 4.90 -26.03
CA ARG C 83 -22.01 5.57 -25.65
C ARG C 83 -21.47 6.32 -26.86
N SER C 84 -20.98 7.53 -26.61
CA SER C 84 -20.63 8.47 -27.67
C SER C 84 -19.12 8.68 -27.70
N SER C 85 -18.53 8.52 -28.89
CA SER C 85 -17.12 8.82 -29.13
C SER C 85 -16.23 8.12 -28.11
N VAL C 86 -16.35 6.79 -28.07
CA VAL C 86 -15.51 5.96 -27.22
C VAL C 86 -15.19 4.66 -27.96
N LEU C 87 -14.24 3.92 -27.40
CA LEU C 87 -13.86 2.60 -27.90
C LEU C 87 -14.09 1.62 -26.75
N HIS C 88 -15.09 0.75 -26.90
CA HIS C 88 -15.49 -0.16 -25.85
C HIS C 88 -15.06 -1.58 -26.19
N SER C 89 -14.49 -2.28 -25.22
CA SER C 89 -14.06 -3.67 -25.39
C SER C 89 -15.09 -4.57 -24.73
N THR C 90 -15.57 -5.57 -25.49
CA THR C 90 -16.65 -6.44 -25.05
C THR C 90 -16.23 -7.89 -25.22
N GLN C 91 -16.06 -8.59 -24.09
CA GLN C 91 -15.93 -10.04 -24.12
C GLN C 91 -17.33 -10.57 -24.39
N ASP C 92 -17.59 -10.93 -25.64
CA ASP C 92 -18.93 -11.28 -26.06
C ASP C 92 -18.84 -12.38 -27.12
N LEU C 93 -20.00 -12.90 -27.49
CA LEU C 93 -20.12 -14.03 -28.41
C LEU C 93 -20.28 -13.49 -29.83
N PHE C 94 -19.15 -13.39 -30.54
CA PHE C 94 -19.05 -12.70 -31.81
C PHE C 94 -18.63 -13.66 -32.92
N LEU C 95 -18.57 -13.12 -34.15
CA LEU C 95 -18.11 -13.88 -35.31
C LEU C 95 -16.69 -13.45 -35.64
N PRO C 96 -15.70 -14.33 -35.58
CA PRO C 96 -14.32 -13.89 -35.84
C PRO C 96 -14.17 -13.30 -37.24
N PHE C 97 -13.33 -12.28 -37.33
CA PHE C 97 -13.08 -11.63 -38.61
C PHE C 97 -12.39 -12.58 -39.57
N PHE C 98 -12.72 -12.45 -40.85
CA PHE C 98 -12.08 -13.21 -41.92
C PHE C 98 -12.15 -14.71 -41.69
N SER C 99 -13.18 -15.17 -40.96
CA SER C 99 -13.28 -16.58 -40.62
C SER C 99 -13.81 -17.39 -41.81
N ASN C 100 -13.45 -18.66 -41.84
CA ASN C 100 -13.93 -19.59 -42.86
C ASN C 100 -15.37 -19.95 -42.53
N VAL C 101 -16.27 -19.01 -42.85
CA VAL C 101 -17.69 -19.21 -42.55
C VAL C 101 -18.26 -20.25 -43.50
N THR C 102 -19.00 -21.21 -42.95
CA THR C 102 -19.54 -22.29 -43.76
C THR C 102 -20.47 -21.73 -44.82
N TRP C 103 -20.41 -22.31 -46.02
CA TRP C 103 -21.17 -21.84 -47.17
C TRP C 103 -22.10 -22.94 -47.68
N PHE C 104 -23.40 -22.64 -47.64
CA PHE C 104 -24.48 -23.46 -48.17
C PHE C 104 -25.14 -22.72 -49.34
N HIS C 105 -25.94 -23.44 -50.11
CA HIS C 105 -26.60 -22.90 -51.29
C HIS C 105 -28.09 -23.20 -51.25
N ALA C 106 -28.89 -22.20 -51.64
CA ALA C 106 -30.34 -22.36 -51.69
C ALA C 106 -30.83 -22.37 -53.14
N ARG C 117 -29.28 -26.77 -56.42
CA ARG C 117 -29.01 -27.52 -55.20
C ARG C 117 -29.63 -26.81 -53.99
N PHE C 118 -30.21 -27.60 -53.09
CA PHE C 118 -30.78 -27.09 -51.85
C PHE C 118 -30.05 -27.70 -50.67
N ASP C 119 -29.71 -26.88 -49.68
CA ASP C 119 -28.97 -27.31 -48.50
C ASP C 119 -29.69 -26.74 -47.27
N ASN C 120 -30.39 -27.61 -46.55
CA ASN C 120 -31.04 -27.25 -45.29
C ASN C 120 -30.79 -28.33 -44.25
N PRO C 121 -29.53 -28.54 -43.87
CA PRO C 121 -29.22 -29.59 -42.90
C PRO C 121 -29.41 -29.11 -41.47
N VAL C 122 -29.31 -30.04 -40.54
CA VAL C 122 -29.34 -29.74 -39.13
C VAL C 122 -27.92 -29.54 -38.64
N LEU C 123 -27.68 -28.43 -37.95
CA LEU C 123 -26.35 -28.07 -37.49
C LEU C 123 -26.38 -27.79 -36.00
N PRO C 124 -25.25 -27.97 -35.30
CA PRO C 124 -25.24 -27.72 -33.85
C PRO C 124 -25.36 -26.22 -33.56
N PHE C 125 -26.23 -25.89 -32.61
CA PHE C 125 -26.40 -24.52 -32.15
C PHE C 125 -25.50 -24.27 -30.94
N ASN C 126 -24.22 -24.59 -31.11
CA ASN C 126 -23.24 -24.46 -30.04
C ASN C 126 -22.80 -23.01 -29.90
N ASP C 127 -22.85 -22.51 -28.67
CA ASP C 127 -22.46 -21.14 -28.35
C ASP C 127 -23.01 -20.17 -29.40
N GLY C 128 -24.33 -20.16 -29.53
CA GLY C 128 -24.99 -19.29 -30.49
C GLY C 128 -24.53 -19.57 -31.91
N VAL C 129 -25.13 -18.89 -32.89
CA VAL C 129 -24.79 -19.10 -34.29
C VAL C 129 -25.15 -17.86 -35.07
N TYR C 130 -24.34 -17.54 -36.07
CA TYR C 130 -24.59 -16.45 -36.99
C TYR C 130 -25.31 -16.96 -38.23
N PHE C 131 -25.91 -16.04 -38.97
CA PHE C 131 -26.61 -16.39 -40.19
C PHE C 131 -26.66 -15.19 -41.12
N ALA C 132 -26.14 -15.36 -42.32
CA ALA C 132 -26.23 -14.37 -43.38
C ALA C 132 -27.27 -14.82 -44.40
N SER C 133 -27.79 -13.85 -45.15
CA SER C 133 -28.79 -14.17 -46.16
C SER C 133 -28.79 -13.06 -47.21
N THR C 134 -28.26 -13.37 -48.39
CA THR C 134 -28.47 -12.52 -49.57
C THR C 134 -29.83 -12.92 -50.14
N GLU C 135 -30.88 -12.38 -49.51
CA GLU C 135 -32.23 -12.88 -49.66
C GLU C 135 -33.02 -12.01 -50.62
N LYS C 136 -33.60 -12.64 -51.65
CA LYS C 136 -34.54 -12.01 -52.55
C LYS C 136 -35.82 -12.85 -52.59
N SER C 137 -36.97 -12.18 -52.52
CA SER C 137 -38.27 -12.82 -52.43
C SER C 137 -38.46 -13.56 -51.12
N ASN C 138 -37.68 -13.21 -50.09
CA ASN C 138 -37.78 -13.81 -48.78
C ASN C 138 -37.59 -15.33 -48.84
N ILE C 139 -36.38 -15.73 -49.29
CA ILE C 139 -36.04 -17.15 -49.33
C ILE C 139 -35.97 -17.73 -47.93
N ILE C 140 -35.11 -17.16 -47.09
CA ILE C 140 -34.94 -17.65 -45.72
C ILE C 140 -36.13 -17.15 -44.92
N ARG C 141 -37.02 -18.06 -44.54
CA ARG C 141 -38.27 -17.68 -43.90
C ARG C 141 -38.44 -18.22 -42.49
N GLY C 142 -37.47 -18.98 -41.98
CA GLY C 142 -37.62 -19.49 -40.63
C GLY C 142 -36.39 -20.27 -40.22
N TRP C 143 -36.38 -20.63 -38.94
CA TRP C 143 -35.28 -21.39 -38.33
C TRP C 143 -35.86 -22.22 -37.21
N ILE C 144 -35.31 -23.41 -36.98
CA ILE C 144 -35.74 -24.28 -35.91
C ILE C 144 -34.60 -24.45 -34.91
N PHE C 145 -34.87 -24.15 -33.65
CA PHE C 145 -33.92 -24.32 -32.55
C PHE C 145 -34.49 -25.30 -31.55
N GLY C 146 -33.80 -25.45 -30.42
CA GLY C 146 -34.25 -26.33 -29.36
C GLY C 146 -33.67 -27.73 -29.46
N SER C 155 -38.57 -27.73 -28.68
CA SER C 155 -38.93 -27.26 -30.02
C SER C 155 -39.12 -25.75 -30.04
N LEU C 156 -38.60 -25.11 -31.09
CA LEU C 156 -38.64 -23.66 -31.20
C LEU C 156 -38.58 -23.29 -32.67
N LEU C 157 -39.10 -22.10 -32.98
CA LEU C 157 -39.04 -21.59 -34.34
C LEU C 157 -39.01 -20.07 -34.31
N ILE C 158 -38.31 -19.48 -35.28
CA ILE C 158 -38.39 -18.06 -35.58
C ILE C 158 -38.75 -17.98 -37.06
N VAL C 159 -40.04 -17.98 -37.36
CA VAL C 159 -40.51 -18.09 -38.74
C VAL C 159 -40.71 -16.67 -39.26
N ASN C 160 -39.70 -16.14 -39.95
CA ASN C 160 -39.80 -14.84 -40.60
C ASN C 160 -40.57 -15.03 -41.92
N ASN C 161 -41.84 -15.35 -41.77
CA ASN C 161 -42.70 -15.61 -42.93
C ASN C 161 -42.93 -14.32 -43.71
N ALA C 162 -43.71 -14.44 -44.79
CA ALA C 162 -43.99 -13.28 -45.62
C ALA C 162 -44.71 -12.20 -44.84
N THR C 163 -45.75 -12.57 -44.10
CA THR C 163 -46.58 -11.57 -43.43
C THR C 163 -45.76 -10.76 -42.43
N ASN C 164 -45.04 -11.44 -41.53
CA ASN C 164 -44.23 -10.77 -40.53
C ASN C 164 -43.53 -11.85 -39.70
N VAL C 165 -42.53 -11.42 -38.93
CA VAL C 165 -41.83 -12.35 -38.06
C VAL C 165 -42.82 -12.97 -37.07
N VAL C 166 -42.67 -14.27 -36.86
CA VAL C 166 -43.52 -15.01 -35.94
C VAL C 166 -42.64 -15.99 -35.16
N ILE C 167 -42.36 -15.67 -33.90
CA ILE C 167 -41.59 -16.52 -33.01
C ILE C 167 -42.58 -17.24 -32.11
N LYS C 168 -42.59 -18.57 -32.17
CA LYS C 168 -43.53 -19.38 -31.42
C LYS C 168 -42.78 -20.46 -30.67
N VAL C 169 -43.08 -20.59 -29.37
CA VAL C 169 -42.42 -21.55 -28.50
C VAL C 169 -43.44 -22.61 -28.13
N CYS C 170 -43.30 -23.80 -28.71
CA CYS C 170 -44.16 -24.94 -28.38
C CYS C 170 -43.37 -26.21 -28.59
N GLU C 171 -43.94 -27.32 -28.14
CA GLU C 171 -43.36 -28.64 -28.40
C GLU C 171 -43.74 -29.10 -29.81
N PHE C 172 -43.33 -28.29 -30.78
CA PHE C 172 -43.64 -28.57 -32.17
C PHE C 172 -43.07 -29.92 -32.59
N GLN C 173 -43.88 -30.69 -33.33
CA GLN C 173 -43.42 -31.95 -33.91
C GLN C 173 -42.79 -31.63 -35.26
N PHE C 174 -41.56 -31.11 -35.20
CA PHE C 174 -40.89 -30.67 -36.41
C PHE C 174 -40.69 -31.82 -37.38
N CYS C 175 -40.88 -31.54 -38.66
CA CYS C 175 -40.63 -32.53 -39.71
C CYS C 175 -39.13 -32.73 -39.89
N ASN C 176 -38.76 -33.90 -40.41
CA ASN C 176 -37.35 -34.19 -40.63
C ASN C 176 -36.74 -33.26 -41.66
N ASP C 177 -37.55 -32.72 -42.56
CA ASP C 177 -37.10 -31.76 -43.58
C ASP C 177 -37.99 -30.52 -43.46
N PRO C 178 -37.77 -29.71 -42.44
CA PRO C 178 -38.63 -28.55 -42.23
C PRO C 178 -38.23 -27.38 -43.12
N PHE C 179 -39.23 -26.63 -43.56
CA PHE C 179 -39.03 -25.52 -44.48
C PHE C 179 -40.34 -24.75 -44.58
N LEU C 180 -40.34 -23.71 -45.42
CA LEU C 180 -41.53 -22.94 -45.74
C LEU C 180 -41.68 -22.92 -47.25
N GLY C 181 -42.85 -23.33 -47.74
CA GLY C 181 -43.08 -23.44 -49.18
C GLY C 181 -43.53 -22.11 -49.77
N VAL C 182 -43.03 -21.83 -50.97
CA VAL C 182 -43.36 -20.61 -51.70
C VAL C 182 -43.71 -20.98 -53.13
N TYR C 183 -44.78 -20.36 -53.65
CA TYR C 183 -45.17 -20.52 -55.04
C TYR C 183 -44.41 -19.49 -55.87
N TYR C 184 -43.47 -19.97 -56.68
CA TYR C 184 -42.60 -19.08 -57.45
C TYR C 184 -43.40 -18.56 -58.66
N HIS C 185 -43.89 -17.33 -58.52
CA HIS C 185 -44.66 -16.65 -59.57
C HIS C 185 -45.59 -17.62 -60.28
N LYS C 186 -46.37 -18.37 -59.49
CA LYS C 186 -47.34 -19.32 -60.03
C LYS C 186 -48.59 -18.56 -60.46
N ASN C 187 -48.43 -17.81 -61.55
CA ASN C 187 -49.46 -16.97 -62.16
C ASN C 187 -49.70 -15.69 -61.38
N ASN C 188 -49.05 -15.51 -60.23
CA ASN C 188 -49.18 -14.29 -59.43
C ASN C 188 -48.12 -13.26 -59.75
N LYS C 189 -47.19 -13.58 -60.66
CA LYS C 189 -46.04 -12.71 -60.96
C LYS C 189 -45.44 -12.17 -59.68
N SER C 190 -45.40 -13.00 -58.63
CA SER C 190 -44.87 -12.62 -57.33
C SER C 190 -44.74 -13.87 -56.48
N TRP C 191 -43.62 -13.99 -55.79
CA TRP C 191 -43.34 -15.14 -54.93
C TRP C 191 -44.14 -14.97 -53.64
N MET C 192 -45.31 -15.60 -53.58
CA MET C 192 -46.21 -15.49 -52.44
C MET C 192 -46.15 -16.78 -51.62
N GLU C 193 -45.90 -16.64 -50.33
CA GLU C 193 -45.83 -17.79 -49.45
C GLU C 193 -47.22 -18.37 -49.22
N SER C 194 -47.34 -19.69 -49.36
CA SER C 194 -48.62 -20.36 -49.21
C SER C 194 -48.55 -21.65 -48.41
N GLU C 195 -47.38 -22.07 -47.95
CA GLU C 195 -47.22 -23.33 -47.24
C GLU C 195 -46.31 -23.12 -46.04
N PHE C 196 -46.48 -23.99 -45.04
CA PHE C 196 -45.60 -23.98 -43.87
C PHE C 196 -45.46 -25.42 -43.39
N ARG C 197 -44.38 -26.08 -43.79
CA ARG C 197 -44.05 -27.42 -43.35
C ARG C 197 -43.03 -27.41 -42.21
N VAL C 198 -42.90 -26.28 -41.52
CA VAL C 198 -41.94 -26.18 -40.42
C VAL C 198 -42.26 -27.18 -39.33
N TYR C 199 -43.54 -27.32 -38.98
CA TYR C 199 -43.96 -28.30 -38.00
C TYR C 199 -45.37 -28.76 -38.32
N SER C 200 -45.77 -29.87 -37.70
CA SER C 200 -47.08 -30.47 -37.95
C SER C 200 -48.11 -30.11 -36.89
N SER C 201 -47.70 -29.98 -35.62
CA SER C 201 -48.64 -29.67 -34.55
C SER C 201 -47.89 -29.07 -33.38
N ALA C 202 -48.64 -28.42 -32.50
CA ALA C 202 -48.11 -27.81 -31.29
C ALA C 202 -48.88 -28.33 -30.09
N ASN C 203 -48.17 -28.85 -29.10
CA ASN C 203 -48.78 -29.45 -27.92
C ASN C 203 -48.63 -28.58 -26.68
N ASN C 204 -47.41 -28.21 -26.31
CA ASN C 204 -47.12 -27.44 -25.10
C ASN C 204 -46.55 -26.09 -25.51
N CYS C 205 -47.44 -25.14 -25.78
CA CYS C 205 -47.04 -23.79 -26.17
C CYS C 205 -46.74 -22.94 -24.96
N THR C 206 -45.64 -22.18 -25.03
CA THR C 206 -45.20 -21.33 -23.94
C THR C 206 -45.16 -19.85 -24.28
N PHE C 207 -44.92 -19.49 -25.54
CA PHE C 207 -44.75 -18.09 -25.91
C PHE C 207 -45.06 -17.93 -27.39
N GLU C 208 -45.40 -16.69 -27.77
CA GLU C 208 -45.62 -16.35 -29.16
C GLU C 208 -45.50 -14.84 -29.32
N TYR C 209 -44.78 -14.41 -30.34
CA TYR C 209 -44.61 -13.00 -30.66
C TYR C 209 -44.81 -12.80 -32.16
N VAL C 210 -45.45 -11.68 -32.52
CA VAL C 210 -45.69 -11.33 -33.91
C VAL C 210 -45.26 -9.89 -34.12
N SER C 211 -44.40 -9.67 -35.11
CA SER C 211 -43.82 -8.36 -35.36
C SER C 211 -44.58 -7.68 -36.51
N GLN C 212 -44.08 -6.51 -36.89
CA GLN C 212 -44.66 -5.76 -37.99
C GLN C 212 -44.34 -6.43 -39.33
N PRO C 213 -45.14 -6.18 -40.35
CA PRO C 213 -44.82 -6.68 -41.69
C PRO C 213 -43.65 -5.92 -42.30
N PHE C 214 -43.24 -6.37 -43.49
CA PHE C 214 -42.08 -5.79 -44.15
C PHE C 214 -42.18 -6.09 -45.64
N LEU C 215 -41.35 -5.40 -46.41
CA LEU C 215 -41.33 -5.55 -47.85
C LEU C 215 -40.97 -6.98 -48.23
N MET C 216 -41.55 -7.45 -49.33
CA MET C 216 -41.30 -8.80 -49.84
C MET C 216 -40.22 -8.71 -50.92
N ASP C 217 -38.98 -8.61 -50.47
CA ASP C 217 -37.85 -8.55 -51.38
C ASP C 217 -36.68 -9.37 -50.86
N PHE C 225 -31.46 -9.85 -55.28
CA PHE C 225 -31.33 -9.14 -54.02
C PHE C 225 -30.36 -7.98 -54.14
N LYS C 226 -30.56 -6.96 -53.30
CA LYS C 226 -29.63 -5.83 -53.24
C LYS C 226 -29.41 -5.43 -51.79
N ASN C 227 -29.62 -6.35 -50.86
CA ASN C 227 -29.42 -6.10 -49.44
C ASN C 227 -28.93 -7.37 -48.76
N LEU C 228 -28.01 -7.21 -47.83
CA LEU C 228 -27.42 -8.34 -47.11
C LEU C 228 -28.05 -8.41 -45.73
N ARG C 229 -29.20 -9.07 -45.65
CA ARG C 229 -29.83 -9.32 -44.36
C ARG C 229 -29.03 -10.36 -43.60
N GLU C 230 -28.63 -10.01 -42.38
CA GLU C 230 -27.84 -10.89 -41.54
C GLU C 230 -28.50 -11.02 -40.18
N PHE C 231 -28.33 -12.17 -39.56
CA PHE C 231 -29.00 -12.48 -38.30
C PHE C 231 -28.02 -13.14 -37.35
N VAL C 232 -28.26 -12.94 -36.07
CA VAL C 232 -27.50 -13.59 -35.00
C VAL C 232 -28.50 -14.08 -33.96
N PHE C 233 -28.24 -15.26 -33.41
CA PHE C 233 -29.15 -15.91 -32.48
C PHE C 233 -28.36 -16.38 -31.26
N LYS C 234 -28.84 -16.03 -30.08
CA LYS C 234 -28.19 -16.41 -28.83
C LYS C 234 -29.25 -16.92 -27.85
N ASN C 235 -28.82 -17.83 -26.97
CA ASN C 235 -29.67 -18.40 -25.93
C ASN C 235 -28.83 -18.48 -24.66
N ILE C 236 -28.89 -17.43 -23.84
CA ILE C 236 -28.08 -17.32 -22.63
C ILE C 236 -29.01 -17.16 -21.44
N ASP C 237 -28.79 -17.99 -20.42
CA ASP C 237 -29.56 -17.91 -19.18
C ASP C 237 -31.06 -18.00 -19.44
N GLY C 238 -31.43 -18.73 -20.50
CA GLY C 238 -32.82 -18.82 -20.90
C GLY C 238 -33.22 -17.65 -21.79
N TYR C 239 -32.76 -16.46 -21.45
CA TYR C 239 -33.02 -15.28 -22.25
C TYR C 239 -32.53 -15.50 -23.68
N PHE C 240 -33.45 -15.56 -24.63
CA PHE C 240 -33.13 -15.86 -26.01
C PHE C 240 -33.10 -14.55 -26.81
N LYS C 241 -31.97 -14.25 -27.43
CA LYS C 241 -31.74 -12.97 -28.08
C LYS C 241 -31.61 -13.15 -29.59
N ILE C 242 -32.07 -12.15 -30.34
CA ILE C 242 -32.01 -12.15 -31.79
C ILE C 242 -31.58 -10.77 -32.25
N TYR C 243 -30.62 -10.71 -33.17
CA TYR C 243 -30.15 -9.46 -33.75
C TYR C 243 -30.21 -9.56 -35.27
N SER C 244 -30.35 -8.41 -35.92
CA SER C 244 -30.36 -8.38 -37.38
C SER C 244 -30.27 -6.94 -37.85
N LYS C 245 -29.90 -6.79 -39.12
CA LYS C 245 -29.81 -5.47 -39.75
C LYS C 245 -30.17 -5.62 -41.22
N HIS C 246 -30.70 -4.54 -41.77
CA HIS C 246 -31.05 -4.47 -43.19
C HIS C 246 -30.12 -3.46 -43.85
N THR C 247 -29.14 -3.97 -44.60
CA THR C 247 -28.11 -3.13 -45.19
C THR C 247 -28.03 -3.40 -46.69
N PRO C 248 -27.97 -2.37 -47.53
CA PRO C 248 -27.74 -2.60 -48.96
C PRO C 248 -26.33 -3.07 -49.24
N ILE C 249 -26.19 -3.91 -50.26
CA ILE C 249 -24.92 -4.40 -50.75
C ILE C 249 -24.96 -4.40 -52.27
N ASN C 250 -23.83 -4.79 -52.89
CA ASN C 250 -23.77 -4.86 -54.35
C ASN C 250 -23.00 -6.08 -54.83
N LEU C 251 -23.00 -7.16 -54.06
CA LEU C 251 -22.32 -8.39 -54.45
C LEU C 251 -23.35 -9.42 -54.91
N VAL C 252 -22.88 -10.64 -55.21
CA VAL C 252 -23.71 -11.71 -55.76
C VAL C 252 -23.70 -12.94 -54.85
N ARG C 253 -22.51 -13.45 -54.53
CA ARG C 253 -22.40 -14.68 -53.76
C ARG C 253 -21.32 -14.66 -52.68
N ASP C 254 -20.63 -13.53 -52.49
CA ASP C 254 -19.59 -13.42 -51.48
C ASP C 254 -19.92 -12.29 -50.52
N LEU C 255 -19.47 -12.44 -49.28
CA LEU C 255 -19.73 -11.43 -48.27
C LEU C 255 -18.92 -10.18 -48.58
N PRO C 256 -19.53 -9.01 -48.64
CA PRO C 256 -18.77 -7.79 -48.95
C PRO C 256 -17.84 -7.41 -47.81
N GLN C 257 -16.76 -6.72 -48.16
CA GLN C 257 -15.79 -6.24 -47.18
C GLN C 257 -16.16 -4.87 -46.64
N GLY C 258 -17.38 -4.75 -46.12
CA GLY C 258 -17.86 -3.56 -45.46
C GLY C 258 -18.18 -3.83 -44.00
N PHE C 259 -18.63 -2.78 -43.32
CA PHE C 259 -18.97 -2.87 -41.91
C PHE C 259 -20.42 -2.49 -41.69
N SER C 260 -21.10 -3.29 -40.87
CA SER C 260 -22.48 -3.03 -40.50
C SER C 260 -22.73 -3.59 -39.11
N ALA C 261 -23.68 -2.99 -38.40
CA ALA C 261 -24.01 -3.39 -37.05
C ALA C 261 -25.47 -3.85 -37.01
N LEU C 262 -25.70 -5.03 -36.43
CA LEU C 262 -27.03 -5.61 -36.38
C LEU C 262 -27.77 -5.05 -35.17
N GLU C 263 -28.71 -4.15 -35.40
CA GLU C 263 -29.52 -3.62 -34.31
C GLU C 263 -30.39 -4.73 -33.74
N PRO C 264 -30.44 -4.90 -32.42
CA PRO C 264 -31.29 -5.95 -31.86
C PRO C 264 -32.75 -5.72 -32.21
N LEU C 265 -33.47 -6.81 -32.43
CA LEU C 265 -34.88 -6.75 -32.79
C LEU C 265 -35.80 -7.52 -31.84
N VAL C 266 -35.30 -8.57 -31.18
CA VAL C 266 -36.13 -9.38 -30.31
C VAL C 266 -35.27 -9.95 -29.18
N ASP C 267 -35.90 -10.15 -28.03
CA ASP C 267 -35.27 -10.80 -26.89
C ASP C 267 -36.37 -11.46 -26.07
N LEU C 268 -36.34 -12.79 -25.96
CA LEU C 268 -37.44 -13.52 -25.36
C LEU C 268 -36.95 -14.43 -24.24
N PRO C 269 -37.75 -14.60 -23.17
CA PRO C 269 -37.42 -15.55 -22.09
C PRO C 269 -38.00 -16.95 -22.34
N ILE C 270 -37.70 -17.53 -23.50
CA ILE C 270 -38.23 -18.85 -23.82
C ILE C 270 -37.73 -19.88 -22.80
N GLY C 271 -36.48 -19.76 -22.38
CA GLY C 271 -35.95 -20.63 -21.34
C GLY C 271 -35.98 -22.10 -21.68
N ILE C 272 -35.66 -22.45 -22.92
CA ILE C 272 -35.62 -23.84 -23.36
C ILE C 272 -34.16 -24.24 -23.56
N ASN C 273 -33.95 -25.54 -23.78
CA ASN C 273 -32.62 -26.06 -24.08
C ASN C 273 -32.45 -26.14 -25.60
N ILE C 274 -31.46 -25.42 -26.12
CA ILE C 274 -31.15 -25.40 -27.54
C ILE C 274 -29.79 -26.09 -27.72
N THR C 275 -29.81 -27.31 -28.22
CA THR C 275 -28.60 -28.07 -28.50
C THR C 275 -28.33 -28.24 -29.98
N ARG C 276 -29.32 -27.99 -30.84
CA ARG C 276 -29.16 -28.09 -32.28
C ARG C 276 -30.05 -27.05 -32.94
N PHE C 277 -29.89 -26.88 -34.25
CA PHE C 277 -30.73 -25.97 -35.00
C PHE C 277 -30.76 -26.39 -36.46
N GLN C 278 -31.65 -25.74 -37.21
CA GLN C 278 -31.78 -25.97 -38.64
C GLN C 278 -32.32 -24.71 -39.28
N THR C 279 -32.11 -24.58 -40.58
CA THR C 279 -32.51 -23.41 -41.34
C THR C 279 -33.73 -23.73 -42.19
N LEU C 280 -34.76 -22.89 -42.08
CA LEU C 280 -35.95 -23.00 -42.90
C LEU C 280 -35.87 -21.97 -44.02
N LEU C 281 -36.11 -22.42 -45.25
CA LEU C 281 -35.95 -21.60 -46.43
C LEU C 281 -37.17 -21.74 -47.32
N ALA C 282 -37.23 -20.89 -48.35
CA ALA C 282 -38.31 -20.98 -49.32
C ALA C 282 -38.21 -22.29 -50.11
N LEU C 283 -39.36 -22.85 -50.44
CA LEU C 283 -39.41 -24.11 -51.16
C LEU C 283 -40.76 -24.28 -51.86
N SER C 295 -43.35 -30.45 -53.49
CA SER C 295 -42.58 -31.50 -54.12
C SER C 295 -42.17 -31.10 -55.53
N GLY C 296 -40.87 -30.92 -55.73
CA GLY C 296 -40.35 -30.43 -56.99
C GLY C 296 -40.16 -28.93 -56.95
N TRP C 297 -38.91 -28.49 -56.93
CA TRP C 297 -38.63 -27.08 -56.68
C TRP C 297 -37.28 -26.70 -57.28
N THR C 298 -37.07 -25.39 -57.41
CA THR C 298 -35.78 -24.82 -57.80
C THR C 298 -35.55 -23.65 -56.83
N ALA C 299 -34.85 -23.93 -55.74
CA ALA C 299 -34.71 -22.94 -54.67
C ALA C 299 -34.11 -21.66 -55.20
N GLY C 300 -34.72 -20.53 -54.82
CA GLY C 300 -34.25 -19.23 -55.25
C GLY C 300 -32.83 -18.96 -54.81
N ALA C 301 -32.04 -18.35 -55.69
CA ALA C 301 -30.65 -18.07 -55.38
C ALA C 301 -30.54 -17.19 -54.14
N ALA C 302 -30.00 -17.76 -53.06
CA ALA C 302 -29.83 -17.01 -51.81
C ALA C 302 -28.65 -17.61 -51.06
N ALA C 303 -27.50 -16.95 -51.14
CA ALA C 303 -26.32 -17.38 -50.41
C ALA C 303 -26.54 -17.12 -48.94
N TYR C 304 -26.66 -18.19 -48.16
CA TYR C 304 -26.91 -18.12 -46.73
C TYR C 304 -25.82 -18.88 -46.01
N TYR C 305 -25.27 -18.27 -44.95
CA TYR C 305 -24.03 -18.74 -44.36
C TYR C 305 -24.30 -19.15 -42.92
N VAL C 306 -23.37 -19.91 -42.35
CA VAL C 306 -23.41 -20.27 -40.94
C VAL C 306 -22.03 -20.03 -40.34
N GLY C 307 -21.96 -19.17 -39.33
CA GLY C 307 -20.71 -18.90 -38.64
C GLY C 307 -20.82 -19.18 -37.15
N TYR C 308 -20.17 -20.24 -36.69
CA TYR C 308 -20.25 -20.63 -35.28
C TYR C 308 -19.51 -19.60 -34.45
N LEU C 309 -20.27 -18.76 -33.76
CA LEU C 309 -19.69 -17.68 -32.98
C LEU C 309 -18.91 -18.24 -31.80
N GLN C 310 -17.87 -17.52 -31.40
CA GLN C 310 -17.00 -17.92 -30.31
C GLN C 310 -16.92 -16.81 -29.28
N PRO C 311 -16.82 -17.15 -28.00
CA PRO C 311 -16.59 -16.11 -26.97
C PRO C 311 -15.22 -15.49 -27.13
N ARG C 312 -15.19 -14.19 -27.41
CA ARG C 312 -13.93 -13.51 -27.69
C ARG C 312 -14.07 -12.03 -27.38
N THR C 313 -12.96 -11.44 -26.92
CA THR C 313 -12.91 -10.00 -26.77
C THR C 313 -12.93 -9.33 -28.14
N PHE C 314 -13.56 -8.16 -28.21
CA PHE C 314 -13.86 -7.55 -29.50
C PHE C 314 -14.05 -6.06 -29.27
N LEU C 315 -13.13 -5.25 -29.76
CA LEU C 315 -13.12 -3.82 -29.48
C LEU C 315 -14.02 -3.09 -30.46
N LEU C 316 -15.02 -2.39 -29.93
CA LEU C 316 -16.00 -1.66 -30.73
C LEU C 316 -15.74 -0.16 -30.65
N LYS C 317 -15.90 0.52 -31.78
CA LYS C 317 -15.73 1.97 -31.87
C LYS C 317 -17.10 2.61 -32.06
N TYR C 318 -17.61 3.23 -31.01
CA TYR C 318 -18.86 3.97 -31.07
C TYR C 318 -18.58 5.40 -31.47
N ASN C 319 -19.15 5.84 -32.60
CA ASN C 319 -18.98 7.21 -33.02
C ASN C 319 -19.77 8.14 -32.10
N GLU C 320 -19.74 9.44 -32.42
CA GLU C 320 -20.42 10.42 -31.58
C GLU C 320 -21.92 10.21 -31.54
N ASN C 321 -22.48 9.43 -32.46
CA ASN C 321 -23.91 9.16 -32.51
C ASN C 321 -24.30 7.89 -31.77
N GLY C 322 -23.34 7.17 -31.20
CA GLY C 322 -23.65 5.91 -30.56
C GLY C 322 -23.85 4.75 -31.50
N THR C 323 -23.55 4.92 -32.78
CA THR C 323 -23.63 3.84 -33.76
C THR C 323 -22.22 3.35 -34.08
N ILE C 324 -22.05 2.03 -34.04
CA ILE C 324 -20.72 1.45 -34.19
C ILE C 324 -20.22 1.69 -35.60
N THR C 325 -18.99 2.20 -35.71
CA THR C 325 -18.40 2.54 -37.00
C THR C 325 -17.26 1.62 -37.43
N ASP C 326 -16.49 1.09 -36.49
CA ASP C 326 -15.42 0.14 -36.78
C ASP C 326 -15.25 -0.78 -35.58
N ALA C 327 -14.41 -1.79 -35.75
CA ALA C 327 -14.12 -2.73 -34.68
C ALA C 327 -12.89 -3.55 -35.06
N VAL C 328 -12.31 -4.21 -34.06
CA VAL C 328 -11.17 -5.09 -34.24
C VAL C 328 -11.32 -6.27 -33.28
N ASP C 329 -10.36 -7.19 -33.33
CA ASP C 329 -10.38 -8.39 -32.50
C ASP C 329 -9.17 -8.39 -31.56
N CYS C 330 -9.19 -9.32 -30.62
CA CYS C 330 -8.05 -9.58 -29.75
C CYS C 330 -7.28 -10.84 -30.14
N ALA C 331 -7.68 -11.51 -31.23
CA ALA C 331 -6.99 -12.73 -31.65
C ALA C 331 -6.81 -12.83 -33.15
N LEU C 332 -7.22 -11.83 -33.93
CA LEU C 332 -7.03 -11.92 -35.37
C LEU C 332 -5.54 -11.93 -35.73
N ASP C 333 -4.75 -11.08 -35.09
CA ASP C 333 -3.33 -10.97 -35.38
C ASP C 333 -2.67 -10.05 -34.37
N PRO C 334 -1.33 -10.00 -34.32
CA PRO C 334 -0.67 -9.13 -33.34
C PRO C 334 -1.09 -7.67 -33.47
N LEU C 335 -1.28 -7.18 -34.69
CA LEU C 335 -1.70 -5.79 -34.87
C LEU C 335 -3.00 -5.52 -34.13
N SER C 336 -3.98 -6.42 -34.27
CA SER C 336 -5.23 -6.24 -33.55
C SER C 336 -5.02 -6.32 -32.05
N GLU C 337 -4.16 -7.23 -31.59
CA GLU C 337 -3.92 -7.37 -30.16
C GLU C 337 -3.40 -6.08 -29.56
N THR C 338 -2.42 -5.45 -30.20
CA THR C 338 -1.86 -4.23 -29.65
C THR C 338 -2.89 -3.10 -29.66
N LYS C 339 -3.75 -3.06 -30.67
CA LYS C 339 -4.80 -2.06 -30.70
C LYS C 339 -5.73 -2.21 -29.51
N CYS C 340 -6.10 -3.45 -29.17
CA CYS C 340 -7.04 -3.66 -28.08
C CYS C 340 -6.40 -3.37 -26.73
N THR C 341 -5.10 -3.70 -26.58
CA THR C 341 -4.42 -3.39 -25.33
C THR C 341 -4.33 -1.88 -25.11
N LEU C 342 -4.06 -1.12 -26.16
CA LEU C 342 -3.98 0.33 -26.05
C LEU C 342 -5.33 1.02 -26.15
N LYS C 343 -6.40 0.28 -26.46
CA LYS C 343 -7.74 0.86 -26.62
C LYS C 343 -7.70 1.98 -27.65
N SER C 344 -7.09 1.70 -28.80
CA SER C 344 -6.97 2.68 -29.87
C SER C 344 -6.88 1.96 -31.19
N PHE C 345 -7.54 2.53 -32.22
CA PHE C 345 -7.48 1.94 -33.55
C PHE C 345 -6.26 2.39 -34.33
N THR C 346 -5.51 3.36 -33.82
CA THR C 346 -4.23 3.76 -34.39
C THR C 346 -3.19 3.71 -33.29
N VAL C 347 -2.07 3.05 -33.55
CA VAL C 347 -0.99 2.89 -32.59
C VAL C 347 0.27 3.54 -33.15
N GLU C 348 0.92 4.36 -32.34
CA GLU C 348 2.14 5.03 -32.78
C GLU C 348 3.30 4.06 -32.83
N LYS C 349 4.36 4.48 -33.52
CA LYS C 349 5.55 3.65 -33.65
C LYS C 349 6.11 3.31 -32.28
N GLY C 350 6.52 2.05 -32.11
CA GLY C 350 7.08 1.61 -30.85
C GLY C 350 6.93 0.12 -30.69
N ILE C 351 7.22 -0.34 -29.47
CA ILE C 351 7.11 -1.75 -29.09
C ILE C 351 6.19 -1.83 -27.88
N TYR C 352 5.20 -2.73 -27.96
CA TYR C 352 4.17 -2.85 -26.94
C TYR C 352 4.05 -4.29 -26.48
N GLN C 353 3.90 -4.47 -25.17
CA GLN C 353 3.77 -5.80 -24.56
C GLN C 353 2.30 -6.20 -24.60
N THR C 354 1.93 -6.97 -25.63
CA THR C 354 0.53 -7.28 -25.84
C THR C 354 0.01 -8.32 -24.85
N SER C 355 0.73 -9.42 -24.69
CA SER C 355 0.24 -10.54 -23.89
C SER C 355 1.43 -11.29 -23.32
N ASN C 356 1.16 -12.49 -22.78
CA ASN C 356 2.17 -13.32 -22.14
C ASN C 356 2.15 -14.70 -22.77
N PHE C 357 3.32 -15.16 -23.20
CA PHE C 357 3.45 -16.47 -23.81
C PHE C 357 3.58 -17.55 -22.74
N ARG C 358 3.10 -18.75 -23.06
CA ARG C 358 3.21 -19.87 -22.15
C ARG C 358 3.01 -21.16 -22.94
N VAL C 359 4.05 -21.99 -22.99
CA VAL C 359 3.96 -23.25 -23.73
C VAL C 359 2.96 -24.16 -23.03
N GLN C 360 2.03 -24.71 -23.79
CA GLN C 360 1.00 -25.55 -23.19
C GLN C 360 1.52 -26.98 -23.00
N PRO C 361 1.04 -27.69 -21.99
CA PRO C 361 1.51 -29.07 -21.78
C PRO C 361 1.00 -30.00 -22.88
N THR C 362 1.86 -30.95 -23.27
CA THR C 362 1.49 -31.88 -24.35
C THR C 362 0.51 -32.94 -23.88
N GLU C 363 0.72 -33.50 -22.69
CA GLU C 363 -0.20 -34.51 -22.15
C GLU C 363 0.05 -34.62 -20.64
N SER C 364 -0.52 -35.66 -20.03
CA SER C 364 -0.47 -35.85 -18.59
C SER C 364 0.18 -37.19 -18.27
N ILE C 365 0.95 -37.21 -17.18
CA ILE C 365 1.65 -38.40 -16.70
C ILE C 365 1.15 -38.73 -15.30
N VAL C 366 0.93 -40.01 -15.04
CA VAL C 366 0.39 -40.42 -13.74
C VAL C 366 1.48 -41.05 -12.89
N ARG C 367 2.01 -42.19 -13.32
CA ARG C 367 3.13 -42.85 -12.64
C ARG C 367 2.94 -42.90 -11.12
N PHE C 368 1.93 -43.66 -10.70
CA PHE C 368 1.76 -43.97 -9.29
C PHE C 368 2.49 -45.27 -8.97
N PRO C 369 2.81 -45.51 -7.69
CA PRO C 369 3.57 -46.73 -7.35
C PRO C 369 2.84 -47.99 -7.78
N ASN C 370 3.62 -48.99 -8.20
CA ASN C 370 3.08 -50.23 -8.76
C ASN C 370 2.65 -51.15 -7.61
N ILE C 371 1.55 -50.76 -6.96
CA ILE C 371 0.89 -51.56 -5.94
C ILE C 371 -0.35 -52.17 -6.55
N THR C 372 -0.49 -53.49 -6.40
CA THR C 372 -1.58 -54.21 -7.05
C THR C 372 -2.29 -55.17 -6.09
N ASN C 373 -2.45 -54.75 -4.83
CA ASN C 373 -3.21 -55.51 -3.85
C ASN C 373 -4.29 -54.60 -3.27
N LEU C 374 -5.55 -54.92 -3.56
CA LEU C 374 -6.65 -54.06 -3.13
C LEU C 374 -6.63 -53.87 -1.63
N CYS C 375 -6.79 -52.62 -1.20
CA CYS C 375 -6.66 -52.30 0.22
C CYS C 375 -7.80 -52.91 1.01
N PRO C 376 -7.54 -53.41 2.23
CA PRO C 376 -8.57 -54.12 3.00
C PRO C 376 -9.49 -53.22 3.82
N PHE C 377 -10.46 -52.60 3.14
CA PHE C 377 -11.45 -51.78 3.81
C PHE C 377 -12.60 -52.58 4.40
N GLY C 378 -12.80 -53.83 3.96
CA GLY C 378 -13.87 -54.64 4.52
C GLY C 378 -13.61 -55.10 5.93
N GLU C 379 -12.38 -55.00 6.41
CA GLU C 379 -12.01 -55.35 7.76
C GLU C 379 -12.13 -54.19 8.74
N VAL C 380 -12.47 -53.00 8.26
CA VAL C 380 -12.62 -51.83 9.13
C VAL C 380 -14.00 -51.22 8.92
N PHE C 381 -14.68 -51.61 7.83
CA PHE C 381 -16.05 -51.20 7.58
C PHE C 381 -17.05 -52.31 7.86
N ASN C 382 -16.80 -53.50 7.33
CA ASN C 382 -17.70 -54.64 7.49
C ASN C 382 -17.29 -55.55 8.63
N ALA C 383 -16.33 -55.14 9.45
CA ALA C 383 -15.86 -55.98 10.54
C ALA C 383 -17.03 -56.35 11.46
N THR C 384 -16.79 -57.37 12.29
CA THR C 384 -17.85 -57.90 13.14
C THR C 384 -18.23 -56.90 14.23
N ARG C 385 -17.25 -56.20 14.81
CA ARG C 385 -17.50 -55.33 15.95
C ARG C 385 -16.62 -54.09 15.87
N PHE C 386 -17.17 -52.97 16.33
CA PHE C 386 -16.41 -51.74 16.55
C PHE C 386 -16.53 -51.36 18.02
N ALA C 387 -15.39 -51.20 18.68
CA ALA C 387 -15.39 -50.92 20.11
C ALA C 387 -16.04 -49.58 20.39
N SER C 388 -16.68 -49.49 21.57
CA SER C 388 -17.28 -48.23 22.01
C SER C 388 -16.21 -47.18 22.22
N VAL C 389 -16.61 -45.95 22.55
CA VAL C 389 -15.65 -44.85 22.65
C VAL C 389 -15.13 -44.87 24.08
N TYR C 390 -14.24 -45.82 24.35
CA TYR C 390 -13.29 -45.73 25.45
C TYR C 390 -11.92 -46.28 25.09
N ALA C 391 -11.83 -47.20 24.11
CA ALA C 391 -10.59 -47.75 23.60
C ALA C 391 -10.69 -47.95 22.10
N TRP C 392 -11.42 -47.06 21.42
CA TRP C 392 -11.81 -47.25 20.02
C TRP C 392 -10.66 -47.84 19.20
N ASN C 393 -11.01 -48.82 18.38
CA ASN C 393 -10.02 -49.48 17.55
C ASN C 393 -9.42 -48.50 16.55
N ARG C 394 -8.10 -48.59 16.37
CA ARG C 394 -7.36 -47.75 15.43
C ARG C 394 -6.53 -48.69 14.56
N LYS C 395 -7.02 -48.99 13.37
CA LYS C 395 -6.37 -49.91 12.45
C LYS C 395 -5.66 -49.10 11.36
N ARG C 396 -4.36 -48.91 11.53
CA ARG C 396 -3.59 -48.26 10.49
C ARG C 396 -3.52 -49.14 9.25
N ILE C 397 -3.52 -48.50 8.09
CA ILE C 397 -3.50 -49.21 6.81
C ILE C 397 -2.43 -48.59 5.94
N SER C 398 -1.63 -49.44 5.29
CA SER C 398 -0.49 -48.98 4.50
C SER C 398 -0.34 -49.87 3.27
N ASN C 399 0.58 -49.46 2.41
CA ASN C 399 1.06 -50.23 1.25
C ASN C 399 -0.08 -51.04 0.62
N CYS C 400 -1.11 -50.31 0.18
CA CYS C 400 -2.23 -50.91 -0.51
C CYS C 400 -2.76 -49.92 -1.54
N VAL C 401 -3.66 -50.39 -2.40
CA VAL C 401 -4.40 -49.53 -3.32
C VAL C 401 -5.84 -49.45 -2.81
N ALA C 402 -6.26 -48.25 -2.43
CA ALA C 402 -7.59 -48.05 -1.87
C ALA C 402 -8.60 -47.83 -2.98
N ASP C 403 -9.87 -47.97 -2.61
CA ASP C 403 -10.98 -47.83 -3.55
C ASP C 403 -12.08 -46.96 -2.93
N TYR C 404 -11.69 -45.81 -2.38
CA TYR C 404 -12.67 -44.92 -1.76
C TYR C 404 -13.86 -44.65 -2.68
N SER C 405 -13.72 -44.92 -3.98
CA SER C 405 -14.82 -44.69 -4.91
C SER C 405 -16.08 -45.41 -4.47
N VAL C 406 -15.95 -46.70 -4.11
CA VAL C 406 -17.12 -47.52 -3.77
C VAL C 406 -17.70 -47.18 -2.41
N LEU C 407 -17.14 -46.20 -1.70
CA LEU C 407 -17.69 -45.83 -0.40
C LEU C 407 -18.84 -44.84 -0.55
N TYR C 408 -18.62 -43.75 -1.29
CA TYR C 408 -19.66 -42.73 -1.43
C TYR C 408 -20.69 -43.12 -2.48
N ASN C 409 -20.25 -43.63 -3.64
CA ASN C 409 -21.19 -44.00 -4.69
C ASN C 409 -22.05 -45.18 -4.29
N SER C 410 -21.62 -45.98 -3.30
CA SER C 410 -22.45 -47.08 -2.82
C SER C 410 -23.76 -46.57 -2.26
N ALA C 411 -23.74 -45.42 -1.59
CA ALA C 411 -24.93 -44.79 -1.05
C ALA C 411 -25.63 -45.69 -0.03
N SER C 412 -24.86 -46.54 0.65
CA SER C 412 -25.39 -47.41 1.68
C SER C 412 -25.14 -46.87 3.09
N PHE C 413 -24.64 -45.64 3.19
CA PHE C 413 -24.28 -45.03 4.47
C PHE C 413 -25.25 -43.89 4.78
N SER C 414 -24.93 -43.14 5.84
CA SER C 414 -25.76 -42.04 6.31
C SER C 414 -25.09 -40.68 6.14
N THR C 415 -23.89 -40.50 6.68
CA THR C 415 -23.23 -39.21 6.70
C THR C 415 -21.89 -39.27 5.99
N PHE C 416 -21.61 -38.25 5.18
CA PHE C 416 -20.32 -38.06 4.51
C PHE C 416 -19.91 -36.60 4.73
N LYS C 417 -19.12 -36.36 5.77
CA LYS C 417 -18.58 -35.04 6.04
C LYS C 417 -17.07 -35.16 6.03
N CYS C 418 -16.48 -35.05 4.84
CA CYS C 418 -15.03 -35.12 4.68
C CYS C 418 -14.43 -33.74 4.92
N TYR C 419 -13.39 -33.70 5.76
CA TYR C 419 -12.73 -32.46 6.12
C TYR C 419 -11.32 -32.47 5.58
N GLY C 420 -10.96 -31.43 4.83
CA GLY C 420 -9.68 -31.37 4.17
C GLY C 420 -9.61 -32.14 2.87
N VAL C 421 -10.68 -32.82 2.49
CA VAL C 421 -10.72 -33.59 1.25
C VAL C 421 -12.18 -33.73 0.84
N SER C 422 -12.42 -33.72 -0.46
CA SER C 422 -13.79 -33.78 -0.95
C SER C 422 -14.37 -35.18 -0.77
N PRO C 423 -15.70 -35.29 -0.65
CA PRO C 423 -16.30 -36.62 -0.56
C PRO C 423 -15.95 -37.51 -1.75
N THR C 424 -15.83 -36.92 -2.93
CA THR C 424 -15.25 -37.58 -4.09
C THR C 424 -13.82 -37.08 -4.26
N LYS C 425 -13.19 -37.46 -5.38
CA LYS C 425 -11.84 -37.03 -5.72
C LYS C 425 -10.78 -37.70 -4.85
N LEU C 426 -11.14 -38.69 -4.05
CA LEU C 426 -10.18 -39.42 -3.25
C LEU C 426 -9.45 -40.49 -4.06
N ASN C 427 -9.89 -40.77 -5.29
CA ASN C 427 -9.23 -41.74 -6.14
C ASN C 427 -7.96 -41.17 -6.77
N ASP C 428 -7.92 -39.89 -7.05
CA ASP C 428 -6.72 -39.25 -7.54
C ASP C 428 -5.69 -38.98 -6.46
N LEU C 429 -6.10 -39.01 -5.19
CA LEU C 429 -5.19 -38.73 -4.10
C LEU C 429 -4.34 -39.95 -3.79
N CYS C 430 -3.25 -39.71 -3.07
CA CYS C 430 -2.23 -40.74 -2.84
C CYS C 430 -1.65 -40.47 -1.45
N PHE C 431 -2.19 -41.16 -0.45
CA PHE C 431 -1.92 -40.86 0.95
C PHE C 431 -0.71 -41.62 1.48
N THR C 432 -0.01 -40.99 2.43
CA THR C 432 1.14 -41.63 3.06
C THR C 432 0.70 -42.71 4.04
N ASN C 433 -0.32 -42.44 4.85
CA ASN C 433 -0.79 -43.40 5.83
C ASN C 433 -2.19 -42.98 6.27
N VAL C 434 -3.07 -43.97 6.43
CA VAL C 434 -4.46 -43.73 6.76
C VAL C 434 -4.81 -44.54 8.00
N TYR C 435 -5.41 -43.88 8.99
CA TYR C 435 -5.85 -44.51 10.23
C TYR C 435 -7.34 -44.77 10.13
N ALA C 436 -7.75 -46.03 10.27
CA ALA C 436 -9.16 -46.41 10.21
C ALA C 436 -9.68 -46.59 11.63
N ASP C 437 -9.95 -45.46 12.29
CA ASP C 437 -10.52 -45.49 13.63
C ASP C 437 -12.03 -45.73 13.51
N SER C 438 -12.53 -46.74 14.21
CA SER C 438 -13.93 -47.13 14.15
C SER C 438 -14.50 -47.20 15.55
N PHE C 439 -15.67 -46.59 15.75
CA PHE C 439 -16.36 -46.60 17.02
C PHE C 439 -17.85 -46.39 16.75
N VAL C 440 -18.65 -46.32 17.83
CA VAL C 440 -20.10 -46.28 17.74
C VAL C 440 -20.63 -45.23 18.70
N ILE C 441 -21.54 -44.38 18.21
CA ILE C 441 -22.24 -43.38 19.01
C ILE C 441 -23.65 -43.24 18.47
N ARG C 442 -24.42 -42.35 19.08
CA ARG C 442 -25.86 -42.23 18.82
C ARG C 442 -26.16 -40.95 18.05
N GLY C 443 -26.84 -41.09 16.91
CA GLY C 443 -27.47 -39.99 16.23
C GLY C 443 -26.68 -38.70 16.18
N ASP C 444 -27.21 -37.66 16.83
CA ASP C 444 -26.59 -36.33 16.75
C ASP C 444 -25.13 -36.37 17.18
N GLU C 445 -24.78 -37.28 18.09
CA GLU C 445 -23.37 -37.42 18.45
C GLU C 445 -22.52 -37.72 17.22
N VAL C 446 -23.10 -38.36 16.20
CA VAL C 446 -22.40 -38.53 14.94
C VAL C 446 -22.02 -37.18 14.35
N ARG C 447 -22.93 -36.21 14.44
CA ARG C 447 -22.64 -34.85 14.00
C ARG C 447 -21.91 -34.04 15.05
N GLN C 448 -21.71 -34.58 16.25
CA GLN C 448 -20.97 -33.89 17.30
C GLN C 448 -19.46 -33.97 17.12
N ILE C 449 -18.98 -34.83 16.23
CA ILE C 449 -17.55 -34.96 15.96
C ILE C 449 -17.24 -34.23 14.67
N ALA C 450 -16.33 -33.27 14.75
CA ALA C 450 -15.93 -32.46 13.60
C ALA C 450 -14.79 -31.55 14.01
N PRO C 451 -14.05 -30.98 13.06
CA PRO C 451 -12.97 -30.05 13.43
C PRO C 451 -13.53 -28.87 14.22
N GLY C 452 -12.81 -28.51 15.29
CA GLY C 452 -13.17 -27.33 16.06
C GLY C 452 -14.58 -27.32 16.58
N GLN C 453 -15.03 -28.45 17.13
CA GLN C 453 -16.37 -28.57 17.69
C GLN C 453 -16.29 -28.87 19.18
N THR C 454 -17.07 -28.15 19.97
CA THR C 454 -17.14 -28.35 21.41
C THR C 454 -18.34 -29.23 21.73
N GLY C 455 -18.13 -30.23 22.57
CA GLY C 455 -19.19 -31.15 22.95
C GLY C 455 -18.68 -32.14 23.96
N LYS C 456 -19.63 -32.91 24.50
CA LYS C 456 -19.26 -33.94 25.48
C LYS C 456 -18.42 -35.03 24.83
N ILE C 457 -18.75 -35.41 23.60
CA ILE C 457 -17.89 -36.33 22.86
C ILE C 457 -16.53 -35.70 22.63
N ALA C 458 -16.51 -34.44 22.20
CA ALA C 458 -15.25 -33.75 21.97
C ALA C 458 -14.45 -33.61 23.26
N ASP C 459 -15.11 -33.25 24.36
CA ASP C 459 -14.38 -32.94 25.58
C ASP C 459 -13.64 -34.15 26.11
N TYR C 460 -14.27 -35.32 26.13
CA TYR C 460 -13.76 -36.42 26.92
C TYR C 460 -13.69 -37.76 26.17
N ASN C 461 -14.53 -37.93 25.14
CA ASN C 461 -14.65 -39.21 24.47
C ASN C 461 -13.84 -39.30 23.18
N TYR C 462 -14.10 -38.39 22.23
CA TYR C 462 -13.45 -38.46 20.92
C TYR C 462 -13.29 -37.03 20.40
N LYS C 463 -12.08 -36.49 20.55
CA LYS C 463 -11.76 -35.15 20.10
C LYS C 463 -11.04 -35.21 18.76
N LEU C 464 -11.57 -34.51 17.77
CA LEU C 464 -10.90 -34.37 16.49
C LEU C 464 -10.03 -33.12 16.50
N PRO C 465 -8.80 -33.16 15.98
CA PRO C 465 -7.98 -31.95 15.97
C PRO C 465 -8.54 -30.92 15.01
N ASP C 466 -8.14 -29.67 15.22
CA ASP C 466 -8.55 -28.62 14.30
C ASP C 466 -7.58 -28.48 13.13
N ASP C 467 -7.16 -29.61 12.57
CA ASP C 467 -6.49 -29.67 11.28
C ASP C 467 -6.88 -30.92 10.52
N PHE C 468 -8.09 -31.43 10.79
CA PHE C 468 -8.44 -32.81 10.45
C PHE C 468 -8.45 -32.97 8.94
N THR C 469 -7.42 -33.61 8.41
CA THR C 469 -7.31 -33.88 6.97
C THR C 469 -7.83 -35.27 6.65
N GLY C 470 -9.05 -35.57 7.09
CA GLY C 470 -9.64 -36.87 6.87
C GLY C 470 -11.12 -36.78 6.59
N CYS C 471 -11.79 -37.93 6.56
CA CYS C 471 -13.23 -37.96 6.31
C CYS C 471 -13.92 -38.86 7.33
N VAL C 472 -15.12 -38.46 7.71
CA VAL C 472 -15.92 -39.14 8.72
C VAL C 472 -17.02 -39.88 8.00
N ILE C 473 -16.97 -41.21 8.02
CA ILE C 473 -17.96 -42.05 7.35
C ILE C 473 -18.84 -42.67 8.42
N ALA C 474 -20.11 -42.28 8.43
CA ALA C 474 -21.07 -42.77 9.41
C ALA C 474 -22.28 -43.36 8.70
N TRP C 475 -22.79 -44.47 9.24
CA TRP C 475 -23.93 -45.15 8.65
C TRP C 475 -24.73 -45.80 9.77
N ASN C 476 -26.05 -45.75 9.63
CA ASN C 476 -26.92 -46.34 10.65
C ASN C 476 -26.62 -47.82 10.80
N SER C 477 -26.56 -48.28 12.05
CA SER C 477 -26.17 -49.65 12.39
C SER C 477 -27.20 -50.28 13.31
N ASN C 478 -28.48 -50.16 12.95
CA ASN C 478 -29.53 -50.77 13.75
C ASN C 478 -29.60 -52.27 13.54
N ASN C 479 -29.16 -52.76 12.38
CA ASN C 479 -29.20 -54.18 12.07
C ASN C 479 -27.90 -54.90 12.40
N LEU C 480 -26.86 -54.19 12.82
CA LEU C 480 -25.56 -54.79 13.09
C LEU C 480 -25.32 -55.01 14.59
N ASP C 481 -25.37 -53.94 15.38
CA ASP C 481 -24.99 -53.98 16.78
C ASP C 481 -26.12 -53.54 17.72
N SER C 482 -27.28 -53.18 17.19
CA SER C 482 -28.39 -52.71 18.02
C SER C 482 -29.15 -53.94 18.52
N LYS C 483 -28.93 -54.29 19.79
CA LYS C 483 -29.66 -55.38 20.41
C LYS C 483 -30.89 -54.86 21.12
N VAL C 484 -31.93 -55.70 21.16
CA VAL C 484 -33.20 -55.31 21.76
C VAL C 484 -33.00 -54.96 23.23
N GLY C 485 -33.78 -54.00 23.71
CA GLY C 485 -33.74 -53.60 25.09
C GLY C 485 -32.58 -52.70 25.47
N GLY C 486 -31.78 -52.27 24.49
CA GLY C 486 -30.61 -51.45 24.78
C GLY C 486 -29.37 -52.28 25.00
N ASN C 487 -28.35 -52.06 24.17
CA ASN C 487 -27.11 -52.82 24.26
C ASN C 487 -26.16 -52.12 25.21
N TYR C 488 -25.73 -52.83 26.26
CA TYR C 488 -24.83 -52.27 27.26
C TYR C 488 -23.37 -52.63 26.92
N ASN C 489 -22.98 -52.21 25.71
CA ASN C 489 -21.59 -52.31 25.27
C ASN C 489 -21.10 -50.97 24.72
N TYR C 490 -21.81 -49.88 25.02
CA TYR C 490 -21.53 -48.56 24.50
C TYR C 490 -21.11 -47.61 25.62
N LEU C 491 -20.27 -48.09 26.52
CA LEU C 491 -19.76 -47.25 27.59
C LEU C 491 -19.01 -46.05 27.01
N TYR C 492 -19.18 -44.90 27.65
CA TYR C 492 -18.59 -43.66 27.15
C TYR C 492 -18.25 -42.75 28.31
N ARG C 493 -17.32 -41.82 28.06
CA ARG C 493 -16.90 -40.86 29.08
C ARG C 493 -17.87 -39.70 29.11
N LEU C 494 -18.52 -39.49 30.26
CA LEU C 494 -19.43 -38.36 30.44
C LEU C 494 -18.65 -37.11 30.82
N PHE C 495 -17.86 -37.18 31.89
CA PHE C 495 -17.07 -36.05 32.33
C PHE C 495 -15.78 -36.56 32.97
N ARG C 496 -14.74 -35.73 32.93
CA ARG C 496 -13.44 -36.07 33.49
C ARG C 496 -12.76 -34.80 33.97
N LYS C 497 -11.78 -34.98 34.85
CA LYS C 497 -11.07 -33.83 35.40
C LYS C 497 -10.31 -33.07 34.31
N SER C 498 -9.68 -33.79 33.38
CA SER C 498 -8.86 -33.19 32.35
C SER C 498 -9.50 -33.37 30.98
N ASN C 499 -9.40 -32.34 30.15
CA ASN C 499 -9.91 -32.41 28.80
C ASN C 499 -9.12 -33.42 27.98
N LEU C 500 -9.80 -34.08 27.05
CA LEU C 500 -9.17 -35.08 26.19
C LEU C 500 -8.56 -34.41 24.97
N LYS C 501 -7.27 -34.63 24.75
CA LYS C 501 -6.60 -34.07 23.59
C LYS C 501 -7.01 -34.82 22.32
N PRO C 502 -6.81 -34.22 21.15
CA PRO C 502 -7.28 -34.85 19.91
C PRO C 502 -6.67 -36.23 19.71
N PHE C 503 -7.48 -37.14 19.16
CA PHE C 503 -7.05 -38.50 18.85
C PHE C 503 -6.36 -39.14 20.03
N GLU C 504 -7.00 -39.07 21.19
CA GLU C 504 -6.49 -39.67 22.41
C GLU C 504 -7.53 -40.59 23.02
N ARG C 505 -7.07 -41.75 23.47
CA ARG C 505 -7.91 -42.74 24.15
C ARG C 505 -7.23 -43.07 25.47
N ASP C 506 -7.78 -42.54 26.57
CA ASP C 506 -7.23 -42.77 27.90
C ASP C 506 -7.93 -43.98 28.50
N ILE C 507 -7.32 -45.14 28.34
CA ILE C 507 -7.88 -46.39 28.89
C ILE C 507 -7.34 -46.50 30.31
N SER C 508 -8.04 -45.84 31.23
CA SER C 508 -7.67 -45.87 32.64
C SER C 508 -8.97 -45.79 33.45
N THR C 509 -9.52 -46.96 33.80
CA THR C 509 -10.76 -47.05 34.54
C THR C 509 -10.41 -47.30 36.01
N GLU C 510 -10.37 -46.21 36.79
CA GLU C 510 -10.02 -46.30 38.20
C GLU C 510 -10.94 -45.35 38.96
N ILE C 511 -10.59 -45.09 40.22
CA ILE C 511 -11.36 -44.17 41.05
C ILE C 511 -11.50 -42.83 40.33
N TYR C 512 -12.72 -42.33 40.26
CA TYR C 512 -13.01 -41.01 39.73
C TYR C 512 -13.75 -40.20 40.78
N GLN C 513 -13.30 -38.96 40.98
CA GLN C 513 -13.83 -38.08 42.02
C GLN C 513 -14.27 -36.77 41.37
N ALA C 514 -15.58 -36.56 41.27
CA ALA C 514 -16.09 -35.32 40.71
C ALA C 514 -15.87 -34.14 41.65
N GLY C 515 -15.92 -34.37 42.96
CA GLY C 515 -15.75 -33.31 43.93
C GLY C 515 -14.55 -33.51 44.83
N SER C 516 -14.74 -33.31 46.14
CA SER C 516 -13.67 -33.45 47.12
C SER C 516 -13.99 -34.55 48.13
N THR C 517 -14.78 -35.54 47.72
CA THR C 517 -15.17 -36.64 48.58
C THR C 517 -14.46 -37.90 48.14
N PRO C 518 -13.56 -38.49 48.93
CA PRO C 518 -12.90 -39.74 48.49
C PRO C 518 -13.93 -40.83 48.22
N CYS C 519 -13.96 -41.29 46.96
CA CYS C 519 -15.00 -42.21 46.53
C CYS C 519 -14.67 -43.65 46.93
N ASN C 520 -13.57 -44.19 46.43
CA ASN C 520 -13.16 -45.56 46.72
C ASN C 520 -14.28 -46.55 46.40
N GLY C 521 -14.93 -46.33 45.26
CA GLY C 521 -15.92 -47.26 44.75
C GLY C 521 -17.36 -46.88 45.00
N VAL C 522 -17.62 -45.84 45.80
CA VAL C 522 -19.01 -45.47 46.10
C VAL C 522 -19.72 -45.05 44.81
N GLU C 523 -19.10 -44.15 44.05
CA GLU C 523 -19.68 -43.65 42.80
C GLU C 523 -21.16 -43.29 42.97
N GLY C 524 -21.49 -42.69 44.12
CA GLY C 524 -22.87 -42.38 44.44
C GLY C 524 -23.12 -40.91 44.72
N PHE C 525 -22.09 -40.19 45.15
CA PHE C 525 -22.21 -38.78 45.46
C PHE C 525 -20.89 -38.09 45.13
N ASN C 526 -20.95 -37.04 44.31
CA ASN C 526 -19.75 -36.37 43.81
C ASN C 526 -18.76 -37.37 43.24
N CYS C 527 -19.26 -38.53 42.79
CA CYS C 527 -18.44 -39.62 42.31
C CYS C 527 -19.25 -40.41 41.30
N TYR C 528 -18.65 -40.66 40.14
CA TYR C 528 -19.31 -41.44 39.10
C TYR C 528 -18.24 -42.19 38.31
N PHE C 529 -18.67 -43.23 37.60
CA PHE C 529 -17.80 -43.89 36.65
C PHE C 529 -18.19 -43.44 35.25
N PRO C 530 -17.39 -42.64 34.56
CA PRO C 530 -17.80 -42.19 33.23
C PRO C 530 -17.70 -43.30 32.20
N LEU C 531 -18.42 -44.40 32.45
CA LEU C 531 -18.43 -45.54 31.54
C LEU C 531 -19.83 -46.14 31.42
N GLN C 532 -20.86 -45.33 31.62
CA GLN C 532 -22.23 -45.79 31.38
C GLN C 532 -22.43 -46.04 29.90
N SER C 533 -23.20 -47.09 29.60
CA SER C 533 -23.52 -47.42 28.21
C SER C 533 -24.85 -46.79 27.84
N TYR C 534 -24.92 -46.24 26.62
CA TYR C 534 -26.10 -45.53 26.17
C TYR C 534 -27.35 -46.41 26.27
N GLY C 535 -27.39 -47.47 25.45
CA GLY C 535 -28.56 -48.31 25.35
C GLY C 535 -29.53 -47.76 24.33
N PHE C 536 -29.83 -48.54 23.29
CA PHE C 536 -30.70 -48.10 22.21
C PHE C 536 -31.80 -49.12 21.94
N GLN C 537 -33.00 -48.62 21.70
CA GLN C 537 -34.08 -49.44 21.16
C GLN C 537 -34.09 -49.33 19.63
N PRO C 538 -34.00 -50.45 18.90
CA PRO C 538 -33.92 -50.33 17.43
C PRO C 538 -35.07 -49.53 16.83
N THR C 539 -36.15 -49.31 17.56
CA THR C 539 -37.29 -48.54 17.08
C THR C 539 -37.24 -47.07 17.50
N ASN C 540 -36.13 -46.63 18.09
CA ASN C 540 -36.01 -45.25 18.56
C ASN C 540 -35.70 -44.34 17.38
N GLY C 541 -35.62 -43.04 17.66
CA GLY C 541 -35.38 -42.07 16.61
C GLY C 541 -33.96 -42.13 16.09
N VAL C 542 -33.75 -41.49 14.94
CA VAL C 542 -32.42 -41.43 14.35
C VAL C 542 -31.45 -40.74 15.29
N GLY C 543 -31.92 -39.72 16.00
CA GLY C 543 -31.06 -39.03 16.96
C GLY C 543 -30.60 -39.90 18.11
N TYR C 544 -31.32 -40.99 18.37
CA TYR C 544 -30.97 -41.89 19.47
C TYR C 544 -30.61 -43.30 19.02
N GLN C 545 -30.78 -43.63 17.75
CA GLN C 545 -30.43 -44.96 17.28
C GLN C 545 -28.91 -45.11 17.15
N PRO C 546 -28.41 -46.35 17.20
CA PRO C 546 -26.97 -46.55 17.01
C PRO C 546 -26.54 -46.21 15.59
N TYR C 547 -25.28 -45.78 15.47
CA TYR C 547 -24.68 -45.48 14.17
C TYR C 547 -23.23 -45.95 14.23
N ARG C 548 -22.86 -46.86 13.34
CA ARG C 548 -21.48 -47.30 13.24
C ARG C 548 -20.68 -46.24 12.48
N VAL C 549 -19.79 -45.55 13.18
CA VAL C 549 -19.02 -44.46 12.61
C VAL C 549 -17.58 -44.91 12.48
N VAL C 550 -17.02 -44.78 11.28
CA VAL C 550 -15.61 -45.04 11.01
C VAL C 550 -15.03 -43.77 10.40
N VAL C 551 -13.96 -43.27 11.01
CA VAL C 551 -13.32 -42.03 10.59
C VAL C 551 -11.95 -42.38 10.03
N LEU C 552 -11.68 -41.93 8.81
CA LEU C 552 -10.45 -42.23 8.10
C LEU C 552 -9.61 -40.96 8.06
N SER C 553 -8.64 -40.86 8.97
CA SER C 553 -7.73 -39.74 8.98
C SER C 553 -6.56 -40.02 8.03
N PHE C 554 -6.25 -39.05 7.18
CA PHE C 554 -5.19 -39.17 6.20
C PHE C 554 -4.02 -38.27 6.57
N GLU C 555 -2.87 -38.54 5.94
CA GLU C 555 -1.67 -37.76 6.14
C GLU C 555 -1.07 -37.41 4.78
N LEU C 556 -0.70 -36.14 4.62
CA LEU C 556 -0.19 -35.63 3.35
C LEU C 556 0.98 -34.71 3.63
N LEU C 557 2.18 -35.11 3.22
CA LEU C 557 3.38 -34.30 3.34
C LEU C 557 4.46 -34.97 2.48
N HIS C 558 5.71 -34.52 2.65
CA HIS C 558 6.81 -34.99 1.83
C HIS C 558 7.12 -36.48 2.07
N ALA C 559 6.46 -37.08 3.05
CA ALA C 559 6.68 -38.49 3.34
C ALA C 559 6.24 -39.36 2.17
N PRO C 560 6.86 -40.52 1.97
CA PRO C 560 6.48 -41.37 0.83
C PRO C 560 5.04 -41.84 0.93
N ALA C 561 4.40 -41.94 -0.23
CA ALA C 561 3.00 -42.34 -0.32
C ALA C 561 2.89 -43.87 -0.35
N THR C 562 2.06 -44.43 0.52
CA THR C 562 1.88 -45.88 0.62
C THR C 562 0.48 -46.30 0.22
N VAL C 563 -0.56 -45.77 0.87
CA VAL C 563 -1.94 -46.03 0.45
C VAL C 563 -2.30 -45.04 -0.64
N CYS C 564 -2.77 -45.55 -1.78
CA CYS C 564 -2.88 -44.69 -2.94
C CYS C 564 -4.04 -45.17 -3.80
N GLY C 565 -4.54 -44.28 -4.64
CA GLY C 565 -5.76 -44.52 -5.38
C GLY C 565 -5.59 -45.49 -6.55
N PRO C 566 -6.71 -45.93 -7.12
CA PRO C 566 -6.68 -46.88 -8.24
C PRO C 566 -6.65 -46.19 -9.61
N LYS C 567 -5.55 -45.53 -9.92
CA LYS C 567 -5.38 -44.89 -11.21
C LYS C 567 -4.69 -45.86 -12.17
N LYS C 568 -4.34 -45.38 -13.36
CA LYS C 568 -3.63 -46.18 -14.35
C LYS C 568 -2.34 -45.47 -14.72
N SER C 569 -1.21 -46.16 -14.51
CA SER C 569 0.08 -45.54 -14.74
C SER C 569 0.33 -45.34 -16.23
N THR C 570 0.86 -44.17 -16.58
CA THR C 570 1.21 -43.83 -17.94
C THR C 570 2.70 -44.06 -18.16
N ASN C 571 3.21 -43.59 -19.30
CA ASN C 571 4.62 -43.72 -19.63
C ASN C 571 5.37 -42.48 -19.12
N LEU C 572 6.63 -42.33 -19.55
CA LEU C 572 7.43 -41.15 -19.23
C LEU C 572 7.80 -40.43 -20.51
N VAL C 573 8.03 -39.12 -20.38
CA VAL C 573 8.59 -38.30 -21.45
C VAL C 573 9.70 -37.46 -20.84
N LYS C 574 10.61 -37.01 -21.72
CA LYS C 574 11.74 -36.22 -21.29
C LYS C 574 11.97 -35.08 -22.28
N ASN C 575 12.55 -34.00 -21.78
CA ASN C 575 12.85 -32.84 -22.61
C ASN C 575 11.60 -32.36 -23.35
N LYS C 576 10.47 -32.36 -22.65
CA LYS C 576 9.21 -31.95 -23.25
C LYS C 576 8.24 -31.54 -22.15
N CYS C 577 7.64 -30.37 -22.29
CA CYS C 577 6.68 -29.89 -21.31
C CYS C 577 5.47 -30.83 -21.27
N VAL C 578 5.08 -31.21 -20.06
CA VAL C 578 4.05 -32.23 -19.87
C VAL C 578 3.46 -32.08 -18.48
N ASN C 579 2.24 -32.56 -18.30
CA ASN C 579 1.60 -32.59 -16.99
C ASN C 579 1.94 -33.89 -16.28
N PHE C 580 2.13 -33.80 -14.96
CA PHE C 580 2.54 -34.96 -14.17
C PHE C 580 1.89 -34.89 -12.81
N ASN C 581 1.47 -36.05 -12.28
CA ASN C 581 1.06 -36.20 -10.89
C ASN C 581 1.56 -37.56 -10.43
N PHE C 582 2.77 -37.59 -9.88
CA PHE C 582 3.40 -38.85 -9.53
C PHE C 582 2.68 -39.53 -8.36
N ASN C 583 2.52 -38.81 -7.26
CA ASN C 583 1.83 -39.29 -6.07
C ASN C 583 0.84 -38.25 -5.59
N GLY C 584 0.07 -37.69 -6.53
CA GLY C 584 -0.78 -36.55 -6.25
C GLY C 584 -0.09 -35.21 -6.41
N LEU C 585 1.22 -35.20 -6.69
CA LEU C 585 1.96 -33.96 -6.90
C LEU C 585 1.72 -33.47 -8.33
N THR C 586 0.50 -32.99 -8.55
CA THR C 586 0.14 -32.46 -9.86
C THR C 586 1.03 -31.28 -10.21
N GLY C 587 1.38 -31.18 -11.48
CA GLY C 587 2.21 -30.08 -11.93
C GLY C 587 2.49 -30.20 -13.41
N THR C 588 3.28 -29.25 -13.90
CA THR C 588 3.69 -29.21 -15.30
C THR C 588 5.15 -28.83 -15.38
N GLY C 589 5.80 -29.25 -16.45
CA GLY C 589 7.20 -28.91 -16.65
C GLY C 589 7.88 -29.94 -17.54
N VAL C 590 9.18 -29.74 -17.71
CA VAL C 590 10.01 -30.61 -18.54
C VAL C 590 10.72 -31.60 -17.63
N LEU C 591 10.60 -32.88 -17.95
CA LEU C 591 11.15 -33.94 -17.11
C LEU C 591 12.50 -34.41 -17.68
N THR C 592 13.52 -33.58 -17.43
CA THR C 592 14.87 -33.93 -17.83
C THR C 592 15.46 -34.95 -16.85
N GLU C 593 16.49 -35.67 -17.31
CA GLU C 593 17.18 -36.62 -16.46
C GLU C 593 17.99 -35.87 -15.41
N SER C 594 17.71 -36.16 -14.14
CA SER C 594 18.30 -35.40 -13.05
C SER C 594 19.76 -35.77 -12.83
N ASN C 595 20.57 -34.77 -12.50
CA ASN C 595 21.92 -34.98 -12.02
C ASN C 595 21.99 -35.01 -10.49
N LYS C 596 20.89 -34.72 -9.81
CA LYS C 596 20.90 -34.67 -8.36
C LYS C 596 21.13 -36.06 -7.78
N LYS C 597 21.92 -36.12 -6.71
CA LYS C 597 22.25 -37.39 -6.06
C LYS C 597 21.30 -37.64 -4.89
N PHE C 598 20.04 -37.89 -5.24
CA PHE C 598 19.04 -38.17 -4.22
C PHE C 598 19.49 -39.32 -3.34
N LEU C 599 19.47 -39.10 -2.02
CA LEU C 599 19.82 -40.16 -1.11
C LEU C 599 18.72 -41.22 -1.09
N PRO C 600 19.04 -42.43 -0.65
CA PRO C 600 18.05 -43.52 -0.73
C PRO C 600 16.73 -43.19 -0.06
N PHE C 601 16.77 -42.48 1.07
CA PHE C 601 15.55 -42.15 1.80
C PHE C 601 14.81 -40.96 1.21
N GLN C 602 15.46 -40.15 0.38
CA GLN C 602 14.84 -38.94 -0.13
C GLN C 602 13.94 -39.25 -1.32
N GLN C 603 12.90 -38.44 -1.48
CA GLN C 603 11.94 -38.59 -2.56
C GLN C 603 11.89 -37.39 -3.48
N PHE C 604 11.79 -36.18 -2.93
CA PHE C 604 11.59 -34.97 -3.71
C PHE C 604 12.74 -33.99 -3.47
N GLY C 605 12.67 -32.87 -4.19
CA GLY C 605 13.55 -31.75 -3.98
C GLY C 605 12.78 -30.47 -4.22
N ARG C 606 12.84 -29.54 -3.27
CA ARG C 606 12.00 -28.35 -3.30
C ARG C 606 12.84 -27.10 -3.54
N ASP C 607 12.21 -26.09 -4.14
CA ASP C 607 12.81 -24.80 -4.39
C ASP C 607 12.74 -23.94 -3.13
N ILE C 608 13.37 -22.76 -3.20
CA ILE C 608 13.30 -21.83 -2.09
C ILE C 608 11.86 -21.44 -1.78
N ALA C 609 10.96 -21.60 -2.75
CA ALA C 609 9.54 -21.34 -2.55
C ALA C 609 8.74 -22.62 -2.33
N ASP C 610 9.39 -23.70 -1.93
CA ASP C 610 8.76 -25.00 -1.67
C ASP C 610 8.12 -25.60 -2.93
N THR C 611 8.48 -25.12 -4.11
CA THR C 611 8.03 -25.75 -5.34
C THR C 611 8.99 -26.87 -5.71
N THR C 612 8.44 -28.04 -6.00
CA THR C 612 9.27 -29.21 -6.27
C THR C 612 10.04 -29.01 -7.57
N ASP C 613 11.36 -29.08 -7.48
CA ASP C 613 12.23 -28.98 -8.65
C ASP C 613 12.90 -30.31 -8.99
N ALA C 614 12.54 -31.39 -8.30
CA ALA C 614 13.03 -32.71 -8.63
C ALA C 614 12.12 -33.74 -7.97
N VAL C 615 11.95 -34.88 -8.63
CA VAL C 615 11.00 -35.88 -8.18
C VAL C 615 11.62 -37.27 -8.34
N ARG C 616 11.16 -38.20 -7.53
CA ARG C 616 11.59 -39.59 -7.58
C ARG C 616 10.46 -40.42 -8.16
N ASP C 617 10.74 -41.12 -9.25
CA ASP C 617 9.70 -41.91 -9.90
C ASP C 617 9.29 -43.05 -8.97
N PRO C 618 8.01 -43.19 -8.61
CA PRO C 618 7.64 -44.27 -7.69
C PRO C 618 7.94 -45.66 -8.21
N GLN C 619 7.84 -45.87 -9.53
CA GLN C 619 8.03 -47.20 -10.09
C GLN C 619 9.50 -47.55 -10.33
N THR C 620 10.38 -46.56 -10.43
CA THR C 620 11.80 -46.82 -10.58
C THR C 620 12.58 -45.71 -9.91
N LEU C 621 13.81 -46.01 -9.52
CA LEU C 621 14.63 -45.08 -8.77
C LEU C 621 15.18 -43.94 -9.62
N GLU C 622 14.73 -43.79 -10.86
CA GLU C 622 15.18 -42.69 -11.70
C GLU C 622 14.84 -41.35 -11.04
N ILE C 623 15.81 -40.46 -11.01
CA ILE C 623 15.63 -39.11 -10.47
C ILE C 623 15.34 -38.18 -11.64
N LEU C 624 14.20 -37.50 -11.58
CA LEU C 624 13.80 -36.54 -12.60
C LEU C 624 13.76 -35.15 -12.00
N ASP C 625 14.50 -34.22 -12.61
CA ASP C 625 14.43 -32.82 -12.24
C ASP C 625 13.38 -32.13 -13.10
N ILE C 626 12.68 -31.17 -12.52
CA ILE C 626 11.53 -30.53 -13.14
C ILE C 626 11.86 -29.06 -13.36
N THR C 627 11.72 -28.62 -14.60
CA THR C 627 11.89 -27.21 -14.93
C THR C 627 10.56 -26.64 -15.42
N PRO C 628 10.28 -25.37 -15.14
CA PRO C 628 8.97 -24.82 -15.52
C PRO C 628 8.81 -24.77 -17.03
N CYS C 629 7.56 -24.94 -17.45
CA CYS C 629 7.26 -24.86 -18.88
C CYS C 629 7.62 -23.47 -19.40
N SER C 630 8.29 -23.45 -20.56
CA SER C 630 8.83 -22.20 -21.08
C SER C 630 7.73 -21.16 -21.25
N PHE C 631 8.02 -19.94 -20.82
CA PHE C 631 7.05 -18.85 -20.88
C PHE C 631 7.80 -17.54 -21.08
N GLY C 632 7.05 -16.47 -21.27
CA GLY C 632 7.63 -15.16 -21.43
C GLY C 632 6.65 -14.21 -22.06
N GLY C 633 7.01 -12.93 -22.02
CA GLY C 633 6.16 -11.91 -22.60
C GLY C 633 6.20 -11.92 -24.11
N VAL C 634 5.14 -11.40 -24.71
CA VAL C 634 5.04 -11.22 -26.15
C VAL C 634 4.86 -9.72 -26.40
N SER C 635 5.77 -9.14 -27.18
CA SER C 635 5.71 -7.72 -27.51
C SER C 635 5.66 -7.57 -29.02
N VAL C 636 4.79 -6.68 -29.48
CA VAL C 636 4.57 -6.45 -30.91
C VAL C 636 5.30 -5.17 -31.31
N ILE C 637 6.11 -5.26 -32.35
CA ILE C 637 6.89 -4.13 -32.85
C ILE C 637 6.20 -3.60 -34.10
N THR C 638 5.76 -2.34 -34.05
CA THR C 638 5.06 -1.74 -35.17
C THR C 638 5.63 -0.37 -35.47
N PRO C 639 5.82 -0.02 -36.75
CA PRO C 639 6.30 1.33 -37.09
C PRO C 639 5.21 2.39 -37.10
N GLY C 640 4.02 2.07 -36.62
CA GLY C 640 2.90 3.00 -36.64
C GLY C 640 1.92 2.61 -37.72
N THR C 641 0.62 2.70 -37.40
CA THR C 641 -0.40 2.33 -38.36
C THR C 641 -0.35 3.24 -39.59
N ASN C 642 -0.13 4.54 -39.38
CA ASN C 642 -0.11 5.46 -40.51
C ASN C 642 0.98 5.09 -41.51
N THR C 643 2.07 4.48 -41.04
CA THR C 643 3.15 4.10 -41.94
C THR C 643 2.85 2.80 -42.66
N SER C 644 2.52 1.75 -41.90
CA SER C 644 2.19 0.46 -42.50
C SER C 644 1.55 -0.40 -41.42
N ASN C 645 1.00 -1.53 -41.84
CA ASN C 645 0.37 -2.49 -40.94
C ASN C 645 1.25 -3.68 -40.62
N GLN C 646 2.48 -3.72 -41.13
CA GLN C 646 3.39 -4.80 -40.79
C GLN C 646 3.77 -4.71 -39.32
N VAL C 647 4.10 -5.87 -38.74
CA VAL C 647 4.50 -5.93 -37.34
C VAL C 647 5.48 -7.08 -37.16
N ALA C 648 6.32 -6.96 -36.15
CA ALA C 648 7.23 -8.02 -35.74
C ALA C 648 6.95 -8.37 -34.30
N VAL C 649 6.97 -9.67 -33.99
CA VAL C 649 6.62 -10.18 -32.67
C VAL C 649 7.89 -10.67 -32.00
N LEU C 650 8.09 -10.25 -30.75
CA LEU C 650 9.24 -10.66 -29.96
C LEU C 650 8.75 -11.51 -28.79
N TYR C 651 9.27 -12.73 -28.69
CA TYR C 651 8.96 -13.63 -27.59
C TYR C 651 10.10 -13.54 -26.59
N GLN C 652 9.93 -12.73 -25.56
CA GLN C 652 11.01 -12.44 -24.63
C GLN C 652 11.46 -13.71 -23.93
N GLY C 653 12.77 -13.95 -23.92
CA GLY C 653 13.32 -15.10 -23.22
C GLY C 653 12.83 -16.43 -23.74
N VAL C 654 12.75 -16.58 -25.06
CA VAL C 654 12.30 -17.82 -25.69
C VAL C 654 13.33 -18.23 -26.74
N ASN C 655 13.64 -19.53 -26.78
CA ASN C 655 14.75 -20.04 -27.57
C ASN C 655 14.39 -20.31 -29.02
N CYS C 656 13.29 -19.76 -29.52
CA CYS C 656 12.86 -19.84 -30.92
C CYS C 656 12.44 -21.24 -31.32
N THR C 657 12.58 -22.24 -30.46
CA THR C 657 12.12 -23.59 -30.74
C THR C 657 10.85 -23.94 -29.99
N GLU C 658 10.43 -23.10 -29.06
CA GLU C 658 9.17 -23.29 -28.33
C GLU C 658 8.00 -22.58 -29.01
N VAL C 659 8.24 -21.92 -30.13
CA VAL C 659 7.18 -21.19 -30.82
C VAL C 659 6.68 -22.00 -32.01
N ASN C 680 11.41 -16.37 -41.61
CA ASN C 680 12.00 -15.14 -41.11
C ASN C 680 12.01 -15.13 -39.59
N VAL C 681 12.86 -15.97 -39.00
CA VAL C 681 12.99 -16.11 -37.56
C VAL C 681 14.40 -15.72 -37.17
N PHE C 682 14.52 -14.90 -36.13
CA PHE C 682 15.79 -14.39 -35.66
C PHE C 682 15.87 -14.55 -34.14
N GLN C 683 17.02 -15.01 -33.67
CA GLN C 683 17.24 -15.22 -32.24
C GLN C 683 18.13 -14.11 -31.70
N THR C 684 17.68 -13.46 -30.62
CA THR C 684 18.41 -12.38 -29.98
C THR C 684 18.58 -12.70 -28.51
N ARG C 685 19.48 -11.96 -27.87
CA ARG C 685 19.65 -12.09 -26.43
C ARG C 685 18.39 -11.68 -25.67
N ALA C 686 17.48 -10.95 -26.32
CA ALA C 686 16.24 -10.55 -25.69
C ALA C 686 15.13 -11.58 -25.89
N GLY C 687 15.18 -12.35 -26.97
CA GLY C 687 14.15 -13.34 -27.22
C GLY C 687 14.16 -13.74 -28.69
N CYS C 688 13.02 -14.28 -29.12
CA CYS C 688 12.83 -14.70 -30.50
C CYS C 688 12.08 -13.62 -31.26
N LEU C 689 12.67 -13.12 -32.34
CA LEU C 689 12.07 -12.10 -33.17
C LEU C 689 11.50 -12.73 -34.44
N ILE C 690 10.22 -12.50 -34.69
CA ILE C 690 9.52 -13.04 -35.85
C ILE C 690 9.01 -11.87 -36.68
N GLY C 691 9.20 -11.96 -37.99
CA GLY C 691 8.71 -10.94 -38.90
C GLY C 691 9.66 -9.80 -39.17
N ALA C 692 10.82 -9.78 -38.53
CA ALA C 692 11.83 -8.77 -38.77
C ALA C 692 13.06 -9.44 -39.36
N GLU C 693 13.55 -8.92 -40.48
CA GLU C 693 14.70 -9.49 -41.16
C GLU C 693 15.98 -8.84 -40.64
N HIS C 694 16.90 -9.67 -40.17
CA HIS C 694 18.14 -9.17 -39.61
C HIS C 694 19.04 -8.62 -40.71
N VAL C 695 19.48 -7.38 -40.54
CA VAL C 695 20.34 -6.71 -41.51
C VAL C 695 21.72 -6.52 -40.88
N ASN C 696 22.75 -6.64 -41.71
CA ASN C 696 24.12 -6.67 -41.20
C ASN C 696 24.56 -5.29 -40.71
N ASN C 697 24.28 -4.25 -41.49
CA ASN C 697 24.74 -2.91 -41.15
C ASN C 697 23.91 -2.34 -39.99
N SER C 698 24.38 -1.22 -39.45
CA SER C 698 23.84 -0.63 -38.24
C SER C 698 23.42 0.81 -38.47
N TYR C 699 22.37 1.23 -37.77
CA TYR C 699 21.86 2.59 -37.81
C TYR C 699 21.61 3.06 -36.38
N GLU C 700 21.20 4.31 -36.26
CA GLU C 700 20.72 4.82 -34.98
C GLU C 700 19.44 4.11 -34.60
N CYS C 701 19.27 3.86 -33.30
CA CYS C 701 18.13 3.08 -32.83
C CYS C 701 16.81 3.78 -33.14
N ASP C 702 15.84 3.00 -33.63
CA ASP C 702 14.48 3.46 -33.87
C ASP C 702 13.49 2.83 -32.90
N ILE C 703 13.48 1.50 -32.81
CA ILE C 703 12.67 0.79 -31.83
C ILE C 703 13.62 -0.03 -30.96
N PRO C 704 13.74 0.26 -29.67
CA PRO C 704 14.65 -0.53 -28.82
C PRO C 704 14.07 -1.91 -28.54
N ILE C 705 14.82 -2.94 -28.89
CA ILE C 705 14.43 -4.32 -28.62
C ILE C 705 15.07 -4.83 -27.34
N GLY C 706 16.36 -4.56 -27.13
CA GLY C 706 17.06 -5.00 -25.95
C GLY C 706 18.36 -5.70 -26.32
N ALA C 707 19.31 -5.68 -25.39
CA ALA C 707 20.62 -6.29 -25.60
C ALA C 707 21.34 -5.66 -26.78
N GLY C 708 21.12 -4.36 -27.01
CA GLY C 708 21.78 -3.66 -28.09
C GLY C 708 21.17 -3.87 -29.46
N ILE C 709 19.98 -4.44 -29.54
CA ILE C 709 19.30 -4.70 -30.80
C ILE C 709 18.14 -3.72 -30.94
N CYS C 710 17.99 -3.16 -32.14
CA CYS C 710 16.91 -2.23 -32.43
C CYS C 710 16.27 -2.60 -33.75
N ALA C 711 15.03 -2.15 -33.94
CA ALA C 711 14.28 -2.44 -35.15
C ALA C 711 13.77 -1.14 -35.75
N SER C 712 13.69 -1.12 -37.09
CA SER C 712 13.18 0.04 -37.80
C SER C 712 12.56 -0.42 -39.12
N TYR C 713 11.76 0.46 -39.70
CA TYR C 713 11.01 0.17 -40.92
C TYR C 713 11.69 0.88 -42.07
N GLN C 714 12.49 0.13 -42.84
CA GLN C 714 13.29 0.72 -43.91
C GLN C 714 13.31 -0.22 -45.11
N THR C 715 13.57 0.35 -46.28
CA THR C 715 13.60 -0.39 -47.52
C THR C 715 15.00 -0.94 -47.81
N SER C 728 11.88 -5.36 -50.69
CA SER C 728 11.24 -4.08 -50.96
C SER C 728 11.21 -3.20 -49.72
N GLN C 729 10.16 -3.37 -48.92
CA GLN C 729 9.95 -2.60 -47.70
C GLN C 729 9.56 -3.56 -46.59
N SER C 730 10.28 -3.52 -45.47
CA SER C 730 10.03 -4.44 -44.38
C SER C 730 10.70 -3.92 -43.13
N ILE C 731 10.38 -4.56 -42.00
CA ILE C 731 10.95 -4.22 -40.71
C ILE C 731 12.29 -4.94 -40.58
N ILE C 732 13.34 -4.19 -40.28
CA ILE C 732 14.68 -4.73 -40.13
C ILE C 732 15.08 -4.67 -38.66
N ALA C 733 15.90 -5.64 -38.25
CA ALA C 733 16.46 -5.69 -36.91
C ALA C 733 17.97 -5.66 -37.01
N TYR C 734 18.59 -4.72 -36.28
CA TYR C 734 20.01 -4.48 -36.37
C TYR C 734 20.56 -4.23 -34.97
N THR C 735 21.87 -4.01 -34.90
CA THR C 735 22.52 -3.60 -33.66
C THR C 735 22.75 -2.10 -33.70
N MET C 736 22.27 -1.40 -32.67
CA MET C 736 22.30 0.05 -32.68
C MET C 736 23.73 0.57 -32.82
N SER C 737 23.88 1.65 -33.59
CA SER C 737 25.14 2.37 -33.67
C SER C 737 25.13 3.53 -32.69
N LEU C 738 26.23 3.69 -31.97
CA LEU C 738 26.29 4.70 -30.92
C LEU C 738 26.53 6.10 -31.46
N GLY C 739 26.98 6.24 -32.69
CA GLY C 739 27.21 7.54 -33.26
C GLY C 739 28.25 7.47 -34.35
N ALA C 740 28.43 8.60 -35.02
CA ALA C 740 29.40 8.69 -36.10
C ALA C 740 30.82 8.63 -35.55
N GLU C 741 31.65 7.79 -36.16
CA GLU C 741 33.04 7.70 -35.73
C GLU C 741 33.75 9.03 -35.99
N ASN C 742 34.69 9.37 -35.12
CA ASN C 742 35.43 10.61 -35.26
C ASN C 742 36.79 10.46 -34.59
N SER C 743 37.85 10.82 -35.31
CA SER C 743 39.21 10.82 -34.79
C SER C 743 39.68 12.27 -34.79
N VAL C 744 39.53 12.95 -33.66
CA VAL C 744 39.97 14.34 -33.57
C VAL C 744 41.46 14.40 -33.87
N ALA C 745 41.84 15.37 -34.69
CA ALA C 745 43.22 15.47 -35.17
C ALA C 745 44.14 16.05 -34.09
N TYR C 746 44.24 15.30 -33.01
CA TYR C 746 45.13 15.71 -31.92
C TYR C 746 46.58 15.66 -32.37
N SER C 747 47.36 16.63 -31.93
CA SER C 747 48.77 16.71 -32.28
C SER C 747 49.51 17.41 -31.15
N ASN C 748 50.83 17.29 -31.19
CA ASN C 748 51.65 17.87 -30.13
C ASN C 748 51.48 19.38 -30.06
N ASN C 749 51.38 20.04 -31.21
CA ASN C 749 51.38 21.49 -31.28
C ASN C 749 50.35 21.98 -32.29
N SER C 750 49.15 21.42 -32.25
CA SER C 750 48.06 21.83 -33.12
C SER C 750 46.85 22.21 -32.27
N ILE C 751 46.26 23.35 -32.57
CA ILE C 751 45.05 23.82 -31.90
C ILE C 751 44.05 24.26 -32.95
N ALA C 752 42.77 24.09 -32.63
CA ALA C 752 41.67 24.55 -33.45
C ALA C 752 40.91 25.63 -32.70
N ILE C 753 40.66 26.76 -33.37
CA ILE C 753 40.03 27.92 -32.75
C ILE C 753 38.82 28.29 -33.60
N PRO C 754 37.65 28.54 -33.00
CA PRO C 754 36.48 28.93 -33.80
C PRO C 754 36.67 30.31 -34.42
N THR C 755 36.43 30.40 -35.73
CA THR C 755 36.46 31.67 -36.44
C THR C 755 35.08 32.29 -36.59
N ASN C 756 34.05 31.66 -36.02
CA ASN C 756 32.69 32.16 -36.11
C ASN C 756 31.90 31.58 -34.94
N PHE C 757 30.59 31.69 -34.99
CA PHE C 757 29.74 31.19 -33.92
C PHE C 757 28.30 31.13 -34.43
N THR C 758 27.46 30.48 -33.63
CA THR C 758 26.02 30.48 -33.86
C THR C 758 25.32 30.72 -32.54
N ILE C 759 24.12 31.30 -32.62
CA ILE C 759 23.28 31.51 -31.45
C ILE C 759 22.15 30.49 -31.53
N SER C 760 22.12 29.56 -30.58
CA SER C 760 21.15 28.48 -30.57
C SER C 760 20.20 28.66 -29.40
N VAL C 761 18.91 28.62 -29.68
CA VAL C 761 17.86 28.69 -28.66
C VAL C 761 17.18 27.33 -28.64
N THR C 762 17.20 26.69 -27.48
CA THR C 762 16.62 25.36 -27.30
C THR C 762 15.61 25.40 -26.17
N THR C 763 14.68 24.45 -26.20
CA THR C 763 13.57 24.40 -25.26
C THR C 763 13.77 23.24 -24.29
N GLU C 764 13.52 23.50 -23.00
CA GLU C 764 13.56 22.49 -21.97
C GLU C 764 12.22 22.50 -21.24
N ILE C 765 11.58 21.33 -21.15
CA ILE C 765 10.26 21.19 -20.58
C ILE C 765 10.40 20.49 -19.23
N LEU C 766 9.68 21.01 -18.23
CA LEU C 766 9.74 20.43 -16.89
C LEU C 766 8.36 20.42 -16.24
N PRO C 767 7.86 19.25 -15.84
CA PRO C 767 6.65 19.23 -15.02
C PRO C 767 6.86 19.96 -13.70
N VAL C 768 5.83 20.67 -13.25
CA VAL C 768 5.90 21.45 -12.03
C VAL C 768 4.87 21.00 -11.00
N SER C 769 3.65 20.68 -11.44
CA SER C 769 2.59 20.34 -10.50
C SER C 769 1.67 19.30 -11.12
N MET C 770 1.00 18.56 -10.25
CA MET C 770 -0.01 17.60 -10.64
C MET C 770 -1.40 18.24 -10.52
N THR C 771 -2.43 17.45 -10.74
CA THR C 771 -3.80 17.86 -10.45
C THR C 771 -4.12 17.56 -8.99
N LYS C 772 -4.60 18.56 -8.28
CA LYS C 772 -4.97 18.38 -6.88
C LYS C 772 -6.31 17.67 -6.80
N THR C 773 -6.34 16.54 -6.11
CA THR C 773 -7.54 15.75 -5.95
C THR C 773 -7.75 15.39 -4.49
N SER C 774 -9.01 15.19 -4.12
CA SER C 774 -9.38 14.74 -2.79
C SER C 774 -10.50 13.71 -2.93
N VAL C 775 -10.64 12.88 -1.92
CA VAL C 775 -11.62 11.79 -1.95
C VAL C 775 -12.44 11.81 -0.66
N ASP C 776 -13.61 11.21 -0.74
CA ASP C 776 -14.49 11.01 0.41
C ASP C 776 -14.76 9.52 0.52
N CYS C 777 -14.10 8.87 1.48
CA CYS C 777 -14.23 7.42 1.63
C CYS C 777 -15.68 6.99 1.64
N THR C 778 -16.46 7.52 2.58
CA THR C 778 -17.83 7.07 2.74
C THR C 778 -18.58 7.12 1.42
N MET C 779 -18.34 8.16 0.62
CA MET C 779 -18.96 8.22 -0.69
C MET C 779 -18.33 7.21 -1.65
N TYR C 780 -17.00 7.17 -1.72
CA TYR C 780 -16.35 6.29 -2.69
C TYR C 780 -16.60 4.84 -2.36
N ILE C 781 -16.34 4.43 -1.13
CA ILE C 781 -16.44 3.02 -0.78
C ILE C 781 -17.88 2.54 -0.89
N CYS C 782 -18.76 3.09 -0.05
CA CYS C 782 -20.15 2.66 0.00
C CYS C 782 -21.09 3.86 0.17
N GLY C 783 -20.88 4.89 -0.64
CA GLY C 783 -21.71 6.07 -0.59
C GLY C 783 -23.20 5.78 -0.65
N ASP C 784 -23.98 6.51 0.16
CA ASP C 784 -25.42 6.32 0.25
C ASP C 784 -25.76 4.91 0.71
N SER C 785 -25.14 4.48 1.81
CA SER C 785 -25.41 3.17 2.39
C SER C 785 -25.06 3.24 3.86
N THR C 786 -26.08 3.39 4.72
CA THR C 786 -25.84 3.46 6.15
C THR C 786 -25.42 2.11 6.71
N GLU C 787 -25.92 1.01 6.15
CA GLU C 787 -25.55 -0.30 6.65
C GLU C 787 -24.06 -0.51 6.55
N CYS C 788 -23.46 -0.11 5.43
CA CYS C 788 -22.01 -0.19 5.29
C CYS C 788 -21.30 0.80 6.21
N SER C 789 -21.76 2.05 6.23
CA SER C 789 -21.05 3.09 6.98
C SER C 789 -20.77 2.64 8.41
N ASN C 790 -21.73 1.94 9.02
CA ASN C 790 -21.48 1.35 10.34
C ASN C 790 -20.37 0.31 10.27
N LEU C 791 -20.39 -0.52 9.23
CA LEU C 791 -19.34 -1.52 9.07
C LEU C 791 -17.98 -0.86 8.89
N LEU C 792 -17.92 0.19 8.09
CA LEU C 792 -16.64 0.84 7.80
C LEU C 792 -16.02 1.45 9.04
N LEU C 793 -16.82 1.79 10.05
CA LEU C 793 -16.27 2.34 11.28
C LEU C 793 -15.38 1.35 12.01
N GLN C 794 -15.56 0.04 11.77
CA GLN C 794 -14.72 -0.95 12.43
C GLN C 794 -13.28 -0.87 12.00
N TYR C 795 -13.00 -0.20 10.89
CA TYR C 795 -11.64 -0.08 10.37
C TYR C 795 -10.88 1.10 10.97
N GLY C 796 -11.50 1.85 11.86
CA GLY C 796 -10.77 2.91 12.54
C GLY C 796 -10.62 4.12 11.65
N SER C 797 -9.40 4.65 11.58
CA SER C 797 -9.10 5.89 10.90
C SER C 797 -8.16 5.67 9.72
N PHE C 798 -8.40 4.61 8.94
CA PHE C 798 -7.68 4.47 7.68
C PHE C 798 -7.98 5.64 6.75
N CYS C 799 -9.15 6.26 6.89
CA CYS C 799 -9.58 7.26 5.92
C CYS C 799 -9.22 8.67 6.31
N THR C 800 -9.06 8.96 7.60
CA THR C 800 -8.42 10.20 7.98
C THR C 800 -6.97 10.22 7.50
N GLN C 801 -6.36 9.04 7.38
CA GLN C 801 -5.01 8.97 6.85
C GLN C 801 -4.98 9.24 5.35
N LEU C 802 -5.89 8.63 4.61
CA LEU C 802 -5.90 8.81 3.16
C LEU C 802 -6.14 10.27 2.80
N ASN C 803 -7.10 10.92 3.47
CA ASN C 803 -7.37 12.32 3.19
C ASN C 803 -6.21 13.20 3.59
N ARG C 804 -5.54 12.87 4.70
CA ARG C 804 -4.35 13.62 5.10
C ARG C 804 -3.26 13.48 4.05
N ALA C 805 -3.08 12.28 3.50
CA ALA C 805 -2.07 12.10 2.48
C ALA C 805 -2.39 12.90 1.22
N LEU C 806 -3.66 12.89 0.80
CA LEU C 806 -4.02 13.58 -0.41
C LEU C 806 -4.00 15.09 -0.23
N THR C 807 -4.52 15.59 0.90
CA THR C 807 -4.46 17.02 1.15
C THR C 807 -3.03 17.50 1.31
N GLY C 808 -2.14 16.64 1.83
CA GLY C 808 -0.73 16.98 1.86
C GLY C 808 -0.15 17.10 0.47
N ILE C 809 -0.56 16.22 -0.44
CA ILE C 809 -0.11 16.32 -1.83
C ILE C 809 -0.63 17.59 -2.46
N ALA C 810 -1.92 17.89 -2.24
CA ALA C 810 -2.53 19.05 -2.89
C ALA C 810 -1.86 20.34 -2.44
N VAL C 811 -1.58 20.46 -1.14
CA VAL C 811 -0.91 21.66 -0.64
C VAL C 811 0.48 21.78 -1.26
N GLU C 812 1.15 20.66 -1.48
CA GLU C 812 2.47 20.68 -2.09
C GLU C 812 2.43 21.22 -3.51
N GLN C 813 1.41 20.84 -4.28
CA GLN C 813 1.35 21.26 -5.68
C GLN C 813 1.32 22.78 -5.78
N ASP C 814 0.65 23.45 -4.85
CA ASP C 814 0.68 24.91 -4.83
C ASP C 814 2.06 25.42 -4.47
N LYS C 815 2.75 24.74 -3.55
CA LYS C 815 4.10 25.15 -3.19
C LYS C 815 5.06 24.98 -4.36
N ASN C 816 4.91 23.90 -5.13
CA ASN C 816 5.76 23.69 -6.29
C ASN C 816 5.64 24.85 -7.27
N THR C 817 4.41 25.20 -7.65
CA THR C 817 4.21 26.27 -8.62
C THR C 817 4.72 27.60 -8.07
N GLN C 818 4.45 27.88 -6.79
CA GLN C 818 4.86 29.14 -6.21
C GLN C 818 6.38 29.26 -6.17
N GLU C 819 7.06 28.16 -5.83
CA GLU C 819 8.52 28.21 -5.76
C GLU C 819 9.13 28.48 -7.14
N VAL C 820 8.58 27.85 -8.18
CA VAL C 820 9.16 28.01 -9.52
C VAL C 820 8.92 29.41 -10.06
N PHE C 821 7.71 29.93 -9.87
CA PHE C 821 7.29 31.15 -10.57
C PHE C 821 7.32 32.38 -9.69
N ALA C 822 6.97 32.28 -8.40
CA ALA C 822 7.03 33.43 -7.51
C ALA C 822 8.48 33.71 -7.13
N GLN C 823 9.27 33.97 -8.15
CA GLN C 823 10.71 34.20 -8.01
C GLN C 823 11.06 35.67 -8.14
N VAL C 824 10.08 36.55 -8.32
CA VAL C 824 10.31 37.95 -8.62
C VAL C 824 9.60 38.78 -7.56
N LYS C 825 10.31 39.78 -7.03
CA LYS C 825 9.73 40.63 -6.00
C LYS C 825 8.62 41.51 -6.55
N GLN C 826 8.81 42.08 -7.73
CA GLN C 826 7.89 43.03 -8.32
C GLN C 826 7.52 42.60 -9.73
N ILE C 827 6.37 43.09 -10.19
CA ILE C 827 5.86 42.75 -11.52
C ILE C 827 6.46 43.76 -12.49
N TYR C 828 7.65 43.47 -12.98
CA TYR C 828 8.31 44.35 -13.93
C TYR C 828 7.56 44.35 -15.26
N LYS C 829 7.55 45.51 -15.91
CA LYS C 829 6.90 45.68 -17.20
C LYS C 829 7.91 46.19 -18.22
N THR C 830 7.86 45.61 -19.41
CA THR C 830 8.72 46.08 -20.48
C THR C 830 8.22 47.41 -21.02
N PRO C 831 9.11 48.32 -21.40
CA PRO C 831 8.67 49.64 -21.86
C PRO C 831 7.94 49.54 -23.19
N PRO C 832 7.10 50.52 -23.51
CA PRO C 832 6.44 50.51 -24.83
C PRO C 832 7.42 50.55 -25.99
N ILE C 833 8.56 51.21 -25.83
CA ILE C 833 9.58 51.26 -26.87
C ILE C 833 10.40 49.98 -26.80
N LYS C 834 10.56 49.31 -27.93
CA LYS C 834 11.19 48.00 -28.00
C LYS C 834 12.56 48.06 -28.67
N ASP C 835 13.33 49.10 -28.38
CA ASP C 835 14.67 49.25 -28.94
C ASP C 835 15.64 48.39 -28.14
N PHE C 836 15.73 47.12 -28.51
CA PHE C 836 16.57 46.16 -27.81
C PHE C 836 17.81 45.79 -28.63
N GLY C 837 18.27 46.70 -29.47
CA GLY C 837 19.46 46.45 -30.25
C GLY C 837 19.28 45.56 -31.45
N GLY C 838 18.04 45.23 -31.81
CA GLY C 838 17.75 44.37 -32.94
C GLY C 838 17.12 43.05 -32.56
N PHE C 839 17.02 42.73 -31.28
CA PHE C 839 16.34 41.52 -30.82
C PHE C 839 14.87 41.83 -30.61
N ASN C 840 13.99 41.06 -31.25
CA ASN C 840 12.56 41.16 -31.01
C ASN C 840 12.13 39.94 -30.22
N PHE C 841 11.67 40.17 -28.99
CA PHE C 841 11.07 39.13 -28.16
C PHE C 841 9.56 39.11 -28.28
N SER C 842 9.02 39.57 -29.41
CA SER C 842 7.58 39.68 -29.55
C SER C 842 6.89 38.33 -29.40
N GLN C 843 7.57 37.25 -29.77
CA GLN C 843 6.97 35.93 -29.69
C GLN C 843 7.02 35.32 -28.29
N ILE C 844 7.73 35.95 -27.37
CA ILE C 844 7.76 35.49 -25.98
C ILE C 844 7.22 36.52 -25.00
N LEU C 845 7.04 37.77 -25.42
CA LEU C 845 6.44 38.75 -24.54
C LEU C 845 4.92 38.63 -24.55
N PRO C 846 4.25 39.05 -23.48
CA PRO C 846 2.80 38.91 -23.43
C PRO C 846 2.12 39.68 -24.54
N ASP C 847 1.03 39.11 -25.05
CA ASP C 847 0.24 39.73 -26.10
C ASP C 847 -1.08 40.21 -25.51
N PRO C 848 -1.26 41.51 -25.26
CA PRO C 848 -2.50 41.97 -24.62
C PRO C 848 -3.72 41.87 -25.51
N SER C 849 -3.55 41.55 -26.80
CA SER C 849 -4.69 41.47 -27.70
C SER C 849 -5.69 40.43 -27.22
N LYS C 850 -5.22 39.26 -26.82
CA LYS C 850 -6.10 38.20 -26.37
C LYS C 850 -6.51 38.43 -24.92
N PRO C 851 -7.62 37.83 -24.49
CA PRO C 851 -8.08 38.05 -23.11
C PRO C 851 -7.09 37.65 -22.04
N SER C 852 -6.32 36.58 -22.27
CA SER C 852 -5.45 36.05 -21.23
C SER C 852 -4.16 36.83 -21.06
N LYS C 853 -3.86 37.78 -21.96
CA LYS C 853 -2.60 38.50 -21.91
C LYS C 853 -1.43 37.52 -21.85
N ARG C 854 -1.53 36.47 -22.66
CA ARG C 854 -0.55 35.39 -22.68
C ARG C 854 0.33 35.51 -23.91
N SER C 855 1.59 35.12 -23.75
CA SER C 855 2.55 35.21 -24.84
C SER C 855 2.07 34.38 -26.04
N PHE C 856 2.72 34.62 -27.18
CA PHE C 856 2.39 33.86 -28.38
C PHE C 856 2.84 32.41 -28.25
N ILE C 857 4.10 32.20 -27.84
CA ILE C 857 4.60 30.83 -27.69
C ILE C 857 3.87 30.12 -26.57
N GLU C 858 3.53 30.85 -25.50
CA GLU C 858 2.76 30.25 -24.42
C GLU C 858 1.42 29.73 -24.93
N ASP C 859 0.81 30.44 -25.88
CA ASP C 859 -0.45 29.97 -26.45
C ASP C 859 -0.27 28.65 -27.17
N LEU C 860 0.82 28.50 -27.93
CA LEU C 860 1.07 27.24 -28.62
C LEU C 860 1.23 26.11 -27.62
N LEU C 861 1.94 26.35 -26.52
CA LEU C 861 2.15 25.30 -25.53
C LEU C 861 0.83 24.85 -24.93
N PHE C 862 -0.05 25.80 -24.61
CA PHE C 862 -1.31 25.43 -23.98
C PHE C 862 -2.19 24.60 -24.91
N ASN C 863 -2.24 24.97 -26.19
CA ASN C 863 -3.04 24.21 -27.14
C ASN C 863 -2.54 22.79 -27.30
N LYS C 864 -1.20 22.62 -27.34
CA LYS C 864 -0.64 21.30 -27.60
C LYS C 864 -1.02 20.31 -26.50
N VAL C 865 -0.95 20.74 -25.25
CA VAL C 865 -1.28 19.86 -24.13
C VAL C 865 -2.79 19.80 -23.98
N THR C 866 -3.35 18.60 -24.05
CA THR C 866 -4.80 18.42 -23.95
C THR C 866 -5.23 18.31 -22.48
N LYS C 893 -15.26 14.08 -9.74
CA LYS C 893 -16.64 14.45 -9.46
C LYS C 893 -17.58 13.32 -9.87
N PHE C 894 -17.17 12.09 -9.57
CA PHE C 894 -17.96 10.91 -9.91
C PHE C 894 -18.45 10.17 -8.67
N ASN C 895 -17.53 9.76 -7.79
CA ASN C 895 -17.87 8.89 -6.67
C ASN C 895 -17.19 9.39 -5.40
N GLY C 896 -17.35 10.67 -5.11
CA GLY C 896 -16.64 11.29 -4.01
C GLY C 896 -15.27 11.79 -4.38
N LEU C 897 -14.95 11.84 -5.67
CA LEU C 897 -13.64 12.27 -6.15
C LEU C 897 -13.77 13.69 -6.70
N THR C 898 -13.07 14.63 -6.07
CA THR C 898 -13.10 16.02 -6.47
C THR C 898 -11.68 16.48 -6.82
N VAL C 899 -11.57 17.28 -7.88
CA VAL C 899 -10.31 17.88 -8.28
C VAL C 899 -10.31 19.33 -7.81
N LEU C 900 -9.36 19.67 -6.96
CA LEU C 900 -9.28 21.02 -6.44
C LEU C 900 -8.62 21.96 -7.45
N PRO C 901 -8.99 23.23 -7.46
CA PRO C 901 -8.37 24.17 -8.39
C PRO C 901 -7.03 24.67 -7.84
N PRO C 902 -6.03 24.85 -8.69
CA PRO C 902 -4.76 25.38 -8.20
C PRO C 902 -4.91 26.78 -7.65
N LEU C 903 -4.09 27.11 -6.65
CA LEU C 903 -4.17 28.42 -6.02
C LEU C 903 -3.86 29.53 -7.01
N LEU C 904 -2.85 29.34 -7.85
CA LEU C 904 -2.46 30.32 -8.85
C LEU C 904 -3.13 29.98 -10.17
N THR C 905 -3.98 30.87 -10.65
CA THR C 905 -4.64 30.66 -11.93
C THR C 905 -3.63 30.76 -13.07
N ASP C 906 -4.01 30.22 -14.22
CA ASP C 906 -3.12 30.28 -15.38
C ASP C 906 -2.77 31.71 -15.73
N GLU C 907 -3.70 32.64 -15.53
CA GLU C 907 -3.40 34.05 -15.80
C GLU C 907 -2.34 34.56 -14.84
N MET C 908 -2.41 34.19 -13.57
CA MET C 908 -1.40 34.63 -12.61
C MET C 908 -0.03 34.08 -12.96
N ILE C 909 0.05 32.82 -13.37
CA ILE C 909 1.33 32.24 -13.77
C ILE C 909 1.90 33.00 -14.95
N ALA C 910 1.06 33.28 -15.95
CA ALA C 910 1.53 34.02 -17.12
C ALA C 910 1.98 35.42 -16.75
N GLN C 911 1.48 35.96 -15.64
CA GLN C 911 1.93 37.26 -15.18
C GLN C 911 3.30 37.17 -14.52
N TYR C 912 3.57 36.07 -13.82
CA TYR C 912 4.88 35.88 -13.21
C TYR C 912 5.96 35.73 -14.28
N THR C 913 5.71 34.94 -15.31
CA THR C 913 6.69 34.78 -16.37
C THR C 913 6.93 36.10 -17.09
N SER C 914 5.87 36.88 -17.30
CA SER C 914 6.03 38.19 -17.91
C SER C 914 6.92 39.08 -17.05
N ALA C 915 6.73 39.04 -15.73
CA ALA C 915 7.58 39.83 -14.85
C ALA C 915 9.02 39.35 -14.90
N LEU C 916 9.22 38.03 -14.84
CA LEU C 916 10.56 37.49 -14.94
C LEU C 916 11.18 37.81 -16.29
N LEU C 917 10.40 37.67 -17.36
CA LEU C 917 10.90 37.97 -18.69
C LEU C 917 11.22 39.45 -18.84
N ALA C 918 10.31 40.31 -18.38
CA ALA C 918 10.53 41.75 -18.51
C ALA C 918 11.77 42.18 -17.73
N GLY C 919 11.97 41.60 -16.55
CA GLY C 919 13.14 41.95 -15.76
C GLY C 919 14.44 41.60 -16.47
N THR C 920 14.49 40.43 -17.09
CA THR C 920 15.71 40.00 -17.76
C THR C 920 16.05 40.91 -18.93
N ILE C 921 15.04 41.27 -19.73
CA ILE C 921 15.30 42.11 -20.90
C ILE C 921 15.81 43.48 -20.49
N THR C 922 15.19 44.07 -19.45
CA THR C 922 15.49 45.45 -19.09
C THR C 922 16.61 45.57 -18.06
N SER C 923 16.83 44.54 -17.24
CA SER C 923 17.78 44.64 -16.14
C SER C 923 18.93 43.64 -16.21
N GLY C 924 18.80 42.57 -16.96
CA GLY C 924 19.82 41.55 -16.94
C GLY C 924 19.65 40.65 -15.74
N TRP C 925 20.74 40.34 -15.06
CA TRP C 925 20.70 39.55 -13.84
C TRP C 925 20.61 40.40 -12.59
N THR C 926 20.61 41.72 -12.72
CA THR C 926 20.62 42.58 -11.54
C THR C 926 19.34 42.43 -10.74
N PHE C 927 18.18 42.35 -11.41
CA PHE C 927 16.92 42.33 -10.70
C PHE C 927 16.77 41.12 -9.80
N GLY C 928 17.53 40.05 -10.06
CA GLY C 928 17.46 38.87 -9.21
C GLY C 928 18.30 38.93 -7.97
N ALA C 929 19.11 39.98 -7.81
CA ALA C 929 20.00 40.13 -6.65
C ALA C 929 19.74 41.43 -5.91
N GLY C 930 18.59 42.04 -6.10
CA GLY C 930 18.28 43.30 -5.49
C GLY C 930 17.38 44.13 -6.39
N ALA C 931 17.56 45.44 -6.32
CA ALA C 931 16.78 46.34 -7.16
C ALA C 931 17.13 46.12 -8.62
N ALA C 932 16.13 46.29 -9.49
CA ALA C 932 16.33 46.14 -10.93
C ALA C 932 17.04 47.38 -11.46
N LEU C 933 18.23 47.18 -12.03
CA LEU C 933 19.05 48.26 -12.56
C LEU C 933 19.07 48.13 -14.08
N GLN C 934 18.49 49.12 -14.75
CA GLN C 934 18.36 49.05 -16.20
C GLN C 934 19.73 49.10 -16.87
N ILE C 935 19.80 48.53 -18.06
CA ILE C 935 21.02 48.53 -18.87
C ILE C 935 20.63 48.21 -20.30
N PRO C 936 21.17 48.88 -21.30
CA PRO C 936 20.79 48.56 -22.68
C PRO C 936 21.05 47.10 -23.00
N PHE C 937 20.14 46.48 -23.74
CA PHE C 937 20.23 45.05 -23.99
C PHE C 937 21.53 44.70 -24.70
N ALA C 938 21.90 45.50 -25.71
CA ALA C 938 23.14 45.23 -26.41
C ALA C 938 24.33 45.26 -25.46
N MET C 939 24.33 46.22 -24.52
CA MET C 939 25.37 46.24 -23.50
C MET C 939 25.24 45.08 -22.53
N GLN C 940 24.02 44.64 -22.24
CA GLN C 940 23.83 43.46 -21.40
C GLN C 940 24.42 42.22 -22.06
N MET C 941 24.17 42.05 -23.36
CA MET C 941 24.74 40.89 -24.05
C MET C 941 26.26 40.94 -24.05
N ALA C 942 26.85 42.13 -24.00
CA ALA C 942 28.30 42.23 -23.90
C ALA C 942 28.79 41.61 -22.60
N TYR C 943 28.05 41.81 -21.50
CA TYR C 943 28.36 41.12 -20.27
C TYR C 943 28.32 39.61 -20.46
N ARG C 944 27.27 39.12 -21.14
CA ARG C 944 27.11 37.69 -21.31
C ARG C 944 28.26 37.11 -22.12
N PHE C 945 28.64 37.77 -23.21
CA PHE C 945 29.79 37.32 -23.98
C PHE C 945 31.05 37.35 -23.14
N ASN C 946 31.25 38.43 -22.38
CA ASN C 946 32.39 38.50 -21.49
C ASN C 946 32.35 37.40 -20.45
N GLY C 947 31.17 36.95 -20.07
CA GLY C 947 31.02 35.90 -19.08
C GLY C 947 31.29 34.50 -19.58
N ILE C 948 31.43 34.31 -20.89
CA ILE C 948 31.76 33.03 -21.47
C ILE C 948 33.14 33.04 -22.10
N GLY C 949 33.99 34.00 -21.72
CA GLY C 949 35.35 34.02 -22.21
C GLY C 949 35.54 34.63 -23.57
N VAL C 950 34.56 35.38 -24.07
CA VAL C 950 34.65 36.05 -25.36
C VAL C 950 34.59 37.55 -25.11
N THR C 951 35.58 38.28 -25.62
CA THR C 951 35.62 39.71 -25.41
C THR C 951 34.34 40.36 -25.91
N GLN C 952 34.08 41.58 -25.43
CA GLN C 952 32.83 42.26 -25.72
C GLN C 952 32.84 43.04 -27.03
N ASN C 953 34.00 43.17 -27.68
CA ASN C 953 34.01 43.83 -28.98
C ASN C 953 33.45 42.92 -30.07
N VAL C 954 33.44 41.61 -29.87
CA VAL C 954 32.91 40.71 -30.88
C VAL C 954 31.40 40.84 -30.98
N LEU C 955 30.72 41.14 -29.87
CA LEU C 955 29.28 41.35 -29.92
C LEU C 955 28.95 42.63 -30.67
N TYR C 956 29.61 43.73 -30.31
CA TYR C 956 29.30 45.01 -30.94
C TYR C 956 29.63 44.99 -32.42
N GLU C 957 30.74 44.35 -32.78
CA GLU C 957 31.10 44.24 -34.19
C GLU C 957 30.13 43.34 -34.94
N ASN C 958 29.62 42.29 -34.30
CA ASN C 958 28.69 41.36 -34.91
C ASN C 958 27.29 41.48 -34.33
N GLN C 959 26.90 42.68 -33.89
CA GLN C 959 25.62 42.85 -33.25
C GLN C 959 24.47 42.54 -34.20
N LYS C 960 24.57 43.00 -35.46
CA LYS C 960 23.51 42.73 -36.42
C LYS C 960 23.39 41.23 -36.68
N LEU C 961 24.52 40.54 -36.85
CA LEU C 961 24.49 39.11 -37.10
C LEU C 961 23.93 38.36 -35.90
N ILE C 962 24.39 38.70 -34.70
CA ILE C 962 23.93 38.01 -33.50
C ILE C 962 22.45 38.23 -33.29
N ALA C 963 21.98 39.47 -33.52
CA ALA C 963 20.55 39.75 -33.39
C ALA C 963 19.74 38.94 -34.39
N ASN C 964 20.21 38.87 -35.64
CA ASN C 964 19.50 38.08 -36.64
C ASN C 964 19.49 36.61 -36.27
N GLN C 965 20.60 36.09 -35.77
CA GLN C 965 20.65 34.69 -35.38
C GLN C 965 19.67 34.40 -34.26
N PHE C 966 19.56 35.30 -33.29
CA PHE C 966 18.60 35.12 -32.21
C PHE C 966 17.18 35.11 -32.73
N ASN C 967 16.85 36.04 -33.63
CA ASN C 967 15.49 36.09 -34.17
C ASN C 967 15.17 34.83 -34.97
N SER C 968 16.11 34.38 -35.79
CA SER C 968 15.88 33.16 -36.55
C SER C 968 15.71 31.96 -35.64
N ALA C 969 16.52 31.88 -34.58
CA ALA C 969 16.41 30.75 -33.66
C ALA C 969 15.07 30.77 -32.94
N ILE C 970 14.59 31.95 -32.55
CA ILE C 970 13.29 32.05 -31.90
C ILE C 970 12.19 31.69 -32.88
N GLY C 971 12.33 32.10 -34.15
CA GLY C 971 11.34 31.73 -35.14
C GLY C 971 11.23 30.24 -35.34
N LYS C 972 12.36 29.54 -35.25
CA LYS C 972 12.35 28.09 -35.44
C LYS C 972 11.64 27.38 -34.30
N ILE C 973 11.67 27.94 -33.09
CA ILE C 973 11.00 27.31 -31.97
C ILE C 973 9.49 27.33 -32.18
N GLN C 974 8.97 28.41 -32.76
CA GLN C 974 7.55 28.45 -33.08
C GLN C 974 7.16 27.28 -33.98
N ASP C 975 7.93 27.08 -35.06
CA ASP C 975 7.62 26.00 -35.99
C ASP C 975 7.72 24.64 -35.31
N SER C 976 8.76 24.44 -34.50
CA SER C 976 8.92 23.15 -33.84
C SER C 976 7.72 22.83 -32.95
N LEU C 977 7.27 23.80 -32.16
CA LEU C 977 6.13 23.56 -31.28
C LEU C 977 4.84 23.46 -32.09
N SER C 978 4.60 24.42 -32.98
CA SER C 978 3.32 24.46 -33.69
C SER C 978 3.15 23.26 -34.61
N SER C 979 4.21 22.87 -35.31
CA SER C 979 4.09 21.78 -36.28
C SER C 979 3.95 20.44 -35.60
N THR C 980 4.76 20.18 -34.57
CA THR C 980 4.77 18.90 -33.86
C THR C 980 4.09 19.06 -32.52
N ALA C 981 3.13 18.17 -32.24
CA ALA C 981 2.44 18.16 -30.96
C ALA C 981 3.09 17.20 -29.95
N SER C 982 4.11 16.47 -30.36
CA SER C 982 4.78 15.51 -29.48
C SER C 982 5.94 16.13 -28.71
N ALA C 983 6.20 17.43 -28.89
CA ALA C 983 7.29 18.07 -28.17
C ALA C 983 7.05 18.06 -26.66
N LEU C 984 5.82 18.32 -26.24
CA LEU C 984 5.48 18.40 -24.83
C LEU C 984 5.06 17.03 -24.28
N GLY C 985 5.90 16.02 -24.51
CA GLY C 985 5.60 14.71 -23.98
C GLY C 985 5.65 14.66 -22.47
N LYS C 986 6.63 15.34 -21.87
CA LYS C 986 6.80 15.28 -20.43
C LYS C 986 5.57 15.82 -19.71
N LEU C 987 5.02 16.93 -20.19
CA LEU C 987 3.83 17.48 -19.56
C LEU C 987 2.59 16.65 -19.89
N GLN C 988 2.51 16.14 -21.11
CA GLN C 988 1.37 15.31 -21.48
C GLN C 988 1.35 14.00 -20.69
N ASP C 989 2.53 13.42 -20.46
CA ASP C 989 2.59 12.17 -19.71
C ASP C 989 2.03 12.34 -18.31
N VAL C 990 2.35 13.45 -17.65
CA VAL C 990 1.85 13.68 -16.31
C VAL C 990 0.33 13.74 -16.31
N VAL C 991 -0.26 14.44 -17.29
CA VAL C 991 -1.71 14.51 -17.38
C VAL C 991 -2.30 13.11 -17.59
N ASN C 992 -1.70 12.33 -18.49
CA ASN C 992 -2.24 11.00 -18.76
C ASN C 992 -2.16 10.11 -17.54
N GLN C 993 -1.03 10.16 -16.82
CA GLN C 993 -0.88 9.28 -15.66
C GLN C 993 -1.93 9.58 -14.61
N ASN C 994 -2.17 10.86 -14.32
CA ASN C 994 -3.20 11.22 -13.35
C ASN C 994 -4.58 10.81 -13.84
N ALA C 995 -4.84 11.02 -15.13
CA ALA C 995 -6.18 10.72 -15.66
C ALA C 995 -6.48 9.22 -15.55
N GLN C 996 -5.52 8.37 -15.89
CA GLN C 996 -5.79 6.94 -15.82
C GLN C 996 -5.80 6.44 -14.38
N ALA C 997 -5.08 7.11 -13.49
CA ALA C 997 -5.12 6.74 -12.08
C ALA C 997 -6.52 6.91 -11.51
N LEU C 998 -7.21 7.99 -11.90
CA LEU C 998 -8.57 8.19 -11.46
C LEU C 998 -9.53 7.25 -12.16
N ASN C 999 -9.33 7.02 -13.46
CA ASN C 999 -10.18 6.09 -14.19
C ASN C 999 -10.06 4.68 -13.63
N THR C 1000 -8.84 4.25 -13.33
CA THR C 1000 -8.65 2.94 -12.73
C THR C 1000 -9.31 2.87 -11.36
N LEU C 1001 -9.20 3.94 -10.58
CA LEU C 1001 -9.83 3.96 -9.27
C LEU C 1001 -11.34 3.86 -9.38
N VAL C 1002 -11.94 4.59 -10.33
CA VAL C 1002 -13.39 4.56 -10.48
C VAL C 1002 -13.85 3.21 -11.04
N LYS C 1003 -13.15 2.70 -12.05
CA LYS C 1003 -13.51 1.40 -12.61
C LYS C 1003 -13.42 0.30 -11.58
N GLN C 1004 -12.63 0.48 -10.53
CA GLN C 1004 -12.50 -0.54 -9.49
C GLN C 1004 -13.77 -0.71 -8.67
N LEU C 1005 -14.74 0.19 -8.82
CA LEU C 1005 -16.01 0.06 -8.13
C LEU C 1005 -16.93 -0.99 -8.76
N SER C 1006 -16.57 -1.52 -9.93
CA SER C 1006 -17.40 -2.48 -10.64
C SER C 1006 -16.92 -3.91 -10.46
N SER C 1007 -16.04 -4.17 -9.51
CA SER C 1007 -15.48 -5.50 -9.30
C SER C 1007 -16.03 -6.10 -8.02
N ASN C 1008 -16.39 -7.38 -8.07
CA ASN C 1008 -17.00 -8.04 -6.92
C ASN C 1008 -16.04 -8.13 -5.75
N PHE C 1009 -14.75 -8.39 -6.03
CA PHE C 1009 -13.77 -8.72 -5.00
C PHE C 1009 -14.13 -10.01 -4.27
N GLY C 1010 -14.91 -10.88 -4.91
CA GLY C 1010 -15.34 -12.13 -4.34
C GLY C 1010 -16.77 -12.12 -3.84
N ALA C 1011 -17.37 -10.95 -3.65
CA ALA C 1011 -18.75 -10.87 -3.21
C ALA C 1011 -19.68 -11.35 -4.31
N ILE C 1012 -20.97 -11.48 -3.97
CA ILE C 1012 -21.95 -11.92 -4.95
C ILE C 1012 -22.12 -10.90 -6.06
N SER C 1013 -22.03 -9.62 -5.73
CA SER C 1013 -22.19 -8.56 -6.72
C SER C 1013 -21.43 -7.33 -6.26
N SER C 1014 -21.23 -6.41 -7.20
CA SER C 1014 -20.51 -5.17 -6.94
C SER C 1014 -21.42 -4.02 -6.55
N VAL C 1015 -22.72 -4.27 -6.43
CA VAL C 1015 -23.69 -3.24 -6.07
C VAL C 1015 -24.22 -3.56 -4.68
N LEU C 1016 -24.06 -2.61 -3.76
CA LEU C 1016 -24.49 -2.85 -2.38
C LEU C 1016 -25.99 -3.04 -2.29
N ASN C 1017 -26.75 -2.32 -3.13
CA ASN C 1017 -28.20 -2.47 -3.09
C ASN C 1017 -28.61 -3.90 -3.39
N ASP C 1018 -27.97 -4.52 -4.39
CA ASP C 1018 -28.28 -5.91 -4.70
C ASP C 1018 -27.90 -6.82 -3.54
N ILE C 1019 -26.74 -6.59 -2.93
CA ILE C 1019 -26.33 -7.43 -1.80
C ILE C 1019 -27.34 -7.32 -0.66
N LEU C 1020 -27.69 -6.09 -0.30
CA LEU C 1020 -28.66 -5.91 0.78
C LEU C 1020 -30.03 -6.46 0.39
N SER C 1021 -30.47 -6.20 -0.84
CA SER C 1021 -31.80 -6.62 -1.26
C SER C 1021 -31.94 -8.14 -1.24
N ARG C 1022 -30.91 -8.85 -1.69
CA ARG C 1022 -31.00 -10.29 -1.92
C ARG C 1022 -30.41 -11.11 -0.78
N LEU C 1023 -30.16 -10.51 0.37
CA LEU C 1023 -29.61 -11.24 1.50
C LEU C 1023 -30.07 -10.61 2.80
N ASP C 1024 -30.15 -11.44 3.84
CA ASP C 1024 -30.44 -10.95 5.18
C ASP C 1024 -29.17 -10.35 5.80
N PRO C 1025 -29.32 -9.51 6.82
CA PRO C 1025 -28.17 -8.75 7.31
C PRO C 1025 -27.00 -9.65 7.68
N PRO C 1026 -27.23 -10.81 8.30
CA PRO C 1026 -26.10 -11.66 8.68
C PRO C 1026 -25.22 -12.05 7.51
N GLU C 1027 -25.80 -12.67 6.48
CA GLU C 1027 -25.03 -13.07 5.31
C GLU C 1027 -24.82 -11.94 4.34
N ALA C 1028 -25.57 -10.84 4.46
CA ALA C 1028 -25.26 -9.65 3.66
C ALA C 1028 -24.07 -8.90 4.23
N GLU C 1029 -23.90 -8.93 5.55
CA GLU C 1029 -22.77 -8.23 6.17
C GLU C 1029 -21.45 -8.79 5.68
N VAL C 1030 -21.33 -10.11 5.59
CA VAL C 1030 -20.09 -10.72 5.15
C VAL C 1030 -19.78 -10.31 3.71
N GLN C 1031 -20.79 -10.30 2.85
CA GLN C 1031 -20.58 -9.86 1.47
C GLN C 1031 -20.14 -8.41 1.42
N ILE C 1032 -20.76 -7.55 2.23
CA ILE C 1032 -20.40 -6.14 2.23
C ILE C 1032 -18.96 -5.96 2.68
N ASP C 1033 -18.52 -6.75 3.66
CA ASP C 1033 -17.16 -6.62 4.16
C ASP C 1033 -16.15 -6.94 3.06
N ARG C 1034 -16.48 -7.88 2.17
CA ARG C 1034 -15.58 -8.18 1.06
C ARG C 1034 -15.44 -6.96 0.14
N LEU C 1035 -16.55 -6.27 -0.14
CA LEU C 1035 -16.47 -5.07 -0.96
C LEU C 1035 -15.66 -3.99 -0.26
N ILE C 1036 -15.86 -3.80 1.05
CA ILE C 1036 -15.16 -2.75 1.76
C ILE C 1036 -13.66 -2.97 1.70
N THR C 1037 -13.22 -4.20 1.96
CA THR C 1037 -11.78 -4.48 1.93
C THR C 1037 -11.20 -4.24 0.56
N GLY C 1038 -11.88 -4.72 -0.49
CA GLY C 1038 -11.37 -4.51 -1.84
C GLY C 1038 -11.36 -3.04 -2.23
N ARG C 1039 -12.47 -2.34 -1.96
CA ARG C 1039 -12.53 -0.92 -2.29
C ARG C 1039 -11.56 -0.12 -1.42
N LEU C 1040 -11.44 -0.46 -0.14
CA LEU C 1040 -10.46 0.19 0.71
C LEU C 1040 -9.04 -0.07 0.20
N GLN C 1041 -8.75 -1.31 -0.20
CA GLN C 1041 -7.43 -1.62 -0.72
C GLN C 1041 -7.15 -0.84 -1.99
N SER C 1042 -8.13 -0.77 -2.89
CA SER C 1042 -7.92 -0.04 -4.14
C SER C 1042 -7.71 1.44 -3.87
N LEU C 1043 -8.33 1.98 -2.83
CA LEU C 1043 -8.10 3.38 -2.48
C LEU C 1043 -6.73 3.58 -1.85
N GLN C 1044 -6.19 2.55 -1.20
CA GLN C 1044 -4.84 2.65 -0.64
C GLN C 1044 -3.79 2.70 -1.75
N THR C 1045 -3.93 1.84 -2.75
CA THR C 1045 -2.95 1.82 -3.83
C THR C 1045 -2.97 3.12 -4.62
N TYR C 1046 -4.13 3.76 -4.72
CA TYR C 1046 -4.21 5.03 -5.42
C TYR C 1046 -3.43 6.11 -4.67
N VAL C 1047 -3.62 6.18 -3.35
CA VAL C 1047 -2.91 7.19 -2.56
C VAL C 1047 -1.41 6.92 -2.58
N THR C 1048 -1.02 5.65 -2.46
CA THR C 1048 0.41 5.34 -2.48
C THR C 1048 1.04 5.72 -3.81
N GLN C 1049 0.35 5.43 -4.93
CA GLN C 1049 0.87 5.83 -6.23
C GLN C 1049 0.97 7.34 -6.34
N GLN C 1050 -0.03 8.07 -5.84
CA GLN C 1050 0.02 9.52 -5.88
C GLN C 1050 1.18 10.05 -5.05
N LEU C 1051 1.42 9.46 -3.88
CA LEU C 1051 2.56 9.88 -3.07
C LEU C 1051 3.86 9.63 -3.79
N ILE C 1052 3.97 8.49 -4.48
CA ILE C 1052 5.17 8.20 -5.26
C ILE C 1052 5.32 9.21 -6.40
N ARG C 1053 4.22 9.49 -7.10
CA ARG C 1053 4.28 10.47 -8.18
C ARG C 1053 4.53 11.87 -7.66
N ALA C 1054 3.92 12.23 -6.54
CA ALA C 1054 4.10 13.57 -6.00
C ALA C 1054 5.57 13.84 -5.69
N ALA C 1055 6.27 12.85 -5.14
CA ALA C 1055 7.70 13.00 -4.90
C ALA C 1055 8.45 13.19 -6.21
N GLU C 1056 8.06 12.44 -7.24
CA GLU C 1056 8.70 12.61 -8.54
C GLU C 1056 8.49 14.00 -9.10
N ILE C 1057 7.27 14.52 -9.01
CA ILE C 1057 6.98 15.85 -9.53
C ILE C 1057 7.67 16.92 -8.69
N ARG C 1058 7.75 16.71 -7.37
CA ARG C 1058 8.42 17.68 -6.53
C ARG C 1058 9.89 17.80 -6.89
N ALA C 1059 10.53 16.68 -7.22
CA ALA C 1059 11.91 16.73 -7.67
C ALA C 1059 12.03 17.51 -8.96
N SER C 1060 11.10 17.30 -9.89
CA SER C 1060 11.09 18.08 -11.12
C SER C 1060 10.83 19.56 -10.84
N ALA C 1061 9.90 19.84 -9.93
CA ALA C 1061 9.61 21.23 -9.58
C ALA C 1061 10.81 21.88 -8.90
N ASN C 1062 11.50 21.15 -8.04
CA ASN C 1062 12.71 21.68 -7.40
C ASN C 1062 13.78 21.98 -8.44
N LEU C 1063 13.85 21.17 -9.49
CA LEU C 1063 14.81 21.43 -10.55
C LEU C 1063 14.42 22.66 -11.36
N ALA C 1064 13.13 22.79 -11.70
CA ALA C 1064 12.68 23.96 -12.44
C ALA C 1064 12.91 25.23 -11.64
N ALA C 1065 12.72 25.16 -10.32
CA ALA C 1065 12.99 26.32 -9.48
C ALA C 1065 14.46 26.70 -9.52
N THR C 1066 15.34 25.71 -9.47
CA THR C 1066 16.78 25.99 -9.53
C THR C 1066 17.17 26.55 -10.90
N LYS C 1067 16.58 26.00 -11.97
CA LYS C 1067 16.90 26.49 -13.31
C LYS C 1067 16.42 27.93 -13.49
N MET C 1068 15.26 28.27 -12.93
CA MET C 1068 14.80 29.64 -12.99
C MET C 1068 15.78 30.57 -12.28
N SER C 1069 16.26 30.16 -11.11
CA SER C 1069 17.19 31.00 -10.36
C SER C 1069 18.53 31.13 -11.07
N GLU C 1070 19.04 30.04 -11.61
CA GLU C 1070 20.40 30.03 -12.13
C GLU C 1070 20.48 30.30 -13.63
N CYS C 1071 19.46 29.93 -14.39
CA CYS C 1071 19.48 30.16 -15.82
C CYS C 1071 18.78 31.46 -16.21
N VAL C 1072 17.65 31.77 -15.59
CA VAL C 1072 16.89 32.95 -15.95
C VAL C 1072 17.34 34.18 -15.16
N LEU C 1073 17.54 34.02 -13.85
CA LEU C 1073 17.94 35.13 -13.01
C LEU C 1073 19.43 35.40 -13.05
N GLY C 1074 20.20 34.61 -13.79
CA GLY C 1074 21.62 34.85 -13.90
C GLY C 1074 22.20 34.09 -15.07
N GLN C 1075 23.52 34.10 -15.15
CA GLN C 1075 24.25 33.35 -16.16
C GLN C 1075 24.97 32.19 -15.47
N SER C 1076 24.79 30.99 -16.01
CA SER C 1076 25.27 29.77 -15.38
C SER C 1076 26.52 29.28 -16.07
N LYS C 1077 27.57 29.05 -15.27
CA LYS C 1077 28.78 28.40 -15.76
C LYS C 1077 28.68 26.89 -15.71
N ARG C 1078 27.64 26.34 -15.11
CA ARG C 1078 27.46 24.90 -15.06
C ARG C 1078 27.21 24.37 -16.46
N VAL C 1079 27.96 23.34 -16.84
CA VAL C 1079 27.92 22.82 -18.20
C VAL C 1079 26.65 22.00 -18.40
N ASP C 1080 25.99 22.23 -19.53
CA ASP C 1080 24.80 21.49 -19.95
C ASP C 1080 23.62 21.67 -18.99
N PHE C 1081 23.73 22.59 -18.03
CA PHE C 1081 22.61 22.85 -17.12
C PHE C 1081 21.55 23.68 -17.82
N CYS C 1082 21.93 24.86 -18.33
CA CYS C 1082 21.04 25.72 -19.08
C CYS C 1082 21.34 25.57 -20.57
N GLY C 1083 20.89 24.44 -21.13
CA GLY C 1083 21.06 24.19 -22.55
C GLY C 1083 22.44 23.66 -22.88
N LYS C 1084 22.61 23.32 -24.15
CA LYS C 1084 23.85 22.72 -24.65
C LYS C 1084 24.70 23.81 -25.28
N GLY C 1085 25.93 23.97 -24.77
CA GLY C 1085 26.84 25.01 -25.20
C GLY C 1085 27.15 25.97 -24.07
N TYR C 1086 27.51 27.19 -24.44
CA TYR C 1086 27.87 28.22 -23.48
C TYR C 1086 26.64 29.09 -23.20
N HIS C 1087 26.15 29.04 -21.96
CA HIS C 1087 24.93 29.73 -21.62
C HIS C 1087 25.10 31.24 -21.74
N LEU C 1088 24.10 31.89 -22.34
CA LEU C 1088 24.00 33.34 -22.40
C LEU C 1088 22.78 33.85 -21.68
N MET C 1089 21.60 33.32 -21.98
CA MET C 1089 20.34 33.80 -21.41
C MET C 1089 19.37 32.64 -21.34
N SER C 1090 18.29 32.84 -20.60
CA SER C 1090 17.18 31.90 -20.59
C SER C 1090 15.90 32.69 -20.40
N PHE C 1091 14.84 32.27 -21.09
CA PHE C 1091 13.55 32.94 -21.04
C PHE C 1091 12.50 31.94 -20.58
N PRO C 1092 11.81 32.18 -19.46
CA PRO C 1092 10.80 31.22 -19.02
C PRO C 1092 9.48 31.41 -19.77
N GLN C 1093 8.82 30.30 -20.03
CA GLN C 1093 7.48 30.30 -20.61
C GLN C 1093 6.59 29.36 -19.81
N SER C 1094 5.32 29.73 -19.70
CA SER C 1094 4.38 28.99 -18.88
C SER C 1094 3.66 27.94 -19.73
N ALA C 1095 3.63 26.71 -19.24
CA ALA C 1095 2.94 25.62 -19.88
C ALA C 1095 2.01 24.96 -18.87
N PRO C 1096 0.99 24.24 -19.33
CA PRO C 1096 0.06 23.60 -18.39
C PRO C 1096 0.79 22.63 -17.47
N HIS C 1097 0.68 22.88 -16.17
CA HIS C 1097 1.27 22.02 -15.15
C HIS C 1097 2.78 21.92 -15.29
N GLY C 1098 3.43 22.96 -15.79
CA GLY C 1098 4.86 22.91 -15.98
C GLY C 1098 5.39 24.24 -16.47
N VAL C 1099 6.67 24.23 -16.83
CA VAL C 1099 7.37 25.41 -17.32
C VAL C 1099 8.21 25.01 -18.52
N VAL C 1100 8.52 26.00 -19.35
CA VAL C 1100 9.39 25.82 -20.51
C VAL C 1100 10.48 26.88 -20.47
N PHE C 1101 11.72 26.46 -20.67
CA PHE C 1101 12.86 27.36 -20.69
C PHE C 1101 13.42 27.44 -22.10
N LEU C 1102 13.59 28.66 -22.61
CA LEU C 1102 14.24 28.89 -23.88
C LEU C 1102 15.69 29.28 -23.57
N HIS C 1103 16.60 28.33 -23.72
CA HIS C 1103 17.99 28.52 -23.34
C HIS C 1103 18.75 29.11 -24.52
N VAL C 1104 19.11 30.38 -24.42
CA VAL C 1104 19.96 31.02 -25.42
C VAL C 1104 21.40 30.66 -25.14
N THR C 1105 22.07 30.10 -26.15
CA THR C 1105 23.39 29.52 -25.96
C THR C 1105 24.32 29.96 -27.09
N TYR C 1106 25.60 30.09 -26.75
CA TYR C 1106 26.63 30.47 -27.71
C TYR C 1106 27.38 29.21 -28.12
N VAL C 1107 27.30 28.87 -29.40
CA VAL C 1107 27.92 27.67 -29.95
C VAL C 1107 29.03 28.11 -30.90
N PRO C 1108 30.29 27.78 -30.63
CA PRO C 1108 31.35 28.09 -31.60
C PRO C 1108 31.17 27.32 -32.89
N ALA C 1109 31.62 27.91 -33.99
CA ALA C 1109 31.45 27.31 -35.29
C ALA C 1109 32.58 27.73 -36.21
N GLN C 1110 32.77 26.96 -37.28
CA GLN C 1110 33.77 27.26 -38.31
C GLN C 1110 35.16 27.40 -37.71
N GLU C 1111 35.61 26.31 -37.10
CA GLU C 1111 36.97 26.26 -36.57
C GLU C 1111 37.97 26.08 -37.70
N LYS C 1112 39.23 26.43 -37.42
CA LYS C 1112 40.29 26.21 -38.37
C LYS C 1112 41.58 25.89 -37.62
N ASN C 1113 42.40 25.04 -38.21
CA ASN C 1113 43.60 24.56 -37.55
C ASN C 1113 44.64 25.67 -37.42
N PHE C 1114 45.47 25.54 -36.39
CA PHE C 1114 46.58 26.46 -36.17
C PHE C 1114 47.71 25.72 -35.48
N THR C 1115 48.91 26.26 -35.60
CA THR C 1115 50.07 25.78 -34.86
C THR C 1115 50.21 26.64 -33.61
N THR C 1116 50.36 25.98 -32.46
CA THR C 1116 50.34 26.67 -31.18
C THR C 1116 51.60 26.32 -30.39
N ALA C 1117 51.93 27.20 -29.45
CA ALA C 1117 53.06 27.02 -28.57
C ALA C 1117 52.64 27.36 -27.15
N PRO C 1118 53.30 26.78 -26.14
CA PRO C 1118 52.96 27.16 -24.75
C PRO C 1118 53.44 28.55 -24.40
N ALA C 1119 54.67 28.89 -24.80
CA ALA C 1119 55.22 30.21 -24.57
C ALA C 1119 56.19 30.50 -25.72
N ILE C 1120 56.80 31.69 -25.68
CA ILE C 1120 57.77 32.09 -26.69
C ILE C 1120 58.99 32.68 -26.01
N CYS C 1121 60.14 32.52 -26.66
CA CYS C 1121 61.38 33.13 -26.22
C CYS C 1121 61.60 34.43 -26.97
N HIS C 1122 61.86 35.50 -26.22
CA HIS C 1122 62.11 36.82 -26.81
C HIS C 1122 63.54 37.27 -26.60
N ASP C 1123 63.98 37.35 -25.34
CA ASP C 1123 65.31 37.85 -25.01
C ASP C 1123 65.93 36.96 -23.93
N GLY C 1124 65.79 35.65 -24.09
CA GLY C 1124 66.21 34.73 -23.06
C GLY C 1124 65.22 34.55 -21.94
N LYS C 1125 64.01 35.10 -22.07
CA LYS C 1125 62.96 34.96 -21.07
C LYS C 1125 61.68 34.52 -21.76
N ALA C 1126 60.90 33.70 -21.05
CA ALA C 1126 59.69 33.10 -21.62
C ALA C 1126 58.49 34.01 -21.38
N HIS C 1127 57.69 34.20 -22.42
CA HIS C 1127 56.49 35.01 -22.36
C HIS C 1127 55.27 34.12 -22.48
N PHE C 1128 54.31 34.29 -21.58
CA PHE C 1128 53.06 33.56 -21.61
C PHE C 1128 51.90 34.51 -21.88
N PRO C 1129 50.81 34.03 -22.48
CA PRO C 1129 49.69 34.94 -22.75
C PRO C 1129 48.94 35.28 -21.48
N ARG C 1130 48.60 36.57 -21.34
CA ARG C 1130 47.80 37.00 -20.20
C ARG C 1130 46.44 36.33 -20.22
N GLU C 1131 45.76 36.36 -21.37
CA GLU C 1131 44.50 35.64 -21.54
C GLU C 1131 44.34 35.36 -23.03
N GLY C 1132 44.62 34.13 -23.43
CA GLY C 1132 44.50 33.75 -24.82
C GLY C 1132 45.47 32.64 -25.15
N VAL C 1133 45.72 32.50 -26.45
CA VAL C 1133 46.53 31.41 -26.99
C VAL C 1133 47.54 32.00 -27.95
N PHE C 1134 48.65 31.29 -28.13
CA PHE C 1134 49.62 31.60 -29.16
C PHE C 1134 49.31 30.74 -30.37
N VAL C 1135 49.10 31.38 -31.52
CA VAL C 1135 48.81 30.68 -32.76
C VAL C 1135 49.73 31.22 -33.85
N SER C 1136 49.87 30.44 -34.91
CA SER C 1136 50.78 30.76 -36.01
C SER C 1136 50.08 30.59 -37.35
N ASN C 1137 50.47 31.42 -38.29
CA ASN C 1137 50.03 31.31 -39.69
C ASN C 1137 50.88 30.33 -40.48
N GLY C 1138 51.85 29.67 -39.85
CA GLY C 1138 52.89 28.97 -40.54
C GLY C 1138 54.13 29.79 -40.76
N THR C 1139 54.02 31.11 -40.67
CA THR C 1139 55.17 32.01 -40.79
C THR C 1139 55.21 33.09 -39.73
N HIS C 1140 54.07 33.46 -39.12
CA HIS C 1140 54.01 34.52 -38.14
C HIS C 1140 53.26 34.01 -36.91
N TRP C 1141 53.53 34.64 -35.77
CA TRP C 1141 52.93 34.26 -34.50
C TRP C 1141 52.06 35.39 -33.96
N PHE C 1142 50.89 35.02 -33.45
CA PHE C 1142 49.96 35.97 -32.85
C PHE C 1142 49.48 35.42 -31.52
N VAL C 1143 48.76 36.27 -30.78
CA VAL C 1143 48.10 35.87 -29.55
C VAL C 1143 46.62 36.15 -29.72
N THR C 1144 45.78 35.15 -29.45
CA THR C 1144 44.35 35.23 -29.70
C THR C 1144 43.57 34.72 -28.50
N GLN C 1145 42.35 35.21 -28.37
CA GLN C 1145 41.43 34.66 -27.39
C GLN C 1145 41.02 33.26 -27.79
N ARG C 1146 40.72 32.43 -26.78
CA ARG C 1146 40.56 31.00 -27.03
C ARG C 1146 39.29 30.69 -27.82
N ASN C 1147 38.20 31.41 -27.55
CA ASN C 1147 36.90 31.04 -28.09
C ASN C 1147 36.54 31.78 -29.37
N PHE C 1148 37.43 32.61 -29.90
CA PHE C 1148 37.14 33.34 -31.13
C PHE C 1148 38.46 33.77 -31.74
N TYR C 1149 38.67 33.42 -33.01
CA TYR C 1149 39.93 33.72 -33.67
C TYR C 1149 39.99 35.22 -33.96
N GLU C 1150 40.70 35.95 -33.11
CA GLU C 1150 40.93 37.39 -33.29
C GLU C 1150 42.43 37.65 -33.12
N PRO C 1151 43.24 37.26 -34.10
CA PRO C 1151 44.68 37.39 -33.94
C PRO C 1151 45.10 38.84 -33.81
N GLN C 1152 46.14 39.07 -33.02
CA GLN C 1152 46.68 40.40 -32.86
C GLN C 1152 48.17 40.29 -32.54
N ILE C 1153 48.89 41.38 -32.80
CA ILE C 1153 50.34 41.36 -32.64
C ILE C 1153 50.69 40.99 -31.22
N ILE C 1154 51.64 40.07 -31.07
CA ILE C 1154 52.08 39.60 -29.77
C ILE C 1154 53.02 40.63 -29.18
N THR C 1155 52.56 41.34 -28.16
CA THR C 1155 53.30 42.42 -27.53
C THR C 1155 53.54 42.10 -26.06
N THR C 1156 54.17 43.04 -25.36
CA THR C 1156 54.47 42.88 -23.95
C THR C 1156 53.32 43.29 -23.05
N ASP C 1157 52.20 43.76 -23.62
CA ASP C 1157 51.05 44.15 -22.84
C ASP C 1157 50.02 43.03 -22.70
N ASN C 1158 49.96 42.11 -23.67
CA ASN C 1158 49.06 40.97 -23.61
C ASN C 1158 49.77 39.68 -23.23
N THR C 1159 51.02 39.76 -22.81
CA THR C 1159 51.76 38.60 -22.31
C THR C 1159 52.50 39.00 -21.05
N PHE C 1160 52.77 38.00 -20.21
CA PHE C 1160 53.56 38.21 -18.99
C PHE C 1160 54.76 37.29 -19.01
N VAL C 1161 55.89 37.81 -18.55
CA VAL C 1161 57.15 37.07 -18.57
C VAL C 1161 57.33 36.38 -17.22
N SER C 1162 57.85 35.15 -17.25
CA SER C 1162 58.11 34.41 -16.02
C SER C 1162 59.18 33.37 -16.30
N GLY C 1163 60.38 33.59 -15.79
CA GLY C 1163 61.41 32.57 -15.83
C GLY C 1163 62.25 32.60 -17.09
N ASN C 1164 62.98 31.51 -17.29
CA ASN C 1164 63.93 31.36 -18.36
C ASN C 1164 63.29 30.60 -19.53
N CYS C 1165 64.10 30.29 -20.54
CA CYS C 1165 63.63 29.62 -21.74
C CYS C 1165 63.82 28.10 -21.71
N ASP C 1166 64.48 27.55 -20.71
CA ASP C 1166 64.90 26.16 -20.71
C ASP C 1166 64.16 25.33 -19.66
N VAL C 1167 62.89 25.63 -19.42
CA VAL C 1167 62.08 24.84 -18.51
C VAL C 1167 60.74 24.50 -19.14
N VAL C 1168 60.37 25.20 -20.21
CA VAL C 1168 59.09 25.03 -20.87
C VAL C 1168 59.27 24.13 -22.08
N ILE C 1169 58.47 23.08 -22.17
CA ILE C 1169 58.54 22.13 -23.28
C ILE C 1169 57.62 22.64 -24.39
N GLY C 1170 58.20 22.87 -25.57
CA GLY C 1170 57.47 23.43 -26.68
C GLY C 1170 57.68 24.91 -26.90
N ILE C 1171 58.61 25.52 -26.17
CA ILE C 1171 58.88 26.95 -26.31
C ILE C 1171 59.28 27.25 -27.75
N VAL C 1172 58.81 28.39 -28.28
CA VAL C 1172 59.19 28.85 -29.60
C VAL C 1172 59.98 30.15 -29.47
N ASN C 1173 60.47 30.66 -30.60
CA ASN C 1173 61.51 31.68 -30.61
C ASN C 1173 61.04 32.99 -31.25
N ASN C 1174 59.74 33.28 -31.21
CA ASN C 1174 59.25 34.49 -31.86
C ASN C 1174 59.70 35.73 -31.09
N THR C 1175 59.25 36.89 -31.54
CA THR C 1175 59.57 38.17 -30.95
C THR C 1175 58.32 38.81 -30.36
N VAL C 1176 58.50 39.58 -29.28
CA VAL C 1176 57.44 40.36 -28.68
C VAL C 1176 57.75 41.83 -28.91
N TYR C 1177 56.77 42.57 -29.43
CA TYR C 1177 56.95 43.97 -29.76
C TYR C 1177 56.64 44.79 -28.52
N ASP C 1178 57.65 45.45 -27.96
CA ASP C 1178 57.43 46.33 -26.82
C ASP C 1178 56.94 47.69 -27.31
N PRO C 1179 55.76 48.14 -26.89
CA PRO C 1179 55.24 49.41 -27.43
C PRO C 1179 55.79 50.63 -26.71
N LEU C 1180 57.09 50.67 -26.52
CA LEU C 1180 57.77 51.81 -25.94
C LEU C 1180 58.95 52.27 -26.78
N GLN C 1181 59.68 51.34 -27.40
CA GLN C 1181 60.76 51.71 -28.31
C GLN C 1181 60.31 52.68 -29.39
N PRO C 1182 59.19 52.47 -30.09
CA PRO C 1182 58.76 53.48 -31.07
C PRO C 1182 58.57 54.86 -30.46
N GLU C 1183 58.10 54.92 -29.21
CA GLU C 1183 57.96 56.20 -28.52
C GLU C 1183 59.28 56.59 -27.87
N LEU C 1184 60.36 56.58 -28.65
CA LEU C 1184 61.68 56.94 -28.16
C LEU C 1184 62.43 57.79 -29.19
N ASP C 1185 61.71 58.60 -29.97
CA ASP C 1185 62.37 59.44 -30.96
C ASP C 1185 63.40 60.36 -30.31
N SER C 1186 63.16 60.75 -29.06
CA SER C 1186 64.11 61.58 -28.32
C SER C 1186 63.77 61.59 -26.84
C1 NAG D . 25.62 53.84 2.51
C2 NAG D . 25.96 55.30 2.79
C3 NAG D . 26.35 55.48 4.26
C4 NAG D . 25.26 54.91 5.17
C5 NAG D . 24.98 53.46 4.79
C6 NAG D . 23.83 52.86 5.58
C7 NAG D . 26.84 56.67 0.97
C8 NAG D . 28.06 57.02 0.17
N2 NAG D . 27.03 55.75 1.93
O3 NAG D . 26.53 56.86 4.53
O4 NAG D . 25.68 54.97 6.53
O5 NAG D . 24.60 53.39 3.42
O6 NAG D . 23.37 51.66 4.97
O7 NAG D . 25.76 57.18 0.75
H2 NAG D . 25.16 55.83 2.63
H3 NAG D . 27.18 55.00 4.43
H4 NAG D . 24.45 55.45 5.06
H5 NAG D . 25.78 52.93 4.93
H61 NAG D . 23.10 53.51 5.64
H62 NAG D . 24.15 52.65 6.49
H81 NAG D . 27.84 57.71 -0.48
H82 NAG D . 28.39 56.23 -0.30
H83 NAG D . 28.76 57.36 0.76
HN2 NAG D . 27.86 55.40 2.04
HO3 NAG D . 26.11 57.07 5.29
HO6 NAG D . 23.63 51.65 4.12
C1 NAG D . 24.67 55.67 7.29
C2 NAG D . 24.76 55.24 8.75
C3 NAG D . 23.76 56.01 9.59
C4 NAG D . 23.94 57.51 9.39
C5 NAG D . 23.89 57.85 7.91
C6 NAG D . 24.17 59.30 7.63
C7 NAG D . 25.52 52.95 9.24
C8 NAG D . 25.12 51.50 9.32
N2 NAG D . 24.55 53.80 8.87
O3 NAG D . 23.94 55.67 10.97
O4 NAG D . 22.92 58.22 10.09
O5 NAG D . 24.86 57.09 7.20
O6 NAG D . 25.57 59.56 7.62
O7 NAG D . 26.66 53.32 9.49
H2 NAG D . 25.66 55.45 9.07
H3 NAG D . 22.86 55.76 9.32
H4 NAG D . 24.82 57.77 9.74
H5 NAG D . 22.99 57.63 7.57
H61 NAG D . 23.75 59.85 8.32
H62 NAG D . 23.80 59.54 6.77
H81 NAG D . 25.90 50.97 9.59
H82 NAG D . 24.80 51.21 8.44
H83 NAG D . 24.40 51.40 9.97
HN2 NAG D . 23.73 53.47 8.70
HO3 NAG D . 24.28 56.37 11.40
HO6 NAG D . 26.01 58.80 7.52
C1 BMA D . 23.52 58.99 11.14
C2 BMA D . 22.51 60.06 11.58
C3 BMA D . 23.00 60.80 12.82
C4 BMA D . 23.46 59.81 13.91
C5 BMA D . 24.50 58.85 13.33
C6 BMA D . 24.98 57.83 14.34
O2 BMA D . 21.26 59.47 11.93
O3 BMA D . 22.01 61.67 13.34
O4 BMA D . 24.02 60.52 15.00
O5 BMA D . 23.89 58.15 12.24
O6 BMA D . 26.28 57.38 13.94
H2 BMA D . 22.37 60.78 10.75
H3 BMA D . 23.86 61.43 12.56
H4 BMA D . 22.58 59.21 14.22
H5 BMA D . 25.37 59.42 12.97
H61 BMA D . 24.27 57.00 14.37
H62 BMA D . 25.01 58.32 15.33
HO2 BMA D . 20.90 60.01 12.65
HO3 BMA D . 22.41 62.07 14.14
HO4 BMA D . 23.73 60.03 15.79
HO6 BMA D . 26.52 56.63 14.49
C1 NAG E . 29.50 41.26 20.22
C2 NAG E . 30.41 42.32 20.87
C3 NAG E . 29.99 42.59 22.31
C4 NAG E . 28.54 43.01 22.35
C5 NAG E . 27.71 41.84 21.82
C6 NAG E . 26.23 42.14 21.78
C7 NAG E . 32.82 42.76 20.73
C8 NAG E . 34.19 42.15 20.68
N2 NAG E . 31.81 41.89 20.82
O3 NAG E . 30.81 43.62 22.85
O4 NAG E . 28.16 43.46 23.64
O5 NAG E . 28.10 41.59 20.47
O6 NAG E . 25.72 42.04 20.46
O7 NAG E . 32.65 43.97 20.69
H2 NAG E . 30.32 43.14 20.37
H3 NAG E . 30.11 41.78 22.84
H4 NAG E . 28.43 43.76 21.72
H5 NAG E . 27.88 41.05 22.35
H61 NAG E . 26.07 43.03 22.13
H62 NAG E . 25.76 41.49 22.35
H81 NAG E . 34.86 42.86 20.58
H82 NAG E . 34.26 41.54 19.93
H83 NAG E . 34.36 41.67 21.51
HN2 NAG E . 31.99 41.01 20.84
HO3 NAG E . 30.30 44.24 23.23
HO6 NAG E . 26.38 42.14 19.88
C1 NAG E . 27.65 42.49 24.56
C2 NAG E . 28.08 42.93 25.95
C3 NAG E . 27.52 41.99 27.01
C4 NAG E . 26.01 41.87 26.86
C5 NAG E . 25.66 41.47 25.43
C6 NAG E . 24.17 41.46 25.18
C7 NAG E . 30.35 41.99 25.77
C8 NAG E . 31.81 42.25 25.93
N2 NAG E . 29.53 43.02 26.05
O3 NAG E . 27.84 42.50 28.31
O4 NAG E . 25.51 40.90 27.77
O5 NAG E . 26.23 42.41 24.51
O6 NAG E . 23.85 40.74 23.99
O7 NAG E . 29.91 40.90 25.42
H2 NAG E . 27.71 43.83 26.11
H3 NAG E . 27.92 41.11 26.90
H4 NAG E . 25.60 42.74 27.06
H5 NAG E . 26.03 40.58 25.25
H61 NAG E . 23.85 42.38 25.09
H62 NAG E . 23.72 41.03 25.93
H81 NAG E . 32.30 41.44 25.74
H82 NAG E . 31.99 42.54 26.85
H83 NAG E . 32.08 42.96 25.31
HN2 NAG E . 29.90 43.81 26.32
HO3 NAG E . 27.10 42.51 28.81
HO4 NAG E . 24.73 41.17 28.09
HO6 NAG E . 22.99 40.80 23.82
C1 NAG F . 30.40 65.51 -13.50
C2 NAG F . 30.05 66.99 -13.58
C3 NAG F . 31.19 67.78 -14.20
C4 NAG F . 32.48 67.52 -13.44
C5 NAG F . 32.75 66.02 -13.41
C6 NAG F . 33.98 65.67 -12.61
C7 NAG F . 27.60 67.23 -13.74
C8 NAG F . 26.44 67.46 -14.66
N2 NAG F . 28.81 67.20 -14.32
O3 NAG F . 30.88 69.17 -14.17
O4 NAG F . 33.56 68.21 -14.06
O5 NAG F . 31.64 65.34 -12.81
O6 NAG F . 35.18 65.93 -13.31
O7 NAG F . 27.46 67.06 -12.53
H2 NAG F . 29.92 67.32 -12.67
H3 NAG F . 31.30 67.50 -15.13
H4 NAG F . 32.34 67.83 -12.52
H5 NAG F . 32.87 65.70 -14.33
H61 NAG F . 33.94 64.71 -12.39
H62 NAG F . 33.97 66.18 -11.78
H81 NAG F . 25.62 67.45 -14.14
H82 NAG F . 26.41 66.75 -15.33
H83 NAG F . 26.55 68.33 -15.10
HN2 NAG F . 28.86 67.33 -15.22
HO3 NAG F . 31.53 69.63 -14.55
HO6 NAG F . 35.80 66.21 -12.75
C1 NAG F . 34.52 68.77 -13.13
C2 NAG F . 34.87 70.18 -13.61
C3 NAG F . 35.84 70.85 -12.64
C4 NAG F . 35.29 70.82 -11.23
C5 NAG F . 34.97 69.38 -10.83
C6 NAG F . 34.33 69.27 -9.47
C7 NAG F . 36.51 69.45 -15.29
C8 NAG F . 36.95 69.54 -16.72
N2 NAG F . 35.42 70.16 -14.95
O3 NAG F . 36.07 72.19 -13.06
O4 NAG F . 36.23 71.37 -10.31
O5 NAG F . 34.03 68.83 -11.78
O6 NAG F . 33.21 70.13 -9.34
O7 NAG F . 37.11 68.77 -14.46
H2 NAG F . 34.05 70.72 -13.62
H3 NAG F . 36.69 70.36 -12.66
H4 NAG F . 34.46 71.35 -11.21
H5 NAG F . 35.79 68.86 -10.85
H61 NAG F . 35.00 69.51 -8.79
H62 NAG F . 34.05 68.35 -9.32
H81 NAG F . 37.37 68.70 -16.98
H82 NAG F . 37.58 70.28 -16.82
H83 NAG F . 36.17 69.71 -17.29
HN2 NAG F . 35.02 70.65 -15.60
HO3 NAG F . 36.94 72.39 -12.97
HO6 NAG F . 32.76 70.14 -10.11
C1 BMA F . 35.95 72.77 -10.12
C2 BMA F . 34.79 72.92 -9.10
C3 BMA F . 34.58 74.41 -8.77
C4 BMA F . 35.91 75.07 -8.38
C5 BMA F . 36.95 74.86 -9.48
C6 BMA F . 38.31 75.44 -9.12
O2 BMA F . 35.10 72.27 -7.88
O3 BMA F . 33.62 74.57 -7.73
O4 BMA F . 35.70 76.46 -8.19
O5 BMA F . 37.12 73.44 -9.67
O6 BMA F . 38.87 74.64 -8.10
H2 BMA F . 33.87 72.52 -9.53
H3 BMA F . 34.19 74.92 -9.65
H4 BMA F . 36.28 74.59 -7.45
H5 BMA F . 36.60 75.32 -10.42
H61 BMA F . 38.16 76.48 -8.81
H62 BMA F . 38.92 75.44 -10.04
HO2 BMA F . 34.46 71.55 -7.78
HO3 BMA F . 33.05 73.78 -7.77
HO4 BMA F . 35.74 76.60 -7.23
HO6 BMA F . 38.29 73.89 -7.94
C1 NAG G . 32.71 62.05 -33.99
C2 NAG G . 31.35 62.44 -34.54
C3 NAG G . 31.28 62.11 -36.03
C4 NAG G . 32.44 62.76 -36.77
C5 NAG G . 33.77 62.39 -36.12
C6 NAG G . 34.95 63.12 -36.70
C7 NAG G . 29.35 62.41 -33.12
C8 NAG G . 28.33 61.56 -32.44
N2 NAG G . 30.29 61.76 -33.82
O3 NAG G . 30.04 62.58 -36.56
O4 NAG G . 32.45 62.31 -38.12
O5 NAG G . 33.73 62.72 -34.72
O6 NAG G . 35.80 63.62 -35.69
O7 NAG G . 29.33 63.64 -33.05
H2 NAG G . 31.24 63.40 -34.44
H3 NAG G . 31.32 61.14 -36.14
H4 NAG G . 32.33 63.73 -36.76
H5 NAG G . 33.91 61.42 -36.21
H61 NAG G . 34.63 63.86 -37.24
H62 NAG G . 35.45 62.50 -37.27
H81 NAG G . 27.69 62.12 -31.95
H82 NAG G . 28.78 60.96 -31.81
H83 NAG G . 27.84 61.03 -33.11
HN2 NAG G . 30.25 60.85 -33.83
HO3 NAG G . 29.99 62.37 -37.41
HO6 NAG G . 35.31 63.87 -34.99
C1 NAG G . 32.59 63.44 -38.99
C2 NAG G . 32.79 62.92 -40.41
C3 NAG G . 32.92 64.09 -41.39
C4 NAG G . 31.74 65.04 -41.24
C5 NAG G . 31.56 65.46 -39.78
C6 NAG G . 30.32 66.29 -39.54
C7 NAG G . 35.16 62.42 -40.06
C8 NAG G . 36.25 61.40 -40.22
N2 NAG G . 33.95 62.06 -40.49
O3 NAG G . 32.98 63.60 -42.71
O4 NAG G . 31.93 66.19 -42.03
O5 NAG G . 31.45 64.29 -38.94
O6 NAG G . 29.24 65.48 -39.09
O7 NAG G . 35.38 63.52 -39.58
H2 NAG G . 32.00 62.41 -40.67
H3 NAG G . 33.74 64.58 -41.19
H4 NAG G . 30.92 64.58 -41.54
H5 NAG G . 32.35 65.97 -39.49
H61 NAG G . 30.06 66.72 -40.38
H62 NAG G . 30.51 66.97 -38.88
H81 NAG G . 37.09 61.76 -39.88
H82 NAG G . 36.35 61.18 -41.17
H83 NAG G . 36.01 60.59 -39.73
HN2 NAG G . 33.85 61.23 -40.85
HO3 NAG G . 33.00 64.28 -43.29
HO4 NAG G . 31.15 66.47 -42.36
HO6 NAG G . 29.54 64.66 -38.92
C1 NAG H . -48.28 3.40 -21.17
C2 NAG H . -47.46 3.91 -22.35
C3 NAG H . -47.49 5.43 -22.39
C4 NAG H . -48.92 5.94 -22.36
C5 NAG H . -49.67 5.35 -21.17
C6 NAG H . -51.13 5.73 -21.13
C7 NAG H . -45.72 2.16 -22.52
C8 NAG H . -46.83 1.20 -22.89
N2 NAG H . -46.09 3.43 -22.28
O3 NAG H . -46.84 5.88 -23.57
O4 NAG H . -48.93 7.36 -22.26
O5 NAG H . -49.61 3.91 -21.24
O6 NAG H . -51.30 7.14 -21.13
O7 NAG H . -44.55 1.80 -22.45
H2 NAG H . -47.88 3.59 -23.18
H3 NAG H . -47.01 5.78 -21.61
H4 NAG H . -49.37 5.68 -23.19
H5 NAG H . -49.24 5.64 -20.34
H61 NAG H . -51.53 5.36 -20.33
H62 NAG H . -51.57 5.35 -21.91
H81 NAG H . -46.44 0.34 -23.08
H82 NAG H . -47.30 1.53 -23.68
H83 NAG H . -47.45 1.12 -22.14
HN2 NAG H . -45.44 4.02 -22.06
HO3 NAG H . -46.56 5.18 -24.05
HO6 NAG H . -50.53 7.53 -20.93
C1 NAG H . -48.91 7.92 -23.58
C2 NAG H . -48.90 9.45 -23.44
C3 NAG H . -47.68 10.05 -24.14
C4 NAG H . -47.56 9.55 -25.57
C5 NAG H . -47.71 8.02 -25.62
C6 NAG H . -46.55 7.34 -26.31
C7 NAG H . -50.67 11.18 -23.58
C8 NAG H . -49.93 11.91 -22.50
N2 NAG H . -50.13 10.01 -23.99
O3 NAG H . -46.51 9.70 -23.40
O4 NAG H . -48.57 10.12 -26.39
O5 NAG H . -47.75 7.51 -24.28
O6 NAG H . -45.49 7.05 -25.40
O7 NAG H . -51.70 11.60 -24.07
H2 NAG H . -48.84 9.64 -22.49
H3 NAG H . -47.76 11.02 -24.15
H4 NAG H . -46.69 9.80 -25.93
H5 NAG H . -48.53 7.79 -26.08
H61 NAG H . -46.20 7.92 -27.02
H62 NAG H . -46.86 6.51 -26.71
H81 NAG H . -50.39 12.75 -22.31
H82 NAG H . -49.02 12.10 -22.79
H83 NAG H . -49.91 11.36 -21.69
HN2 NAG H . -50.56 9.55 -24.64
HO3 NAG H . -46.33 8.85 -23.53
HO6 NAG H . -45.82 6.96 -24.58
C1 BMA H . -48.17 11.45 -26.76
C2 BMA H . -48.74 11.75 -28.17
C3 BMA H . -48.47 13.21 -28.55
C4 BMA H . -48.87 14.17 -27.41
C5 BMA H . -48.21 13.74 -26.10
C6 BMA H . -48.60 14.61 -24.92
O2 BMA H . -50.15 11.57 -28.19
O3 BMA H . -49.15 13.56 -29.75
O4 BMA H . -48.46 15.49 -27.73
O5 BMA H . -48.63 12.40 -25.82
O6 BMA H . -49.92 14.26 -24.53
H2 BMA H . -48.26 11.07 -28.89
H3 BMA H . -47.40 13.34 -28.75
H4 BMA H . -49.96 14.12 -27.29
H5 BMA H . -47.11 13.77 -26.21
H61 BMA H . -48.53 15.66 -25.23
H62 BMA H . -47.87 14.43 -24.12
HO2 BMA H . -50.51 12.31 -28.69
HO3 BMA H . -49.09 14.53 -29.80
HO4 BMA H . -49.11 16.07 -27.31
HO6 BMA H . -50.15 13.43 -24.98
C1 NAG I . -4.44 18.89 41.03
C2 NAG I . -5.61 19.74 41.52
C3 NAG I . -5.12 20.83 42.45
C4 NAG I . -4.29 20.23 43.58
C5 NAG I . -3.19 19.34 43.01
C6 NAG I . -2.41 18.61 44.08
C7 NAG I . -5.78 21.06 39.46
C8 NAG I . -6.68 21.56 38.38
N2 NAG I . -6.35 20.30 40.40
O3 NAG I . -6.23 21.53 42.99
O4 NAG I . -3.70 21.26 44.36
O5 NAG I . -3.75 18.35 42.14
O6 NAG I . -1.24 19.31 44.47
O7 NAG I . -4.57 21.33 39.48
H2 NAG I . -6.22 19.16 42.02
H3 NAG I . -4.56 21.46 41.94
H4 NAG I . -4.87 19.68 44.14
H5 NAG I . -2.56 19.90 42.49
H61 NAG I . -2.16 17.73 43.74
H62 NAG I . -2.99 18.48 44.86
H81 NAG I . -6.16 22.09 37.74
H82 NAG I . -7.38 22.12 38.76
H83 NAG I . -7.09 20.80 37.92
HN2 NAG I . -7.24 20.13 40.34
HO3 NAG I . -6.04 22.41 43.01
HO6 NAG I . -1.48 19.98 45.00
C1 NAG I . -2.94 21.26 47.27
C2 NAG I . -4.47 21.21 47.24
C3 NAG I . -5.04 22.36 46.41
C4 NAG I . -3.91 23.16 45.78
C5 NAG I . -2.98 22.23 45.03
C6 NAG I . -1.81 22.93 44.39
C7 NAG I . -4.56 18.76 47.24
C8 NAG I . -5.16 17.54 46.59
N2 NAG I . -4.96 19.94 46.74
O3 NAG I . -5.83 23.21 47.23
O4 NAG I . -4.44 24.12 44.88
O5 NAG I . -2.43 21.24 45.93
O6 NAG I . -2.23 24.11 43.70
O7 NAG I . -3.76 18.67 48.16
H2 NAG I . -4.80 21.32 48.16
H3 NAG I . -5.60 22.00 45.70
H4 NAG I . -3.42 23.64 46.48
H61 NAG I . -1.38 22.33 43.74
H62 NAG I . -1.17 23.18 45.08
H81 NAG I . -4.81 16.74 47.02
H82 NAG I . -4.94 17.53 45.65
H83 NAG I . -6.14 17.57 46.70
HN2 NAG I . -5.56 19.93 46.05
HO3 NAG I . -6.45 23.61 46.74
HO4 NAG I . -4.15 24.93 45.09
HO6 NAG I . -2.90 23.91 43.16
C1 NAG J . 30.07 -35.59 -1.62
C2 NAG J . 30.05 -36.38 -2.92
C3 NAG J . 31.42 -36.34 -3.59
C4 NAG J . 31.91 -34.90 -3.73
C5 NAG J . 31.82 -34.17 -2.40
C6 NAG J . 32.14 -32.69 -2.52
C7 NAG J . 29.07 -38.52 -3.62
C8 NAG J . 28.71 -39.91 -3.19
N2 NAG J . 29.64 -37.75 -2.68
O3 NAG J . 31.32 -36.95 -4.87
O4 NAG J . 33.29 -34.89 -4.12
O5 NAG J . 30.48 -34.25 -1.88
O6 NAG J . 32.85 -32.22 -1.38
O7 NAG J . 28.84 -38.09 -4.74
H2 NAG J . 29.41 -35.97 -3.52
H3 NAG J . 32.06 -36.84 -3.04
H4 NAG J . 31.37 -34.43 -4.39
H5 NAG J . 32.44 -34.57 -1.76
H61 NAG J . 31.30 -32.19 -2.61
H62 NAG J . 32.68 -32.54 -3.32
H81 NAG J . 28.26 -40.37 -3.93
H82 NAG J . 28.11 -39.88 -2.42
H83 NAG J . 29.52 -40.40 -2.95
HN2 NAG J . 29.79 -38.11 -1.85
HO3 NAG J . 31.28 -37.83 -4.78
HO6 NAG J . 33.08 -31.37 -1.51
C1 NAG J . 33.50 -35.30 -5.50
C2 NAG J . 34.10 -36.70 -5.47
C3 NAG J . 33.80 -37.45 -6.77
C4 NAG J . 33.60 -36.48 -7.94
C5 NAG J . 32.51 -35.44 -7.65
C6 NAG J . 31.18 -35.79 -8.27
C7 NAG J . 36.37 -35.81 -5.85
C8 NAG J . 37.81 -35.91 -5.48
N2 NAG J . 35.54 -36.65 -5.23
O3 NAG J . 32.62 -38.23 -6.59
O4 NAG J . 34.83 -35.80 -8.21
O5 NAG J . 32.29 -35.33 -6.24
O6 NAG J . 30.10 -35.34 -7.49
O7 NAG J . 35.97 -35.01 -6.69
H2 NAG J . 33.70 -37.20 -4.73
H3 NAG J . 34.55 -38.05 -6.97
H4 NAG J . 33.35 -36.99 -8.73
H5 NAG J . 32.81 -34.58 -8.00
H61 NAG J . 31.12 -36.76 -8.37
H62 NAG J . 31.13 -35.37 -9.16
H81 NAG J . 38.33 -35.25 -5.98
H82 NAG J . 38.14 -36.81 -5.68
H83 NAG J . 37.91 -35.73 -4.52
HN2 NAG J . 35.89 -37.23 -4.61
HO3 NAG J . 31.90 -37.71 -6.61
HO6 NAG J . 30.36 -35.29 -6.63
C1 BMA J . 35.66 -36.62 -9.05
C2 BMA J . 36.59 -35.68 -9.87
C3 BMA J . 37.64 -36.50 -10.62
C4 BMA J . 38.33 -37.52 -9.70
C5 BMA J . 37.26 -38.39 -9.03
C6 BMA J . 37.85 -39.44 -8.10
O2 BMA J . 37.29 -34.79 -9.01
O3 BMA J . 38.63 -35.65 -11.21
O4 BMA J . 39.22 -38.34 -10.44
O5 BMA J . 36.42 -37.53 -8.26
O6 BMA J . 36.78 -40.24 -7.61
H2 BMA J . 35.97 -35.12 -10.59
H3 BMA J . 37.17 -37.05 -11.44
H4 BMA J . 38.86 -36.97 -8.90
H5 BMA J . 36.68 -38.91 -9.81
H61 BMA J . 38.38 -38.93 -7.29
H62 BMA J . 38.58 -40.03 -8.67
HO2 BMA J . 36.71 -34.65 -8.25
HO3 BMA J . 38.73 -34.90 -10.61
HO4 BMA J . 39.86 -38.67 -9.80
HO6 BMA J . 35.97 -39.71 -7.63
C1 NAG K . 57.09 19.61 -4.35
C2 NAG K . 58.58 19.87 -4.16
C3 NAG K . 59.40 18.92 -5.04
C4 NAG K . 59.00 17.48 -4.78
C5 NAG K . 57.48 17.33 -4.94
C6 NAG K . 56.99 15.95 -4.58
C7 NAG K . 59.35 22.11 -3.55
C8 NAG K . 59.63 23.51 -4.05
N2 NAG K . 58.91 21.25 -4.46
O3 NAG K . 60.78 19.10 -4.76
O4 NAG K . 59.65 16.62 -5.72
O5 NAG K . 56.81 18.24 -4.06
O6 NAG K . 55.57 15.92 -4.47
O7 NAG K . 59.52 21.80 -2.39
H2 NAG K . 58.81 19.69 -3.23
H3 NAG K . 59.23 19.14 -5.98
H4 NAG K . 59.25 17.23 -3.88
H5 NAG K . 57.24 17.52 -5.86
H61 NAG K . 57.38 15.67 -3.73
H62 NAG K . 57.26 15.32 -5.27
H81 NAG K . 59.96 24.05 -3.31
H82 NAG K . 58.81 23.90 -4.40
H83 NAG K . 60.31 23.47 -4.75
HN2 NAG K . 58.80 21.54 -5.33
HO3 NAG K . 61.26 18.60 -5.31
HO6 NAG K . 55.26 16.75 -4.43
C1 NAG K . 60.08 15.42 -5.07
C2 NAG K . 60.66 14.48 -6.13
C3 NAG K . 61.18 13.20 -5.47
C4 NAG K . 62.16 13.54 -4.35
C5 NAG K . 61.53 14.52 -3.37
C6 NAG K . 62.49 15.00 -2.31
C7 NAG K . 58.53 13.52 -6.89
C8 NAG K . 57.63 13.28 -8.06
N2 NAG K . 59.67 14.16 -7.14
O3 NAG K . 61.81 12.39 -6.45
O4 NAG K . 62.53 12.35 -3.66
O5 NAG K . 61.08 15.69 -4.07
O6 NAG K . 62.96 16.31 -2.59
O7 NAG K . 58.23 13.14 -5.75
H2 NAG K . 61.41 14.92 -6.54
H3 NAG K . 60.43 12.71 -5.08
H4 NAG K . 62.95 13.94 -4.74
H5 NAG K . 60.76 14.09 -2.94
H61 NAG K . 63.26 14.39 -2.28
H62 NAG K . 62.04 14.99 -1.44
H81 NAG K . 56.75 13.01 -7.74
H82 NAG K . 58.01 12.59 -8.62
H83 NAG K . 57.54 14.11 -8.58
HN2 NAG K . 59.84 14.43 -8.01
HO3 NAG K . 61.86 11.56 -6.16
HO4 NAG K . 63.40 12.35 -3.52
HO6 NAG K . 62.42 16.69 -3.18
C1 NAG L . 52.09 4.68 -18.75
C2 NAG L . 53.51 4.54 -19.34
C3 NAG L . 53.67 3.19 -20.03
C4 NAG L . 53.31 2.06 -19.08
C5 NAG L . 51.90 2.27 -18.53
C6 NAG L . 51.50 1.24 -17.51
C7 NAG L . 53.28 5.75 -21.46
C8 NAG L . 53.73 6.93 -22.27
N2 NAG L . 53.82 5.62 -20.25
O3 NAG L . 55.01 3.03 -20.48
O4 NAG L . 53.36 0.81 -19.76
O5 NAG L . 51.80 3.55 -17.90
O6 NAG L . 50.71 1.81 -16.48
O7 NAG L . 52.45 4.96 -21.90
H2 NAG L . 54.14 4.57 -18.59
H3 NAG L . 53.07 3.13 -20.80
H4 NAG L . 53.94 2.04 -18.33
H5 NAG L . 51.27 2.23 -19.29
H61 NAG L . 52.31 0.86 -17.11
H62 NAG L . 51.01 0.52 -17.94
H81 NAG L . 53.31 6.91 -23.14
H82 NAG L . 54.70 6.90 -22.37
H83 NAG L . 53.48 7.75 -21.81
HN2 NAG L . 54.43 6.25 -19.99
HO3 NAG L . 55.12 2.22 -20.80
HO6 NAG L . 50.78 2.69 -16.50
C1 NAG L . 54.51 0.06 -19.31
C2 NAG L . 54.10 -1.40 -19.14
C3 NAG L . 55.30 -2.23 -18.72
C4 NAG L . 56.46 -2.04 -19.69
C5 NAG L . 56.76 -0.56 -19.87
C6 NAG L . 57.81 -0.30 -20.93
C7 NAG L . 51.89 -2.20 -18.39
C8 NAG L . 51.74 -2.85 -19.73
N2 NAG L . 53.02 -1.53 -18.18
O3 NAG L . 54.93 -3.60 -18.65
O4 NAG L . 57.61 -2.71 -19.22
O5 NAG L . 55.58 0.15 -20.26
O6 NAG L . 58.21 1.07 -20.95
O7 NAG L . 51.01 -2.28 -17.53
H2 NAG L . 53.83 -1.71 -20.02
H3 NAG L . 55.58 -1.94 -17.83
H4 NAG L . 56.21 -2.42 -20.56
H5 NAG L . 57.08 -0.20 -19.02
H61 NAG L . 57.44 -0.53 -21.80
H62 NAG L . 58.59 -0.85 -20.75
H81 NAG L . 50.90 -3.35 -19.76
H82 NAG L . 52.48 -3.48 -19.88
H83 NAG L . 51.74 -2.18 -20.43
HN2 NAG L . 53.13 -1.13 -17.37
HO3 NAG L . 55.65 -4.10 -18.52
HO4 NAG L . 58.11 -2.97 -19.90
HO6 NAG L . 57.49 1.59 -20.88
C1 NAG M . 52.97 29.67 11.45
C2 NAG M . 53.28 28.18 11.33
C3 NAG M . 52.45 27.38 12.33
C4 NAG M . 52.62 27.93 13.73
C5 NAG M . 52.35 29.43 13.75
C6 NAG M . 52.63 30.07 15.09
C7 NAG M . 53.93 26.98 9.29
C8 NAG M . 53.53 26.58 7.90
N2 NAG M . 53.05 27.72 9.97
O3 NAG M . 52.85 26.01 12.28
O4 NAG M . 51.72 27.27 14.61
O5 NAG M . 53.18 30.09 12.79
O6 NAG M . 53.21 31.36 14.93
O7 NAG M . 55.01 26.64 9.77
H2 NAG M . 54.23 28.05 11.55
H3 NAG M . 51.51 27.44 12.07
H4 NAG M . 53.54 27.76 14.03
H5 NAG M . 51.41 29.58 13.51
H61 NAG M . 53.26 29.51 15.59
H62 NAG M . 51.80 30.14 15.59
H81 NAG M . 54.24 26.07 7.48
H82 NAG M . 53.34 27.38 7.38
H83 NAG M . 52.72 26.02 7.95
HN2 NAG M . 52.26 27.93 9.57
HO3 NAG M . 52.32 25.53 12.81
HO6 NAG M . 53.87 31.32 14.34
C1 NAG M . 52.33 27.04 15.90
C2 NAG M . 51.28 26.40 16.82
C3 NAG M . 51.90 26.10 18.17
C4 NAG M . 53.15 25.26 18.01
C5 NAG M . 54.11 25.93 17.05
C6 NAG M . 55.34 25.09 16.75
C7 NAG M . 50.19 28.53 17.41
C8 NAG M . 48.89 29.27 17.48
N2 NAG M . 50.12 27.27 16.95
O3 NAG M . 50.95 25.40 18.97
O4 NAG M . 53.79 25.08 19.27
O5 NAG M . 53.46 26.17 15.79
O6 NAG M . 55.02 23.71 16.67
O7 NAG M . 51.26 29.04 17.73
H2 NAG M . 51.00 25.56 16.42
H3 NAG M . 52.13 26.93 18.62
H4 NAG M . 52.91 24.38 17.66
H5 NAG M . 54.39 26.78 17.42
H61 NAG M . 56.00 25.24 17.45
H62 NAG M . 55.72 25.38 15.89
H81 NAG M . 49.06 30.17 17.81
H82 NAG M . 48.28 28.80 18.09
H83 NAG M . 48.50 29.31 16.59
HN2 NAG M . 49.30 26.94 16.72
HO3 NAG M . 51.28 25.26 19.79
HO4 NAG M . 54.40 24.45 19.21
HO6 NAG M . 55.77 23.24 16.59
C1 NAG N . 63.52 37.71 1.22
C2 NAG N . 64.89 37.95 1.84
C3 NAG N . 65.59 39.09 1.12
C4 NAG N . 65.65 38.83 -0.37
C5 NAG N . 64.25 38.56 -0.91
C6 NAG N . 64.24 38.17 -2.36
C7 NAG N . 64.80 37.29 4.20
C8 NAG N . 64.68 37.76 5.62
N2 NAG N . 64.78 38.24 3.27
O3 NAG N . 66.91 39.23 1.64
O4 NAG N . 66.19 39.96 -1.05
O5 NAG N . 63.65 37.47 -0.18
O6 NAG N . 64.39 36.77 -2.53
O7 NAG N . 64.91 36.09 3.92
H2 NAG N . 65.42 37.15 1.73
H3 NAG N . 65.11 39.93 1.28
H4 NAG N . 66.20 38.03 -0.55
H5 NAG N . 63.71 39.36 -0.78
H61 NAG N . 64.97 38.63 -2.82
H62 NAG N . 63.39 38.45 -2.77
H81 NAG N . 64.71 36.99 6.23
H82 NAG N . 63.83 38.23 5.73
H83 NAG N . 65.42 38.36 5.82
HN2 NAG N . 64.70 39.11 3.53
HO3 NAG N . 67.46 38.69 1.19
HO6 NAG N . 63.90 36.35 -1.92
C1 NAG N . 67.57 39.72 -1.44
C2 NAG N . 68.23 41.10 -1.60
C3 NAG N . 69.71 40.93 -1.97
C4 NAG N . 70.39 40.04 -0.94
C5 NAG N . 69.66 38.71 -0.84
C6 NAG N . 70.24 37.79 0.21
C7 NAG N . 67.32 43.21 -2.54
C8 NAG N . 67.82 43.89 -1.30
N2 NAG N . 67.55 41.88 -2.61
O3 NAG N . 70.34 42.20 -2.01
O4 NAG N . 71.77 39.83 -1.27
O5 NAG N . 68.30 38.95 -0.48
O6 NAG N . 70.89 36.68 -0.38
O7 NAG N . 66.74 43.82 -3.43
H2 NAG N . 68.19 41.53 -0.74
H3 NAG N . 69.75 40.52 -2.85
H4 NAG N . 70.36 40.48 -0.07
H5 NAG N . 69.68 38.25 -1.71
H61 NAG N . 69.52 37.47 0.79
H62 NAG N . 70.89 38.29 0.74
H81 NAG N . 67.64 44.84 -1.37
H82 NAG N . 68.78 43.75 -1.20
H83 NAG N . 67.36 43.53 -0.52
HN2 NAG N . 67.25 41.45 -3.36
HO3 NAG N . 70.11 42.62 -2.76
HO6 NAG N . 71.22 36.15 0.26
C1 BMA N . 71.97 39.33 -2.60
C2 BMA N . 72.61 40.46 -3.45
C3 BMA N . 73.04 39.93 -4.81
C4 BMA N . 73.87 38.66 -4.67
C5 BMA N . 73.09 37.61 -3.87
C6 BMA N . 73.86 36.32 -3.67
O2 BMA N . 73.79 40.94 -2.82
O3 BMA N . 73.75 40.91 -5.55
O4 BMA N . 74.19 38.13 -5.95
O5 BMA N . 72.79 38.16 -2.57
O6 BMA N . 74.97 36.59 -2.81
H2 BMA N . 71.88 41.26 -3.58
H3 BMA N . 72.15 39.69 -5.41
H4 BMA N . 74.79 38.91 -4.09
H5 BMA N . 72.15 37.37 -4.40
H61 BMA N . 74.19 35.96 -4.65
H62 BMA N . 73.17 35.59 -3.24
HO2 BMA N . 74.26 41.45 -3.50
HO3 BMA N . 74.44 40.42 -6.02
HO4 BMA N . 75.15 37.95 -5.92
HO6 BMA N . 74.66 37.21 -2.13
C1 NAG O . 54.45 55.53 6.88
C2 NAG O . 54.66 55.61 8.39
C3 NAG O . 53.86 56.78 8.98
C4 NAG O . 54.18 58.07 8.24
C5 NAG O . 54.01 57.89 6.73
C6 NAG O . 54.46 59.09 5.94
C7 NAG O . 53.24 53.64 8.98
C8 NAG O . 52.15 54.17 8.07
N2 NAG O . 54.37 54.36 9.07
O3 NAG O . 54.20 56.92 10.36
O4 NAG O . 53.28 59.08 8.68
O5 NAG O . 54.79 56.78 6.28
O6 NAG O . 55.87 59.09 5.78
O7 NAG O . 53.09 52.60 9.60
H2 NAG O . 55.61 55.82 8.53
H3 NAG O . 52.90 56.61 8.91
H4 NAG O . 55.09 58.34 8.42
H5 NAG O . 53.06 57.72 6.54
H61 NAG O . 54.19 59.90 6.41
H62 NAG O . 54.04 59.07 5.06
H81 NAG O . 51.38 53.58 8.17
H82 NAG O . 52.44 54.14 7.14
H83 NAG O . 51.89 55.07 8.31
HN2 NAG O . 55.02 54.04 9.62
HO3 NAG O . 54.45 57.76 10.51
HO6 NAG O . 56.17 58.26 5.79
C1 NAG O . 54.01 60.23 9.17
C2 NAG O . 52.97 61.18 9.76
C3 NAG O . 53.67 62.41 10.34
C4 NAG O . 54.74 61.99 11.33
C5 NAG O . 55.70 60.99 10.68
C6 NAG O . 56.72 60.44 11.64
C7 NAG O . 52.33 62.10 7.57
C8 NAG O . 51.20 62.44 6.65
N2 NAG O . 52.00 61.58 8.75
O3 NAG O . 52.70 63.24 10.99
O4 NAG O . 55.48 63.13 11.77
O5 NAG O . 54.96 59.87 10.17
O6 NAG O . 57.79 61.35 11.84
O7 NAG O . 53.50 62.29 7.25
H2 NAG O . 52.51 60.73 10.48
H3 NAG O . 54.09 62.92 9.62
H4 NAG O . 54.32 61.55 12.10
H5 NAG O . 56.16 61.43 9.94
H61 NAG O . 57.08 59.60 11.28
H62 NAG O . 56.30 60.26 12.50
H81 NAG O . 51.55 62.81 5.81
H82 NAG O . 50.62 63.10 7.08
H83 NAG O . 50.68 61.64 6.45
HN2 NAG O . 51.11 61.46 8.94
HO3 NAG O . 52.39 62.82 11.70
HO6 NAG O . 57.48 62.10 12.18
C1 BMA O . 54.82 63.78 12.89
C2 BMA O . 54.95 65.30 12.67
C3 BMA O . 54.18 66.06 13.75
C4 BMA O . 52.76 65.50 13.93
C5 BMA O . 52.82 63.98 14.15
C6 BMA O . 51.45 63.33 14.30
O2 BMA O . 54.40 65.68 11.43
O3 BMA O . 54.10 67.45 13.45
O4 BMA O . 52.13 66.11 15.04
O5 BMA O . 53.46 63.40 13.02
O6 BMA O . 50.74 64.02 15.32
H2 BMA O . 56.02 65.58 12.72
H3 BMA O . 54.69 65.98 14.71
H4 BMA O . 52.19 65.67 13.00
H5 BMA O . 53.40 63.76 15.07
H61 BMA O . 51.59 62.27 14.56
H62 BMA O . 50.94 63.41 13.33
HO2 BMA O . 53.70 65.04 11.24
HO3 BMA O . 53.38 67.79 14.00
HO4 BMA O . 51.19 65.87 14.98
HO6 BMA O . 50.05 63.44 15.65
C1 NAG P . -20.41 -54.73 2.55
C2 NAG P . -19.39 -54.68 1.42
C3 NAG P . -20.06 -54.28 0.12
C4 NAG P . -21.25 -55.19 -0.18
C5 NAG P . -22.19 -55.22 1.03
C6 NAG P . -23.33 -56.20 0.86
C7 NAG P . -17.12 -53.80 1.11
C8 NAG P . -16.12 -52.78 1.56
N2 NAG P . -18.30 -53.77 1.73
O3 NAG P . -19.12 -54.35 -0.96
O4 NAG P . -21.95 -54.69 -1.32
O5 NAG P . -21.47 -55.62 2.20
O6 NAG P . -22.88 -57.41 0.27
O7 NAG P . -16.86 -54.62 0.23
H2 NAG P . -19.02 -55.59 1.30
H3 NAG P . -20.38 -53.36 0.19
H4 NAG P . -20.91 -56.09 -0.32
H5 NAG P . -22.56 -54.33 1.17
H61 NAG P . -24.02 -55.80 0.30
H62 NAG P . -23.70 -56.40 1.75
H81 NAG P . -15.26 -52.93 1.10
H82 NAG P . -15.97 -52.86 2.52
H83 NAG P . -16.44 -51.89 1.35
HN2 NAG P . -18.44 -53.14 2.38
HO3 NAG P . -19.28 -53.70 -1.52
HO6 NAG P . -22.11 -57.65 0.63
C1 NAG P . -22.39 -55.60 -2.38
C2 NAG P . -21.38 -56.73 -2.67
C3 NAG P . -21.91 -57.62 -3.78
C4 NAG P . -23.29 -58.13 -3.43
C5 NAG P . -24.23 -56.97 -3.10
C6 NAG P . -25.60 -57.42 -2.63
C7 NAG P . -18.91 -56.72 -2.64
C8 NAG P . -18.97 -57.95 -1.79
N2 NAG P . -20.07 -56.18 -3.01
O3 NAG P . -21.02 -58.70 -3.99
O4 NAG P . -23.83 -58.86 -4.53
O5 NAG P . -23.68 -56.18 -2.03
O6 NAG P . -25.78 -58.82 -2.87
O7 NAG P . -17.83 -56.21 -2.96
H2 NAG P . -21.33 -57.29 -1.88
H3 NAG P . -21.96 -57.10 -4.61
H4 NAG P . -23.23 -58.72 -2.66
H5 NAG P . -24.34 -56.41 -3.89
H61 NAG P . -26.28 -56.93 -3.13
H62 NAG P . -25.69 -57.24 -1.69
H81 NAG P . -18.06 -58.27 -1.62
H82 NAG P . -19.48 -58.64 -2.25
H83 NAG P . -19.39 -57.74 -0.94
HN2 NAG P . -20.05 -55.43 -3.53
HO3 NAG P . -21.40 -59.31 -4.52
HO4 NAG P . -24.19 -59.62 -4.23
HO6 NAG P . -26.57 -59.07 -2.53
C1 NAG Q . 29.61 33.50 -39.74
C2 NAG Q . 30.11 34.15 -41.02
C3 NAG Q . 29.01 35.04 -41.61
C4 NAG Q . 27.72 34.25 -41.78
C5 NAG Q . 27.33 33.60 -40.46
C6 NAG Q . 26.12 32.70 -40.59
C7 NAG Q . 32.51 34.63 -41.30
C8 NAG Q . 32.59 33.41 -42.18
N2 NAG Q . 31.31 34.92 -40.78
O3 NAG Q . 29.44 35.55 -42.87
O4 NAG Q . 26.68 35.12 -42.21
O5 NAG Q . 28.40 32.78 -39.99
O6 NAG Q . 25.95 31.90 -39.43
O7 NAG Q . 33.50 35.32 -41.05
H2 NAG Q . 30.24 33.44 -41.67
H3 NAG Q . 28.85 35.78 -41.00
H4 NAG Q . 27.86 33.55 -42.46
H5 NAG Q . 27.14 34.30 -39.81
H61 NAG Q . 26.23 32.12 -41.37
H62 NAG Q . 25.32 33.26 -40.71
H81 NAG Q . 33.51 33.29 -42.47
H82 NAG Q . 32.01 33.54 -42.96
H83 NAG Q . 32.31 32.63 -41.68
HN2 NAG Q . 31.25 35.65 -40.24
HO3 NAG Q . 28.80 35.44 -43.47
HO6 NAG Q . 26.69 31.93 -38.94
C1 NAG Q . 26.09 34.60 -43.43
C2 NAG Q . 24.68 35.17 -43.57
C3 NAG Q . 24.06 34.71 -44.89
C4 NAG Q . 24.98 35.05 -46.04
C5 NAG Q . 26.37 34.47 -45.81
C6 NAG Q . 27.36 34.87 -46.87
C7 NAG Q . 23.35 35.66 -41.57
C8 NAG Q . 22.50 35.08 -40.47
N2 NAG Q . 23.85 34.78 -42.44
O3 NAG Q . 22.80 35.34 -45.05
O4 NAG Q . 24.45 34.52 -47.26
O5 NAG Q . 26.88 34.97 -44.56
O6 NAG Q . 27.81 36.20 -46.70
O7 NAG Q . 23.56 36.87 -41.67
H2 NAG Q . 24.75 36.14 -43.60
H3 NAG Q . 23.93 33.74 -44.85
H4 NAG Q . 25.05 36.02 -46.12
H5 NAG Q . 26.31 33.50 -45.77
H61 NAG Q . 26.95 34.78 -47.75
H62 NAG Q . 28.13 34.27 -46.82
H81 NAG Q . 22.19 35.80 -39.89
H82 NAG Q . 23.04 34.45 -39.95
H83 NAG Q . 21.74 34.62 -40.86
HN2 NAG Q . 23.66 33.90 -42.33
HO3 NAG Q . 22.30 34.85 -45.61
HO6 NAG Q . 27.63 36.47 -45.87
C1 BMA Q . 23.77 35.58 -47.97
C2 BMA Q . 24.81 36.35 -48.82
C3 BMA Q . 24.10 37.41 -49.64
C4 BMA Q . 22.93 36.82 -50.43
C5 BMA Q . 21.98 36.06 -49.49
C6 BMA Q . 20.85 35.38 -50.22
O2 BMA Q . 25.45 35.48 -49.74
O3 BMA Q . 25.00 38.08 -50.52
O4 BMA Q . 22.22 37.85 -51.10
O5 BMA Q . 22.74 35.04 -48.80
O6 BMA Q . 21.41 34.45 -51.15
H2 BMA Q . 25.54 36.82 -48.14
H3 BMA Q . 23.70 38.19 -48.98
H4 BMA Q . 23.35 36.09 -51.16
H5 BMA Q . 21.55 36.76 -48.76
H61 BMA Q . 20.25 36.15 -50.73
H62 BMA Q . 20.22 34.88 -49.47
HO2 BMA Q . 25.73 36.04 -50.49
HO3 BMA Q . 24.53 38.88 -50.81
HO4 BMA Q . 21.89 37.45 -51.92
HO6 BMA Q . 22.27 34.18 -50.81
C1 NAG R . 10.04 40.41 -34.50
C2 NAG R . 9.88 41.60 -35.46
C3 NAG R . 8.38 41.88 -35.70
C4 NAG R . 7.70 40.62 -36.20
C5 NAG R . 7.90 39.49 -35.21
C6 NAG R . 7.33 38.17 -35.66
C7 NAG R . 11.18 43.69 -35.69
C8 NAG R . 11.23 43.41 -37.16
N2 NAG R . 10.52 42.79 -34.94
O3 NAG R . 8.24 42.93 -36.65
O4 NAG R . 6.30 40.86 -36.37
O5 NAG R . 9.31 39.28 -35.00
O6 NAG R . 8.20 37.10 -35.39
O7 NAG R . 11.70 44.68 -35.19
H2 NAG R . 10.27 41.33 -36.31
H3 NAG R . 7.98 42.15 -34.86
H4 NAG R . 8.09 40.36 -37.06
H5 NAG R . 7.49 39.74 -34.36
H61 NAG R . 7.15 38.22 -36.61
H62 NAG R . 6.48 38.02 -35.19
H81 NAG R . 11.67 44.16 -37.61
H82 NAG R . 10.32 43.32 -37.52
H83 NAG R . 11.73 42.60 -37.33
HN2 NAG R . 10.48 42.95 -34.04
HO3 NAG R . 7.37 43.02 -36.85
HO6 NAG R . 9.03 37.34 -35.58
C1 NAG R . 5.86 40.35 -37.65
C2 NAG R . 4.34 40.47 -37.73
C3 NAG R . 3.84 39.98 -39.09
C4 NAG R . 4.56 40.70 -40.21
C5 NAG R . 6.07 40.59 -40.03
C6 NAG R . 6.85 41.40 -41.05
C7 NAG R . 3.79 38.41 -36.51
C8 NAG R . 3.06 37.82 -35.34
N2 NAG R . 3.69 39.74 -36.65
O3 NAG R . 2.43 40.21 -39.17
O4 NAG R . 4.20 40.13 -41.46
O5 NAG R . 6.45 41.08 -38.74
O6 NAG R . 6.66 42.79 -40.86
O7 NAG R . 4.44 37.72 -37.28
H2 NAG R . 4.10 41.42 -37.64
H3 NAG R . 4.01 39.03 -39.16
H4 NAG R . 4.30 41.65 -40.21
H5 NAG R . 6.32 39.65 -40.11
H61 NAG R . 6.54 41.15 -41.95
H62 NAG R . 7.79 41.19 -40.96
H81 NAG R . 3.19 36.85 -35.33
H82 NAG R . 2.11 38.03 -35.41
H83 NAG R . 3.41 38.20 -34.51
HN2 NAG R . 3.19 40.20 -36.04
HO3 NAG R . 2.05 39.53 -39.61
HO6 NAG R . 6.50 42.95 -40.00
C1 BMA R . 3.02 40.79 -41.98
C2 BMA R . 3.02 40.63 -43.51
C3 BMA R . 1.71 41.18 -44.10
C4 BMA R . 0.49 40.62 -43.36
C5 BMA R . 0.62 40.87 -41.85
C6 BMA R . -0.54 40.32 -41.05
O2 BMA R . 3.07 39.26 -43.88
O3 BMA R . 1.60 40.91 -45.49
O4 BMA R . -0.69 41.24 -43.84
O5 BMA R . 1.83 40.24 -41.40
O6 BMA R . -0.58 38.91 -41.24
H2 BMA R . 3.88 41.18 -43.93
H3 BMA R . 1.69 42.27 -44.00
H4 BMA R . 0.46 39.53 -43.52
H5 BMA R . 0.67 41.96 -41.67
H61 BMA R . -1.46 40.81 -41.39
H62 BMA R . -0.37 40.58 -39.99
HO2 BMA R . 2.52 39.17 -44.67
HO3 BMA R . 0.67 40.74 -45.65
HO4 BMA R . -1.39 40.56 -43.76
HO6 BMA R . 0.31 38.62 -41.50
C1 NAG S . 66.12 30.11 -30.05
C2 NAG S . 66.64 28.76 -30.55
C3 NAG S . 67.79 28.27 -29.68
C4 NAG S . 68.87 29.34 -29.59
C5 NAG S . 68.27 30.68 -29.15
C6 NAG S . 69.27 31.80 -29.17
C7 NAG S . 65.07 27.25 -31.71
C8 NAG S . 63.96 26.26 -31.54
N2 NAG S . 65.55 27.78 -30.57
O3 NAG S . 68.32 27.07 -30.23
O4 NAG S . 69.86 28.94 -28.66
O5 NAG S . 67.20 31.04 -30.04
O6 NAG S . 68.88 32.82 -30.10
O7 NAG S . 65.50 27.58 -32.81
H2 NAG S . 66.97 28.88 -31.46
H3 NAG S . 67.44 28.09 -28.78
H4 NAG S . 69.28 29.45 -30.47
H5 NAG S . 67.92 30.58 -28.25
H61 NAG S . 70.14 31.45 -29.44
H62 NAG S . 69.34 32.19 -28.29
H81 NAG S . 63.68 25.94 -32.42
H82 NAG S . 63.20 26.68 -31.09
H83 NAG S . 64.29 25.50 -31.01
HN2 NAG S . 65.20 27.51 -29.78
HO3 NAG S . 69.16 27.22 -30.49
HO6 NAG S . 68.11 32.59 -30.48
C1 NAG S . 71.09 28.74 -29.38
C2 NAG S . 72.25 28.85 -28.39
C3 NAG S . 73.58 28.60 -29.11
C4 NAG S . 73.54 27.27 -29.85
C5 NAG S . 72.32 27.20 -30.77
C6 NAG S . 72.14 25.86 -31.43
C7 NAG S . 71.53 30.42 -26.65
C8 NAG S . 71.65 31.82 -26.11
N2 NAG S . 72.26 30.15 -27.74
O3 NAG S . 74.63 28.60 -28.16
O4 NAG S . 74.72 27.12 -30.62
O5 NAG S . 71.12 27.45 -30.01
O6 NAG S . 71.02 25.17 -30.91
O7 NAG S . 70.81 29.58 -26.13
H2 NAG S . 72.15 28.16 -27.71
H3 NAG S . 73.73 29.32 -29.76
H4 NAG S . 73.49 26.55 -29.20
H5 NAG S . 72.40 27.89 -31.45
H61 NAG S . 72.94 25.33 -31.27
H62 NAG S . 72.02 25.98 -32.39
H81 NAG S . 71.10 31.90 -25.32
H82 NAG S . 71.37 32.45 -26.80
H83 NAG S . 72.58 31.99 -25.87
HN2 NAG S . 72.78 30.81 -28.09
HO3 NAG S . 75.40 28.42 -28.57
HO4 NAG S . 74.97 26.26 -30.61
HO6 NAG S . 70.74 25.58 -30.16
C1 NAG T . 49.87 35.30 -41.43
C2 NAG T . 49.91 35.23 -42.96
C3 NAG T . 51.02 36.12 -43.51
C4 NAG T . 50.85 37.54 -42.98
C5 NAG T . 50.86 37.51 -41.46
C6 NAG T . 50.65 38.87 -40.85
C7 NAG T . 49.13 33.10 -43.95
C8 NAG T . 47.77 33.72 -44.08
N2 NAG T . 50.10 33.86 -43.42
O3 NAG T . 50.98 36.12 -44.92
O4 NAG T . 51.89 38.39 -43.47
O5 NAG T . 49.79 36.68 -41.00
O6 NAG T . 49.27 39.24 -40.84
O7 NAG T . 49.35 31.95 -44.32
H2 NAG T . 49.08 35.61 -43.30
H3 NAG T . 51.88 35.77 -43.20
H4 NAG T . 49.99 37.88 -43.28
H5 NAG T . 51.71 37.14 -41.15
H61 NAG T . 51.16 39.54 -41.36
H62 NAG T . 50.98 38.86 -39.93
H81 NAG T . 47.14 33.06 -44.43
H82 NAG T . 47.81 34.48 -44.70
H83 NAG T . 47.47 34.03 -43.21
HN2 NAG T . 50.93 33.49 -43.34
HO3 NAG T . 50.93 36.95 -45.22
HO6 NAG T . 48.79 38.53 -41.04
C1 NAG T . 51.24 39.46 -44.19
C2 NAG T . 52.16 40.67 -44.23
C3 NAG T . 51.51 41.81 -45.01
C4 NAG T . 51.08 41.32 -46.38
C5 NAG T . 50.21 40.06 -46.26
C6 NAG T . 49.86 39.46 -47.60
C7 NAG T . 53.78 41.15 -42.44
C8 NAG T . 53.97 41.63 -41.03
N2 NAG T . 52.52 41.11 -42.89
O3 NAG T . 52.43 42.88 -45.13
O4 NAG T . 50.31 42.34 -47.03
O5 NAG T . 50.90 39.06 -45.52
O6 NAG T . 50.00 38.05 -47.57
O7 NAG T . 54.73 40.80 -43.14
H2 NAG T . 52.98 40.42 -44.71
H3 NAG T . 50.72 42.11 -44.51
H4 NAG T . 51.86 41.11 -46.91
H5 NAG T . 49.38 40.30 -45.79
H61 NAG T . 50.45 39.83 -48.28
H62 NAG T . 48.93 39.69 -47.81
H81 NAG T . 54.91 41.63 -40.81
H82 NAG T . 53.49 41.04 -40.42
H83 NAG T . 53.61 42.53 -40.95
HN2 NAG T . 51.86 41.37 -42.33
HO3 NAG T . 52.19 43.54 -44.59
HO6 NAG T . 50.65 37.82 -47.02
C1 BMA T . 51.22 43.28 -47.66
C2 BMA T . 50.65 43.61 -49.07
C3 BMA T . 51.46 44.74 -49.70
C4 BMA T . 51.64 45.92 -48.73
C5 BMA T . 52.24 45.43 -47.40
C6 BMA T . 52.40 46.52 -46.38
O2 BMA T . 49.32 44.07 -48.97
O3 BMA T . 50.86 45.20 -50.90
O4 BMA T . 52.49 46.90 -49.29
O5 BMA T . 51.34 44.44 -46.86
O6 BMA T . 53.69 46.40 -45.79
H2 BMA T . 50.71 42.71 -49.69
H3 BMA T . 52.46 44.38 -49.97
H4 BMA T . 50.64 46.34 -48.51
H5 BMA T . 53.22 44.97 -47.59
H61 BMA T . 51.60 46.43 -45.63
H62 BMA T . 52.28 47.48 -46.89
HO2 BMA T . 49.20 44.70 -49.71
HO3 BMA T . 51.19 46.11 -51.03
HO4 BMA T . 52.11 47.76 -49.05
HO6 BMA T . 53.96 47.27 -45.47
C1 NAG U . -24.70 11.42 -36.17
C2 NAG U . -24.18 12.32 -35.08
C3 NAG U . -24.12 13.77 -35.55
C4 NAG U . -23.33 13.86 -36.86
C5 NAG U . -23.89 12.88 -37.89
C6 NAG U . -23.08 12.82 -39.16
C7 NAG U . -24.53 12.59 -32.66
C8 NAG U . -25.49 12.41 -31.52
N2 NAG U . -24.97 12.21 -33.86
O3 NAG U . -23.52 14.59 -34.56
O4 NAG U . -23.37 15.19 -37.36
O5 NAG U . -23.89 11.55 -37.34
O6 NAG U . -22.42 14.06 -39.40
O7 NAG U . -23.41 13.06 -32.49
H2 NAG U . -23.26 12.05 -34.87
H3 NAG U . -25.04 14.07 -35.71
H4 NAG U . -22.41 13.63 -36.68
H5 NAG U . -24.81 13.09 -38.11
H61 NAG U . -23.66 12.62 -39.90
H62 NAG U . -22.40 12.12 -39.07
H81 NAG U . -24.98 12.26 -30.70
H82 NAG U . -26.06 11.63 -31.70
H83 NAG U . -26.04 13.21 -31.43
HN2 NAG U . -25.82 11.87 -33.94
HO3 NAG U . -23.05 15.23 -34.95
HO6 NAG U . -22.82 14.48 -40.08
C1 NAG U . -24.67 15.55 -37.85
C2 NAG U . -24.94 17.02 -37.56
C3 NAG U . -26.29 17.44 -38.14
C4 NAG U . -26.35 17.09 -39.63
C5 NAG U . -26.04 15.62 -39.83
C6 NAG U . -25.98 15.21 -41.29
C7 NAG U . -25.72 16.74 -35.25
C8 NAG U . -25.52 17.14 -33.82
N2 NAG U . -24.89 17.29 -36.14
O3 NAG U . -26.48 18.84 -37.96
O4 NAG U . -27.64 17.38 -40.14
O5 NAG U . -24.76 15.31 -39.27
O6 NAG U . -27.19 15.54 -41.96
O7 NAG U . -26.58 15.93 -35.59
H2 NAG U . -24.25 17.56 -38.01
H3 NAG U . -27.01 16.96 -37.68
H4 NAG U . -25.68 17.62 -40.09
H5 NAG U . -26.72 15.08 -39.37
H61 NAG U . -25.82 14.25 -41.34
H62 NAG U . -25.24 15.68 -41.72
H81 NAG U . -26.32 16.91 -33.31
H82 NAG U . -25.37 18.10 -33.77
H83 NAG U . -24.75 16.67 -33.46
HN2 NAG U . -24.26 17.88 -35.83
HO3 NAG U . -25.85 19.15 -37.43
HO6 NAG U . -27.88 15.26 -41.47
C1 BMA U . -27.58 18.34 -41.22
C2 BMA U . -27.50 19.77 -40.61
C3 BMA U . -27.30 20.80 -41.71
C4 BMA U . -26.14 20.42 -42.63
C5 BMA U . -26.38 19.01 -43.20
C6 BMA U . -25.25 18.54 -44.11
O2 BMA U . -26.39 19.91 -39.73
O3 BMA U . -27.08 22.11 -41.17
O4 BMA U . -26.02 21.34 -43.69
O5 BMA U . -26.48 18.09 -42.11
O6 BMA U . -25.11 19.48 -45.16
H2 BMA U . -28.45 19.98 -40.07
H3 BMA U . -28.21 20.87 -42.32
H4 BMA U . -25.22 20.38 -42.02
H5 BMA U . -27.31 19.00 -43.78
H61 BMA U . -25.50 17.54 -44.49
H62 BMA U . -24.34 18.46 -43.49
HO2 BMA U . -26.45 20.79 -39.36
HO3 BMA U . -27.11 22.70 -41.93
HO4 BMA U . -26.47 20.93 -44.44
HO6 BMA U . -24.19 19.43 -45.48
C1 NAG V . -23.45 26.63 -11.61
C2 NAG V . -24.09 27.87 -12.24
C3 NAG V . -23.61 28.03 -13.68
C4 NAG V . -22.08 28.04 -13.72
C5 NAG V . -21.52 26.81 -13.02
C6 NAG V . -20.02 26.82 -12.91
C7 NAG V . -26.27 28.43 -11.28
C8 NAG V . -27.76 28.24 -11.38
N2 NAG V . -25.54 27.79 -12.19
O3 NAG V . -24.12 29.24 -14.22
O4 NAG V . -21.64 28.05 -15.08
O5 NAG V . -22.02 26.75 -11.67
O6 NAG V . -19.51 28.14 -12.77
O7 NAG V . -25.77 29.14 -10.42
H2 NAG V . -23.80 28.65 -11.74
H3 NAG V . -23.94 27.28 -14.21
H4 NAG V . -21.76 28.85 -13.28
H5 NAG V . -21.80 26.01 -13.50
H61 NAG V . -19.64 26.42 -13.72
H62 NAG V . -19.74 26.29 -12.14
H81 NAG V . -28.20 28.76 -10.69
H82 NAG V . -27.97 27.30 -11.26
H83 NAG V . -28.07 28.53 -12.26
HN2 NAG V . -25.96 27.28 -12.81
HO3 NAG V . -24.27 29.14 -15.08
HO4 NAG V . -20.75 28.00 -15.10
HO6 NAG V . -18.63 28.11 -12.61
C1 NAG W . 18.23 55.25 -28.95
C2 NAG W . 18.96 55.37 -30.28
C3 NAG W . 18.79 56.78 -30.86
C4 NAG W . 17.32 57.14 -30.93
C5 NAG W . 16.65 56.94 -29.56
C6 NAG W . 15.16 57.17 -29.59
C7 NAG W . 20.99 54.10 -30.85
C8 NAG W . 22.44 53.90 -30.57
N2 NAG W . 20.37 55.05 -30.14
O3 NAG W . 19.38 56.84 -32.15
O4 NAG W . 17.17 58.50 -31.31
O5 NAG W . 16.85 55.59 -29.12
O6 NAG W . 14.45 55.95 -29.81
O7 NAG W . 20.39 53.43 -31.70
H2 NAG W . 18.56 54.74 -30.92
H3 NAG W . 19.25 57.41 -30.27
H4 NAG W . 16.88 56.57 -31.59
H5 NAG W . 17.06 57.56 -28.92
H61 NAG W . 14.95 57.79 -30.31
H62 NAG W . 14.88 57.55 -28.74
H81 NAG W . 22.85 53.38 -31.28
H82 NAG W . 22.53 53.42 -29.72
H83 NAG W . 22.88 54.77 -30.50
HN2 NAG W . 20.86 55.51 -29.53
HO3 NAG W . 19.10 57.58 -32.56
HO4 NAG W . 16.42 58.61 -31.78
HO6 NAG W . 14.98 55.27 -29.61
C1 NAG X . -52.93 -7.16 39.85
C2 NAG X . -51.94 -8.31 39.92
C3 NAG X . -52.21 -9.29 38.78
C4 NAG X . -53.67 -9.74 38.81
C5 NAG X . -54.59 -8.53 38.80
C6 NAG X . -56.05 -8.90 38.96
C7 NAG X . -49.55 -8.32 40.56
C8 NAG X . -49.87 -9.45 41.48
N2 NAG X . -50.57 -7.82 39.84
O3 NAG X . -51.36 -10.42 38.90
O4 NAG X . -53.95 -10.54 37.66
O5 NAG X . -54.26 -7.67 39.90
O6 NAG X . -56.24 -9.77 40.07
O7 NAG X . -48.42 -7.86 40.46
H2 NAG X . -52.11 -8.77 40.75
H3 NAG X . -52.03 -8.85 37.93
H4 NAG X . -53.82 -10.26 39.61
H5 NAG X . -54.47 -8.04 37.96
H61 NAG X . -56.35 -9.34 38.14
H62 NAG X . -56.57 -8.08 39.10
H81 NAG X . -49.04 -9.77 41.89
H82 NAG X . -50.28 -10.19 40.99
H83 NAG X . -50.48 -9.14 42.19
HN2 NAG X . -50.40 -7.13 39.27
HO3 NAG X . -51.25 -10.81 38.11
HO4 NAG X . -54.76 -10.90 37.74
HO6 NAG X . -55.63 -9.61 40.68
C1 NAG Y . -43.59 0.96 25.33
C2 NAG Y . -43.86 1.65 23.99
C3 NAG Y . -45.30 2.13 23.93
C4 NAG Y . -46.24 0.97 24.19
C5 NAG Y . -45.87 0.22 25.48
C6 NAG Y . -46.66 -1.04 25.68
C7 NAG Y . -41.90 2.65 22.92
C8 NAG Y . -41.04 3.88 22.80
N2 NAG Y . -42.93 2.74 23.76
O3 NAG Y . -45.55 2.70 22.66
O4 NAG Y . -47.58 1.44 24.29
O5 NAG Y . -44.48 -0.15 25.47
O6 NAG Y . -47.21 -1.51 24.45
O7 NAG Y . -41.67 1.63 22.28
C1 NAG Z . -66.37 -9.38 -12.03
C2 NAG Z . -67.82 -9.79 -12.23
C3 NAG Z . -68.64 -9.46 -10.98
C4 NAG Z . -67.99 -10.05 -9.74
C5 NAG Z . -66.53 -9.62 -9.65
C6 NAG Z . -65.79 -10.25 -8.49
C7 NAG Z . -68.53 -7.84 -13.54
C8 NAG Z . -69.15 -7.37 -14.82
N2 NAG Z . -68.40 -9.17 -13.41
O3 NAG Z . -69.96 -9.96 -11.13
O4 NAG Z . -68.68 -9.61 -8.57
O5 NAG Z . -65.84 -10.00 -10.85
O6 NAG Z . -64.88 -9.36 -7.89
O7 NAG Z . -68.18 -7.06 -12.66
C1 NAG AA . -32.96 -29.00 38.58
C2 NAG AA . -31.68 -28.53 39.26
C3 NAG AA . -30.72 -29.70 39.43
C4 NAG AA . -31.41 -30.85 40.15
C5 NAG AA . -32.71 -31.22 39.45
C6 NAG AA . -33.50 -32.26 40.20
C7 NAG AA . -30.30 -26.51 39.06
C8 NAG AA . -29.74 -25.48 38.13
N2 NAG AA . -31.06 -27.46 38.49
O3 NAG AA . -29.58 -29.28 40.16
O4 NAG AA . -30.55 -31.99 40.18
O5 NAG AA . -33.55 -30.06 39.34
O6 NAG AA . -32.66 -33.12 40.95
O7 NAG AA . -30.09 -26.49 40.26
H2 NAG AA . -31.90 -28.20 40.14
H3 NAG AA . -30.43 -30.01 38.54
H4 NAG AA . -31.60 -30.57 41.07
H5 NAG AA . -32.50 -31.55 38.56
H61 NAG AA . -34.02 -32.80 39.56
H62 NAG AA . -34.12 -31.82 40.80
H81 NAG AA . -29.17 -24.86 38.64
H82 NAG AA . -30.46 -25.00 37.70
H83 NAG AA . -29.19 -25.93 37.45
HN2 NAG AA . -31.19 -27.43 37.59
HO3 NAG AA . -28.99 -29.94 40.21
HO4 NAG AA . -30.84 -32.57 40.78
HO6 NAG AA . -33.16 -33.66 41.46
C1 NAG BA . 17.81 2.40 36.52
C2 NAG BA . 17.89 2.62 38.03
C3 NAG BA . 18.20 4.09 38.33
C4 NAG BA . 19.43 4.53 37.57
C5 NAG BA . 19.27 4.23 36.08
C6 NAG BA . 20.51 4.56 35.28
C7 NAG BA . 15.47 2.73 38.40
C8 NAG BA . 14.31 2.19 39.19
N2 NAG BA . 16.66 2.21 38.69
O3 NAG BA . 18.41 4.25 39.73
O4 NAG BA . 19.63 5.93 37.74
O5 NAG BA . 19.01 2.83 35.90
O6 NAG BA . 21.48 5.24 36.06
O7 NAG BA . 15.33 3.61 37.56
H2 NAG BA . 18.63 2.09 38.37
H3 NAG BA . 17.43 4.63 38.06
H4 NAG BA . 20.22 4.06 37.91
H5 NAG BA . 18.52 4.75 35.73
H61 NAG BA . 20.26 5.13 34.52
H62 NAG BA . 20.90 3.73 34.93
H81 NAG BA . 13.49 2.65 38.91
H82 NAG BA . 14.46 2.34 40.14
H83 NAG BA . 14.22 1.23 39.02
HN2 NAG BA . 16.71 1.57 39.33
HO3 NAG BA . 18.45 5.11 39.93
HO4 NAG BA . 20.50 6.12 37.75
HO6 NAG BA . 22.29 5.00 35.79
C1 NAG CA . 46.76 43.72 14.65
C2 NAG CA . 46.48 45.21 14.50
C3 NAG CA . 47.54 46.03 15.25
C4 NAG CA . 47.66 45.56 16.68
C5 NAG CA . 47.90 44.06 16.72
C6 NAG CA . 47.94 43.49 18.13
C7 NAG CA . 45.31 45.55 12.37
C8 NAG CA . 45.44 45.98 10.94
N2 NAG CA . 46.43 45.59 13.11
O3 NAG CA . 47.18 47.40 15.21
O4 NAG CA . 48.75 46.22 17.32
O5 NAG CA . 46.85 43.37 16.03
O6 NAG CA . 47.29 42.23 18.19
O7 NAG CA . 44.25 45.18 12.84
H2 NAG CA . 45.62 45.40 14.91
H3 NAG CA . 48.40 45.91 14.80
H4 NAG CA . 46.84 45.76 17.16
H5 NAG CA . 48.75 43.85 16.28
H61 NAG CA . 47.49 44.12 18.73
H62 NAG CA . 48.86 43.39 18.41
H81 NAG CA . 44.58 45.90 10.50
H82 NAG CA . 46.10 45.39 10.49
H83 NAG CA . 45.74 46.90 10.90
HN2 NAG CA . 47.20 45.88 12.70
HO3 NAG CA . 47.75 47.87 15.70
HO4 NAG CA . 48.61 46.23 18.20
HO6 NAG CA . 46.60 42.22 17.63
C1 NAG DA . 26.91 -30.77 34.34
C2 NAG DA . 27.73 -29.66 35.01
C3 NAG DA . 28.75 -30.27 35.97
C4 NAG DA . 28.04 -31.19 36.95
C5 NAG DA . 27.21 -32.23 36.22
C6 NAG DA . 26.38 -33.09 37.14
C7 NAG DA . 27.75 -28.17 33.05
C8 NAG DA . 28.61 -27.38 32.11
N2 NAG DA . 28.40 -28.84 34.01
O3 NAG DA . 29.42 -29.23 36.67
O4 NAG DA . 29.01 -31.87 37.76
O5 NAG DA . 26.29 -31.56 35.34
O6 NAG DA . 24.99 -32.86 36.97
O7 NAG DA . 26.53 -28.22 32.94
H2 NAG DA . 27.13 -29.10 35.52
H3 NAG DA . 29.40 -30.79 35.45
H4 NAG DA . 27.46 -30.66 37.54
H5 NAG DA . 27.79 -32.79 35.68
H61 NAG DA . 26.63 -32.90 38.06
H62 NAG DA . 26.57 -34.03 36.94
H81 NAG DA . 28.04 -26.94 31.45
H82 NAG DA . 29.24 -27.97 31.66
H83 NAG DA . 29.09 -26.70 32.62
HN2 NAG DA . 29.32 -28.77 34.04
HO3 NAG DA . 29.87 -29.58 37.35
HO4 NAG DA . 28.62 -32.16 38.50
HO6 NAG DA . 24.52 -33.46 37.43
C1 NAG EA . -13.08 -8.06 51.88
C2 NAG EA . -13.11 -6.62 52.36
C3 NAG EA . -11.81 -6.26 53.06
C4 NAG EA . -11.52 -7.26 54.17
C5 NAG EA . -11.56 -8.68 53.64
C6 NAG EA . -11.41 -9.73 54.71
C7 NAG EA . -14.58 -5.56 50.70
C8 NAG EA . -14.66 -4.58 49.56
N2 NAG EA . -13.37 -5.70 51.25
O3 NAG EA . -11.91 -4.95 53.60
O4 NAG EA . -10.23 -7.00 54.73
O5 NAG EA . -12.82 -8.92 52.99
O6 NAG EA . -12.32 -9.50 55.78
O7 NAG EA . -15.55 -6.19 51.08
H2 NAG EA . -13.84 -6.53 53.01
H3 NAG EA . -11.09 -6.28 52.41
H4 NAG EA . -12.19 -7.16 54.88
H5 NAG EA . -10.85 -8.80 52.98
H61 NAG EA . -10.50 -9.71 55.06
H62 NAG EA . -11.59 -10.60 54.33
H81 NAG EA . -15.60 -4.40 49.36
H82 NAG EA . -14.22 -4.95 48.78
H83 NAG EA . -14.22 -3.75 49.83
HN2 NAG EA . -12.67 -5.21 50.93
HO3 NAG EA . -11.12 -4.70 53.91
HO4 NAG EA . -10.17 -7.38 55.53
HO6 NAG EA . -12.16 -10.07 56.44
C1 NAG FA . 0.98 -42.38 27.70
C2 NAG FA . -0.33 -41.61 27.57
C3 NAG FA . -1.36 -42.14 28.57
C4 NAG FA . -1.51 -43.65 28.42
C5 NAG FA . -0.15 -44.33 28.50
C6 NAG FA . -0.22 -45.81 28.27
C7 NAG FA . -0.12 -39.29 26.77
C8 NAG FA . 0.13 -37.87 27.16
N2 NAG FA . -0.11 -40.18 27.77
O3 NAG FA . -2.61 -41.49 28.35
O4 NAG FA . -2.35 -44.15 29.45
O5 NAG FA . 0.73 -43.78 27.50
O6 NAG FA . 0.19 -46.53 29.42
O7 NAG FA . -0.32 -39.63 25.61
C1 NAG GA . 6.64 -52.96 -10.40
C2 NAG GA . 7.38 -52.57 -11.69
C3 NAG GA . 8.88 -52.71 -11.48
C4 NAG GA . 9.32 -51.90 -10.26
C5 NAG GA . 8.50 -52.31 -9.04
C6 NAG GA . 8.79 -51.46 -7.82
C7 NAG GA . 6.96 -54.73 -12.79
C8 NAG GA . 6.47 -55.41 -14.04
N2 NAG GA . 6.94 -53.39 -12.81
O3 NAG GA . 9.56 -52.24 -12.64
O4 NAG GA . 10.70 -52.13 -10.00
O5 NAG GA . 7.10 -52.15 -9.32
O6 NAG GA . 7.72 -50.56 -7.55
O7 NAG GA . 7.35 -55.36 -11.82
H2 NAG GA . 7.18 -51.65 -11.88
H3 NAG GA . 9.11 -53.64 -11.34
H4 NAG GA . 9.18 -50.96 -10.44
H5 NAG GA . 8.68 -53.24 -8.83
H61 NAG GA . 9.61 -50.95 -7.98
H62 NAG GA . 8.93 -52.04 -7.05
H81 NAG GA . 6.57 -56.37 -13.94
H82 NAG GA . 7.00 -55.10 -14.80
H83 NAG GA . 5.54 -55.18 -14.19
HN2 NAG GA . 6.63 -52.97 -13.55
HO3 NAG GA . 10.42 -52.08 -12.44
HO4 NAG GA . 11.08 -51.37 -9.74
HO6 NAG GA . 7.01 -50.80 -8.02
C1 NAG HA . 18.71 -22.86 -26.96
C2 NAG HA . 18.74 -23.78 -28.19
C3 NAG HA . 20.18 -24.11 -28.57
C4 NAG HA . 20.97 -22.82 -28.77
C5 NAG HA . 20.86 -21.94 -27.53
C6 NAG HA . 21.52 -20.59 -27.70
C7 NAG HA . 17.55 -25.80 -28.92
C8 NAG HA . 16.80 -27.01 -28.49
N2 NAG HA . 17.98 -25.00 -27.94
O3 NAG HA . 20.19 -24.87 -29.78
O4 NAG HA . 22.35 -23.13 -29.00
O5 NAG HA . 19.48 -21.69 -27.23
O6 NAG HA . 20.56 -19.55 -27.80
O7 NAG HA . 17.77 -25.55 -30.10
H2 NAG HA . 18.33 -23.30 -28.94
H3 NAG HA . 20.58 -24.63 -27.86
H4 NAG HA . 20.63 -22.34 -29.54
H5 NAG HA . 21.27 -22.40 -26.77
H61 NAG HA . 22.06 -20.61 -28.52
H62 NAG HA . 22.10 -20.42 -26.94
H81 NAG HA . 16.52 -27.52 -29.27
H82 NAG HA . 16.00 -26.74 -27.99
H83 NAG HA . 17.37 -27.57 -27.92
HN2 NAG HA . 17.80 -25.23 -27.08
HO3 NAG HA . 19.72 -24.44 -30.40
HO4 NAG HA . 22.71 -22.49 -29.49
HO6 NAG HA . 19.79 -19.83 -27.44
C1 NAG IA . 42.98 19.93 -39.17
C2 NAG IA . 41.61 20.03 -39.84
C3 NAG IA . 40.96 18.65 -39.92
C4 NAG IA . 41.91 17.65 -40.59
C5 NAG IA . 43.25 17.65 -39.86
C6 NAG IA . 44.27 16.77 -40.53
C7 NAG IA . 40.07 21.93 -39.74
C8 NAG IA . 39.22 22.79 -38.86
N2 NAG IA . 40.74 20.95 -39.14
O3 NAG IA . 39.76 18.74 -40.66
O4 NAG IA . 41.35 16.34 -40.53
O5 NAG IA . 43.79 18.98 -39.85
O6 NAG IA . 45.31 17.54 -41.13
O7 NAG IA . 40.14 22.12 -40.96
H2 NAG IA . 41.74 20.35 -40.75
H3 NAG IA . 40.75 18.34 -39.02
H4 NAG IA . 42.04 17.90 -41.52
H5 NAG IA . 43.13 17.35 -38.95
H61 NAG IA . 43.84 16.24 -41.23
H62 NAG IA . 44.66 16.17 -39.87
H81 NAG IA . 38.79 23.49 -39.40
H82 NAG IA . 39.78 23.21 -38.17
H83 NAG IA . 38.53 22.24 -38.43
HN2 NAG IA . 40.65 20.86 -38.24
HO3 NAG IA . 39.35 17.95 -40.67
HO4 NAG IA . 41.46 15.94 -41.31
HO6 NAG IA . 45.16 18.40 -40.96
C1 NAG JA . 55.84 16.94 -30.44
C2 NAG JA . 57.35 17.12 -30.34
C3 NAG JA . 58.00 16.88 -31.70
C4 NAG JA . 57.58 15.53 -32.26
C5 NAG JA . 56.06 15.41 -32.28
C6 NAG JA . 55.58 14.06 -32.72
C7 NAG JA . 57.64 18.77 -28.55
C8 NAG JA . 58.03 20.18 -28.22
N2 NAG JA . 57.68 18.45 -29.85
O3 NAG JA . 59.41 16.93 -31.55
O4 NAG JA . 58.08 15.37 -33.57
O5 NAG JA . 55.54 15.65 -30.96
O6 NAG JA . 56.20 13.64 -33.92
O7 NAG JA . 57.33 17.97 -27.69
H2 NAG JA . 57.69 16.47 -29.72
H3 NAG JA . 57.72 17.58 -32.32
H4 NAG JA . 57.95 14.81 -31.69
H5 NAG JA . 55.70 16.09 -32.89
H61 NAG JA . 54.61 14.08 -32.85
H62 NAG JA . 55.78 13.40 -32.01
H81 NAG JA . 57.97 20.32 -27.26
H82 NAG JA . 57.41 20.79 -28.67
H83 NAG JA . 58.94 20.36 -28.52
HN2 NAG JA . 57.93 19.09 -30.45
HO3 NAG JA . 59.79 16.83 -32.35
HO4 NAG JA . 58.03 14.52 -33.81
HO6 NAG JA . 56.03 12.79 -34.06
#